data_2Y0P
#
_entry.id   2Y0P
#
_cell.length_a   81.062
_cell.length_b   81.953
_cell.length_c   161.876
_cell.angle_alpha   99.26
_cell.angle_beta   97.09
_cell.angle_gamma   100.58
#
_symmetry.space_group_name_H-M   'P 1'
#
loop_
_entity.id
_entity.type
_entity.pdbx_description
1 polymer '2-OXOGLUTARATE DECARBOXYLASE'
2 non-polymer '(4E)-4-{3-[(4-amino-2-methylpyrimidin-5-yl)methyl]-5-(2-{[(S)-hydroxy(phosphonooxy)phosphoryl]oxy}ethyl)-4-methyl-1,3-thiazol-2(3H)-ylidene}-4-hydroxybutanoic acid'
3 non-polymer 'MAGNESIUM ION'
4 non-polymer 'ACETYL COENZYME *A'
5 water water
#
_entity_poly.entity_id   1
_entity_poly.type   'polypeptide(L)'
_entity_poly.pdbx_seq_one_letter_code
;GDSIEDKNARVIELIAAYRNRGHLMADIDPLRLDNTRFRSHPDLDVNSHGLTLWDLDREFKVDGFAGVQRKKLRDILSVL
RDAYCRHVGVEYTHILEPEQQRWIQERVETKHDKPTVAEQKYILSKLNAAEAFETFLQTKYVGQKRFSLEGAETVIPMMD
AVIDQCAEHGLDEVVIAMPHRGRLNVLANIVGKPYSQIFSEFEGNLNPSQAHGSGDVKYHLGATGTYIQMFGDNDIEVSL
TANPSHLEAVDPVLEGLVRAKQDLLDTGEEGSDNRFSVVPLMLHGDAAFAGQGVVAETLNLALLRGYRTGGTIHIVVNNQ
IGFTTAPTDSRSSEYCTDVAKMIGAPIFHVNGDDPEACAWVARLAVDFRQAFKKDVVIDMLCYRRRGHNEGDDPSMTQPY
MYDVIDTKRGSRKAYTEALIGRGDISMKEAEDALRDYQGQLERVFNEVRELEKHEIEPSESVEADQQIPSKLATAVDKAM
LQRIGDAHLALPEGFTVHPRVRPVLEKRREMAYEGRIDWAFAELLALGSLIAEGKLVRLSGQDTQRGTFTQRHAVIVDRK
TGEEFTPLQLLATNPDGTPTGGKFLVYNSALSEFAAVGFEYGYSVGNPDAMVLWEAQFGDFVNGAQSIIDEFISSGEAKW
GQLSDVVLLLPHGHEGQGPDHTSGRIERFLQLWAEGSMTIAMPSTPANYFHLLRRHGKDGIQRPLIVFTPKSMLRNKAAV
SDIRDFTESKFRSVLEEPMYTDGEGDRNKVTRLLLTSGKIYYELAARKAKENREDVAIVRIEQLAPLPRRRLAETLDRYP
NVKEKFWVQEEPANQGAWPSFGLTLPEILPDHFTGLKRISRRAMSAPSSGSSKVHAVEQQEILDTAFG
;
_entity_poly.pdbx_strand_id   A,B,C,D
#
# COMPACT_ATOMS: atom_id res chain seq x y z
N ASP A 2 -45.66 4.88 27.60
CA ASP A 2 -46.28 5.15 28.89
C ASP A 2 -45.25 5.68 29.89
N SER A 3 -44.09 5.02 30.00
CA SER A 3 -42.98 5.38 30.89
C SER A 3 -41.91 6.18 30.13
N ILE A 4 -40.93 6.78 30.86
CA ILE A 4 -39.82 7.57 30.31
C ILE A 4 -38.91 6.70 29.42
N GLU A 5 -38.67 5.44 29.83
CA GLU A 5 -37.86 4.46 29.08
C GLU A 5 -38.62 4.00 27.82
N ASP A 6 -39.97 3.82 27.94
CA ASP A 6 -40.86 3.41 26.86
C ASP A 6 -41.05 4.53 25.82
N LYS A 7 -41.08 5.81 26.28
CA LYS A 7 -41.25 6.96 25.40
C LYS A 7 -39.98 7.19 24.57
N ASN A 8 -38.79 6.99 25.18
CA ASN A 8 -37.49 7.14 24.52
C ASN A 8 -37.34 6.19 23.30
N ALA A 9 -37.96 4.99 23.39
CA ALA A 9 -37.95 3.98 22.32
C ALA A 9 -38.80 4.43 21.13
N ARG A 10 -39.92 5.14 21.40
CA ARG A 10 -40.82 5.66 20.37
C ARG A 10 -40.17 6.81 19.60
N VAL A 11 -39.20 7.51 20.24
CA VAL A 11 -38.43 8.62 19.67
C VAL A 11 -37.45 8.08 18.63
N ILE A 12 -36.71 6.99 18.98
CA ILE A 12 -35.72 6.33 18.11
C ILE A 12 -36.42 5.76 16.85
N GLU A 13 -37.68 5.25 17.00
CA GLU A 13 -38.49 4.75 15.90
C GLU A 13 -38.83 5.88 14.94
N LEU A 14 -39.18 7.05 15.52
CA LEU A 14 -39.54 8.28 14.81
C LEU A 14 -38.34 8.84 14.07
N ILE A 15 -37.14 8.86 14.71
CA ILE A 15 -35.89 9.33 14.09
C ILE A 15 -35.61 8.49 12.82
N ALA A 16 -35.71 7.14 12.95
CA ALA A 16 -35.51 6.19 11.86
C ALA A 16 -36.55 6.38 10.75
N ALA A 17 -37.85 6.55 11.10
CA ALA A 17 -38.96 6.74 10.16
C ALA A 17 -38.72 7.93 9.24
N TYR A 18 -38.20 9.05 9.78
CA TYR A 18 -37.90 10.26 9.00
C TYR A 18 -36.68 10.01 8.10
N ARG A 19 -35.67 9.32 8.63
CA ARG A 19 -34.45 9.00 7.89
C ARG A 19 -34.73 8.00 6.74
N ASN A 20 -35.64 7.03 6.97
CA ASN A 20 -35.96 6.01 5.97
C ASN A 20 -37.06 6.43 5.02
N ARG A 21 -38.13 7.05 5.53
CA ARG A 21 -39.33 7.37 4.75
C ARG A 21 -39.74 8.86 4.69
N GLY A 22 -38.94 9.76 5.26
CA GLY A 22 -39.23 11.19 5.26
C GLY A 22 -39.37 11.81 3.88
N HIS A 23 -38.59 11.28 2.91
CA HIS A 23 -38.57 11.70 1.50
C HIS A 23 -39.93 11.50 0.81
N LEU A 24 -40.79 10.59 1.33
CA LEU A 24 -42.13 10.33 0.80
C LEU A 24 -43.09 11.47 1.17
N MET A 25 -42.75 12.27 2.19
CA MET A 25 -43.54 13.39 2.69
C MET A 25 -43.02 14.75 2.21
N ALA A 26 -41.75 14.80 1.75
CA ALA A 26 -41.08 16.01 1.30
C ALA A 26 -41.86 16.75 0.20
N ASP A 27 -41.84 18.09 0.26
CA ASP A 27 -42.49 18.99 -0.70
C ASP A 27 -41.53 19.17 -1.88
N ILE A 28 -41.39 18.12 -2.69
CA ILE A 28 -40.45 18.06 -3.81
C ILE A 28 -41.12 18.35 -5.15
N ASP A 29 -42.45 18.14 -5.27
CA ASP A 29 -43.22 18.32 -6.50
C ASP A 29 -43.67 19.81 -6.65
N PRO A 30 -43.12 20.57 -7.62
CA PRO A 30 -43.54 21.97 -7.80
C PRO A 30 -44.98 22.13 -8.31
N LEU A 31 -45.56 21.07 -8.90
CA LEU A 31 -46.92 21.08 -9.45
C LEU A 31 -47.96 20.67 -8.41
N ARG A 32 -47.56 19.93 -7.34
CA ARG A 32 -48.43 19.43 -6.25
C ARG A 32 -49.66 18.68 -6.80
N LEU A 33 -49.43 17.54 -7.46
CA LEU A 33 -50.49 16.72 -8.06
C LEU A 33 -50.90 15.54 -7.14
N ASP A 34 -49.92 14.72 -6.69
CA ASP A 34 -50.17 13.55 -5.83
C ASP A 34 -50.49 13.99 -4.40
N LEU A 51 -46.40 8.88 22.20
CA LEU A 51 -45.90 10.21 22.53
C LEU A 51 -47.02 11.26 22.43
N THR A 52 -47.16 12.07 23.48
CA THR A 52 -48.14 13.16 23.55
C THR A 52 -47.47 14.52 23.26
N LEU A 53 -48.29 15.58 23.10
CA LEU A 53 -47.83 16.96 22.85
C LEU A 53 -47.02 17.53 24.03
N TRP A 54 -47.20 16.95 25.23
CA TRP A 54 -46.50 17.34 26.45
C TRP A 54 -45.04 16.86 26.43
N ASP A 55 -44.77 15.75 25.71
CA ASP A 55 -43.44 15.13 25.60
C ASP A 55 -42.51 15.92 24.66
N LEU A 56 -43.03 16.92 23.92
CA LEU A 56 -42.26 17.75 23.00
C LEU A 56 -41.16 18.53 23.71
N ASP A 57 -41.41 18.95 24.95
CA ASP A 57 -40.44 19.72 25.74
C ASP A 57 -39.55 18.81 26.61
N ARG A 58 -39.83 17.50 26.65
CA ARG A 58 -39.04 16.53 27.42
C ARG A 58 -37.75 16.20 26.68
N GLU A 59 -36.65 16.00 27.43
CA GLU A 59 -35.33 15.67 26.89
C GLU A 59 -35.17 14.17 26.68
N PHE A 60 -34.48 13.76 25.59
CA PHE A 60 -34.24 12.37 25.23
C PHE A 60 -32.79 12.14 24.80
N LYS A 61 -32.28 10.90 25.01
CA LYS A 61 -30.92 10.50 24.64
C LYS A 61 -30.85 10.21 23.14
N VAL A 62 -29.93 10.91 22.44
CA VAL A 62 -29.76 10.78 20.99
C VAL A 62 -28.26 10.57 20.68
N ASP A 63 -27.98 9.56 19.85
CA ASP A 63 -26.63 9.18 19.41
C ASP A 63 -26.11 10.21 18.41
N VAL A 68 -23.08 10.27 22.40
CA VAL A 68 -24.45 10.36 22.90
C VAL A 68 -24.68 11.70 23.58
N GLN A 69 -25.78 12.38 23.20
CA GLN A 69 -26.17 13.69 23.75
C GLN A 69 -27.66 13.74 24.08
N ARG A 70 -28.04 14.68 24.97
CA ARG A 70 -29.43 14.88 25.40
C ARG A 70 -30.03 16.07 24.66
N LYS A 71 -31.14 15.82 23.92
CA LYS A 71 -31.84 16.84 23.13
C LYS A 71 -33.36 16.73 23.33
N LYS A 72 -34.05 17.89 23.38
CA LYS A 72 -35.50 17.96 23.55
C LYS A 72 -36.19 17.44 22.29
N LEU A 73 -37.34 16.74 22.46
CA LEU A 73 -38.11 16.15 21.35
C LEU A 73 -38.45 17.19 20.26
N ARG A 74 -38.86 18.41 20.66
CA ARG A 74 -39.21 19.51 19.75
C ARG A 74 -38.03 19.87 18.81
N ASP A 75 -36.79 19.81 19.33
CA ASP A 75 -35.56 20.12 18.60
C ASP A 75 -35.17 18.96 17.68
N ILE A 76 -35.41 17.70 18.12
CA ILE A 76 -35.15 16.50 17.32
C ILE A 76 -36.09 16.52 16.09
N LEU A 77 -37.40 16.72 16.33
CA LEU A 77 -38.46 16.79 15.33
C LEU A 77 -38.24 17.90 14.29
N SER A 78 -37.83 19.09 14.74
CA SER A 78 -37.59 20.24 13.85
C SER A 78 -36.41 19.96 12.91
N VAL A 79 -35.33 19.34 13.42
CA VAL A 79 -34.14 18.96 12.65
C VAL A 79 -34.53 17.91 11.59
N LEU A 80 -35.39 16.94 11.96
CA LEU A 80 -35.83 15.86 11.08
C LEU A 80 -36.74 16.38 9.96
N ARG A 81 -37.72 17.23 10.31
CA ARG A 81 -38.65 17.83 9.34
C ARG A 81 -37.93 18.71 8.35
N ASP A 82 -36.96 19.53 8.82
CA ASP A 82 -36.19 20.45 7.99
C ASP A 82 -35.26 19.72 7.02
N ALA A 83 -34.61 18.66 7.50
CA ALA A 83 -33.67 17.88 6.71
C ALA A 83 -34.35 16.96 5.69
N TYR A 84 -35.49 16.34 6.06
CA TYR A 84 -36.10 15.32 5.23
C TYR A 84 -37.50 15.60 4.66
N CYS A 85 -38.21 16.63 5.13
CA CYS A 85 -39.59 16.83 4.64
C CYS A 85 -39.86 18.23 4.03
N ARG A 86 -38.81 18.98 3.68
CA ARG A 86 -39.00 20.30 3.05
C ARG A 86 -38.86 20.14 1.52
N HIS A 87 -37.94 20.88 0.86
CA HIS A 87 -37.78 20.80 -0.59
C HIS A 87 -36.74 19.77 -1.03
N VAL A 88 -36.16 19.02 -0.08
CA VAL A 88 -35.16 17.98 -0.37
C VAL A 88 -35.58 16.64 0.25
N GLY A 89 -35.73 15.65 -0.62
CA GLY A 89 -36.06 14.27 -0.25
C GLY A 89 -34.79 13.46 -0.32
N VAL A 90 -34.35 12.92 0.81
CA VAL A 90 -33.08 12.18 0.88
C VAL A 90 -33.31 10.67 1.03
N GLU A 91 -32.72 9.89 0.12
CA GLU A 91 -32.72 8.42 0.16
C GLU A 91 -31.27 7.96 0.36
N TYR A 92 -30.95 7.47 1.57
CA TYR A 92 -29.59 7.08 1.87
C TYR A 92 -29.46 5.88 2.85
N THR A 93 -30.56 5.45 3.50
CA THR A 93 -30.48 4.37 4.50
C THR A 93 -30.24 2.99 3.85
N HIS A 94 -30.43 2.88 2.52
CA HIS A 94 -30.19 1.68 1.72
C HIS A 94 -28.68 1.41 1.57
N ILE A 95 -27.83 2.46 1.73
CA ILE A 95 -26.37 2.40 1.62
C ILE A 95 -25.82 1.47 2.73
N LEU A 96 -25.00 0.49 2.33
CA LEU A 96 -24.42 -0.50 3.23
C LEU A 96 -23.25 0.05 4.07
N GLU A 97 -22.51 1.05 3.58
CA GLU A 97 -21.37 1.63 4.31
C GLU A 97 -21.89 2.56 5.44
N PRO A 98 -21.67 2.23 6.73
CA PRO A 98 -22.18 3.10 7.82
C PRO A 98 -21.58 4.51 7.84
N GLU A 99 -20.29 4.65 7.43
CA GLU A 99 -19.58 5.94 7.38
C GLU A 99 -20.22 6.90 6.36
N GLN A 100 -20.81 6.34 5.28
CA GLN A 100 -21.47 7.12 4.24
C GLN A 100 -22.81 7.63 4.76
N GLN A 101 -23.55 6.77 5.51
CA GLN A 101 -24.82 7.13 6.15
C GLN A 101 -24.59 8.23 7.20
N ARG A 102 -23.49 8.16 7.97
CA ARG A 102 -23.15 9.16 8.98
C ARG A 102 -22.74 10.49 8.33
N TRP A 103 -21.99 10.43 7.21
CA TRP A 103 -21.52 11.60 6.45
C TRP A 103 -22.71 12.42 5.93
N ILE A 104 -23.73 11.74 5.35
CA ILE A 104 -24.93 12.38 4.82
C ILE A 104 -25.71 12.97 5.99
N GLN A 105 -25.91 12.18 7.05
CA GLN A 105 -26.61 12.58 8.28
C GLN A 105 -26.04 13.87 8.85
N GLU A 106 -24.70 13.96 8.97
CA GLU A 106 -24.01 15.14 9.53
C GLU A 106 -24.22 16.40 8.68
N ARG A 107 -24.37 16.26 7.35
CA ARG A 107 -24.51 17.40 6.45
C ARG A 107 -25.97 17.77 6.17
N VAL A 108 -26.94 16.85 6.34
CA VAL A 108 -28.36 17.16 6.09
C VAL A 108 -29.07 17.55 7.39
N GLU A 109 -28.69 16.94 8.54
CA GLU A 109 -29.33 17.17 9.85
C GLU A 109 -28.68 18.32 10.64
N THR A 110 -28.04 19.27 9.95
CA THR A 110 -27.43 20.44 10.58
C THR A 110 -27.83 21.69 9.82
N LYS A 111 -28.00 22.81 10.53
CA LYS A 111 -28.36 24.09 9.91
C LYS A 111 -27.23 24.59 9.01
N HIS A 112 -27.45 24.55 7.69
CA HIS A 112 -26.47 25.00 6.69
C HIS A 112 -26.69 26.48 6.43
N ASP A 113 -25.61 27.28 6.52
CA ASP A 113 -25.60 28.74 6.34
C ASP A 113 -26.24 29.17 5.02
N LYS A 114 -27.04 30.25 5.06
CA LYS A 114 -27.74 30.81 3.90
C LYS A 114 -26.74 31.41 2.89
N PRO A 115 -27.02 31.37 1.56
CA PRO A 115 -26.06 31.93 0.59
C PRO A 115 -26.00 33.46 0.68
N THR A 116 -24.86 34.03 0.27
CA THR A 116 -24.65 35.48 0.29
C THR A 116 -25.48 36.16 -0.78
N VAL A 117 -25.74 37.46 -0.60
CA VAL A 117 -26.51 38.30 -1.53
C VAL A 117 -25.89 38.19 -2.93
N ALA A 118 -24.53 38.23 -3.03
CA ALA A 118 -23.79 38.11 -4.29
C ALA A 118 -24.03 36.74 -4.95
N GLU A 119 -24.05 35.65 -4.13
CA GLU A 119 -24.30 34.28 -4.59
C GLU A 119 -25.75 34.13 -5.08
N GLN A 120 -26.70 34.77 -4.38
CA GLN A 120 -28.13 34.76 -4.72
C GLN A 120 -28.35 35.46 -6.05
N LYS A 121 -27.72 36.65 -6.22
CA LYS A 121 -27.76 37.45 -7.44
C LYS A 121 -27.21 36.64 -8.61
N TYR A 122 -26.13 35.88 -8.37
CA TYR A 122 -25.46 35.02 -9.33
C TYR A 122 -26.41 33.88 -9.77
N ILE A 123 -27.16 33.28 -8.80
CA ILE A 123 -28.13 32.21 -9.10
C ILE A 123 -29.22 32.78 -10.02
N LEU A 124 -29.75 33.98 -9.68
CA LEU A 124 -30.77 34.64 -10.50
C LEU A 124 -30.24 34.92 -11.91
N SER A 125 -28.97 35.40 -12.03
CA SER A 125 -28.34 35.67 -13.33
C SER A 125 -28.32 34.40 -14.20
N LYS A 126 -28.20 33.20 -13.57
CA LYS A 126 -28.22 31.92 -14.29
C LYS A 126 -29.65 31.58 -14.73
N LEU A 127 -30.66 31.85 -13.86
CA LEU A 127 -32.08 31.65 -14.18
C LEU A 127 -32.53 32.62 -15.28
N ASN A 128 -31.97 33.85 -15.27
CA ASN A 128 -32.23 34.90 -16.26
C ASN A 128 -31.70 34.48 -17.62
N ALA A 129 -30.44 33.96 -17.66
CA ALA A 129 -29.76 33.49 -18.87
C ALA A 129 -30.43 32.22 -19.40
N ALA A 130 -31.02 31.41 -18.51
CA ALA A 130 -31.71 30.17 -18.87
C ALA A 130 -33.06 30.46 -19.50
N GLU A 131 -33.90 31.31 -18.85
CA GLU A 131 -35.25 31.63 -19.33
C GLU A 131 -35.23 32.53 -20.57
N ALA A 132 -34.45 33.62 -20.57
CA ALA A 132 -34.38 34.57 -21.69
C ALA A 132 -33.84 33.93 -22.97
N PHE A 133 -32.90 32.96 -22.85
CA PHE A 133 -32.36 32.24 -24.00
C PHE A 133 -33.48 31.45 -24.72
N GLU A 134 -34.40 30.82 -23.94
CA GLU A 134 -35.54 30.07 -24.47
C GLU A 134 -36.59 31.01 -25.11
N THR A 135 -36.93 32.14 -24.43
CA THR A 135 -37.92 33.09 -24.92
C THR A 135 -37.43 33.78 -26.19
N PHE A 136 -36.11 34.05 -26.26
CA PHE A 136 -35.50 34.68 -27.45
C PHE A 136 -35.63 33.75 -28.66
N LEU A 137 -35.37 32.44 -28.46
CA LEU A 137 -35.48 31.43 -29.52
C LEU A 137 -36.94 31.24 -29.93
N GLN A 138 -37.87 31.33 -28.96
CA GLN A 138 -39.31 31.22 -29.21
C GLN A 138 -39.79 32.38 -30.10
N THR A 139 -39.25 33.60 -29.86
CA THR A 139 -39.64 34.79 -30.61
C THR A 139 -39.01 34.82 -32.02
N LYS A 140 -37.72 34.43 -32.17
CA LYS A 140 -37.02 34.46 -33.46
C LYS A 140 -37.30 33.23 -34.33
N TYR A 141 -37.29 32.03 -33.73
CA TYR A 141 -37.51 30.76 -34.44
C TYR A 141 -38.68 29.98 -33.82
N VAL A 142 -39.90 30.50 -34.02
CA VAL A 142 -41.15 29.94 -33.49
C VAL A 142 -41.47 28.55 -34.12
N GLY A 143 -41.09 28.34 -35.37
CA GLY A 143 -41.34 27.10 -36.10
C GLY A 143 -40.32 25.98 -35.96
N GLN A 144 -39.17 26.27 -35.33
CA GLN A 144 -38.10 25.29 -35.19
C GLN A 144 -38.09 24.67 -33.80
N LYS A 145 -37.88 23.33 -33.71
CA LYS A 145 -37.83 22.62 -32.45
C LYS A 145 -36.46 22.85 -31.79
N ARG A 146 -36.46 23.03 -30.45
CA ARG A 146 -35.24 23.31 -29.68
C ARG A 146 -35.22 22.54 -28.35
N PHE A 147 -36.32 21.80 -27.99
CA PHE A 147 -36.52 21.03 -26.75
C PHE A 147 -36.18 21.87 -25.53
N SER A 148 -37.03 22.88 -25.29
CA SER A 148 -36.92 23.89 -24.24
C SER A 148 -36.82 23.34 -22.82
N LEU A 149 -36.00 24.01 -22.01
CA LEU A 149 -35.77 23.80 -20.58
C LEU A 149 -36.74 24.67 -19.75
N GLU A 150 -37.77 25.29 -20.40
CA GLU A 150 -38.77 26.10 -19.69
C GLU A 150 -39.55 25.19 -18.74
N GLY A 151 -39.57 25.59 -17.47
CA GLY A 151 -40.19 24.85 -16.39
C GLY A 151 -39.16 24.07 -15.59
N ALA A 152 -37.91 24.04 -16.10
CA ALA A 152 -36.78 23.32 -15.52
C ALA A 152 -35.48 24.15 -15.56
N GLU A 153 -35.60 25.50 -15.63
CA GLU A 153 -34.49 26.45 -15.74
C GLU A 153 -33.44 26.30 -14.63
N THR A 154 -33.83 25.75 -13.47
CA THR A 154 -32.97 25.53 -12.31
C THR A 154 -31.81 24.55 -12.61
N VAL A 155 -31.88 23.80 -13.73
CA VAL A 155 -30.81 22.88 -14.15
C VAL A 155 -29.50 23.69 -14.39
N ILE A 156 -29.62 24.91 -14.96
CA ILE A 156 -28.50 25.81 -15.25
C ILE A 156 -27.80 26.22 -13.94
N PRO A 157 -28.41 26.89 -12.92
CA PRO A 157 -27.65 27.17 -11.69
C PRO A 157 -27.18 25.90 -10.96
N MET A 158 -27.92 24.76 -11.08
CA MET A 158 -27.55 23.48 -10.47
C MET A 158 -26.26 22.92 -11.09
N MET A 159 -26.14 22.92 -12.43
CA MET A 159 -24.95 22.43 -13.13
C MET A 159 -23.76 23.33 -12.86
N ASP A 160 -24.00 24.65 -12.80
CA ASP A 160 -22.99 25.65 -12.48
C ASP A 160 -22.40 25.37 -11.10
N ALA A 161 -23.27 25.00 -10.11
CA ALA A 161 -22.86 24.68 -8.74
C ALA A 161 -22.04 23.39 -8.71
N VAL A 162 -22.39 22.38 -9.56
CA VAL A 162 -21.64 21.12 -9.68
C VAL A 162 -20.22 21.46 -10.16
N ILE A 163 -20.13 22.21 -11.27
CA ILE A 163 -18.86 22.58 -11.90
C ILE A 163 -18.02 23.47 -10.98
N ASP A 164 -18.65 24.46 -10.31
CA ASP A 164 -17.99 25.34 -9.36
C ASP A 164 -17.44 24.57 -8.16
N GLN A 165 -18.22 23.57 -7.65
CA GLN A 165 -17.79 22.74 -6.51
C GLN A 165 -16.61 21.84 -6.93
N CYS A 166 -16.61 21.39 -8.20
CA CYS A 166 -15.55 20.56 -8.78
C CYS A 166 -14.25 21.39 -8.87
N ALA A 167 -14.37 22.66 -9.28
CA ALA A 167 -13.26 23.60 -9.39
C ALA A 167 -12.69 23.94 -8.00
N GLU A 168 -13.57 23.95 -6.97
CA GLU A 168 -13.22 24.23 -5.56
C GLU A 168 -12.39 23.08 -4.99
N HIS A 169 -12.62 21.84 -5.50
CA HIS A 169 -11.87 20.64 -5.11
C HIS A 169 -10.56 20.51 -5.91
N GLY A 170 -10.32 21.47 -6.82
CA GLY A 170 -9.12 21.51 -7.65
C GLY A 170 -9.06 20.42 -8.69
N LEU A 171 -10.23 19.95 -9.16
CA LEU A 171 -10.35 18.90 -10.16
C LEU A 171 -9.96 19.45 -11.55
N ASP A 172 -9.55 18.55 -12.47
CA ASP A 172 -9.02 18.93 -13.78
C ASP A 172 -10.06 19.17 -14.89
N GLU A 173 -11.16 18.39 -14.93
CA GLU A 173 -12.16 18.50 -15.98
C GLU A 173 -13.51 17.92 -15.56
N VAL A 174 -14.59 18.46 -16.14
CA VAL A 174 -15.95 17.96 -15.97
C VAL A 174 -16.44 17.60 -17.37
N VAL A 175 -16.70 16.29 -17.63
CA VAL A 175 -17.19 15.86 -18.94
C VAL A 175 -18.69 15.60 -18.80
N ILE A 176 -19.49 16.26 -19.67
CA ILE A 176 -20.94 16.17 -19.65
C ILE A 176 -21.47 15.36 -20.81
N ALA A 177 -22.48 14.55 -20.51
CA ALA A 177 -23.32 13.81 -21.43
C ALA A 177 -24.74 14.06 -21.01
N MET A 178 -25.58 14.43 -21.98
CA MET A 178 -26.96 14.76 -21.68
C MET A 178 -27.89 14.49 -22.86
N PRO A 179 -29.22 14.39 -22.63
CA PRO A 179 -30.14 14.28 -23.77
C PRO A 179 -30.41 15.66 -24.38
N HIS A 180 -31.57 15.80 -25.01
CA HIS A 180 -32.10 16.94 -25.74
C HIS A 180 -32.58 18.11 -24.85
N ARG A 181 -33.20 17.79 -23.68
CA ARG A 181 -33.81 18.75 -22.76
C ARG A 181 -32.81 19.82 -22.25
N GLY A 182 -32.99 21.04 -22.73
CA GLY A 182 -32.15 22.18 -22.38
C GLY A 182 -30.71 22.07 -22.84
N ARG A 183 -30.47 21.28 -23.90
CA ARG A 183 -29.15 21.02 -24.49
C ARG A 183 -28.53 22.31 -25.03
N LEU A 184 -29.30 23.04 -25.86
CA LEU A 184 -28.85 24.31 -26.44
C LEU A 184 -28.52 25.30 -25.33
N ASN A 185 -29.37 25.33 -24.29
CA ASN A 185 -29.21 26.18 -23.11
C ASN A 185 -27.89 25.86 -22.38
N VAL A 186 -27.63 24.55 -22.11
CA VAL A 186 -26.43 24.06 -21.45
C VAL A 186 -25.17 24.41 -22.29
N LEU A 187 -25.22 24.20 -23.62
CA LEU A 187 -24.11 24.53 -24.51
C LEU A 187 -23.76 26.02 -24.46
N ALA A 188 -24.78 26.90 -24.42
CA ALA A 188 -24.60 28.35 -24.42
C ALA A 188 -24.28 28.93 -23.03
N ASN A 189 -25.01 28.51 -21.98
CA ASN A 189 -24.89 29.08 -20.63
C ASN A 189 -23.97 28.31 -19.65
N ILE A 190 -23.59 27.06 -19.97
CA ILE A 190 -22.72 26.28 -19.07
C ILE A 190 -21.36 26.00 -19.75
N VAL A 191 -21.37 25.38 -20.94
CA VAL A 191 -20.16 24.97 -21.64
C VAL A 191 -19.45 26.19 -22.26
N GLY A 192 -20.22 27.13 -22.79
CA GLY A 192 -19.68 28.35 -23.40
C GLY A 192 -19.63 28.37 -24.91
N LYS A 193 -20.47 27.55 -25.57
CA LYS A 193 -20.58 27.52 -27.04
C LYS A 193 -21.13 28.88 -27.49
N PRO A 194 -20.45 29.57 -28.45
CA PRO A 194 -20.92 30.92 -28.84
C PRO A 194 -22.34 30.94 -29.37
N TYR A 195 -23.10 31.97 -28.98
CA TYR A 195 -24.48 32.20 -29.39
C TYR A 195 -24.54 32.33 -30.91
N SER A 196 -23.50 32.94 -31.51
CA SER A 196 -23.41 33.11 -32.96
C SER A 196 -23.47 31.76 -33.67
N GLN A 197 -22.74 30.77 -33.13
CA GLN A 197 -22.70 29.41 -33.66
C GLN A 197 -24.07 28.72 -33.55
N ILE A 198 -24.77 28.90 -32.39
CA ILE A 198 -26.09 28.33 -32.13
C ILE A 198 -27.14 28.94 -33.09
N PHE A 199 -27.15 30.27 -33.26
CA PHE A 199 -28.09 30.98 -34.12
C PHE A 199 -27.86 30.66 -35.62
N SER A 200 -26.59 30.44 -36.04
CA SER A 200 -26.23 30.07 -37.41
C SER A 200 -26.84 28.71 -37.81
N GLU A 201 -26.99 27.78 -36.83
CA GLU A 201 -27.59 26.46 -37.02
C GLU A 201 -29.11 26.60 -37.25
N PHE A 202 -29.75 27.56 -36.54
CA PHE A 202 -31.17 27.87 -36.69
C PHE A 202 -31.42 28.59 -38.00
N GLU A 203 -30.46 29.47 -38.41
CA GLU A 203 -30.52 30.27 -39.64
C GLU A 203 -30.34 29.42 -40.88
N GLY A 204 -29.66 28.28 -40.72
CA GLY A 204 -29.36 27.34 -41.81
C GLY A 204 -28.27 27.85 -42.72
N ASN A 205 -27.36 28.70 -42.19
CA ASN A 205 -26.24 29.27 -42.92
C ASN A 205 -24.93 28.85 -42.24
N LEU A 206 -24.43 27.66 -42.63
CA LEU A 206 -23.22 27.05 -42.06
C LEU A 206 -22.01 27.24 -42.97
N ASN A 207 -20.84 27.55 -42.37
CA ASN A 207 -19.56 27.73 -43.05
C ASN A 207 -18.97 26.34 -43.45
N PRO A 208 -17.86 26.24 -44.25
CA PRO A 208 -17.36 24.90 -44.64
C PRO A 208 -17.06 23.92 -43.49
N SER A 209 -16.54 24.41 -42.33
CA SER A 209 -16.21 23.58 -41.18
C SER A 209 -17.48 23.02 -40.49
N GLN A 210 -18.54 23.85 -40.39
CA GLN A 210 -19.83 23.48 -39.78
C GLN A 210 -20.65 22.58 -40.70
N ALA A 211 -20.53 22.77 -42.03
CA ALA A 211 -21.25 22.00 -43.05
C ALA A 211 -20.51 20.69 -43.43
N HIS A 212 -19.29 20.45 -42.88
CA HIS A 212 -18.46 19.27 -43.17
C HIS A 212 -19.12 17.97 -42.71
N GLY A 213 -19.10 16.96 -43.58
CA GLY A 213 -19.70 15.64 -43.34
C GLY A 213 -21.22 15.67 -43.49
N SER A 214 -21.89 14.55 -43.16
CA SER A 214 -23.36 14.47 -43.24
C SER A 214 -24.02 15.30 -42.12
N GLY A 215 -23.33 15.40 -40.99
CA GLY A 215 -23.76 16.21 -39.85
C GLY A 215 -24.86 15.61 -39.00
N ASP A 216 -25.34 16.40 -38.05
CA ASP A 216 -26.40 16.02 -37.13
C ASP A 216 -27.11 17.27 -36.60
N VAL A 217 -28.29 17.07 -35.98
CA VAL A 217 -29.15 18.11 -35.42
C VAL A 217 -28.40 18.85 -34.28
N LYS A 218 -28.74 20.14 -34.10
CA LYS A 218 -28.12 21.08 -33.15
C LYS A 218 -28.13 20.61 -31.69
N TYR A 219 -29.18 19.88 -31.26
CA TYR A 219 -29.30 19.39 -29.88
C TYR A 219 -28.61 17.99 -29.68
N HIS A 220 -27.62 17.65 -30.52
CA HIS A 220 -26.82 16.42 -30.44
C HIS A 220 -25.34 16.75 -30.40
N LEU A 221 -25.01 18.01 -30.66
CA LEU A 221 -23.63 18.47 -30.78
C LEU A 221 -23.02 18.77 -29.41
N GLY A 222 -21.69 18.68 -29.38
CA GLY A 222 -20.89 18.95 -28.20
C GLY A 222 -20.05 20.21 -28.32
N ALA A 223 -19.35 20.55 -27.23
CA ALA A 223 -18.48 21.72 -27.14
C ALA A 223 -17.48 21.56 -26.00
N THR A 224 -16.46 22.43 -25.96
CA THR A 224 -15.45 22.46 -24.93
C THR A 224 -15.19 23.91 -24.52
N GLY A 225 -14.72 24.10 -23.31
CA GLY A 225 -14.42 25.43 -22.76
C GLY A 225 -13.80 25.40 -21.39
N THR A 226 -13.46 26.59 -20.89
CA THR A 226 -12.84 26.76 -19.58
C THR A 226 -13.81 27.51 -18.67
N TYR A 227 -14.14 26.90 -17.54
CA TYR A 227 -14.99 27.48 -16.54
C TYR A 227 -14.13 28.24 -15.57
N ILE A 228 -14.44 29.51 -15.33
CA ILE A 228 -13.71 30.36 -14.39
C ILE A 228 -14.67 30.66 -13.23
N GLN A 229 -14.23 30.38 -11.99
CA GLN A 229 -15.03 30.60 -10.79
C GLN A 229 -15.37 32.08 -10.61
N MET A 230 -16.66 32.36 -10.33
CA MET A 230 -17.19 33.69 -10.11
C MET A 230 -16.67 34.27 -8.76
N PHE A 231 -16.67 33.45 -7.69
CA PHE A 231 -16.24 33.85 -6.35
C PHE A 231 -15.01 33.08 -5.85
N GLY A 232 -14.32 32.40 -6.77
CA GLY A 232 -13.10 31.65 -6.47
C GLY A 232 -12.00 32.00 -7.45
N ASP A 233 -10.81 31.43 -7.25
CA ASP A 233 -9.66 31.70 -8.13
C ASP A 233 -9.33 30.51 -9.04
N ASN A 234 -10.03 29.37 -8.87
CA ASN A 234 -9.78 28.16 -9.65
C ASN A 234 -10.51 28.17 -10.99
N ASP A 235 -9.98 27.40 -11.95
CA ASP A 235 -10.54 27.19 -13.28
C ASP A 235 -10.60 25.69 -13.55
N ILE A 236 -11.56 25.26 -14.38
CA ILE A 236 -11.74 23.85 -14.71
C ILE A 236 -12.24 23.72 -16.16
N GLU A 237 -11.78 22.66 -16.85
CA GLU A 237 -12.18 22.36 -18.22
C GLU A 237 -13.60 21.77 -18.20
N VAL A 238 -14.46 22.25 -19.10
CA VAL A 238 -15.83 21.76 -19.20
C VAL A 238 -16.04 21.29 -20.64
N SER A 239 -16.41 20.02 -20.79
CA SER A 239 -16.65 19.41 -22.10
C SER A 239 -18.01 18.75 -22.14
N LEU A 240 -18.67 18.83 -23.28
CA LEU A 240 -19.94 18.16 -23.54
C LEU A 240 -19.73 17.29 -24.77
N THR A 241 -20.01 15.98 -24.63
CA THR A 241 -19.79 15.03 -25.71
C THR A 241 -21.02 14.92 -26.63
N ALA A 242 -20.78 14.57 -27.90
CA ALA A 242 -21.82 14.38 -28.91
C ALA A 242 -22.60 13.09 -28.62
N ASN A 243 -23.82 12.97 -29.18
CA ASN A 243 -24.66 11.79 -28.94
C ASN A 243 -25.77 11.63 -29.98
N PRO A 244 -26.32 10.42 -30.19
CA PRO A 244 -27.46 10.28 -31.10
C PRO A 244 -28.79 10.58 -30.39
N SER A 245 -29.92 10.35 -31.08
CA SER A 245 -31.25 10.55 -30.50
C SER A 245 -31.52 9.51 -29.44
N HIS A 246 -30.96 8.29 -29.63
CA HIS A 246 -31.06 7.12 -28.76
C HIS A 246 -30.71 7.54 -27.35
N LEU A 247 -31.78 7.71 -26.58
CA LEU A 247 -31.72 8.16 -25.21
C LEU A 247 -30.95 7.19 -24.36
N GLU A 248 -30.01 7.75 -23.54
CA GLU A 248 -29.15 7.05 -22.59
C GLU A 248 -28.01 6.24 -23.25
N ALA A 249 -27.99 6.07 -24.59
CA ALA A 249 -26.95 5.30 -25.29
C ALA A 249 -25.51 5.85 -25.03
N VAL A 250 -25.39 7.17 -24.79
CA VAL A 250 -24.15 7.92 -24.52
C VAL A 250 -23.62 7.64 -23.10
N ASP A 251 -24.43 7.05 -22.21
CA ASP A 251 -24.06 6.81 -20.82
C ASP A 251 -22.70 6.07 -20.68
N PRO A 252 -22.48 4.87 -21.30
CA PRO A 252 -21.18 4.19 -21.15
C PRO A 252 -20.04 4.88 -21.90
N VAL A 253 -20.40 5.59 -22.99
CA VAL A 253 -19.50 6.36 -23.85
C VAL A 253 -18.83 7.43 -23.00
N LEU A 254 -19.64 8.17 -22.20
CA LEU A 254 -19.14 9.21 -21.28
C LEU A 254 -18.15 8.60 -20.30
N GLU A 255 -18.53 7.46 -19.68
CA GLU A 255 -17.71 6.72 -18.70
C GLU A 255 -16.36 6.35 -19.31
N GLY A 256 -16.37 5.75 -20.51
CA GLY A 256 -15.16 5.37 -21.24
C GLY A 256 -14.25 6.54 -21.55
N LEU A 257 -14.86 7.65 -21.99
CA LEU A 257 -14.21 8.93 -22.31
C LEU A 257 -13.50 9.51 -21.07
N VAL A 258 -14.20 9.52 -19.91
CA VAL A 258 -13.68 10.00 -18.64
C VAL A 258 -12.52 9.08 -18.16
N ARG A 259 -12.70 7.74 -18.24
CA ARG A 259 -11.67 6.76 -17.85
C ARG A 259 -10.35 6.94 -18.63
N ALA A 260 -10.44 7.14 -19.96
CA ALA A 260 -9.28 7.36 -20.81
C ALA A 260 -8.53 8.63 -20.39
N LYS A 261 -9.28 9.72 -20.07
CA LYS A 261 -8.74 11.00 -19.61
C LYS A 261 -8.07 10.85 -18.23
N GLN A 262 -8.71 10.11 -17.30
CA GLN A 262 -8.16 9.84 -15.97
C GLN A 262 -6.85 9.04 -16.07
N ASP A 263 -6.83 8.03 -16.97
CA ASP A 263 -5.65 7.18 -17.21
C ASP A 263 -4.48 8.01 -17.78
N LEU A 264 -4.75 8.98 -18.69
CA LEU A 264 -3.74 9.89 -19.23
C LEU A 264 -3.17 10.81 -18.15
N LEU A 265 -4.02 11.28 -17.22
CA LEU A 265 -3.63 12.17 -16.15
C LEU A 265 -3.01 11.43 -14.95
N ASP A 266 -2.91 10.09 -15.02
CA ASP A 266 -2.36 9.21 -13.97
C ASP A 266 -3.13 9.44 -12.65
N THR A 267 -4.45 9.62 -12.79
CA THR A 267 -5.35 9.81 -11.68
C THR A 267 -6.39 8.71 -11.73
N GLY A 268 -6.82 8.24 -10.58
CA GLY A 268 -7.82 7.18 -10.55
C GLY A 268 -7.32 5.78 -10.27
N GLU A 269 -8.03 4.78 -10.83
CA GLU A 269 -7.83 3.35 -10.62
C GLU A 269 -6.47 2.84 -11.10
N GLU A 270 -5.99 3.32 -12.25
CA GLU A 270 -4.71 2.87 -12.79
C GLU A 270 -3.62 3.93 -12.59
N GLY A 271 -3.95 5.00 -11.88
CA GLY A 271 -3.04 6.09 -11.59
C GLY A 271 -2.41 6.05 -10.22
N SER A 272 -1.54 7.03 -9.94
CA SER A 272 -0.84 7.16 -8.66
C SER A 272 -1.71 7.89 -7.63
N ASP A 273 -2.31 9.03 -8.04
CA ASP A 273 -3.18 9.85 -7.19
C ASP A 273 -4.63 9.37 -7.28
N ASN A 274 -5.26 9.12 -6.12
CA ASN A 274 -6.65 8.65 -6.00
C ASN A 274 -7.66 9.81 -6.21
N ARG A 275 -7.24 10.85 -6.93
CA ARG A 275 -8.02 12.06 -7.17
C ARG A 275 -9.22 11.88 -8.11
N PHE A 276 -9.15 10.98 -9.15
CA PHE A 276 -10.23 10.80 -10.16
C PHE A 276 -10.67 12.19 -10.66
N SER A 277 -9.67 13.02 -11.03
CA SER A 277 -9.76 14.43 -11.37
C SER A 277 -10.63 14.76 -12.60
N VAL A 278 -11.10 13.76 -13.36
CA VAL A 278 -12.03 14.02 -14.47
C VAL A 278 -13.40 13.53 -14.01
N VAL A 279 -14.38 14.45 -13.94
CA VAL A 279 -15.70 14.14 -13.38
C VAL A 279 -16.78 13.91 -14.46
N PRO A 280 -17.41 12.73 -14.45
CA PRO A 280 -18.53 12.52 -15.38
C PRO A 280 -19.79 13.15 -14.80
N LEU A 281 -20.39 14.07 -15.55
CA LEU A 281 -21.65 14.69 -15.18
C LEU A 281 -22.66 14.21 -16.21
N MET A 282 -23.52 13.29 -15.78
CA MET A 282 -24.48 12.65 -16.66
C MET A 282 -25.88 13.13 -16.41
N LEU A 283 -26.49 13.73 -17.42
CA LEU A 283 -27.87 14.21 -17.33
C LEU A 283 -28.81 13.20 -17.97
N HIS A 284 -30.06 13.15 -17.50
CA HIS A 284 -31.08 12.21 -17.95
C HIS A 284 -32.48 12.79 -17.88
N GLY A 285 -33.38 12.21 -18.67
CA GLY A 285 -34.81 12.47 -18.63
C GLY A 285 -35.43 11.40 -17.75
N ASP A 286 -36.58 11.70 -17.13
CA ASP A 286 -37.23 10.77 -16.19
C ASP A 286 -37.75 9.48 -16.85
N ALA A 287 -38.30 9.54 -18.08
CA ALA A 287 -38.82 8.34 -18.74
C ALA A 287 -37.69 7.46 -19.27
N ALA A 288 -36.62 8.09 -19.81
CA ALA A 288 -35.48 7.39 -20.36
C ALA A 288 -34.65 6.72 -19.28
N PHE A 289 -34.50 7.36 -18.09
CA PHE A 289 -33.71 6.81 -16.97
C PHE A 289 -34.31 5.51 -16.43
N ALA A 290 -35.64 5.46 -16.32
CA ALA A 290 -36.34 4.28 -15.84
C ALA A 290 -36.48 3.18 -16.90
N GLY A 291 -36.67 3.56 -18.15
CA GLY A 291 -36.93 2.62 -19.25
C GLY A 291 -35.78 2.01 -20.01
N GLN A 292 -34.64 2.71 -20.12
CA GLN A 292 -33.50 2.21 -20.90
C GLN A 292 -32.58 1.32 -20.07
N GLY A 293 -32.36 0.10 -20.57
CA GLY A 293 -31.53 -0.90 -19.93
C GLY A 293 -30.05 -0.56 -19.79
N VAL A 294 -29.54 0.27 -20.69
CA VAL A 294 -28.15 0.68 -20.70
C VAL A 294 -27.82 1.49 -19.41
N VAL A 295 -28.85 2.09 -18.76
CA VAL A 295 -28.68 2.83 -17.52
C VAL A 295 -28.17 1.88 -16.44
N ALA A 296 -28.87 0.74 -16.21
CA ALA A 296 -28.45 -0.31 -15.26
C ALA A 296 -27.10 -0.91 -15.64
N GLU A 297 -26.86 -1.10 -16.95
CA GLU A 297 -25.61 -1.65 -17.48
C GLU A 297 -24.41 -0.74 -17.16
N THR A 298 -24.60 0.57 -17.26
CA THR A 298 -23.57 1.60 -17.01
C THR A 298 -23.36 1.81 -15.49
N LEU A 299 -24.43 1.75 -14.68
CA LEU A 299 -24.34 1.88 -13.22
C LEU A 299 -23.59 0.69 -12.64
N ASN A 300 -23.75 -0.50 -13.27
CA ASN A 300 -23.09 -1.74 -12.89
C ASN A 300 -21.56 -1.67 -13.10
N LEU A 301 -21.08 -0.72 -13.92
CA LEU A 301 -19.65 -0.52 -14.20
C LEU A 301 -18.96 0.39 -13.18
N ALA A 302 -19.76 1.21 -12.45
CA ALA A 302 -19.32 2.26 -11.52
C ALA A 302 -18.18 1.87 -10.55
N LEU A 303 -18.14 0.62 -10.05
CA LEU A 303 -17.09 0.24 -9.08
C LEU A 303 -16.15 -0.86 -9.60
N LEU A 304 -16.29 -1.27 -10.88
CA LEU A 304 -15.42 -2.29 -11.47
C LEU A 304 -14.00 -1.75 -11.73
N ARG A 305 -12.98 -2.59 -11.56
CA ARG A 305 -11.55 -2.24 -11.74
C ARG A 305 -11.25 -1.62 -13.13
N GLY A 306 -11.80 -2.20 -14.18
CA GLY A 306 -11.55 -1.74 -15.54
C GLY A 306 -12.50 -0.69 -16.07
N TYR A 307 -13.45 -0.22 -15.24
CA TYR A 307 -14.45 0.74 -15.74
C TYR A 307 -14.73 1.92 -14.82
N ARG A 308 -14.35 1.85 -13.54
CA ARG A 308 -14.68 2.90 -12.58
C ARG A 308 -14.01 4.24 -12.90
N THR A 309 -14.73 5.32 -12.60
CA THR A 309 -14.35 6.71 -12.88
C THR A 309 -14.40 7.54 -11.59
N GLY A 310 -14.48 6.84 -10.46
CA GLY A 310 -14.53 7.44 -9.14
C GLY A 310 -15.81 8.17 -8.85
N GLY A 311 -16.92 7.65 -9.37
CA GLY A 311 -18.24 8.20 -9.15
C GLY A 311 -18.72 9.22 -10.15
N THR A 312 -19.94 9.02 -10.64
CA THR A 312 -20.60 9.91 -11.59
C THR A 312 -21.63 10.77 -10.85
N ILE A 313 -21.77 12.04 -11.26
CA ILE A 313 -22.81 12.93 -10.75
C ILE A 313 -23.96 12.82 -11.75
N HIS A 314 -25.07 12.24 -11.31
CA HIS A 314 -26.26 12.10 -12.16
C HIS A 314 -27.27 13.19 -11.83
N ILE A 315 -27.78 13.85 -12.88
CA ILE A 315 -28.84 14.84 -12.76
C ILE A 315 -30.00 14.32 -13.61
N VAL A 316 -31.16 14.06 -12.98
CA VAL A 316 -32.36 13.68 -13.71
C VAL A 316 -33.28 14.93 -13.80
N VAL A 317 -33.54 15.39 -15.05
CA VAL A 317 -34.46 16.49 -15.32
C VAL A 317 -35.82 15.83 -15.35
N ASN A 318 -36.41 15.64 -14.16
CA ASN A 318 -37.67 14.94 -13.96
C ASN A 318 -38.84 15.91 -14.08
N ASN A 319 -39.31 16.11 -15.33
CA ASN A 319 -40.43 16.99 -15.65
C ASN A 319 -41.76 16.22 -15.59
N GLN A 320 -41.76 15.03 -14.96
CA GLN A 320 -42.90 14.15 -14.68
C GLN A 320 -43.73 13.82 -15.94
N ILE A 321 -43.03 13.69 -17.09
CA ILE A 321 -43.63 13.40 -18.39
C ILE A 321 -42.57 12.84 -19.36
N GLY A 322 -43.02 12.02 -20.29
CA GLY A 322 -42.24 11.44 -21.38
C GLY A 322 -43.06 11.60 -22.64
N PHE A 323 -42.92 12.76 -23.32
CA PHE A 323 -43.69 13.16 -24.52
C PHE A 323 -45.21 13.22 -24.12
N THR A 324 -46.00 12.17 -24.42
CA THR A 324 -47.42 12.12 -24.05
C THR A 324 -47.66 11.05 -22.98
N THR A 325 -46.59 10.37 -22.56
CA THR A 325 -46.68 9.26 -21.61
C THR A 325 -46.50 9.75 -20.19
N ALA A 326 -47.49 9.43 -19.33
CA ALA A 326 -47.49 9.74 -17.92
C ALA A 326 -46.51 8.80 -17.18
N PRO A 327 -45.89 9.24 -16.05
CA PRO A 327 -44.93 8.36 -15.33
C PRO A 327 -45.50 6.98 -14.94
N THR A 328 -46.82 6.88 -14.69
CA THR A 328 -47.53 5.64 -14.33
C THR A 328 -47.37 4.55 -15.44
N ASP A 329 -47.18 4.95 -16.72
CA ASP A 329 -46.97 4.02 -17.81
C ASP A 329 -45.49 3.94 -18.20
N SER A 330 -44.63 4.72 -17.55
CA SER A 330 -43.19 4.74 -17.85
C SER A 330 -42.34 3.88 -16.90
N ARG A 331 -42.84 3.61 -15.67
CA ARG A 331 -42.09 2.83 -14.66
C ARG A 331 -43.01 2.16 -13.62
N SER A 332 -42.49 1.10 -12.99
CA SER A 332 -43.14 0.30 -11.93
C SER A 332 -42.61 0.69 -10.53
N SER A 333 -41.82 1.77 -10.45
CA SER A 333 -41.21 2.24 -9.21
C SER A 333 -41.68 3.62 -8.82
N GLU A 334 -41.56 3.96 -7.50
CA GLU A 334 -41.96 5.24 -6.92
C GLU A 334 -41.21 6.40 -7.60
N TYR A 335 -39.87 6.25 -7.71
CA TYR A 335 -39.00 7.25 -8.32
C TYR A 335 -38.36 6.73 -9.57
N CYS A 336 -38.15 7.63 -10.55
CA CYS A 336 -37.49 7.34 -11.83
C CYS A 336 -36.01 6.98 -11.61
N THR A 337 -35.48 7.28 -10.41
CA THR A 337 -34.08 7.06 -9.99
C THR A 337 -33.84 5.77 -9.18
N ASP A 338 -34.90 4.99 -8.87
CA ASP A 338 -34.82 3.79 -8.02
C ASP A 338 -33.79 2.73 -8.52
N VAL A 339 -33.46 2.72 -9.82
CA VAL A 339 -32.48 1.81 -10.40
C VAL A 339 -31.04 2.10 -9.85
N ALA A 340 -30.75 3.37 -9.49
CA ALA A 340 -29.43 3.76 -8.97
C ALA A 340 -29.17 3.28 -7.52
N LYS A 341 -30.19 2.78 -6.82
CA LYS A 341 -30.04 2.27 -5.45
C LYS A 341 -29.24 0.95 -5.44
N MET A 342 -29.18 0.25 -6.60
CA MET A 342 -28.47 -1.03 -6.77
C MET A 342 -26.94 -0.89 -6.54
N ILE A 343 -26.34 0.30 -6.73
CA ILE A 343 -24.90 0.48 -6.52
C ILE A 343 -24.66 1.29 -5.25
N GLY A 344 -25.68 1.34 -4.40
CA GLY A 344 -25.66 2.05 -3.13
C GLY A 344 -25.44 3.54 -3.28
N ALA A 345 -25.99 4.13 -4.36
CA ALA A 345 -25.84 5.56 -4.58
C ALA A 345 -26.85 6.36 -3.75
N PRO A 346 -26.41 7.44 -3.07
CA PRO A 346 -27.39 8.30 -2.37
C PRO A 346 -28.25 9.02 -3.41
N ILE A 347 -29.55 9.15 -3.15
CA ILE A 347 -30.45 9.82 -4.07
C ILE A 347 -31.07 11.03 -3.38
N PHE A 348 -30.98 12.19 -4.05
CA PHE A 348 -31.53 13.45 -3.56
C PHE A 348 -32.61 13.94 -4.51
N HIS A 349 -33.86 13.94 -4.04
CA HIS A 349 -35.01 14.45 -4.78
C HIS A 349 -35.14 15.90 -4.36
N VAL A 350 -35.03 16.84 -5.31
CA VAL A 350 -35.07 18.26 -4.98
C VAL A 350 -36.14 19.01 -5.82
N ASN A 351 -36.83 19.95 -5.16
CA ASN A 351 -37.85 20.79 -5.78
C ASN A 351 -37.20 21.77 -6.74
N GLY A 352 -37.60 21.69 -8.01
CA GLY A 352 -37.10 22.52 -9.09
C GLY A 352 -37.44 24.00 -8.98
N ASP A 353 -38.44 24.36 -8.15
CA ASP A 353 -38.84 25.75 -7.92
C ASP A 353 -37.95 26.42 -6.87
N ASP A 354 -37.09 25.64 -6.19
CA ASP A 354 -36.17 26.15 -5.17
C ASP A 354 -34.75 26.10 -5.71
N PRO A 355 -34.25 27.16 -6.37
CA PRO A 355 -32.90 27.10 -6.94
C PRO A 355 -31.77 27.05 -5.91
N GLU A 356 -32.01 27.56 -4.69
CA GLU A 356 -31.02 27.56 -3.61
C GLU A 356 -30.82 26.16 -3.05
N ALA A 357 -31.90 25.37 -2.92
CA ALA A 357 -31.84 23.98 -2.46
C ALA A 357 -31.18 23.11 -3.53
N CYS A 358 -31.42 23.43 -4.81
CA CYS A 358 -30.87 22.76 -5.98
C CYS A 358 -29.36 22.99 -6.06
N ALA A 359 -28.89 24.23 -5.80
CA ALA A 359 -27.47 24.58 -5.80
C ALA A 359 -26.76 23.93 -4.61
N TRP A 360 -27.44 23.81 -3.46
CA TRP A 360 -26.90 23.19 -2.23
C TRP A 360 -26.73 21.67 -2.40
N VAL A 361 -27.74 21.00 -3.00
CA VAL A 361 -27.73 19.56 -3.25
C VAL A 361 -26.61 19.23 -4.25
N ALA A 362 -26.44 20.08 -5.27
CA ALA A 362 -25.41 19.95 -6.29
C ALA A 362 -24.00 19.96 -5.65
N ARG A 363 -23.77 20.87 -4.69
CA ARG A 363 -22.49 20.98 -3.98
C ARG A 363 -22.29 19.82 -3.01
N LEU A 364 -23.39 19.34 -2.39
CA LEU A 364 -23.37 18.19 -1.48
C LEU A 364 -23.01 16.92 -2.26
N ALA A 365 -23.56 16.78 -3.48
CA ALA A 365 -23.33 15.64 -4.39
C ALA A 365 -21.86 15.53 -4.77
N VAL A 366 -21.23 16.66 -5.17
CA VAL A 366 -19.81 16.72 -5.55
C VAL A 366 -18.93 16.34 -4.35
N ASP A 367 -19.26 16.87 -3.15
CA ASP A 367 -18.54 16.60 -1.91
C ASP A 367 -18.59 15.11 -1.57
N PHE A 368 -19.75 14.45 -1.77
CA PHE A 368 -19.92 13.02 -1.51
C PHE A 368 -19.07 12.22 -2.48
N ARG A 369 -19.11 12.59 -3.79
CA ARG A 369 -18.34 11.95 -4.85
C ARG A 369 -16.86 12.02 -4.51
N GLN A 370 -16.39 13.19 -4.05
CA GLN A 370 -14.98 13.38 -3.68
C GLN A 370 -14.58 12.59 -2.44
N ALA A 371 -15.49 12.46 -1.46
CA ALA A 371 -15.20 11.76 -0.21
C ALA A 371 -15.18 10.24 -0.37
N PHE A 372 -16.10 9.67 -1.16
CA PHE A 372 -16.19 8.21 -1.24
C PHE A 372 -15.97 7.63 -2.65
N LYS A 373 -15.70 8.49 -3.67
CA LYS A 373 -15.46 8.10 -5.07
C LYS A 373 -16.57 7.16 -5.56
N LYS A 374 -17.81 7.54 -5.25
CA LYS A 374 -19.03 6.82 -5.55
C LYS A 374 -20.03 7.74 -6.28
N ASP A 375 -20.92 7.13 -7.08
CA ASP A 375 -21.99 7.78 -7.84
C ASP A 375 -23.01 8.43 -6.91
N VAL A 376 -23.52 9.62 -7.31
CA VAL A 376 -24.54 10.40 -6.60
C VAL A 376 -25.63 10.76 -7.60
N VAL A 377 -26.90 10.64 -7.20
CA VAL A 377 -28.01 10.95 -8.10
C VAL A 377 -28.84 12.11 -7.53
N ILE A 378 -29.08 13.12 -8.38
CA ILE A 378 -29.93 14.26 -8.09
C ILE A 378 -31.17 14.13 -8.97
N ASP A 379 -32.33 13.97 -8.33
CA ASP A 379 -33.62 13.86 -9.01
C ASP A 379 -34.28 15.24 -8.92
N MET A 380 -34.15 16.07 -9.98
CA MET A 380 -34.74 17.39 -9.97
C MET A 380 -36.17 17.36 -10.46
N LEU A 381 -37.11 17.47 -9.51
CA LEU A 381 -38.53 17.49 -9.85
C LEU A 381 -38.88 18.84 -10.40
N CYS A 382 -39.39 18.85 -11.62
CA CYS A 382 -39.76 20.06 -12.32
C CYS A 382 -41.00 19.78 -13.16
N TYR A 383 -41.11 20.48 -14.29
CA TYR A 383 -42.18 20.38 -15.27
C TYR A 383 -41.69 20.88 -16.60
N ARG A 384 -42.46 20.61 -17.63
CA ARG A 384 -42.17 21.00 -19.01
C ARG A 384 -43.24 22.03 -19.41
N ARG A 385 -42.87 23.32 -19.40
CA ARG A 385 -43.76 24.46 -19.67
C ARG A 385 -44.56 24.29 -20.96
N ARG A 386 -43.87 23.93 -22.07
CA ARG A 386 -44.49 23.74 -23.38
C ARG A 386 -44.72 22.25 -23.65
N GLY A 387 -45.10 21.93 -24.89
CA GLY A 387 -45.28 20.55 -25.31
C GLY A 387 -43.94 19.86 -25.35
N HIS A 388 -43.91 18.56 -25.72
CA HIS A 388 -42.67 17.79 -25.81
C HIS A 388 -41.63 18.56 -26.63
N ASN A 389 -42.06 19.03 -27.80
CA ASN A 389 -41.34 19.92 -28.68
C ASN A 389 -42.13 21.24 -28.69
N GLU A 390 -41.59 22.28 -29.30
CA GLU A 390 -42.19 23.62 -29.31
C GLU A 390 -43.36 23.73 -30.31
N GLY A 391 -43.67 22.64 -31.01
CA GLY A 391 -44.77 22.56 -31.94
C GLY A 391 -45.90 21.63 -31.51
N ASP A 392 -45.68 20.90 -30.41
CA ASP A 392 -46.63 19.92 -29.87
C ASP A 392 -47.60 20.56 -28.87
N ASP A 393 -48.89 20.21 -28.96
CA ASP A 393 -49.95 20.69 -28.05
C ASP A 393 -50.12 19.64 -26.94
N PRO A 394 -49.77 19.97 -25.68
CA PRO A 394 -49.78 18.93 -24.63
C PRO A 394 -51.11 18.71 -23.90
N SER A 395 -52.07 19.63 -24.01
CA SER A 395 -53.39 19.53 -23.34
C SER A 395 -54.28 18.41 -23.94
N MET A 396 -53.92 17.89 -25.12
CA MET A 396 -54.64 16.81 -25.78
C MET A 396 -54.57 15.53 -24.94
N THR A 397 -53.40 15.26 -24.37
CA THR A 397 -53.14 14.05 -23.58
C THR A 397 -53.00 14.33 -22.07
N GLN A 398 -52.47 15.50 -21.69
CA GLN A 398 -52.34 15.85 -20.25
C GLN A 398 -53.05 17.18 -19.95
N PRO A 399 -54.42 17.24 -20.00
CA PRO A 399 -55.11 18.51 -19.75
C PRO A 399 -55.00 19.00 -18.30
N TYR A 400 -55.07 18.08 -17.30
CA TYR A 400 -54.99 18.46 -15.88
C TYR A 400 -53.63 19.06 -15.53
N MET A 401 -52.53 18.44 -16.00
CA MET A 401 -51.16 18.93 -15.74
C MET A 401 -50.97 20.33 -16.36
N TYR A 402 -51.46 20.55 -17.60
CA TYR A 402 -51.23 21.83 -18.26
C TYR A 402 -52.18 22.91 -17.81
N ASP A 403 -53.24 22.53 -17.08
CA ASP A 403 -54.14 23.48 -16.45
C ASP A 403 -53.45 24.00 -15.17
N VAL A 404 -52.61 23.14 -14.55
CA VAL A 404 -51.84 23.46 -13.34
C VAL A 404 -50.63 24.32 -13.73
N ILE A 405 -49.91 23.95 -14.82
CA ILE A 405 -48.74 24.68 -15.34
C ILE A 405 -49.13 26.13 -15.70
N ASP A 406 -50.35 26.33 -16.27
CA ASP A 406 -50.89 27.64 -16.64
C ASP A 406 -51.00 28.58 -15.44
N THR A 407 -51.15 28.03 -14.22
CA THR A 407 -51.27 28.81 -12.98
C THR A 407 -49.89 29.10 -12.39
N LYS A 408 -48.87 28.26 -12.67
CA LYS A 408 -47.50 28.40 -12.14
C LYS A 408 -46.80 29.60 -12.76
N ARG A 409 -45.98 30.32 -11.95
CA ARG A 409 -45.25 31.54 -12.34
C ARG A 409 -43.86 31.28 -12.97
N GLY A 410 -43.21 30.20 -12.58
CA GLY A 410 -41.89 29.85 -13.08
C GLY A 410 -40.83 30.20 -12.06
N SER A 411 -39.71 29.47 -12.08
CA SER A 411 -38.60 29.63 -11.14
C SER A 411 -37.97 31.03 -11.20
N ARG A 412 -37.71 31.56 -12.42
CA ARG A 412 -37.08 32.86 -12.62
C ARG A 412 -37.88 33.99 -11.95
N LYS A 413 -39.19 34.15 -12.30
CA LYS A 413 -40.05 35.20 -11.75
C LYS A 413 -40.25 35.04 -10.23
N ALA A 414 -40.44 33.79 -9.74
CA ALA A 414 -40.62 33.50 -8.32
C ALA A 414 -39.36 33.81 -7.52
N TYR A 415 -38.18 33.52 -8.09
CA TYR A 415 -36.91 33.80 -7.42
C TYR A 415 -36.62 35.30 -7.43
N THR A 416 -37.03 36.01 -8.51
CA THR A 416 -36.87 37.47 -8.64
C THR A 416 -37.69 38.16 -7.55
N GLU A 417 -38.93 37.71 -7.34
CA GLU A 417 -39.86 38.24 -6.34
C GLU A 417 -39.38 37.98 -4.91
N ALA A 418 -38.60 36.89 -4.70
CA ALA A 418 -38.03 36.53 -3.40
C ALA A 418 -36.87 37.48 -3.04
N LEU A 419 -35.95 37.73 -4.00
CA LEU A 419 -34.77 38.60 -3.84
C LEU A 419 -35.14 40.07 -3.62
N ILE A 420 -36.23 40.56 -4.26
CA ILE A 420 -36.72 41.94 -4.09
C ILE A 420 -37.37 42.04 -2.71
N GLY A 421 -38.08 40.97 -2.31
CA GLY A 421 -38.71 40.85 -1.00
C GLY A 421 -37.71 40.85 0.14
N ARG A 422 -36.55 40.20 -0.08
CA ARG A 422 -35.43 40.12 0.87
C ARG A 422 -34.64 41.45 0.91
N GLY A 423 -34.82 42.28 -0.12
CA GLY A 423 -34.16 43.57 -0.24
C GLY A 423 -32.80 43.52 -0.92
N ASP A 424 -32.48 42.38 -1.56
CA ASP A 424 -31.23 42.17 -2.28
C ASP A 424 -31.10 43.07 -3.52
N ILE A 425 -32.19 43.14 -4.31
CA ILE A 425 -32.28 43.92 -5.55
C ILE A 425 -33.59 44.71 -5.58
N SER A 426 -33.74 45.58 -6.59
CA SER A 426 -34.94 46.36 -6.86
C SER A 426 -35.62 45.83 -8.12
N MET A 427 -36.84 46.31 -8.43
CA MET A 427 -37.56 45.93 -9.64
C MET A 427 -36.79 46.44 -10.87
N LYS A 428 -36.19 47.64 -10.77
CA LYS A 428 -35.40 48.27 -11.83
C LYS A 428 -34.12 47.47 -12.13
N GLU A 429 -33.36 47.05 -11.08
CA GLU A 429 -32.12 46.28 -11.21
C GLU A 429 -32.36 44.94 -11.91
N ALA A 430 -33.49 44.27 -11.57
CA ALA A 430 -33.94 43.00 -12.13
C ALA A 430 -34.33 43.15 -13.61
N GLU A 431 -35.06 44.24 -13.94
CA GLU A 431 -35.50 44.55 -15.30
C GLU A 431 -34.32 44.93 -16.19
N ASP A 432 -33.38 45.78 -15.70
CA ASP A 432 -32.18 46.18 -16.45
C ASP A 432 -31.30 44.96 -16.77
N ALA A 433 -31.19 44.00 -15.82
CA ALA A 433 -30.40 42.77 -15.96
C ALA A 433 -30.92 41.90 -17.10
N LEU A 434 -32.27 41.71 -17.20
CA LEU A 434 -32.93 40.96 -18.28
C LEU A 434 -32.72 41.64 -19.62
N ARG A 435 -32.90 42.99 -19.68
CA ARG A 435 -32.76 43.81 -20.89
C ARG A 435 -31.32 43.82 -21.39
N ASP A 436 -30.33 43.67 -20.48
CA ASP A 436 -28.92 43.61 -20.82
C ASP A 436 -28.60 42.28 -21.51
N TYR A 437 -29.16 41.17 -20.99
CA TYR A 437 -28.97 39.83 -21.55
C TYR A 437 -29.72 39.71 -22.89
N GLN A 438 -30.99 40.19 -22.94
CA GLN A 438 -31.82 40.16 -24.14
C GLN A 438 -31.20 41.03 -25.24
N GLY A 439 -30.64 42.17 -24.86
CA GLY A 439 -29.95 43.09 -25.76
C GLY A 439 -28.75 42.43 -26.42
N GLN A 440 -27.90 41.78 -25.61
CA GLN A 440 -26.71 41.06 -26.07
C GLN A 440 -27.07 39.96 -27.08
N LEU A 441 -28.17 39.22 -26.86
CA LEU A 441 -28.64 38.16 -27.77
C LEU A 441 -29.03 38.73 -29.13
N GLU A 442 -29.81 39.84 -29.16
CA GLU A 442 -30.29 40.51 -30.37
C GLU A 442 -29.10 40.99 -31.23
N ARG A 443 -28.11 41.64 -30.58
CA ARG A 443 -26.88 42.17 -31.18
C ARG A 443 -26.11 41.06 -31.92
N VAL A 444 -25.98 39.87 -31.28
CA VAL A 444 -25.31 38.69 -31.84
C VAL A 444 -26.17 38.10 -32.98
N PHE A 445 -27.49 38.03 -32.79
CA PHE A 445 -28.46 37.52 -33.77
C PHE A 445 -28.41 38.37 -35.05
N ASN A 446 -28.28 39.71 -34.91
CA ASN A 446 -28.21 40.64 -36.05
C ASN A 446 -26.96 40.36 -36.91
N GLU A 447 -25.78 40.18 -36.27
CA GLU A 447 -24.50 39.91 -36.94
C GLU A 447 -24.52 38.59 -37.73
N VAL A 448 -25.21 37.56 -37.20
CA VAL A 448 -25.36 36.23 -37.83
C VAL A 448 -26.21 36.42 -39.10
N ARG A 449 -27.30 37.19 -39.00
CA ARG A 449 -28.19 37.51 -40.11
C ARG A 449 -27.44 38.29 -41.21
N GLU A 450 -26.50 39.17 -40.79
CA GLU A 450 -25.66 40.01 -41.65
C GLU A 450 -24.65 39.20 -42.47
N LEU A 451 -24.33 37.95 -42.06
CA LEU A 451 -23.39 37.08 -42.79
C LEU A 451 -23.97 36.64 -44.13
N GLU A 452 -23.13 36.63 -45.19
CA GLU A 452 -23.54 36.24 -46.54
C GLU A 452 -23.88 34.75 -46.59
N LYS A 453 -25.06 34.41 -47.13
CA LYS A 453 -25.56 33.04 -47.22
C LYS A 453 -24.82 32.23 -48.29
N HIS A 454 -24.25 31.09 -47.88
CA HIS A 454 -23.52 30.17 -48.75
C HIS A 454 -24.48 29.24 -49.47
N GLU A 455 -24.08 28.78 -50.68
CA GLU A 455 -24.86 27.86 -51.50
C GLU A 455 -24.95 26.50 -50.80
N ILE A 456 -26.19 25.99 -50.64
CA ILE A 456 -26.43 24.70 -50.00
C ILE A 456 -26.12 23.61 -51.03
N GLU A 457 -25.17 22.75 -50.68
CA GLU A 457 -24.69 21.65 -51.53
C GLU A 457 -24.93 20.31 -50.83
N PRO A 458 -25.10 19.18 -51.56
CA PRO A 458 -25.31 17.89 -50.88
C PRO A 458 -24.13 17.52 -49.97
N SER A 459 -24.38 16.68 -48.94
CA SER A 459 -23.32 16.25 -48.02
C SER A 459 -22.29 15.43 -48.78
N GLU A 460 -21.02 15.55 -48.37
CA GLU A 460 -19.91 14.85 -49.00
C GLU A 460 -19.34 13.79 -48.09
N SER A 461 -18.81 12.72 -48.70
CA SER A 461 -18.14 11.60 -48.02
C SER A 461 -16.93 12.12 -47.25
N VAL A 462 -16.67 11.53 -46.07
CA VAL A 462 -15.56 11.94 -45.22
C VAL A 462 -14.32 11.04 -45.42
N GLU A 463 -14.34 10.16 -46.45
CA GLU A 463 -13.27 9.18 -46.74
C GLU A 463 -11.86 9.82 -46.85
N ALA A 464 -11.72 10.89 -47.64
CA ALA A 464 -10.44 11.57 -47.89
C ALA A 464 -9.91 12.37 -46.66
N ASP A 465 -10.73 12.57 -45.60
CA ASP A 465 -10.34 13.30 -44.39
C ASP A 465 -9.16 12.66 -43.66
N GLN A 466 -9.06 11.31 -43.75
CA GLN A 466 -7.99 10.52 -43.13
C GLN A 466 -7.25 9.79 -44.24
N GLN A 467 -6.00 10.22 -44.50
CA GLN A 467 -5.14 9.70 -45.55
C GLN A 467 -4.22 8.58 -45.06
N ILE A 468 -4.14 7.49 -45.85
CA ILE A 468 -3.27 6.34 -45.57
C ILE A 468 -1.80 6.82 -45.66
N PRO A 469 -0.96 6.56 -44.62
CA PRO A 469 0.44 7.00 -44.72
C PRO A 469 1.23 6.15 -45.73
N SER A 470 2.23 6.77 -46.37
CA SER A 470 3.07 6.12 -47.38
C SER A 470 4.21 5.34 -46.73
N LYS A 471 4.46 4.12 -47.23
CA LYS A 471 5.53 3.18 -46.83
C LYS A 471 5.63 3.01 -45.31
N LEU A 472 4.54 2.56 -44.66
CA LEU A 472 4.52 2.35 -43.21
C LEU A 472 4.98 0.93 -42.88
N ALA A 473 6.09 0.84 -42.11
CA ALA A 473 6.70 -0.43 -41.71
C ALA A 473 6.03 -0.98 -40.44
N THR A 474 5.57 -2.24 -40.47
CA THR A 474 4.96 -2.89 -39.30
C THR A 474 5.77 -4.13 -38.88
N ALA A 475 6.81 -4.48 -39.64
CA ALA A 475 7.69 -5.60 -39.31
C ALA A 475 8.53 -5.27 -38.06
N VAL A 476 8.85 -6.29 -37.26
CA VAL A 476 9.68 -6.13 -36.05
C VAL A 476 10.98 -6.92 -36.24
N ASP A 477 12.04 -6.62 -35.47
CA ASP A 477 13.28 -7.39 -35.59
C ASP A 477 13.13 -8.72 -34.83
N LYS A 478 13.95 -9.73 -35.17
CA LYS A 478 13.92 -11.05 -34.52
C LYS A 478 14.03 -10.93 -32.99
N ALA A 479 14.89 -10.00 -32.51
CA ALA A 479 15.11 -9.71 -31.09
C ALA A 479 13.81 -9.34 -30.35
N MET A 480 12.85 -8.68 -31.06
CA MET A 480 11.55 -8.30 -30.49
C MET A 480 10.67 -9.53 -30.26
N LEU A 481 10.57 -10.42 -31.27
CA LEU A 481 9.78 -11.65 -31.17
C LEU A 481 10.26 -12.47 -29.98
N GLN A 482 11.59 -12.60 -29.85
CA GLN A 482 12.29 -13.34 -28.82
C GLN A 482 12.09 -12.72 -27.43
N ARG A 483 12.03 -11.38 -27.33
CA ARG A 483 11.82 -10.70 -26.05
C ARG A 483 10.41 -10.98 -25.49
N ILE A 484 9.39 -10.98 -26.38
CA ILE A 484 7.99 -11.25 -26.04
C ILE A 484 7.87 -12.74 -25.65
N GLY A 485 8.64 -13.60 -26.33
CA GLY A 485 8.72 -15.03 -26.04
C GLY A 485 9.31 -15.30 -24.67
N ASP A 486 10.51 -14.70 -24.39
CA ASP A 486 11.22 -14.80 -23.10
C ASP A 486 10.40 -14.25 -21.94
N ALA A 487 9.55 -13.22 -22.20
CA ALA A 487 8.68 -12.59 -21.19
C ALA A 487 7.63 -13.55 -20.63
N HIS A 488 7.25 -14.58 -21.41
CA HIS A 488 6.27 -15.58 -21.00
C HIS A 488 6.86 -16.56 -19.97
N LEU A 489 8.19 -16.64 -19.87
CA LEU A 489 8.88 -17.52 -18.93
C LEU A 489 9.65 -16.73 -17.87
N ALA A 490 9.59 -15.38 -17.91
CA ALA A 490 10.25 -14.52 -16.92
C ALA A 490 9.30 -14.35 -15.71
N LEU A 491 8.97 -15.49 -15.08
CA LEU A 491 8.06 -15.62 -13.95
C LEU A 491 8.65 -15.09 -12.65
N PRO A 492 7.83 -14.51 -11.74
CA PRO A 492 8.36 -14.04 -10.45
C PRO A 492 8.83 -15.21 -9.59
N GLU A 493 9.69 -14.95 -8.59
CA GLU A 493 10.23 -15.99 -7.71
C GLU A 493 9.13 -16.73 -6.96
N GLY A 494 9.18 -18.06 -7.00
CA GLY A 494 8.23 -18.95 -6.35
C GLY A 494 6.86 -19.06 -7.00
N PHE A 495 6.69 -18.47 -8.23
CA PHE A 495 5.42 -18.53 -8.97
C PHE A 495 5.14 -19.95 -9.43
N THR A 496 3.91 -20.43 -9.17
CA THR A 496 3.51 -21.78 -9.58
C THR A 496 2.51 -21.68 -10.72
N VAL A 497 2.98 -22.02 -11.93
CA VAL A 497 2.16 -22.02 -13.14
C VAL A 497 1.29 -23.26 -13.13
N HIS A 498 0.02 -23.12 -13.53
CA HIS A 498 -0.90 -24.24 -13.68
C HIS A 498 -0.30 -25.25 -14.70
N PRO A 499 -0.34 -26.58 -14.44
CA PRO A 499 0.30 -27.55 -15.36
C PRO A 499 -0.19 -27.52 -16.82
N ARG A 500 -1.40 -27.02 -17.08
CA ARG A 500 -1.96 -26.93 -18.44
C ARG A 500 -1.73 -25.53 -19.07
N VAL A 501 -1.21 -24.57 -18.29
CA VAL A 501 -0.89 -23.21 -18.76
C VAL A 501 0.60 -23.16 -19.14
N ARG A 502 1.47 -23.80 -18.33
CA ARG A 502 2.92 -23.89 -18.50
C ARG A 502 3.33 -24.31 -19.96
N PRO A 503 2.71 -25.32 -20.64
CA PRO A 503 3.17 -25.66 -22.01
C PRO A 503 2.94 -24.54 -23.02
N VAL A 504 1.92 -23.68 -22.79
CA VAL A 504 1.62 -22.53 -23.64
C VAL A 504 2.79 -21.52 -23.55
N LEU A 505 3.26 -21.21 -22.32
CA LEU A 505 4.37 -20.27 -22.10
C LEU A 505 5.65 -20.77 -22.75
N GLU A 506 5.95 -22.07 -22.58
CA GLU A 506 7.14 -22.73 -23.13
C GLU A 506 7.07 -22.86 -24.65
N LYS A 507 5.87 -23.16 -25.20
CA LYS A 507 5.67 -23.25 -26.65
C LYS A 507 5.83 -21.87 -27.30
N ARG A 508 5.44 -20.78 -26.59
CA ARG A 508 5.54 -19.40 -27.05
C ARG A 508 7.00 -18.95 -27.17
N ARG A 509 7.86 -19.28 -26.18
CA ARG A 509 9.28 -18.95 -26.27
C ARG A 509 9.91 -19.72 -27.43
N GLU A 510 9.48 -21.00 -27.63
CA GLU A 510 9.94 -21.86 -28.73
C GLU A 510 9.48 -21.26 -30.08
N MET A 511 8.21 -20.81 -30.17
CA MET A 511 7.64 -20.20 -31.37
C MET A 511 8.40 -18.94 -31.79
N ALA A 512 8.77 -18.11 -30.80
CA ALA A 512 9.48 -16.84 -30.96
C ALA A 512 10.90 -17.01 -31.52
N TYR A 513 11.53 -18.17 -31.29
CA TYR A 513 12.89 -18.47 -31.75
C TYR A 513 12.91 -19.45 -32.94
N GLU A 514 11.93 -20.38 -33.02
CA GLU A 514 11.91 -21.43 -34.04
C GLU A 514 10.84 -21.26 -35.13
N GLY A 515 9.82 -20.46 -34.89
CA GLY A 515 8.76 -20.24 -35.87
C GLY A 515 7.46 -20.95 -35.55
N ARG A 516 6.65 -21.25 -36.60
CA ARG A 516 5.33 -21.90 -36.52
C ARG A 516 4.46 -21.19 -35.46
N ILE A 517 4.34 -19.85 -35.60
CA ILE A 517 3.61 -18.98 -34.66
C ILE A 517 2.10 -19.09 -34.92
N ASP A 518 1.35 -19.48 -33.87
CA ASP A 518 -0.10 -19.64 -33.94
C ASP A 518 -0.78 -18.25 -33.82
N TRP A 519 -2.12 -18.20 -33.99
CA TRP A 519 -2.89 -16.95 -33.94
C TRP A 519 -2.77 -16.24 -32.59
N ALA A 520 -3.05 -16.94 -31.47
CA ALA A 520 -3.03 -16.38 -30.10
C ALA A 520 -1.70 -15.70 -29.76
N PHE A 521 -0.55 -16.29 -30.17
CA PHE A 521 0.75 -15.67 -29.90
C PHE A 521 1.00 -14.47 -30.80
N ALA A 522 0.59 -14.52 -32.09
CA ALA A 522 0.76 -13.42 -33.03
C ALA A 522 0.07 -12.14 -32.54
N GLU A 523 -1.11 -12.29 -31.91
CA GLU A 523 -1.88 -11.20 -31.30
C GLU A 523 -1.06 -10.54 -30.19
N LEU A 524 -0.51 -11.34 -29.26
CA LEU A 524 0.29 -10.86 -28.14
C LEU A 524 1.64 -10.31 -28.61
N LEU A 525 2.16 -10.82 -29.75
CA LEU A 525 3.38 -10.30 -30.37
C LEU A 525 3.12 -8.90 -30.89
N ALA A 526 1.90 -8.65 -31.42
CA ALA A 526 1.51 -7.35 -31.96
C ALA A 526 1.32 -6.34 -30.84
N LEU A 527 0.56 -6.72 -29.80
CA LEU A 527 0.29 -5.86 -28.65
C LEU A 527 1.58 -5.58 -27.86
N GLY A 528 2.36 -6.60 -27.56
CA GLY A 528 3.62 -6.48 -26.83
C GLY A 528 4.67 -5.60 -27.51
N SER A 529 4.78 -5.69 -28.87
CA SER A 529 5.73 -4.87 -29.62
C SER A 529 5.29 -3.41 -29.60
N LEU A 530 3.96 -3.15 -29.59
CA LEU A 530 3.41 -1.79 -29.50
C LEU A 530 3.70 -1.18 -28.11
N ILE A 531 3.52 -1.98 -27.02
CA ILE A 531 3.80 -1.58 -25.63
C ILE A 531 5.30 -1.21 -25.52
N ALA A 532 6.18 -2.04 -26.12
CA ALA A 532 7.63 -1.83 -26.15
C ALA A 532 7.99 -0.53 -26.89
N GLU A 533 7.14 -0.10 -27.84
CA GLU A 533 7.32 1.13 -28.61
C GLU A 533 6.69 2.34 -27.89
N GLY A 534 6.12 2.10 -26.71
CA GLY A 534 5.53 3.13 -25.86
C GLY A 534 4.03 3.32 -25.93
N LYS A 535 3.31 2.38 -26.57
CA LYS A 535 1.86 2.53 -26.73
C LYS A 535 1.06 1.94 -25.56
N LEU A 536 -0.02 2.63 -25.18
CA LEU A 536 -0.96 2.18 -24.16
C LEU A 536 -1.92 1.20 -24.84
N VAL A 537 -1.95 -0.06 -24.36
CA VAL A 537 -2.83 -1.06 -24.92
C VAL A 537 -3.91 -1.41 -23.88
N ARG A 538 -5.17 -1.23 -24.25
CA ARG A 538 -6.34 -1.59 -23.43
C ARG A 538 -7.09 -2.68 -24.16
N LEU A 539 -7.11 -3.87 -23.58
CA LEU A 539 -7.78 -5.05 -24.11
C LEU A 539 -8.76 -5.53 -23.08
N SER A 540 -10.02 -5.71 -23.48
CA SER A 540 -11.08 -6.16 -22.57
C SER A 540 -12.15 -6.94 -23.32
N GLY A 541 -13.02 -7.59 -22.56
CA GLY A 541 -14.11 -8.41 -23.06
C GLY A 541 -14.42 -9.53 -22.10
N GLN A 542 -15.45 -10.32 -22.42
CA GLN A 542 -15.88 -11.42 -21.57
C GLN A 542 -14.84 -12.55 -21.58
N ASP A 543 -14.21 -12.80 -20.41
CA ASP A 543 -13.19 -13.84 -20.18
C ASP A 543 -11.95 -13.61 -21.08
N THR A 544 -11.65 -12.35 -21.39
CA THR A 544 -10.60 -11.95 -22.33
C THR A 544 -9.19 -12.18 -21.76
N GLN A 545 -8.98 -12.07 -20.44
CA GLN A 545 -7.67 -12.31 -19.81
C GLN A 545 -7.12 -13.72 -20.14
N ARG A 546 -7.94 -14.77 -19.98
CA ARG A 546 -7.54 -16.14 -20.31
C ARG A 546 -7.85 -16.45 -21.78
N GLY A 547 -9.01 -15.99 -22.23
CA GLY A 547 -9.54 -16.25 -23.57
C GLY A 547 -10.66 -17.28 -23.48
N THR A 548 -11.73 -17.07 -24.27
CA THR A 548 -12.88 -17.98 -24.33
C THR A 548 -12.40 -19.40 -24.73
N PHE A 549 -11.44 -19.49 -25.66
CA PHE A 549 -10.95 -20.76 -26.19
C PHE A 549 -9.62 -21.17 -25.54
N THR A 550 -9.36 -20.67 -24.28
CA THR A 550 -8.17 -20.96 -23.45
C THR A 550 -6.86 -20.73 -24.25
N GLN A 551 -6.85 -19.67 -25.08
CA GLN A 551 -5.73 -19.44 -25.95
C GLN A 551 -4.87 -18.26 -25.58
N ARG A 552 -5.47 -17.19 -25.03
CA ARG A 552 -4.75 -15.94 -24.82
C ARG A 552 -3.74 -16.04 -23.67
N HIS A 553 -4.21 -16.31 -22.43
CA HIS A 553 -3.40 -16.37 -21.21
C HIS A 553 -2.57 -15.07 -21.06
N ALA A 554 -3.26 -13.92 -21.23
CA ALA A 554 -2.69 -12.57 -21.08
C ALA A 554 -2.33 -12.35 -19.61
N VAL A 555 -3.10 -13.00 -18.71
CA VAL A 555 -2.93 -13.01 -17.26
C VAL A 555 -2.84 -14.48 -16.83
N ILE A 556 -1.78 -14.86 -16.11
CA ILE A 556 -1.65 -16.24 -15.62
C ILE A 556 -1.80 -16.20 -14.09
N VAL A 557 -2.58 -17.13 -13.53
CA VAL A 557 -2.89 -17.17 -12.10
C VAL A 557 -2.03 -18.23 -11.40
N ASP A 558 -1.43 -17.86 -10.24
CA ASP A 558 -0.61 -18.76 -9.43
C ASP A 558 -1.53 -19.88 -8.88
N ARG A 559 -1.20 -21.14 -9.22
CA ARG A 559 -1.96 -22.33 -8.83
C ARG A 559 -2.11 -22.47 -7.31
N LYS A 560 -1.12 -21.99 -6.54
CA LYS A 560 -1.08 -22.09 -5.08
C LYS A 560 -1.66 -20.87 -4.34
N THR A 561 -1.25 -19.64 -4.72
CA THR A 561 -1.64 -18.40 -4.02
C THR A 561 -2.76 -17.59 -4.71
N GLY A 562 -2.90 -17.72 -6.02
CA GLY A 562 -3.90 -16.97 -6.75
C GLY A 562 -3.39 -15.65 -7.30
N GLU A 563 -2.08 -15.36 -7.07
CA GLU A 563 -1.39 -14.16 -7.54
C GLU A 563 -1.36 -14.13 -9.07
N GLU A 564 -1.60 -12.95 -9.64
CA GLU A 564 -1.64 -12.77 -11.09
C GLU A 564 -0.31 -12.31 -11.65
N PHE A 565 0.03 -12.81 -12.85
CA PHE A 565 1.23 -12.44 -13.61
C PHE A 565 0.83 -12.13 -15.05
N THR A 566 1.18 -10.92 -15.51
CA THR A 566 0.88 -10.43 -16.84
C THR A 566 2.21 -10.35 -17.63
N PRO A 567 2.53 -11.37 -18.48
CA PRO A 567 3.80 -11.36 -19.23
C PRO A 567 4.07 -10.12 -20.10
N LEU A 568 3.07 -9.59 -20.85
CA LEU A 568 3.27 -8.43 -21.73
C LEU A 568 3.63 -7.13 -20.98
N GLN A 569 3.30 -7.03 -19.67
CA GLN A 569 3.61 -5.86 -18.85
C GLN A 569 5.14 -5.66 -18.68
N LEU A 570 5.93 -6.73 -18.84
CA LEU A 570 7.40 -6.69 -18.74
C LEU A 570 8.01 -5.89 -19.91
N LEU A 571 7.24 -5.73 -21.00
CA LEU A 571 7.66 -5.02 -22.20
C LEU A 571 7.51 -3.50 -22.08
N ALA A 572 6.80 -3.04 -21.03
CA ALA A 572 6.65 -1.61 -20.71
C ALA A 572 7.97 -1.04 -20.14
N THR A 573 8.95 -1.92 -19.87
CA THR A 573 10.28 -1.58 -19.37
C THR A 573 11.34 -2.04 -20.40
N ASN A 574 12.29 -1.15 -20.73
CA ASN A 574 13.40 -1.45 -21.63
C ASN A 574 14.44 -2.33 -20.90
N PRO A 575 15.37 -3.04 -21.58
CA PRO A 575 16.34 -3.91 -20.86
C PRO A 575 17.25 -3.17 -19.86
N ASP A 576 17.46 -1.85 -20.04
CA ASP A 576 18.30 -1.03 -19.14
C ASP A 576 17.52 -0.60 -17.87
N GLY A 577 16.19 -0.80 -17.87
CA GLY A 577 15.32 -0.47 -16.75
C GLY A 577 14.42 0.73 -16.95
N THR A 578 14.64 1.51 -18.03
CA THR A 578 13.87 2.72 -18.35
C THR A 578 12.46 2.37 -18.84
N PRO A 579 11.41 3.13 -18.48
CA PRO A 579 10.06 2.82 -18.99
C PRO A 579 9.93 3.21 -20.46
N THR A 580 9.17 2.41 -21.24
CA THR A 580 8.95 2.66 -22.66
C THR A 580 7.87 3.73 -22.85
N GLY A 581 7.01 3.90 -21.84
CA GLY A 581 5.88 4.81 -21.86
C GLY A 581 4.58 4.05 -22.06
N GLY A 582 4.71 2.82 -22.55
CA GLY A 582 3.60 1.91 -22.81
C GLY A 582 3.08 1.22 -21.56
N LYS A 583 1.91 0.58 -21.68
CA LYS A 583 1.25 -0.14 -20.58
C LYS A 583 0.26 -1.17 -21.14
N PHE A 584 0.03 -2.28 -20.41
CA PHE A 584 -0.92 -3.29 -20.84
C PHE A 584 -2.08 -3.39 -19.85
N LEU A 585 -3.23 -2.85 -20.25
CA LEU A 585 -4.44 -2.88 -19.43
C LEU A 585 -5.37 -3.92 -19.98
N VAL A 586 -5.40 -5.10 -19.34
CA VAL A 586 -6.22 -6.21 -19.79
C VAL A 586 -7.24 -6.59 -18.69
N TYR A 587 -8.52 -6.64 -19.07
CA TYR A 587 -9.59 -6.90 -18.12
C TYR A 587 -10.59 -7.90 -18.61
N ASN A 588 -11.27 -8.53 -17.66
CA ASN A 588 -12.44 -9.37 -17.87
C ASN A 588 -13.62 -8.40 -17.72
N SER A 589 -14.44 -8.25 -18.75
CA SER A 589 -15.56 -7.32 -18.69
C SER A 589 -16.74 -7.90 -17.88
N ALA A 590 -17.77 -7.08 -17.67
CA ALA A 590 -19.04 -7.50 -17.06
C ALA A 590 -19.82 -8.25 -18.16
N LEU A 591 -20.88 -8.96 -17.80
CA LEU A 591 -21.63 -9.67 -18.83
C LEU A 591 -22.58 -8.69 -19.54
N SER A 592 -21.96 -7.76 -20.27
CA SER A 592 -22.63 -6.71 -21.06
C SER A 592 -21.99 -6.61 -22.42
N GLU A 593 -22.76 -6.11 -23.38
CA GLU A 593 -22.26 -5.84 -24.72
C GLU A 593 -22.46 -4.36 -24.98
N PHE A 594 -23.70 -3.86 -24.78
CA PHE A 594 -24.08 -2.46 -24.98
C PHE A 594 -23.14 -1.53 -24.23
N ALA A 595 -23.04 -1.65 -22.89
CA ALA A 595 -22.20 -0.79 -22.05
C ALA A 595 -20.70 -0.97 -22.32
N ALA A 596 -20.22 -2.22 -22.44
CA ALA A 596 -18.81 -2.54 -22.69
C ALA A 596 -18.32 -1.98 -24.03
N VAL A 597 -19.10 -2.15 -25.13
CA VAL A 597 -18.74 -1.63 -26.46
C VAL A 597 -18.80 -0.08 -26.42
N GLY A 598 -19.85 0.46 -25.80
CA GLY A 598 -20.01 1.90 -25.62
C GLY A 598 -18.83 2.50 -24.89
N PHE A 599 -18.39 1.86 -23.79
CA PHE A 599 -17.26 2.27 -22.96
C PHE A 599 -15.94 2.29 -23.77
N GLU A 600 -15.68 1.22 -24.56
CA GLU A 600 -14.43 1.10 -25.33
C GLU A 600 -14.38 2.09 -26.46
N TYR A 601 -15.54 2.39 -27.06
CA TYR A 601 -15.65 3.43 -28.07
C TYR A 601 -15.30 4.76 -27.42
N GLY A 602 -15.92 5.04 -26.27
CA GLY A 602 -15.69 6.24 -25.47
C GLY A 602 -14.24 6.40 -25.08
N TYR A 603 -13.59 5.28 -24.66
CA TYR A 603 -12.18 5.23 -24.28
C TYR A 603 -11.28 5.66 -25.47
N SER A 604 -11.53 5.07 -26.66
CA SER A 604 -10.76 5.34 -27.88
C SER A 604 -10.85 6.83 -28.30
N VAL A 605 -12.01 7.48 -28.06
CA VAL A 605 -12.23 8.91 -28.34
C VAL A 605 -11.49 9.75 -27.28
N GLY A 606 -11.57 9.31 -26.01
CA GLY A 606 -10.92 9.98 -24.87
C GLY A 606 -9.41 10.00 -24.95
N ASN A 607 -8.81 8.91 -25.46
CA ASN A 607 -7.37 8.78 -25.68
C ASN A 607 -7.15 8.24 -27.09
N PRO A 608 -6.94 9.14 -28.09
CA PRO A 608 -6.74 8.67 -29.47
C PRO A 608 -5.41 7.95 -29.72
N ASP A 609 -4.42 8.12 -28.82
CA ASP A 609 -3.09 7.49 -28.96
C ASP A 609 -3.05 6.09 -28.31
N ALA A 610 -4.19 5.63 -27.78
CA ALA A 610 -4.28 4.31 -27.16
C ALA A 610 -4.73 3.26 -28.17
N MET A 611 -4.28 2.02 -27.96
CA MET A 611 -4.67 0.84 -28.73
C MET A 611 -5.81 0.23 -27.92
N VAL A 612 -7.06 0.44 -28.36
CA VAL A 612 -8.24 -0.01 -27.62
C VAL A 612 -8.91 -1.14 -28.36
N LEU A 613 -8.94 -2.31 -27.72
CA LEU A 613 -9.52 -3.53 -28.27
C LEU A 613 -10.60 -4.10 -27.38
N TRP A 614 -11.77 -4.39 -27.96
CA TRP A 614 -12.88 -5.03 -27.26
C TRP A 614 -13.14 -6.35 -27.94
N GLU A 615 -13.21 -7.43 -27.15
CA GLU A 615 -13.45 -8.75 -27.69
C GLU A 615 -14.80 -9.32 -27.27
N ALA A 616 -15.58 -9.77 -28.26
CA ALA A 616 -16.85 -10.48 -28.01
C ALA A 616 -16.53 -11.91 -27.67
N GLN A 617 -17.33 -12.55 -26.80
CA GLN A 617 -17.13 -13.95 -26.46
C GLN A 617 -17.20 -14.75 -27.77
N PHE A 618 -18.26 -14.50 -28.55
CA PHE A 618 -18.57 -14.95 -29.89
C PHE A 618 -19.16 -13.75 -30.59
N GLY A 619 -18.84 -13.55 -31.87
CA GLY A 619 -19.32 -12.42 -32.66
C GLY A 619 -20.84 -12.30 -32.70
N ASP A 620 -21.54 -13.40 -32.39
CA ASP A 620 -22.99 -13.49 -32.40
C ASP A 620 -23.65 -12.61 -31.29
N PHE A 621 -22.85 -12.14 -30.31
CA PHE A 621 -23.37 -11.33 -29.20
C PHE A 621 -23.19 -9.83 -29.41
N VAL A 622 -22.48 -9.41 -30.49
CA VAL A 622 -22.23 -8.00 -30.77
C VAL A 622 -23.53 -7.26 -31.13
N ASN A 623 -24.58 -8.00 -31.58
CA ASN A 623 -25.89 -7.41 -31.90
C ASN A 623 -26.57 -6.84 -30.63
N GLY A 624 -26.05 -7.19 -29.44
CA GLY A 624 -26.50 -6.67 -28.16
C GLY A 624 -26.06 -5.23 -27.95
N ALA A 625 -25.04 -4.79 -28.71
CA ALA A 625 -24.47 -3.45 -28.72
C ALA A 625 -24.72 -2.74 -30.11
N GLN A 626 -25.77 -3.18 -30.84
CA GLN A 626 -26.14 -2.67 -32.16
C GLN A 626 -26.27 -1.15 -32.22
N SER A 627 -26.87 -0.53 -31.20
CA SER A 627 -27.02 0.92 -31.10
C SER A 627 -25.65 1.60 -31.09
N ILE A 628 -24.64 1.03 -30.40
CA ILE A 628 -23.30 1.62 -30.39
C ILE A 628 -22.66 1.48 -31.77
N ILE A 629 -22.81 0.32 -32.43
CA ILE A 629 -22.26 0.07 -33.76
C ILE A 629 -22.89 1.05 -34.76
N ASP A 630 -24.22 1.13 -34.79
CA ASP A 630 -24.97 2.00 -35.70
C ASP A 630 -24.81 3.48 -35.42
N GLU A 631 -24.94 3.90 -34.15
CA GLU A 631 -24.97 5.32 -33.78
C GLU A 631 -23.63 5.95 -33.43
N PHE A 632 -22.61 5.16 -33.10
CA PHE A 632 -21.31 5.73 -32.71
C PHE A 632 -20.15 5.26 -33.58
N ILE A 633 -19.87 3.95 -33.60
CA ILE A 633 -18.74 3.35 -34.30
C ILE A 633 -18.78 3.58 -35.82
N SER A 634 -19.89 3.24 -36.49
CA SER A 634 -19.97 3.34 -37.95
C SER A 634 -20.27 4.75 -38.49
N SER A 635 -20.91 5.63 -37.70
CA SER A 635 -21.33 6.93 -38.22
C SER A 635 -20.89 8.18 -37.42
N GLY A 636 -20.18 8.01 -36.32
CA GLY A 636 -19.74 9.13 -35.48
C GLY A 636 -18.87 10.19 -36.16
N GLU A 637 -18.01 9.77 -37.11
CA GLU A 637 -17.12 10.68 -37.84
C GLU A 637 -17.91 11.56 -38.80
N ALA A 638 -18.77 10.94 -39.62
CA ALA A 638 -19.61 11.66 -40.57
C ALA A 638 -20.57 12.64 -39.85
N LYS A 639 -21.21 12.18 -38.77
CA LYS A 639 -22.21 12.95 -38.03
C LYS A 639 -21.65 14.08 -37.19
N TRP A 640 -20.54 13.86 -36.45
CA TRP A 640 -20.05 14.89 -35.51
C TRP A 640 -18.56 15.25 -35.65
N GLY A 641 -17.82 14.55 -36.51
CA GLY A 641 -16.39 14.76 -36.66
C GLY A 641 -15.63 14.14 -35.50
N GLN A 642 -16.31 13.23 -34.77
CA GLN A 642 -15.79 12.49 -33.62
C GLN A 642 -15.06 11.25 -34.13
N LEU A 643 -13.75 11.18 -33.86
CA LEU A 643 -12.90 10.11 -34.34
C LEU A 643 -12.61 9.06 -33.26
N SER A 644 -12.75 7.80 -33.65
CA SER A 644 -12.53 6.63 -32.81
C SER A 644 -11.78 5.59 -33.62
N ASP A 645 -10.81 4.90 -32.99
CA ASP A 645 -10.03 3.82 -33.58
C ASP A 645 -10.23 2.53 -32.79
N VAL A 646 -11.39 2.42 -32.11
CA VAL A 646 -11.75 1.24 -31.32
C VAL A 646 -11.67 -0.04 -32.21
N VAL A 647 -11.08 -1.12 -31.68
CA VAL A 647 -10.96 -2.39 -32.40
C VAL A 647 -12.01 -3.35 -31.85
N LEU A 648 -12.82 -3.94 -32.74
CA LEU A 648 -13.80 -4.93 -32.35
C LEU A 648 -13.34 -6.28 -32.84
N LEU A 649 -13.07 -7.20 -31.90
CA LEU A 649 -12.63 -8.57 -32.18
C LEU A 649 -13.85 -9.46 -32.08
N LEU A 650 -14.23 -10.11 -33.20
CA LEU A 650 -15.44 -10.92 -33.24
C LEU A 650 -15.17 -12.37 -33.67
N PRO A 651 -15.15 -13.33 -32.71
CA PRO A 651 -14.93 -14.74 -33.07
C PRO A 651 -16.06 -15.22 -34.00
N HIS A 652 -15.64 -15.65 -35.20
CA HIS A 652 -16.50 -16.01 -36.32
C HIS A 652 -16.02 -17.29 -37.00
N GLY A 653 -16.98 -18.09 -37.48
CA GLY A 653 -16.68 -19.33 -38.19
C GLY A 653 -17.71 -20.41 -38.00
N HIS A 654 -18.02 -21.15 -39.09
CA HIS A 654 -18.97 -22.27 -39.10
C HIS A 654 -18.25 -23.53 -38.63
N GLU A 655 -18.59 -23.99 -37.42
CA GLU A 655 -17.92 -25.15 -36.79
C GLU A 655 -18.90 -26.19 -36.20
N GLY A 656 -20.19 -25.97 -36.35
CA GLY A 656 -21.20 -26.88 -35.82
C GLY A 656 -21.60 -26.61 -34.37
N GLN A 657 -21.29 -25.41 -33.84
CA GLN A 657 -21.61 -25.03 -32.46
C GLN A 657 -22.99 -24.34 -32.29
N GLY A 658 -23.78 -24.25 -33.36
CA GLY A 658 -25.10 -23.64 -33.29
C GLY A 658 -25.22 -22.25 -33.89
N PRO A 659 -26.48 -21.76 -34.07
CA PRO A 659 -26.66 -20.43 -34.70
C PRO A 659 -26.15 -19.23 -33.90
N ASP A 660 -25.87 -19.39 -32.59
CA ASP A 660 -25.37 -18.29 -31.75
C ASP A 660 -23.89 -18.45 -31.39
N HIS A 661 -23.20 -19.40 -32.06
CA HIS A 661 -21.77 -19.62 -31.87
C HIS A 661 -21.14 -19.83 -33.24
N THR A 662 -21.59 -19.02 -34.23
CA THR A 662 -21.17 -19.18 -35.61
C THR A 662 -20.83 -17.86 -36.33
N SER A 663 -21.70 -16.83 -36.27
CA SER A 663 -21.50 -15.62 -37.06
C SER A 663 -21.46 -14.29 -36.30
N GLY A 664 -20.51 -13.45 -36.72
CA GLY A 664 -20.32 -12.08 -36.25
C GLY A 664 -21.07 -11.07 -37.09
N ARG A 665 -21.87 -11.59 -38.06
CA ARG A 665 -22.74 -10.88 -39.01
C ARG A 665 -21.90 -9.91 -39.88
N ILE A 666 -20.97 -10.49 -40.69
CA ILE A 666 -20.08 -9.79 -41.63
C ILE A 666 -20.90 -8.88 -42.55
N GLU A 667 -21.99 -9.44 -43.12
CA GLU A 667 -22.95 -8.78 -44.02
C GLU A 667 -23.47 -7.46 -43.43
N ARG A 668 -23.73 -7.41 -42.11
CA ARG A 668 -24.24 -6.21 -41.42
C ARG A 668 -23.18 -5.11 -41.35
N PHE A 669 -21.92 -5.46 -40.99
CA PHE A 669 -20.83 -4.51 -40.92
C PHE A 669 -20.47 -3.99 -42.32
N LEU A 670 -20.55 -4.87 -43.33
CA LEU A 670 -20.28 -4.49 -44.73
C LEU A 670 -21.37 -3.54 -45.25
N GLN A 671 -22.63 -3.75 -44.83
CA GLN A 671 -23.79 -2.93 -45.16
C GLN A 671 -23.66 -1.52 -44.55
N LEU A 672 -23.17 -1.45 -43.29
CA LEU A 672 -22.97 -0.19 -42.55
C LEU A 672 -21.80 0.61 -43.11
N TRP A 673 -20.80 -0.08 -43.68
CA TRP A 673 -19.60 0.53 -44.26
C TRP A 673 -19.96 1.45 -45.42
N ALA A 674 -19.39 2.65 -45.39
CA ALA A 674 -19.48 3.69 -46.41
C ALA A 674 -18.49 4.77 -46.07
N GLU A 675 -18.05 5.55 -47.08
CA GLU A 675 -17.12 6.69 -46.90
C GLU A 675 -15.82 6.31 -46.14
N GLY A 676 -15.30 5.09 -46.37
CA GLY A 676 -14.10 4.58 -45.71
C GLY A 676 -14.05 4.84 -44.22
N SER A 677 -15.20 4.66 -43.53
CA SER A 677 -15.38 4.94 -42.11
C SER A 677 -14.63 3.95 -41.22
N MET A 678 -14.60 2.66 -41.62
CA MET A 678 -13.95 1.60 -40.85
C MET A 678 -13.13 0.68 -41.74
N THR A 679 -12.28 -0.15 -41.11
CA THR A 679 -11.53 -1.23 -41.73
C THR A 679 -12.22 -2.50 -41.26
N ILE A 680 -12.61 -3.37 -42.20
CA ILE A 680 -13.26 -4.65 -41.90
C ILE A 680 -12.36 -5.72 -42.49
N ALA A 681 -11.85 -6.59 -41.61
CA ALA A 681 -10.92 -7.65 -42.00
C ALA A 681 -11.30 -9.00 -41.44
N MET A 682 -10.89 -10.06 -42.14
CA MET A 682 -11.02 -11.46 -41.75
C MET A 682 -9.71 -12.15 -42.15
N PRO A 683 -8.64 -11.99 -41.34
CA PRO A 683 -7.34 -12.58 -41.70
C PRO A 683 -7.34 -14.10 -41.54
N SER A 684 -6.56 -14.78 -42.41
CA SER A 684 -6.46 -16.23 -42.44
C SER A 684 -5.13 -16.73 -41.83
N THR A 685 -4.16 -15.84 -41.64
CA THR A 685 -2.87 -16.23 -41.08
C THR A 685 -2.56 -15.41 -39.83
N PRO A 686 -1.84 -16.00 -38.83
CA PRO A 686 -1.48 -15.24 -37.62
C PRO A 686 -0.62 -14.00 -37.91
N ALA A 687 0.35 -14.11 -38.84
CA ALA A 687 1.25 -13.02 -39.21
C ALA A 687 0.51 -11.84 -39.83
N ASN A 688 -0.54 -12.11 -40.64
CA ASN A 688 -1.31 -11.03 -41.28
C ASN A 688 -2.12 -10.24 -40.24
N TYR A 689 -2.63 -10.95 -39.21
CA TYR A 689 -3.37 -10.38 -38.09
C TYR A 689 -2.47 -9.47 -37.28
N PHE A 690 -1.23 -9.92 -37.04
CA PHE A 690 -0.18 -9.19 -36.33
C PHE A 690 0.09 -7.86 -37.07
N HIS A 691 0.24 -7.91 -38.41
CA HIS A 691 0.49 -6.73 -39.25
C HIS A 691 -0.74 -5.81 -39.29
N LEU A 692 -1.96 -6.38 -39.27
CA LEU A 692 -3.23 -5.63 -39.27
C LEU A 692 -3.35 -4.81 -37.99
N LEU A 693 -3.06 -5.44 -36.83
CA LEU A 693 -3.08 -4.82 -35.51
C LEU A 693 -1.99 -3.77 -35.39
N ARG A 694 -0.77 -4.08 -35.86
CA ARG A 694 0.34 -3.14 -35.79
C ARG A 694 0.13 -1.95 -36.72
N ARG A 695 -0.49 -2.17 -37.91
CA ARG A 695 -0.79 -1.09 -38.83
C ARG A 695 -1.80 -0.13 -38.19
N HIS A 696 -2.89 -0.69 -37.62
CA HIS A 696 -3.93 0.07 -36.94
C HIS A 696 -3.38 0.95 -35.83
N GLY A 697 -2.44 0.43 -35.06
CA GLY A 697 -1.82 1.18 -33.97
C GLY A 697 -0.72 2.13 -34.38
N LYS A 698 -0.26 2.09 -35.66
CA LYS A 698 0.83 2.97 -36.09
C LYS A 698 0.50 3.91 -37.27
N ASP A 699 -0.53 3.61 -38.10
CA ASP A 699 -0.89 4.38 -39.29
C ASP A 699 -1.45 5.80 -38.99
N GLY A 700 -1.92 6.03 -37.76
CA GLY A 700 -2.47 7.31 -37.32
C GLY A 700 -3.85 7.63 -37.85
N ILE A 701 -4.56 6.60 -38.34
CA ILE A 701 -5.91 6.72 -38.88
C ILE A 701 -6.87 6.46 -37.72
N GLN A 702 -7.51 7.53 -37.21
CA GLN A 702 -8.45 7.42 -36.10
C GLN A 702 -9.81 6.99 -36.66
N ARG A 703 -9.87 5.71 -37.10
CA ARG A 703 -11.03 5.05 -37.68
C ARG A 703 -11.14 3.63 -37.11
N PRO A 704 -12.35 3.11 -36.80
CA PRO A 704 -12.44 1.80 -36.15
C PRO A 704 -11.99 0.65 -37.04
N LEU A 705 -11.67 -0.45 -36.37
CA LEU A 705 -11.24 -1.68 -37.03
C LEU A 705 -12.13 -2.82 -36.56
N ILE A 706 -12.75 -3.54 -37.52
CA ILE A 706 -13.60 -4.69 -37.26
C ILE A 706 -12.85 -5.94 -37.70
N VAL A 707 -12.51 -6.83 -36.75
CA VAL A 707 -11.76 -8.05 -37.04
C VAL A 707 -12.60 -9.28 -36.74
N PHE A 708 -12.87 -10.10 -37.78
CA PHE A 708 -13.56 -11.38 -37.62
C PHE A 708 -12.47 -12.39 -37.34
N THR A 709 -12.37 -12.78 -36.06
CA THR A 709 -11.31 -13.62 -35.51
C THR A 709 -11.71 -15.13 -35.48
N PRO A 710 -10.72 -16.06 -35.42
CA PRO A 710 -11.03 -17.49 -35.47
C PRO A 710 -11.24 -18.17 -34.11
N LYS A 711 -11.78 -19.40 -34.16
CA LYS A 711 -12.05 -20.23 -33.00
C LYS A 711 -11.26 -21.55 -33.15
N SER A 712 -11.68 -22.48 -34.03
CA SER A 712 -10.96 -23.73 -34.28
C SER A 712 -9.64 -23.46 -35.00
N MET A 713 -9.59 -22.44 -35.89
CA MET A 713 -8.41 -22.03 -36.66
C MET A 713 -7.25 -21.63 -35.73
N LEU A 714 -7.54 -21.28 -34.45
CA LEU A 714 -6.53 -20.94 -33.43
C LEU A 714 -5.58 -22.12 -33.21
N ARG A 715 -6.09 -23.36 -33.31
CA ARG A 715 -5.35 -24.61 -33.10
C ARG A 715 -5.08 -25.40 -34.40
N ASN A 716 -5.34 -24.79 -35.57
CA ASN A 716 -5.05 -25.43 -36.87
C ASN A 716 -3.54 -25.42 -37.08
N LYS A 717 -2.96 -26.60 -37.31
CA LYS A 717 -1.52 -26.80 -37.51
C LYS A 717 -1.04 -26.14 -38.82
N ALA A 718 -1.96 -25.92 -39.80
CA ALA A 718 -1.64 -25.27 -41.06
C ALA A 718 -1.71 -23.73 -40.94
N ALA A 719 -2.57 -23.22 -40.04
CA ALA A 719 -2.73 -21.79 -39.79
C ALA A 719 -1.64 -21.25 -38.82
N VAL A 720 -0.37 -21.40 -39.23
CA VAL A 720 0.81 -20.95 -38.49
C VAL A 720 1.70 -20.10 -39.42
N SER A 721 2.61 -19.31 -38.86
CA SER A 721 3.46 -18.44 -39.66
C SER A 721 4.90 -18.55 -39.26
N ASP A 722 5.80 -18.23 -40.21
CA ASP A 722 7.24 -18.26 -40.01
C ASP A 722 7.71 -16.92 -39.48
N ILE A 723 8.91 -16.89 -38.86
CA ILE A 723 9.54 -15.69 -38.28
C ILE A 723 9.67 -14.60 -39.36
N ARG A 724 10.06 -15.00 -40.61
CA ARG A 724 10.22 -14.11 -41.77
C ARG A 724 8.90 -13.38 -42.12
N ASP A 725 7.73 -14.00 -41.84
CA ASP A 725 6.42 -13.38 -42.08
C ASP A 725 6.20 -12.14 -41.19
N PHE A 726 6.82 -12.12 -39.99
CA PHE A 726 6.74 -11.04 -39.01
C PHE A 726 7.84 -10.00 -39.21
N THR A 727 9.07 -10.45 -39.54
CA THR A 727 10.27 -9.63 -39.68
C THR A 727 10.52 -9.05 -41.09
N GLU A 728 9.96 -9.68 -42.14
CA GLU A 728 10.19 -9.31 -43.55
C GLU A 728 8.94 -8.94 -44.33
N SER A 729 7.76 -9.22 -43.80
CA SER A 729 6.55 -8.91 -44.54
C SER A 729 5.80 -7.69 -43.94
N LYS A 730 4.66 -7.34 -44.55
CA LYS A 730 3.74 -6.26 -44.18
C LYS A 730 2.32 -6.81 -44.28
N PHE A 731 1.29 -5.99 -44.04
CA PHE A 731 -0.07 -6.53 -44.19
C PHE A 731 -0.37 -6.78 -45.67
N ARG A 732 -0.95 -7.94 -45.95
CA ARG A 732 -1.32 -8.31 -47.32
C ARG A 732 -2.83 -8.51 -47.34
N SER A 733 -3.53 -7.57 -48.01
CA SER A 733 -4.99 -7.54 -48.12
C SER A 733 -5.51 -8.64 -49.03
N VAL A 734 -4.70 -9.03 -50.03
CA VAL A 734 -5.02 -10.11 -50.97
C VAL A 734 -3.92 -11.17 -50.83
N LEU A 735 -4.28 -12.41 -50.51
CA LEU A 735 -3.29 -13.47 -50.37
C LEU A 735 -3.46 -14.56 -51.41
N GLU A 736 -2.33 -14.98 -51.98
CA GLU A 736 -2.24 -16.09 -52.94
C GLU A 736 -1.83 -17.33 -52.17
N GLU A 737 -1.90 -18.50 -52.83
CA GLU A 737 -1.42 -19.74 -52.25
C GLU A 737 0.11 -19.71 -52.21
N PRO A 738 0.74 -20.17 -51.10
CA PRO A 738 2.22 -20.16 -51.03
C PRO A 738 2.93 -20.86 -52.19
N MET A 739 2.27 -21.84 -52.87
CA MET A 739 2.85 -22.58 -54.01
C MET A 739 3.14 -21.68 -55.22
N TYR A 740 2.43 -20.54 -55.36
CA TYR A 740 2.65 -19.63 -56.50
C TYR A 740 3.65 -18.52 -56.15
N THR A 741 3.72 -18.10 -54.86
CA THR A 741 4.64 -17.05 -54.41
C THR A 741 5.99 -17.60 -53.93
N ASP A 742 5.99 -18.79 -53.26
CA ASP A 742 7.20 -19.39 -52.70
C ASP A 742 7.52 -20.77 -53.29
N GLY A 743 6.49 -21.55 -53.66
CA GLY A 743 6.65 -22.90 -54.20
C GLY A 743 6.98 -22.97 -55.68
N GLU A 744 6.63 -24.13 -56.30
CA GLU A 744 6.88 -24.38 -57.72
C GLU A 744 5.57 -24.58 -58.52
N GLY A 745 4.51 -23.89 -58.10
CA GLY A 745 3.20 -23.94 -58.73
C GLY A 745 3.07 -23.08 -59.97
N ASP A 746 2.39 -23.60 -61.01
CA ASP A 746 2.19 -22.89 -62.28
C ASP A 746 0.80 -22.24 -62.32
N ARG A 747 0.78 -20.89 -62.37
CA ARG A 747 -0.42 -20.07 -62.41
C ARG A 747 -1.16 -20.20 -63.75
N ASN A 748 -0.42 -20.56 -64.83
CA ASN A 748 -0.95 -20.70 -66.18
C ASN A 748 -1.85 -21.93 -66.33
N LYS A 749 -1.69 -22.94 -65.45
CA LYS A 749 -2.51 -24.16 -65.47
C LYS A 749 -3.91 -23.91 -64.89
N VAL A 750 -4.09 -22.80 -64.16
CA VAL A 750 -5.33 -22.41 -63.48
C VAL A 750 -6.41 -21.94 -64.48
N THR A 751 -7.55 -22.68 -64.49
CA THR A 751 -8.73 -22.41 -65.31
C THR A 751 -9.90 -21.93 -64.43
N ARG A 752 -9.95 -22.40 -63.15
CA ARG A 752 -10.98 -22.06 -62.17
C ARG A 752 -10.38 -21.26 -61.03
N LEU A 753 -10.98 -20.13 -60.70
CA LEU A 753 -10.50 -19.30 -59.62
C LEU A 753 -11.54 -19.17 -58.51
N LEU A 754 -11.16 -19.59 -57.30
CA LEU A 754 -12.04 -19.53 -56.14
C LEU A 754 -11.61 -18.39 -55.24
N LEU A 755 -12.49 -17.40 -55.07
CA LEU A 755 -12.22 -16.25 -54.21
C LEU A 755 -12.89 -16.47 -52.89
N THR A 756 -12.13 -16.31 -51.80
CA THR A 756 -12.66 -16.57 -50.48
C THR A 756 -12.06 -15.67 -49.40
N SER A 757 -12.56 -15.83 -48.17
CA SER A 757 -12.12 -15.14 -46.98
C SER A 757 -12.29 -16.07 -45.78
N GLY A 758 -11.28 -16.08 -44.90
CA GLY A 758 -11.34 -16.86 -43.66
C GLY A 758 -10.73 -18.24 -43.65
N LYS A 759 -11.21 -19.07 -42.69
CA LYS A 759 -10.71 -20.41 -42.42
C LYS A 759 -11.05 -21.44 -43.51
N ILE A 760 -12.10 -21.21 -44.32
CA ILE A 760 -12.52 -22.15 -45.37
C ILE A 760 -11.39 -22.36 -46.41
N TYR A 761 -10.45 -21.39 -46.53
CA TYR A 761 -9.28 -21.49 -47.42
C TYR A 761 -8.53 -22.80 -47.19
N TYR A 762 -8.24 -23.13 -45.91
CA TYR A 762 -7.50 -24.33 -45.48
C TYR A 762 -8.23 -25.59 -45.92
N GLU A 763 -9.57 -25.62 -45.79
CA GLU A 763 -10.42 -26.73 -46.18
C GLU A 763 -10.42 -26.88 -47.72
N LEU A 764 -10.35 -25.74 -48.43
CA LEU A 764 -10.27 -25.72 -49.90
C LEU A 764 -8.87 -26.14 -50.36
N ALA A 765 -7.82 -25.64 -49.68
CA ALA A 765 -6.41 -25.94 -49.97
C ALA A 765 -6.10 -27.44 -49.76
N ALA A 766 -6.66 -28.04 -48.68
CA ALA A 766 -6.49 -29.47 -48.35
C ALA A 766 -7.14 -30.35 -49.41
N ARG A 767 -8.29 -29.90 -49.98
CA ARG A 767 -9.01 -30.62 -51.03
C ARG A 767 -8.24 -30.53 -52.34
N LYS A 768 -7.69 -29.34 -52.65
CA LYS A 768 -6.88 -29.08 -53.83
C LYS A 768 -5.62 -29.97 -53.84
N ALA A 769 -4.97 -30.11 -52.66
CA ALA A 769 -3.76 -30.91 -52.46
C ALA A 769 -4.06 -32.40 -52.59
N LYS A 770 -5.17 -32.87 -51.98
CA LYS A 770 -5.62 -34.28 -51.98
C LYS A 770 -5.91 -34.77 -53.40
N GLU A 771 -6.60 -33.93 -54.22
CA GLU A 771 -6.98 -34.31 -55.58
C GLU A 771 -5.98 -33.78 -56.63
N ASN A 772 -4.91 -33.07 -56.19
CA ASN A 772 -3.85 -32.48 -57.03
C ASN A 772 -4.47 -31.64 -58.17
N ARG A 773 -5.39 -30.73 -57.79
CA ARG A 773 -6.12 -29.87 -58.73
C ARG A 773 -5.30 -28.64 -59.08
N GLU A 774 -4.39 -28.80 -60.05
CA GLU A 774 -3.51 -27.74 -60.56
C GLU A 774 -4.28 -26.68 -61.36
N ASP A 775 -5.52 -27.02 -61.78
CA ASP A 775 -6.41 -26.18 -62.57
C ASP A 775 -7.22 -25.19 -61.70
N VAL A 776 -7.16 -25.34 -60.35
CA VAL A 776 -7.90 -24.51 -59.41
C VAL A 776 -6.93 -23.72 -58.51
N ALA A 777 -7.18 -22.42 -58.33
CA ALA A 777 -6.43 -21.54 -57.44
C ALA A 777 -7.35 -20.85 -56.47
N ILE A 778 -6.91 -20.73 -55.21
CA ILE A 778 -7.68 -20.09 -54.14
C ILE A 778 -7.01 -18.75 -53.81
N VAL A 779 -7.77 -17.65 -53.98
CA VAL A 779 -7.31 -16.29 -53.68
C VAL A 779 -8.10 -15.79 -52.46
N ARG A 780 -7.39 -15.32 -51.44
CA ARG A 780 -8.00 -14.82 -50.22
C ARG A 780 -8.09 -13.32 -50.20
N ILE A 781 -9.24 -12.81 -49.73
CA ILE A 781 -9.47 -11.37 -49.50
C ILE A 781 -9.45 -11.21 -47.98
N GLU A 782 -8.33 -10.70 -47.46
CA GLU A 782 -8.07 -10.50 -46.03
C GLU A 782 -8.75 -9.24 -45.51
N GLN A 783 -8.72 -8.15 -46.31
CA GLN A 783 -9.37 -6.88 -45.98
C GLN A 783 -10.63 -6.77 -46.82
N LEU A 784 -11.79 -6.90 -46.17
CA LEU A 784 -13.09 -6.88 -46.83
C LEU A 784 -13.55 -5.46 -47.18
N ALA A 785 -13.23 -4.49 -46.31
CA ALA A 785 -13.57 -3.07 -46.50
C ALA A 785 -12.52 -2.16 -45.83
N PRO A 786 -11.94 -1.16 -46.52
CA PRO A 786 -12.14 -0.78 -47.94
C PRO A 786 -11.61 -1.90 -48.84
N LEU A 787 -12.30 -2.13 -49.98
CA LEU A 787 -11.94 -3.19 -50.91
C LEU A 787 -10.61 -2.90 -51.60
N PRO A 788 -9.64 -3.84 -51.50
CA PRO A 788 -8.35 -3.60 -52.17
C PRO A 788 -8.48 -3.86 -53.66
N ARG A 789 -9.13 -2.93 -54.37
CA ARG A 789 -9.46 -3.02 -55.80
C ARG A 789 -8.21 -3.22 -56.68
N ARG A 790 -7.17 -2.38 -56.46
CA ARG A 790 -5.91 -2.41 -57.23
C ARG A 790 -5.14 -3.72 -56.99
N ARG A 791 -4.94 -4.14 -55.71
CA ARG A 791 -4.23 -5.37 -55.38
C ARG A 791 -4.99 -6.61 -55.91
N LEU A 792 -6.34 -6.63 -55.76
CA LEU A 792 -7.17 -7.74 -56.24
C LEU A 792 -7.07 -7.89 -57.76
N ALA A 793 -7.17 -6.78 -58.53
CA ALA A 793 -7.05 -6.79 -60.00
C ALA A 793 -5.68 -7.29 -60.45
N GLU A 794 -4.60 -6.79 -59.82
CA GLU A 794 -3.19 -7.13 -60.07
C GLU A 794 -2.94 -8.64 -59.84
N THR A 795 -3.56 -9.21 -58.78
CA THR A 795 -3.46 -10.61 -58.39
C THR A 795 -4.15 -11.52 -59.42
N LEU A 796 -5.35 -11.13 -59.92
CA LEU A 796 -6.10 -11.94 -60.88
C LEU A 796 -5.42 -11.94 -62.25
N ASP A 797 -4.72 -10.85 -62.61
CA ASP A 797 -4.00 -10.68 -63.87
C ASP A 797 -2.81 -11.64 -63.96
N ARG A 798 -2.47 -12.33 -62.85
CA ARG A 798 -1.39 -13.32 -62.78
C ARG A 798 -1.89 -14.72 -63.21
N TYR A 799 -3.21 -14.87 -63.39
CA TYR A 799 -3.87 -16.11 -63.81
C TYR A 799 -4.60 -15.82 -65.15
N PRO A 800 -3.87 -15.83 -66.29
CA PRO A 800 -4.52 -15.43 -67.56
C PRO A 800 -5.49 -16.42 -68.19
N ASN A 801 -5.41 -17.72 -67.82
CA ASN A 801 -6.24 -18.77 -68.41
C ASN A 801 -7.50 -19.08 -67.61
N VAL A 802 -7.89 -18.20 -66.66
CA VAL A 802 -9.09 -18.39 -65.84
C VAL A 802 -10.34 -18.18 -66.72
N LYS A 803 -11.20 -19.21 -66.78
CA LYS A 803 -12.43 -19.20 -67.57
C LYS A 803 -13.67 -18.97 -66.70
N GLU A 804 -13.57 -19.29 -65.39
CA GLU A 804 -14.67 -19.10 -64.44
C GLU A 804 -14.16 -18.72 -63.06
N LYS A 805 -14.89 -17.79 -62.40
CA LYS A 805 -14.57 -17.28 -61.06
C LYS A 805 -15.75 -17.49 -60.13
N PHE A 806 -15.50 -17.98 -58.90
CA PHE A 806 -16.53 -18.22 -57.91
C PHE A 806 -16.18 -17.63 -56.55
N TRP A 807 -17.14 -16.92 -55.92
CA TRP A 807 -16.96 -16.45 -54.55
C TRP A 807 -17.42 -17.60 -53.66
N VAL A 808 -16.51 -18.17 -52.86
CA VAL A 808 -16.79 -19.31 -52.00
C VAL A 808 -16.80 -18.86 -50.54
N GLN A 809 -17.86 -19.23 -49.80
CA GLN A 809 -18.00 -18.88 -48.38
C GLN A 809 -18.82 -19.94 -47.62
N GLU A 810 -18.56 -20.09 -46.30
CA GLU A 810 -19.29 -21.00 -45.40
C GLU A 810 -20.68 -20.47 -45.08
N GLU A 811 -20.79 -19.14 -44.96
CA GLU A 811 -21.99 -18.43 -44.56
C GLU A 811 -23.16 -18.61 -45.53
N PRO A 812 -24.43 -18.58 -45.01
CA PRO A 812 -25.60 -18.66 -45.91
C PRO A 812 -25.58 -17.58 -47.00
N ALA A 813 -26.28 -17.81 -48.13
CA ALA A 813 -26.33 -16.92 -49.30
C ALA A 813 -26.66 -15.47 -48.96
N ASN A 814 -27.52 -15.23 -47.94
CA ASN A 814 -27.95 -13.91 -47.50
C ASN A 814 -27.05 -13.32 -46.41
N GLN A 815 -25.98 -14.05 -46.06
CA GLN A 815 -25.02 -13.66 -45.02
C GLN A 815 -23.59 -13.69 -45.57
N GLY A 816 -22.61 -13.40 -44.72
CA GLY A 816 -21.21 -13.35 -45.15
C GLY A 816 -20.92 -12.17 -46.07
N ALA A 817 -19.86 -12.28 -46.89
CA ALA A 817 -19.46 -11.20 -47.77
C ALA A 817 -20.23 -11.16 -49.11
N TRP A 818 -20.90 -12.26 -49.52
CA TRP A 818 -21.63 -12.30 -50.80
C TRP A 818 -22.67 -11.15 -50.97
N PRO A 819 -23.60 -10.85 -50.02
CA PRO A 819 -24.56 -9.76 -50.25
C PRO A 819 -23.96 -8.45 -50.76
N SER A 820 -22.72 -8.11 -50.35
CA SER A 820 -22.08 -6.87 -50.81
C SER A 820 -21.10 -7.15 -51.97
N PHE A 821 -20.26 -8.20 -51.87
CA PHE A 821 -19.27 -8.58 -52.90
C PHE A 821 -19.93 -8.99 -54.23
N GLY A 822 -21.04 -9.72 -54.14
CA GLY A 822 -21.81 -10.16 -55.31
C GLY A 822 -22.37 -9.01 -56.13
N LEU A 823 -22.52 -7.84 -55.48
CA LEU A 823 -23.04 -6.64 -56.12
C LEU A 823 -21.91 -5.64 -56.48
N THR A 824 -20.94 -5.41 -55.55
CA THR A 824 -19.85 -4.43 -55.75
C THR A 824 -18.74 -4.93 -56.69
N LEU A 825 -18.24 -6.19 -56.54
CA LEU A 825 -17.16 -6.73 -57.37
C LEU A 825 -17.46 -6.69 -58.88
N PRO A 826 -18.66 -7.10 -59.40
CA PRO A 826 -18.90 -6.97 -60.85
C PRO A 826 -19.05 -5.52 -61.31
N GLU A 827 -19.30 -4.58 -60.37
CA GLU A 827 -19.47 -3.16 -60.68
C GLU A 827 -18.12 -2.41 -60.67
N ILE A 828 -17.29 -2.63 -59.63
CA ILE A 828 -15.99 -1.95 -59.49
C ILE A 828 -14.94 -2.56 -60.43
N LEU A 829 -15.02 -3.87 -60.73
CA LEU A 829 -14.10 -4.55 -61.64
C LEU A 829 -14.89 -5.39 -62.67
N PRO A 830 -15.52 -4.75 -63.67
CA PRO A 830 -16.31 -5.51 -64.67
C PRO A 830 -15.49 -6.45 -65.56
N ASP A 831 -14.24 -6.10 -65.89
CA ASP A 831 -13.40 -6.93 -66.74
C ASP A 831 -12.91 -8.19 -66.02
N HIS A 832 -13.01 -8.22 -64.67
CA HIS A 832 -12.59 -9.36 -63.86
C HIS A 832 -13.76 -10.16 -63.28
N PHE A 833 -14.84 -9.49 -62.84
CA PHE A 833 -15.92 -10.21 -62.14
C PHE A 833 -17.29 -10.25 -62.83
N THR A 834 -17.39 -10.00 -64.14
CA THR A 834 -18.66 -10.13 -64.84
C THR A 834 -18.93 -11.64 -64.96
N GLY A 835 -20.05 -12.08 -64.39
CA GLY A 835 -20.43 -13.49 -64.41
C GLY A 835 -19.92 -14.28 -63.22
N LEU A 836 -19.51 -13.57 -62.14
CA LEU A 836 -19.04 -14.17 -60.88
C LEU A 836 -20.21 -14.90 -60.23
N LYS A 837 -20.02 -16.19 -59.95
CA LYS A 837 -21.06 -17.02 -59.33
C LYS A 837 -20.75 -17.25 -57.85
N ARG A 838 -21.77 -17.64 -57.09
CA ARG A 838 -21.66 -17.87 -55.65
C ARG A 838 -21.68 -19.37 -55.31
N ILE A 839 -20.80 -19.76 -54.37
CA ILE A 839 -20.73 -21.08 -53.77
C ILE A 839 -20.80 -20.84 -52.28
N SER A 840 -21.93 -21.22 -51.66
CA SER A 840 -22.20 -21.06 -50.24
C SER A 840 -23.36 -21.93 -49.79
N ARG A 841 -23.68 -21.82 -48.48
CA ARG A 841 -24.87 -22.42 -47.89
C ARG A 841 -26.08 -21.67 -48.45
N ARG A 842 -27.24 -22.33 -48.50
CA ARG A 842 -28.50 -21.72 -48.95
C ARG A 842 -28.83 -20.48 -48.09
N ALA A 843 -29.71 -19.57 -48.56
CA ALA A 843 -30.12 -18.44 -47.73
C ALA A 843 -30.84 -18.99 -46.47
N MET A 844 -30.39 -18.57 -45.27
CA MET A 844 -30.96 -19.06 -44.02
C MET A 844 -31.41 -17.91 -43.12
N SER A 845 -32.49 -18.16 -42.35
CA SER A 845 -33.05 -17.24 -41.35
C SER A 845 -32.07 -17.08 -40.18
N ALA A 846 -31.48 -18.21 -39.76
CA ALA A 846 -30.50 -18.30 -38.67
C ALA A 846 -29.08 -18.34 -39.26
N PRO A 847 -28.01 -17.95 -38.52
CA PRO A 847 -26.67 -17.97 -39.12
C PRO A 847 -26.17 -19.36 -39.50
N SER A 848 -26.71 -20.44 -38.90
CA SER A 848 -26.36 -21.84 -39.18
C SER A 848 -27.36 -22.83 -38.56
N SER A 849 -27.11 -24.12 -38.77
CA SER A 849 -27.87 -25.25 -38.24
C SER A 849 -27.53 -25.46 -36.75
N GLY A 850 -28.44 -26.09 -36.02
CA GLY A 850 -28.25 -26.40 -34.61
C GLY A 850 -27.42 -27.64 -34.36
N SER A 851 -27.38 -28.57 -35.33
CA SER A 851 -26.64 -29.82 -35.26
C SER A 851 -25.24 -29.70 -35.90
N SER A 852 -24.23 -30.28 -35.24
CA SER A 852 -22.86 -30.31 -35.76
C SER A 852 -22.73 -31.30 -36.94
N LYS A 853 -23.58 -32.35 -36.94
CA LYS A 853 -23.60 -33.36 -38.01
C LYS A 853 -24.14 -32.76 -39.31
N VAL A 854 -25.20 -31.93 -39.21
CA VAL A 854 -25.85 -31.25 -40.33
C VAL A 854 -24.87 -30.19 -40.89
N HIS A 855 -24.15 -29.49 -40.01
CA HIS A 855 -23.13 -28.52 -40.40
C HIS A 855 -22.06 -29.19 -41.28
N ALA A 856 -21.55 -30.36 -40.82
CA ALA A 856 -20.50 -31.15 -41.48
C ALA A 856 -20.89 -31.56 -42.90
N VAL A 857 -22.16 -31.97 -43.10
CA VAL A 857 -22.71 -32.38 -44.40
C VAL A 857 -22.76 -31.17 -45.35
N GLU A 858 -23.25 -30.02 -44.83
CA GLU A 858 -23.36 -28.76 -45.55
C GLU A 858 -21.98 -28.26 -45.96
N GLN A 859 -21.00 -28.37 -45.04
CA GLN A 859 -19.62 -27.94 -45.28
C GLN A 859 -18.99 -28.73 -46.43
N GLN A 860 -19.18 -30.06 -46.43
CA GLN A 860 -18.65 -30.95 -47.47
C GLN A 860 -19.29 -30.64 -48.82
N GLU A 861 -20.58 -30.24 -48.81
CA GLU A 861 -21.33 -29.86 -50.03
C GLU A 861 -20.69 -28.66 -50.72
N ILE A 862 -20.22 -27.67 -49.94
CA ILE A 862 -19.57 -26.46 -50.43
C ILE A 862 -18.24 -26.86 -51.11
N LEU A 863 -17.39 -27.64 -50.41
CA LEU A 863 -16.09 -28.11 -50.94
C LEU A 863 -16.27 -28.95 -52.21
N ASP A 864 -17.30 -29.83 -52.25
CA ASP A 864 -17.61 -30.68 -53.39
C ASP A 864 -18.07 -29.84 -54.60
N THR A 865 -18.82 -28.75 -54.37
CA THR A 865 -19.33 -27.86 -55.42
C THR A 865 -18.16 -27.05 -56.03
N ALA A 866 -17.29 -26.52 -55.16
CA ALA A 866 -16.12 -25.72 -55.49
C ALA A 866 -15.11 -26.48 -56.36
N PHE A 867 -15.12 -27.83 -56.31
CA PHE A 867 -14.22 -28.70 -57.06
C PHE A 867 -14.98 -29.66 -57.99
N GLY A 868 -16.26 -29.38 -58.24
CA GLY A 868 -17.11 -30.18 -59.11
C GLY A 868 -16.76 -30.06 -60.59
N ASP B 6 -31.02 5.09 27.71
CA ASP B 6 -32.14 4.17 27.90
C ASP B 6 -31.84 2.82 27.25
N LYS B 7 -32.16 1.72 27.96
CA LYS B 7 -31.94 0.35 27.50
C LYS B 7 -32.92 -0.06 26.40
N ASN B 8 -34.23 0.25 26.57
CA ASN B 8 -35.31 -0.10 25.64
C ASN B 8 -35.09 0.46 24.23
N ALA B 9 -34.50 1.67 24.14
CA ALA B 9 -34.18 2.35 22.88
C ALA B 9 -33.08 1.60 22.10
N ARG B 10 -32.07 1.04 22.83
CA ARG B 10 -30.96 0.28 22.26
C ARG B 10 -31.46 -1.05 21.63
N VAL B 11 -32.53 -1.62 22.20
CA VAL B 11 -33.20 -2.85 21.77
C VAL B 11 -33.90 -2.60 20.42
N ILE B 12 -34.61 -1.46 20.30
CA ILE B 12 -35.35 -1.03 19.10
C ILE B 12 -34.36 -0.86 17.92
N GLU B 13 -33.19 -0.23 18.16
CA GLU B 13 -32.13 -0.07 17.17
C GLU B 13 -31.56 -1.43 16.79
N LEU B 14 -31.45 -2.35 17.78
CA LEU B 14 -30.93 -3.70 17.57
C LEU B 14 -31.92 -4.54 16.74
N ILE B 15 -33.25 -4.40 17.00
CA ILE B 15 -34.30 -5.09 16.24
C ILE B 15 -34.22 -4.63 14.78
N ALA B 16 -34.08 -3.32 14.58
CA ALA B 16 -33.96 -2.67 13.27
C ALA B 16 -32.71 -3.13 12.53
N ALA B 17 -31.56 -3.20 13.24
CA ALA B 17 -30.27 -3.63 12.69
C ALA B 17 -30.35 -5.02 12.03
N TYR B 18 -31.07 -5.97 12.67
CA TYR B 18 -31.22 -7.35 12.17
C TYR B 18 -32.16 -7.42 10.98
N ARG B 19 -33.28 -6.69 11.05
CA ARG B 19 -34.26 -6.65 9.98
C ARG B 19 -33.69 -5.98 8.70
N ASN B 20 -32.89 -4.90 8.87
CA ASN B 20 -32.27 -4.16 7.77
C ASN B 20 -30.97 -4.79 7.26
N ARG B 21 -30.04 -5.17 8.17
CA ARG B 21 -28.69 -5.64 7.82
C ARG B 21 -28.33 -7.09 8.26
N GLY B 22 -29.28 -7.84 8.82
CA GLY B 22 -29.04 -9.21 9.27
C GLY B 22 -28.58 -10.15 8.18
N HIS B 23 -29.07 -9.93 6.93
CA HIS B 23 -28.74 -10.70 5.74
C HIS B 23 -27.23 -10.65 5.39
N LEU B 24 -26.51 -9.61 5.86
CA LEU B 24 -25.06 -9.45 5.63
C LEU B 24 -24.27 -10.40 6.53
N MET B 25 -24.90 -10.91 7.61
CA MET B 25 -24.29 -11.84 8.56
C MET B 25 -24.73 -13.29 8.34
N ALA B 26 -25.84 -13.50 7.59
CA ALA B 26 -26.42 -14.82 7.31
C ALA B 26 -25.42 -15.79 6.68
N ASP B 27 -25.50 -17.07 7.07
CA ASP B 27 -24.64 -18.15 6.57
C ASP B 27 -25.27 -18.67 5.28
N ILE B 28 -25.18 -17.86 4.22
CA ILE B 28 -25.79 -18.12 2.92
C ILE B 28 -24.80 -18.72 1.90
N ASP B 29 -23.49 -18.48 2.07
CA ASP B 29 -22.44 -18.95 1.16
C ASP B 29 -22.02 -20.40 1.53
N PRO B 30 -22.32 -21.41 0.67
CA PRO B 30 -21.92 -22.80 0.99
C PRO B 30 -20.41 -23.04 0.95
N LEU B 31 -19.66 -22.17 0.24
CA LEU B 31 -18.20 -22.30 0.13
C LEU B 31 -17.47 -21.59 1.28
N ARG B 32 -18.09 -20.55 1.89
CA ARG B 32 -17.51 -19.74 3.00
C ARG B 32 -16.14 -19.20 2.56
N LEU B 33 -16.12 -18.46 1.44
CA LEU B 33 -14.89 -17.94 0.85
C LEU B 33 -14.33 -16.74 1.62
N ASP B 34 -15.17 -15.72 1.92
CA ASP B 34 -14.78 -14.50 2.63
C ASP B 34 -15.07 -14.63 4.13
N ASN B 35 -14.10 -14.22 4.97
CA ASN B 35 -14.21 -14.25 6.43
C ASN B 35 -14.37 -12.85 7.02
N TRP B 54 -26.31 -9.05 31.16
CA TRP B 54 -27.26 -9.06 32.27
C TRP B 54 -28.67 -8.64 31.82
N ASP B 55 -28.74 -7.81 30.76
CA ASP B 55 -29.99 -7.30 30.19
C ASP B 55 -30.73 -8.35 29.35
N LEU B 56 -30.08 -9.50 29.06
CA LEU B 56 -30.65 -10.60 28.27
C LEU B 56 -31.89 -11.21 28.94
N ASP B 57 -31.96 -11.20 30.27
CA ASP B 57 -33.11 -11.74 31.00
C ASP B 57 -34.15 -10.64 31.32
N ARG B 58 -33.83 -9.36 31.05
CA ARG B 58 -34.75 -8.25 31.27
C ARG B 58 -35.82 -8.21 30.18
N GLU B 59 -37.06 -7.84 30.55
CA GLU B 59 -38.20 -7.74 29.63
C GLU B 59 -38.26 -6.37 28.97
N PHE B 60 -38.67 -6.32 27.68
CA PHE B 60 -38.77 -5.09 26.89
C PHE B 60 -40.07 -5.05 26.09
N LYS B 61 -40.58 -3.83 25.82
CA LYS B 61 -41.81 -3.60 25.05
C LYS B 61 -41.52 -3.74 23.56
N VAL B 62 -42.25 -4.63 22.87
CA VAL B 62 -42.09 -4.92 21.45
C VAL B 62 -43.47 -4.91 20.78
N GLN B 69 -46.52 -6.06 23.00
CA GLN B 69 -46.29 -7.15 23.96
C GLN B 69 -44.92 -7.03 24.65
N ARG B 70 -44.78 -7.65 25.83
CA ARG B 70 -43.55 -7.66 26.61
C ARG B 70 -42.81 -8.98 26.39
N LYS B 71 -41.55 -8.90 25.91
CA LYS B 71 -40.70 -10.07 25.63
C LYS B 71 -39.27 -9.85 26.15
N LYS B 72 -38.62 -10.92 26.63
CA LYS B 72 -37.24 -10.88 27.13
C LYS B 72 -36.27 -10.69 25.96
N LEU B 73 -35.19 -9.89 26.17
CA LEU B 73 -34.15 -9.60 25.16
C LEU B 73 -33.57 -10.88 24.53
N ARG B 74 -33.31 -11.92 25.35
CA ARG B 74 -32.78 -13.22 24.89
C ARG B 74 -33.71 -13.86 23.85
N ASP B 75 -35.05 -13.78 24.06
CA ASP B 75 -36.08 -14.31 23.19
C ASP B 75 -36.22 -13.46 21.91
N ILE B 76 -36.06 -12.12 22.03
CA ILE B 76 -36.10 -11.20 20.90
C ILE B 76 -34.90 -11.52 19.98
N LEU B 77 -33.68 -11.58 20.56
CA LEU B 77 -32.40 -11.88 19.90
C LEU B 77 -32.40 -13.24 19.20
N SER B 78 -32.95 -14.29 19.84
CA SER B 78 -33.00 -15.63 19.27
C SER B 78 -33.91 -15.68 18.04
N VAL B 79 -35.06 -14.97 18.09
CA VAL B 79 -36.02 -14.87 16.98
C VAL B 79 -35.36 -14.14 15.79
N LEU B 80 -34.60 -13.06 16.08
CA LEU B 80 -33.90 -12.26 15.07
C LEU B 80 -32.78 -13.02 14.40
N ARG B 81 -31.93 -13.71 15.18
CA ARG B 81 -30.81 -14.52 14.69
C ARG B 81 -31.30 -15.68 13.82
N ASP B 82 -32.37 -16.36 14.24
CA ASP B 82 -32.95 -17.51 13.54
C ASP B 82 -33.59 -17.10 12.22
N ALA B 83 -34.30 -15.98 12.20
CA ALA B 83 -35.00 -15.49 11.03
C ALA B 83 -34.07 -14.86 10.00
N TYR B 84 -33.04 -14.11 10.46
CA TYR B 84 -32.21 -13.31 9.56
C TYR B 84 -30.72 -13.67 9.44
N CYS B 85 -30.17 -14.53 10.32
CA CYS B 85 -28.74 -14.79 10.26
C CYS B 85 -28.37 -16.30 10.12
N ARG B 86 -29.33 -17.16 9.72
CA ARG B 86 -29.03 -18.58 9.52
C ARG B 86 -28.77 -18.83 8.01
N HIS B 87 -29.51 -19.74 7.36
CA HIS B 87 -29.29 -20.04 5.94
C HIS B 87 -30.14 -19.18 5.00
N VAL B 88 -30.94 -18.25 5.55
CA VAL B 88 -31.79 -17.36 4.75
C VAL B 88 -31.50 -15.90 5.10
N GLY B 89 -31.09 -15.15 4.08
CA GLY B 89 -30.82 -13.71 4.15
C GLY B 89 -32.01 -13.00 3.55
N VAL B 90 -32.72 -12.20 4.37
CA VAL B 90 -33.95 -11.55 3.94
C VAL B 90 -33.75 -10.04 3.78
N GLU B 91 -34.00 -9.53 2.56
CA GLU B 91 -33.98 -8.10 2.24
C GLU B 91 -35.41 -7.70 1.91
N TYR B 92 -36.02 -6.83 2.74
CA TYR B 92 -37.41 -6.42 2.56
C TYR B 92 -37.73 -5.01 3.10
N THR B 93 -36.84 -4.40 3.90
CA THR B 93 -37.12 -3.09 4.52
C THR B 93 -37.03 -1.94 3.50
N HIS B 94 -36.62 -2.23 2.25
CA HIS B 94 -36.60 -1.25 1.15
C HIS B 94 -38.02 -1.06 0.58
N ILE B 95 -38.90 -2.07 0.77
CA ILE B 95 -40.30 -2.09 0.34
C ILE B 95 -41.08 -0.95 1.03
N LEU B 96 -41.75 -0.11 0.22
CA LEU B 96 -42.51 1.04 0.68
C LEU B 96 -43.88 0.68 1.28
N GLU B 97 -44.49 -0.45 0.87
CA GLU B 97 -45.80 -0.87 1.41
C GLU B 97 -45.63 -1.47 2.82
N PRO B 98 -46.17 -0.82 3.88
CA PRO B 98 -45.99 -1.38 5.26
C PRO B 98 -46.62 -2.76 5.46
N GLU B 99 -47.74 -3.05 4.78
CA GLU B 99 -48.46 -4.33 4.89
C GLU B 99 -47.61 -5.49 4.35
N GLN B 100 -46.75 -5.20 3.35
CA GLN B 100 -45.86 -6.19 2.74
C GLN B 100 -44.73 -6.51 3.71
N GLN B 101 -44.18 -5.47 4.37
CA GLN B 101 -43.13 -5.64 5.38
C GLN B 101 -43.65 -6.46 6.55
N ARG B 102 -44.91 -6.18 7.02
CA ARG B 102 -45.54 -6.92 8.13
C ARG B 102 -45.80 -8.38 7.75
N TRP B 103 -46.23 -8.63 6.49
CA TRP B 103 -46.52 -9.97 5.96
C TRP B 103 -45.28 -10.85 5.99
N ILE B 104 -44.14 -10.32 5.54
CA ILE B 104 -42.85 -11.02 5.52
C ILE B 104 -42.42 -11.28 6.97
N GLN B 105 -42.46 -10.24 7.82
CA GLN B 105 -42.11 -10.31 9.23
C GLN B 105 -42.87 -11.42 9.95
N GLU B 106 -44.20 -11.52 9.74
CA GLU B 106 -45.05 -12.52 10.39
C GLU B 106 -44.67 -13.96 9.97
N ARG B 107 -44.19 -14.15 8.73
CA ARG B 107 -43.85 -15.48 8.23
C ARG B 107 -42.38 -15.84 8.44
N VAL B 108 -41.52 -14.84 8.62
CA VAL B 108 -40.07 -15.01 8.80
C VAL B 108 -39.70 -15.02 10.32
N GLU B 109 -40.32 -14.12 11.12
CA GLU B 109 -40.01 -14.02 12.55
C GLU B 109 -40.87 -14.95 13.44
N THR B 110 -41.31 -16.09 12.90
CA THR B 110 -42.08 -17.10 13.65
C THR B 110 -41.50 -18.47 13.39
N LYS B 111 -41.54 -19.36 14.41
CA LYS B 111 -41.02 -20.72 14.31
C LYS B 111 -41.80 -21.52 13.26
N HIS B 112 -41.15 -21.79 12.12
CA HIS B 112 -41.72 -22.53 10.99
C HIS B 112 -41.55 -24.03 11.24
N ASP B 113 -42.65 -24.80 11.08
CA ASP B 113 -42.67 -26.26 11.29
C ASP B 113 -41.79 -26.98 10.27
N LYS B 114 -41.05 -28.01 10.73
CA LYS B 114 -40.14 -28.81 9.91
C LYS B 114 -40.94 -29.68 8.91
N PRO B 115 -40.41 -29.99 7.70
CA PRO B 115 -41.19 -30.82 6.76
C PRO B 115 -41.37 -32.26 7.24
N THR B 116 -42.45 -32.92 6.79
CA THR B 116 -42.73 -34.32 7.18
C THR B 116 -41.68 -35.24 6.57
N VAL B 117 -41.51 -36.44 7.16
CA VAL B 117 -40.56 -37.46 6.72
C VAL B 117 -40.80 -37.76 5.23
N ALA B 118 -42.08 -37.87 4.79
CA ALA B 118 -42.47 -38.10 3.40
C ALA B 118 -42.02 -36.95 2.50
N GLU B 119 -42.15 -35.69 2.97
CA GLU B 119 -41.74 -34.48 2.25
C GLU B 119 -40.23 -34.42 2.12
N GLN B 120 -39.50 -34.81 3.19
CA GLN B 120 -38.04 -34.85 3.24
C GLN B 120 -37.51 -35.88 2.25
N LYS B 121 -38.13 -37.08 2.24
CA LYS B 121 -37.80 -38.18 1.32
C LYS B 121 -37.99 -37.73 -0.12
N TYR B 122 -39.08 -36.96 -0.37
CA TYR B 122 -39.42 -36.41 -1.67
C TYR B 122 -38.35 -35.40 -2.13
N ILE B 123 -37.87 -34.54 -1.21
CA ILE B 123 -36.82 -33.57 -1.51
C ILE B 123 -35.54 -34.31 -1.93
N LEU B 124 -35.18 -35.38 -1.17
CA LEU B 124 -34.00 -36.19 -1.50
C LEU B 124 -34.16 -36.85 -2.86
N SER B 125 -35.36 -37.38 -3.17
CA SER B 125 -35.64 -38.00 -4.47
C SER B 125 -35.37 -37.00 -5.62
N LYS B 126 -35.61 -35.70 -5.39
CA LYS B 126 -35.37 -34.65 -6.38
C LYS B 126 -33.86 -34.39 -6.51
N LEU B 127 -33.13 -34.38 -5.38
CA LEU B 127 -31.66 -34.19 -5.36
C LEU B 127 -30.97 -35.40 -5.99
N ASN B 128 -31.56 -36.60 -5.81
CA ASN B 128 -31.08 -37.84 -6.40
C ASN B 128 -31.18 -37.77 -7.90
N ALA B 129 -32.38 -37.41 -8.41
CA ALA B 129 -32.67 -37.27 -9.84
C ALA B 129 -31.78 -36.22 -10.48
N ALA B 130 -31.57 -35.08 -9.81
CA ALA B 130 -30.75 -33.98 -10.28
C ALA B 130 -29.28 -34.39 -10.45
N GLU B 131 -28.65 -34.99 -9.40
CA GLU B 131 -27.23 -35.38 -9.43
C GLU B 131 -26.99 -36.58 -10.33
N ALA B 132 -27.82 -37.64 -10.23
CA ALA B 132 -27.62 -38.85 -11.03
C ALA B 132 -27.80 -38.60 -12.54
N PHE B 133 -28.70 -37.68 -12.94
CA PHE B 133 -28.90 -37.29 -14.34
C PHE B 133 -27.60 -36.68 -14.91
N GLU B 134 -26.91 -35.83 -14.11
CA GLU B 134 -25.66 -35.17 -14.50
C GLU B 134 -24.48 -36.16 -14.51
N THR B 135 -24.41 -37.12 -13.57
CA THR B 135 -23.32 -38.12 -13.52
C THR B 135 -23.51 -39.14 -14.64
N PHE B 136 -24.78 -39.52 -14.96
CA PHE B 136 -25.08 -40.44 -16.06
C PHE B 136 -24.63 -39.87 -17.40
N LEU B 137 -24.89 -38.54 -17.64
CA LEU B 137 -24.49 -37.90 -18.89
C LEU B 137 -22.96 -37.75 -18.94
N GLN B 138 -22.31 -37.51 -17.78
CA GLN B 138 -20.85 -37.43 -17.67
C GLN B 138 -20.20 -38.78 -18.06
N THR B 139 -20.82 -39.90 -17.65
CA THR B 139 -20.30 -41.24 -17.90
C THR B 139 -20.56 -41.68 -19.37
N LYS B 140 -21.74 -41.37 -19.96
CA LYS B 140 -22.08 -41.79 -21.33
C LYS B 140 -21.54 -40.85 -22.41
N TYR B 141 -21.67 -39.52 -22.22
CA TYR B 141 -21.25 -38.51 -23.20
C TYR B 141 -20.26 -37.52 -22.58
N VAL B 142 -19.07 -38.03 -22.20
CA VAL B 142 -17.99 -37.27 -21.53
C VAL B 142 -17.49 -36.06 -22.40
N GLY B 143 -17.51 -36.22 -23.73
CA GLY B 143 -17.06 -35.20 -24.67
C GLY B 143 -18.06 -34.15 -25.13
N GLN B 144 -19.35 -34.27 -24.73
CA GLN B 144 -20.39 -33.32 -25.12
C GLN B 144 -20.71 -32.36 -23.99
N LYS B 145 -20.78 -31.05 -24.31
CA LYS B 145 -21.07 -30.05 -23.29
C LYS B 145 -22.57 -30.04 -23.01
N ARG B 146 -22.93 -30.03 -21.72
CA ARG B 146 -24.31 -30.11 -21.24
C ARG B 146 -24.64 -29.03 -20.20
N PHE B 147 -23.64 -28.19 -19.80
CA PHE B 147 -23.73 -27.13 -18.79
C PHE B 147 -24.38 -27.68 -17.50
N SER B 148 -23.63 -28.51 -16.79
CA SER B 148 -24.07 -29.20 -15.59
C SER B 148 -24.50 -28.27 -14.44
N LEU B 149 -25.57 -28.70 -13.76
CA LEU B 149 -26.17 -28.07 -12.58
C LEU B 149 -25.48 -28.58 -11.28
N GLU B 150 -24.42 -29.44 -11.42
CA GLU B 150 -23.67 -29.98 -10.28
C GLU B 150 -23.13 -28.84 -9.40
N GLY B 151 -23.42 -28.93 -8.11
CA GLY B 151 -23.06 -27.93 -7.12
C GLY B 151 -24.23 -26.99 -6.85
N ALA B 152 -25.31 -27.16 -7.63
CA ALA B 152 -26.53 -26.35 -7.58
C ALA B 152 -27.79 -27.22 -7.73
N GLU B 153 -27.69 -28.53 -7.43
CA GLU B 153 -28.78 -29.52 -7.58
C GLU B 153 -30.08 -29.12 -6.85
N THR B 154 -29.98 -28.28 -5.80
CA THR B 154 -31.09 -27.79 -5.00
C THR B 154 -32.11 -26.96 -5.84
N VAL B 155 -31.72 -26.52 -7.06
CA VAL B 155 -32.61 -25.80 -7.98
C VAL B 155 -33.84 -26.68 -8.32
N ILE B 156 -33.63 -28.01 -8.48
CA ILE B 156 -34.66 -28.98 -8.81
C ILE B 156 -35.69 -29.07 -7.67
N PRO B 157 -35.37 -29.42 -6.39
CA PRO B 157 -36.44 -29.40 -5.36
C PRO B 157 -37.03 -28.00 -5.13
N MET B 158 -36.26 -26.91 -5.35
CA MET B 158 -36.73 -25.54 -5.22
C MET B 158 -37.80 -25.19 -6.26
N MET B 159 -37.56 -25.56 -7.54
CA MET B 159 -38.50 -25.31 -8.64
C MET B 159 -39.76 -26.16 -8.45
N ASP B 160 -39.59 -27.40 -8.00
CA ASP B 160 -40.67 -28.31 -7.70
C ASP B 160 -41.60 -27.70 -6.65
N ALA B 161 -41.02 -27.07 -5.60
CA ALA B 161 -41.74 -26.42 -4.51
C ALA B 161 -42.50 -25.20 -5.03
N VAL B 162 -41.91 -24.42 -5.98
CA VAL B 162 -42.57 -23.27 -6.62
C VAL B 162 -43.82 -23.78 -7.36
N ILE B 163 -43.65 -24.79 -8.23
CA ILE B 163 -44.72 -25.36 -9.04
C ILE B 163 -45.81 -26.00 -8.16
N ASP B 164 -45.40 -26.77 -7.12
CA ASP B 164 -46.32 -27.40 -6.18
C ASP B 164 -47.13 -26.35 -5.40
N GLN B 165 -46.48 -25.24 -4.99
CA GLN B 165 -47.17 -24.16 -4.26
C GLN B 165 -48.17 -23.43 -5.19
N CYS B 166 -47.84 -23.28 -6.48
CA CYS B 166 -48.72 -22.68 -7.49
C CYS B 166 -49.96 -23.56 -7.67
N ALA B 167 -49.76 -24.91 -7.73
CA ALA B 167 -50.82 -25.90 -7.88
C ALA B 167 -51.74 -25.89 -6.64
N GLU B 168 -51.17 -25.60 -5.45
CA GLU B 168 -51.86 -25.53 -4.17
C GLU B 168 -52.79 -24.31 -4.14
N HIS B 169 -52.40 -23.23 -4.86
CA HIS B 169 -53.19 -21.99 -5.00
C HIS B 169 -54.24 -22.13 -6.12
N GLY B 170 -54.28 -23.29 -6.78
CA GLY B 170 -55.21 -23.60 -7.85
C GLY B 170 -54.96 -22.83 -9.12
N LEU B 171 -53.69 -22.45 -9.37
CA LEU B 171 -53.30 -21.69 -10.56
C LEU B 171 -53.32 -22.61 -11.80
N ASP B 172 -53.46 -22.00 -12.99
CA ASP B 172 -53.63 -22.75 -14.24
C ASP B 172 -52.35 -23.19 -14.94
N GLU B 173 -51.27 -22.39 -14.89
CA GLU B 173 -50.02 -22.70 -15.60
C GLU B 173 -48.80 -21.99 -15.01
N VAL B 174 -47.63 -22.62 -15.13
CA VAL B 174 -46.34 -22.05 -14.75
C VAL B 174 -45.49 -22.04 -16.03
N VAL B 175 -45.14 -20.84 -16.52
CA VAL B 175 -44.30 -20.73 -17.72
C VAL B 175 -42.87 -20.41 -17.27
N ILE B 176 -41.93 -21.23 -17.70
CA ILE B 176 -40.52 -21.09 -17.32
C ILE B 176 -39.67 -20.58 -18.49
N ALA B 177 -38.75 -19.67 -18.14
CA ALA B 177 -37.69 -19.16 -19.00
C ALA B 177 -36.43 -19.24 -18.18
N MET B 178 -35.38 -19.81 -18.77
CA MET B 178 -34.14 -20.00 -18.05
C MET B 178 -32.92 -20.01 -19.00
N PRO B 179 -31.67 -19.85 -18.48
CA PRO B 179 -30.50 -19.99 -19.36
C PRO B 179 -30.10 -21.48 -19.48
N HIS B 180 -28.83 -21.75 -19.78
CA HIS B 180 -28.22 -23.07 -20.00
C HIS B 180 -27.98 -23.91 -18.71
N ARG B 181 -27.71 -23.24 -17.55
CA ARG B 181 -27.40 -23.91 -16.30
C ARG B 181 -28.52 -24.83 -15.81
N GLY B 182 -28.26 -26.13 -15.88
CA GLY B 182 -29.20 -27.17 -15.47
C GLY B 182 -30.46 -27.23 -16.30
N ARG B 183 -30.41 -26.75 -17.56
CA ARG B 183 -31.52 -26.69 -18.51
C ARG B 183 -32.00 -28.11 -18.84
N LEU B 184 -31.07 -29.00 -19.23
CA LEU B 184 -31.39 -30.38 -19.56
C LEU B 184 -32.04 -31.07 -18.36
N ASN B 185 -31.48 -30.82 -17.15
CA ASN B 185 -31.96 -31.33 -15.89
C ASN B 185 -33.40 -30.89 -15.63
N VAL B 186 -33.69 -29.57 -15.77
CA VAL B 186 -35.01 -28.96 -15.58
C VAL B 186 -36.02 -29.57 -16.61
N LEU B 187 -35.63 -29.69 -17.89
CA LEU B 187 -36.48 -30.29 -18.91
C LEU B 187 -36.87 -31.74 -18.56
N ALA B 188 -35.94 -32.53 -18.05
CA ALA B 188 -36.16 -33.93 -17.71
C ALA B 188 -36.84 -34.16 -16.34
N ASN B 189 -36.38 -33.45 -15.28
CA ASN B 189 -36.85 -33.65 -13.92
C ASN B 189 -37.96 -32.69 -13.44
N ILE B 190 -38.21 -31.57 -14.16
CA ILE B 190 -39.25 -30.63 -13.75
C ILE B 190 -40.39 -30.59 -14.81
N VAL B 191 -40.06 -30.30 -16.07
CA VAL B 191 -41.04 -30.13 -17.15
C VAL B 191 -41.61 -31.48 -17.60
N GLY B 192 -40.77 -32.51 -17.63
CA GLY B 192 -41.18 -33.86 -18.01
C GLY B 192 -40.84 -34.27 -19.43
N LYS B 193 -39.83 -33.60 -20.06
CA LYS B 193 -39.34 -33.95 -21.39
C LYS B 193 -38.78 -35.37 -21.32
N PRO B 194 -39.21 -36.31 -22.20
CA PRO B 194 -38.72 -37.71 -22.10
C PRO B 194 -37.21 -37.81 -22.22
N TYR B 195 -36.61 -38.68 -21.38
CA TYR B 195 -35.18 -38.94 -21.37
C TYR B 195 -34.74 -39.47 -22.73
N SER B 196 -35.62 -40.26 -23.39
CA SER B 196 -35.35 -40.82 -24.71
C SER B 196 -35.04 -39.70 -25.71
N GLN B 197 -35.84 -38.62 -25.67
CA GLN B 197 -35.69 -37.44 -26.52
C GLN B 197 -34.36 -36.70 -26.23
N ILE B 198 -34.07 -36.48 -24.93
CA ILE B 198 -32.85 -35.80 -24.48
C ILE B 198 -31.62 -36.61 -24.94
N PHE B 199 -31.57 -37.93 -24.69
CA PHE B 199 -30.46 -38.79 -25.11
C PHE B 199 -30.32 -38.90 -26.67
N SER B 200 -31.45 -38.84 -27.43
CA SER B 200 -31.39 -38.87 -28.90
C SER B 200 -30.65 -37.62 -29.44
N GLU B 201 -30.77 -36.47 -28.72
CA GLU B 201 -30.07 -35.22 -29.04
C GLU B 201 -28.56 -35.37 -28.82
N PHE B 202 -28.15 -36.17 -27.82
CA PHE B 202 -26.74 -36.44 -27.56
C PHE B 202 -26.18 -37.41 -28.60
N GLU B 203 -26.94 -38.46 -28.94
CA GLU B 203 -26.56 -39.47 -29.96
C GLU B 203 -26.48 -38.87 -31.38
N GLY B 204 -27.18 -37.74 -31.57
CA GLY B 204 -27.25 -37.07 -32.87
C GLY B 204 -28.05 -37.88 -33.86
N ASN B 205 -29.10 -38.58 -33.36
CA ASN B 205 -29.98 -39.45 -34.14
C ASN B 205 -31.42 -38.94 -34.01
N LEU B 206 -31.76 -37.93 -34.83
CA LEU B 206 -33.04 -37.27 -34.81
C LEU B 206 -33.94 -37.71 -35.98
N ASN B 207 -35.23 -37.93 -35.67
CA ASN B 207 -36.27 -38.34 -36.63
C ASN B 207 -36.69 -37.10 -37.49
N PRO B 208 -37.51 -37.23 -38.57
CA PRO B 208 -37.85 -36.04 -39.40
C PRO B 208 -38.45 -34.84 -38.64
N SER B 209 -39.28 -35.07 -37.60
CA SER B 209 -39.91 -33.98 -36.84
C SER B 209 -38.87 -33.23 -35.96
N GLN B 210 -37.91 -33.97 -35.35
CA GLN B 210 -36.85 -33.41 -34.51
C GLN B 210 -35.77 -32.71 -35.35
N ALA B 211 -35.52 -33.22 -36.58
CA ALA B 211 -34.52 -32.68 -37.50
C ALA B 211 -35.08 -31.55 -38.38
N HIS B 212 -36.39 -31.22 -38.26
CA HIS B 212 -37.08 -30.19 -39.04
C HIS B 212 -36.53 -28.78 -38.79
N GLY B 213 -36.28 -28.05 -39.89
CA GLY B 213 -35.72 -26.70 -39.87
C GLY B 213 -34.22 -26.71 -39.63
N SER B 214 -33.63 -25.53 -39.42
CA SER B 214 -32.19 -25.40 -39.17
C SER B 214 -31.85 -25.88 -37.75
N GLY B 215 -32.80 -25.72 -36.83
CA GLY B 215 -32.68 -26.18 -35.45
C GLY B 215 -31.81 -25.34 -34.54
N ASP B 216 -31.61 -25.84 -33.32
CA ASP B 216 -30.81 -25.20 -32.28
C ASP B 216 -30.28 -26.25 -31.31
N VAL B 217 -29.29 -25.87 -30.48
CA VAL B 217 -28.65 -26.71 -29.46
C VAL B 217 -29.69 -27.16 -28.40
N LYS B 218 -29.47 -28.35 -27.82
CA LYS B 218 -30.34 -29.03 -26.85
C LYS B 218 -30.69 -28.18 -25.62
N TYR B 219 -29.75 -27.35 -25.14
CA TYR B 219 -29.97 -26.51 -23.94
C TYR B 219 -30.64 -25.13 -24.28
N HIS B 220 -31.37 -25.06 -25.41
CA HIS B 220 -32.12 -23.87 -25.85
C HIS B 220 -33.57 -24.23 -26.12
N LEU B 221 -33.87 -25.51 -26.11
CA LEU B 221 -35.17 -26.02 -26.44
C LEU B 221 -36.11 -26.01 -25.25
N GLY B 222 -37.39 -25.98 -25.56
CA GLY B 222 -38.47 -25.97 -24.60
C GLY B 222 -39.29 -27.24 -24.62
N ALA B 223 -40.25 -27.31 -23.70
CA ALA B 223 -41.15 -28.45 -23.55
C ALA B 223 -42.39 -28.04 -22.77
N THR B 224 -43.41 -28.90 -22.79
CA THR B 224 -44.66 -28.69 -22.08
C THR B 224 -45.07 -30.00 -21.42
N GLY B 225 -45.85 -29.88 -20.35
CA GLY B 225 -46.33 -31.03 -19.60
C GLY B 225 -47.28 -30.67 -18.50
N THR B 226 -47.76 -31.71 -17.80
CA THR B 226 -48.69 -31.57 -16.68
C THR B 226 -48.00 -32.02 -15.41
N TYR B 227 -47.95 -31.13 -14.43
CA TYR B 227 -47.38 -31.42 -13.12
C TYR B 227 -48.51 -31.93 -12.24
N ILE B 228 -48.30 -33.09 -11.63
CA ILE B 228 -49.27 -33.69 -10.71
C ILE B 228 -48.65 -33.66 -9.32
N GLN B 229 -49.38 -33.08 -8.35
CA GLN B 229 -48.93 -32.97 -6.97
C GLN B 229 -48.67 -34.35 -6.37
N MET B 230 -47.55 -34.48 -5.65
CA MET B 230 -47.13 -35.71 -4.96
C MET B 230 -48.00 -35.95 -3.73
N PHE B 231 -48.28 -34.90 -2.93
CA PHE B 231 -49.08 -35.02 -1.70
C PHE B 231 -50.40 -34.22 -1.75
N GLY B 232 -50.76 -33.77 -2.95
CA GLY B 232 -52.00 -33.03 -3.19
C GLY B 232 -52.79 -33.64 -4.34
N ASP B 233 -53.98 -33.10 -4.61
CA ASP B 233 -54.80 -33.63 -5.70
C ASP B 233 -54.89 -32.66 -6.88
N ASN B 234 -54.22 -31.50 -6.80
CA ASN B 234 -54.22 -30.52 -7.88
C ASN B 234 -53.17 -30.83 -8.94
N ASP B 235 -53.43 -30.35 -10.16
CA ASP B 235 -52.53 -30.47 -11.30
C ASP B 235 -52.36 -29.09 -11.93
N ILE B 236 -51.20 -28.85 -12.54
CA ILE B 236 -50.90 -27.57 -13.16
C ILE B 236 -50.05 -27.78 -14.43
N GLU B 237 -50.30 -26.97 -15.46
CA GLU B 237 -49.53 -27.00 -16.71
C GLU B 237 -48.16 -26.39 -16.47
N VAL B 238 -47.11 -27.04 -16.96
CA VAL B 238 -45.74 -26.53 -16.84
C VAL B 238 -45.15 -26.44 -18.24
N SER B 239 -44.72 -25.24 -18.62
CA SER B 239 -44.13 -24.98 -19.91
C SER B 239 -42.77 -24.30 -19.76
N LEU B 240 -41.85 -24.66 -20.63
CA LEU B 240 -40.54 -24.04 -20.71
C LEU B 240 -40.40 -23.51 -22.12
N THR B 241 -40.12 -22.21 -22.27
CA THR B 241 -40.05 -21.57 -23.58
C THR B 241 -38.62 -21.67 -24.15
N ALA B 242 -38.52 -21.64 -25.48
CA ALA B 242 -37.26 -21.68 -26.20
C ALA B 242 -36.54 -20.34 -26.06
N ASN B 243 -35.23 -20.32 -26.32
CA ASN B 243 -34.44 -19.08 -26.18
C ASN B 243 -33.10 -19.16 -26.92
N PRO B 244 -32.48 -18.02 -27.27
CA PRO B 244 -31.14 -18.08 -27.88
C PRO B 244 -30.05 -18.14 -26.80
N SER B 245 -28.76 -18.04 -27.22
CA SER B 245 -27.63 -18.05 -26.28
C SER B 245 -27.61 -16.76 -25.47
N HIS B 246 -28.07 -15.65 -26.11
CA HIS B 246 -28.18 -14.30 -25.56
C HIS B 246 -28.89 -14.36 -24.21
N LEU B 247 -28.06 -14.29 -23.18
CA LEU B 247 -28.50 -14.39 -21.79
C LEU B 247 -29.40 -13.23 -21.44
N GLU B 248 -30.59 -13.58 -20.88
CA GLU B 248 -31.65 -12.70 -20.39
C GLU B 248 -32.57 -12.12 -21.50
N ALA B 249 -32.22 -12.29 -22.80
CA ALA B 249 -33.04 -11.79 -23.89
C ALA B 249 -34.52 -12.33 -23.83
N VAL B 250 -34.70 -13.59 -23.41
CA VAL B 250 -36.01 -14.22 -23.28
C VAL B 250 -36.86 -13.61 -22.10
N ASP B 251 -36.25 -12.85 -21.15
CA ASP B 251 -37.00 -12.28 -20.02
C ASP B 251 -38.30 -11.56 -20.44
N PRO B 252 -38.30 -10.54 -21.34
CA PRO B 252 -39.57 -9.90 -21.70
C PRO B 252 -40.50 -10.79 -22.52
N VAL B 253 -39.90 -11.75 -23.27
CA VAL B 253 -40.59 -12.73 -24.11
C VAL B 253 -41.49 -13.57 -23.21
N LEU B 254 -40.93 -14.06 -22.06
CA LEU B 254 -41.67 -14.84 -21.06
C LEU B 254 -42.86 -14.05 -20.55
N GLU B 255 -42.61 -12.78 -20.16
CA GLU B 255 -43.62 -11.84 -19.66
C GLU B 255 -44.77 -11.68 -20.65
N GLY B 256 -44.44 -11.43 -21.91
CA GLY B 256 -45.41 -11.26 -22.99
C GLY B 256 -46.25 -12.51 -23.23
N LEU B 257 -45.59 -13.68 -23.20
CA LEU B 257 -46.17 -15.01 -23.36
C LEU B 257 -47.19 -15.28 -22.23
N VAL B 258 -46.81 -14.99 -20.95
CA VAL B 258 -47.65 -15.17 -19.77
C VAL B 258 -48.85 -14.21 -19.84
N ARG B 259 -48.60 -12.93 -20.16
CA ARG B 259 -49.64 -11.91 -20.29
C ARG B 259 -50.73 -12.32 -21.32
N ALA B 260 -50.32 -12.83 -22.51
CA ALA B 260 -51.26 -13.27 -23.55
C ALA B 260 -52.13 -14.43 -23.06
N LYS B 261 -51.54 -15.38 -22.29
CA LYS B 261 -52.22 -16.53 -21.69
C LYS B 261 -53.22 -16.05 -20.63
N GLN B 262 -52.82 -15.05 -19.81
CA GLN B 262 -53.65 -14.45 -18.76
C GLN B 262 -54.87 -13.75 -19.39
N ASP B 263 -54.68 -13.01 -20.49
CA ASP B 263 -55.77 -12.32 -21.18
C ASP B 263 -56.77 -13.32 -21.77
N LEU B 264 -56.28 -14.47 -22.30
CA LEU B 264 -57.14 -15.53 -22.84
C LEU B 264 -57.99 -16.17 -21.74
N LEU B 265 -57.41 -16.35 -20.54
CA LEU B 265 -58.08 -16.97 -19.40
C LEU B 265 -58.97 -15.99 -18.61
N ASP B 266 -59.03 -14.71 -19.04
CA ASP B 266 -59.82 -13.63 -18.43
C ASP B 266 -59.46 -13.46 -16.92
N THR B 267 -58.14 -13.59 -16.64
CA THR B 267 -57.55 -13.44 -15.30
C THR B 267 -56.43 -12.38 -15.38
N GLY B 268 -56.45 -11.45 -14.44
CA GLY B 268 -55.45 -10.40 -14.38
C GLY B 268 -55.96 -9.00 -14.61
N GLU B 269 -55.13 -8.17 -15.30
CA GLU B 269 -55.41 -6.76 -15.60
C GLU B 269 -56.55 -6.62 -16.61
N GLU B 270 -56.56 -7.46 -17.66
CA GLU B 270 -57.62 -7.46 -18.68
C GLU B 270 -58.52 -8.69 -18.48
N GLY B 271 -58.99 -8.86 -17.24
CA GLY B 271 -59.85 -9.98 -16.85
C GLY B 271 -60.79 -9.70 -15.69
N SER B 272 -61.91 -10.45 -15.64
CA SER B 272 -62.97 -10.37 -14.63
C SER B 272 -62.41 -10.63 -13.23
N ASP B 273 -61.53 -11.65 -13.12
CA ASP B 273 -60.85 -12.03 -11.89
C ASP B 273 -59.42 -11.53 -11.90
N ASN B 274 -58.89 -11.11 -10.74
CA ASN B 274 -57.50 -10.66 -10.64
C ASN B 274 -56.66 -11.78 -10.01
N ARG B 275 -56.73 -12.96 -10.67
CA ARG B 275 -56.05 -14.18 -10.25
C ARG B 275 -54.63 -14.29 -10.77
N PHE B 276 -54.35 -13.74 -11.99
CA PHE B 276 -53.05 -13.86 -12.68
C PHE B 276 -52.60 -15.34 -12.59
N SER B 277 -53.52 -16.25 -13.01
CA SER B 277 -53.40 -17.72 -12.91
C SER B 277 -52.26 -18.33 -13.74
N VAL B 278 -51.54 -17.52 -14.53
CA VAL B 278 -50.39 -17.98 -15.32
C VAL B 278 -49.18 -17.36 -14.66
N VAL B 279 -48.28 -18.20 -14.14
CA VAL B 279 -47.13 -17.73 -13.35
C VAL B 279 -45.79 -17.74 -14.12
N PRO B 280 -45.14 -16.56 -14.27
CA PRO B 280 -43.82 -16.56 -14.90
C PRO B 280 -42.76 -16.97 -13.88
N LEU B 281 -42.03 -18.04 -14.18
CA LEU B 281 -40.93 -18.51 -13.35
C LEU B 281 -39.67 -18.27 -14.18
N MET B 282 -38.92 -17.24 -13.79
CA MET B 282 -37.76 -16.80 -14.54
C MET B 282 -36.49 -17.15 -13.82
N LEU B 283 -35.64 -17.98 -14.46
CA LEU B 283 -34.36 -18.36 -13.90
C LEU B 283 -33.25 -17.53 -14.52
N HIS B 284 -32.16 -17.31 -13.75
CA HIS B 284 -31.03 -16.48 -14.16
C HIS B 284 -29.72 -16.97 -13.60
N GLY B 285 -28.63 -16.56 -14.25
CA GLY B 285 -27.27 -16.76 -13.78
C GLY B 285 -26.86 -15.47 -13.07
N ASP B 286 -25.92 -15.56 -12.14
CA ASP B 286 -25.49 -14.41 -11.33
C ASP B 286 -24.79 -13.30 -12.15
N ALA B 287 -23.95 -13.67 -13.13
CA ALA B 287 -23.24 -12.65 -13.91
C ALA B 287 -24.17 -11.97 -14.93
N ALA B 288 -25.09 -12.76 -15.55
CA ALA B 288 -26.03 -12.26 -16.54
C ALA B 288 -27.09 -11.37 -15.91
N PHE B 289 -27.56 -11.68 -14.69
CA PHE B 289 -28.59 -10.90 -13.99
C PHE B 289 -28.10 -9.48 -13.66
N ALA B 290 -26.85 -9.36 -13.24
CA ALA B 290 -26.26 -8.06 -12.90
C ALA B 290 -25.82 -7.26 -14.13
N GLY B 291 -25.32 -7.95 -15.17
CA GLY B 291 -24.77 -7.32 -16.37
C GLY B 291 -25.67 -6.99 -17.54
N GLN B 292 -26.78 -7.71 -17.73
CA GLN B 292 -27.66 -7.47 -18.87
C GLN B 292 -28.73 -6.43 -18.56
N GLY B 293 -28.78 -5.38 -19.38
CA GLY B 293 -29.71 -4.28 -19.24
C GLY B 293 -31.18 -4.62 -19.40
N VAL B 294 -31.48 -5.68 -20.16
CA VAL B 294 -32.84 -6.12 -20.42
C VAL B 294 -33.50 -6.59 -19.09
N VAL B 295 -32.69 -6.97 -18.09
CA VAL B 295 -33.19 -7.38 -16.78
C VAL B 295 -33.93 -6.19 -16.14
N ALA B 296 -33.27 -5.01 -16.05
CA ALA B 296 -33.88 -3.78 -15.52
C ALA B 296 -35.07 -3.33 -16.37
N GLU B 297 -34.97 -3.48 -17.70
CA GLU B 297 -36.03 -3.14 -18.66
C GLU B 297 -37.30 -3.98 -18.43
N THR B 298 -37.14 -5.28 -18.14
CA THR B 298 -38.22 -6.24 -17.90
C THR B 298 -38.82 -6.06 -16.49
N LEU B 299 -37.98 -5.75 -15.47
CA LEU B 299 -38.44 -5.51 -14.10
C LEU B 299 -39.28 -4.23 -14.05
N ASN B 300 -38.92 -3.25 -14.90
CA ASN B 300 -39.60 -1.97 -15.03
C ASN B 300 -41.04 -2.14 -15.59
N LEU B 301 -41.33 -3.28 -16.24
CA LEU B 301 -42.65 -3.61 -16.80
C LEU B 301 -43.59 -4.27 -15.79
N ALA B 302 -43.04 -4.81 -14.69
CA ALA B 302 -43.73 -5.61 -13.67
C ALA B 302 -45.07 -5.04 -13.15
N LEU B 303 -45.20 -3.72 -13.01
CA LEU B 303 -46.45 -3.13 -12.47
C LEU B 303 -47.19 -2.26 -13.46
N LEU B 304 -46.72 -2.15 -14.72
CA LEU B 304 -47.38 -1.36 -15.76
C LEU B 304 -48.71 -2.01 -16.21
N ARG B 305 -49.73 -1.21 -16.50
CA ARG B 305 -51.07 -1.68 -16.92
C ARG B 305 -51.02 -2.62 -18.14
N GLY B 306 -50.21 -2.28 -19.14
CA GLY B 306 -50.12 -3.08 -20.36
C GLY B 306 -49.10 -4.19 -20.37
N TYR B 307 -48.39 -4.41 -19.24
CA TYR B 307 -47.33 -5.43 -19.22
C TYR B 307 -47.33 -6.31 -18.00
N ARG B 308 -47.97 -5.87 -16.90
CA ARG B 308 -47.99 -6.60 -15.65
C ARG B 308 -48.59 -8.01 -15.79
N THR B 309 -47.94 -8.98 -15.12
CA THR B 309 -48.32 -10.40 -15.13
C THR B 309 -48.62 -10.88 -13.70
N GLY B 310 -48.83 -9.92 -12.80
CA GLY B 310 -49.14 -10.17 -11.39
C GLY B 310 -47.99 -10.72 -10.59
N GLY B 311 -46.77 -10.35 -10.97
CA GLY B 311 -45.56 -10.77 -10.28
C GLY B 311 -44.88 -12.01 -10.84
N THR B 312 -43.56 -11.90 -11.02
CA THR B 312 -42.71 -12.99 -11.50
C THR B 312 -41.93 -13.59 -10.33
N ILE B 313 -41.73 -14.92 -10.36
CA ILE B 313 -40.88 -15.62 -9.39
C ILE B 313 -39.52 -15.72 -10.05
N HIS B 314 -38.54 -15.01 -9.51
CA HIS B 314 -37.17 -15.04 -10.02
C HIS B 314 -36.31 -15.97 -9.19
N ILE B 315 -35.57 -16.85 -9.86
CA ILE B 315 -34.60 -17.74 -9.22
C ILE B 315 -33.25 -17.43 -9.85
N VAL B 316 -32.29 -16.99 -9.05
CA VAL B 316 -30.93 -16.76 -9.51
C VAL B 316 -30.06 -17.95 -9.05
N VAL B 317 -29.50 -18.71 -10.01
CA VAL B 317 -28.57 -19.81 -9.76
C VAL B 317 -27.21 -19.13 -9.61
N ASN B 318 -26.94 -18.66 -8.38
CA ASN B 318 -25.75 -17.88 -8.06
C ASN B 318 -24.61 -18.78 -7.64
N ASN B 319 -23.87 -19.29 -8.64
CA ASN B 319 -22.72 -20.18 -8.43
C ASN B 319 -21.42 -19.36 -8.24
N GLN B 320 -21.56 -18.05 -7.97
CA GLN B 320 -20.49 -17.10 -7.64
C GLN B 320 -19.37 -17.08 -8.69
N ILE B 321 -19.75 -17.26 -9.96
CA ILE B 321 -18.84 -17.32 -11.12
C ILE B 321 -19.60 -17.07 -12.42
N GLY B 322 -18.90 -16.50 -13.38
CA GLY B 322 -19.37 -16.24 -14.74
C GLY B 322 -18.26 -16.69 -15.68
N PHE B 323 -18.27 -18.00 -16.04
CA PHE B 323 -17.24 -18.67 -16.86
C PHE B 323 -15.87 -18.56 -16.09
N THR B 324 -15.00 -17.61 -16.45
CA THR B 324 -13.70 -17.41 -15.76
C THR B 324 -13.71 -16.09 -14.99
N THR B 325 -14.83 -15.35 -15.04
CA THR B 325 -14.94 -14.03 -14.41
C THR B 325 -15.48 -14.16 -12.98
N ALA B 326 -14.74 -13.58 -12.04
CA ALA B 326 -15.10 -13.52 -10.63
C ALA B 326 -16.20 -12.46 -10.43
N PRO B 327 -17.12 -12.61 -9.44
CA PRO B 327 -18.19 -11.61 -9.22
C PRO B 327 -17.69 -10.16 -9.06
N THR B 328 -16.46 -9.96 -8.52
CA THR B 328 -15.83 -8.64 -8.33
C THR B 328 -15.69 -7.88 -9.68
N ASP B 329 -15.57 -8.60 -10.82
CA ASP B 329 -15.47 -7.98 -12.14
C ASP B 329 -16.79 -8.06 -12.90
N SER B 330 -17.82 -8.69 -12.30
CA SER B 330 -19.13 -8.85 -12.93
C SER B 330 -20.17 -7.81 -12.48
N ARG B 331 -19.99 -7.21 -11.28
CA ARG B 331 -20.94 -6.23 -10.72
C ARG B 331 -20.30 -5.28 -9.70
N SER B 332 -20.93 -4.11 -9.53
CA SER B 332 -20.56 -3.04 -8.60
C SER B 332 -21.45 -3.05 -7.35
N SER B 333 -22.24 -4.11 -7.17
CA SER B 333 -23.16 -4.25 -6.04
C SER B 333 -22.84 -5.47 -5.19
N GLU B 334 -23.30 -5.46 -3.91
CA GLU B 334 -23.11 -6.53 -2.94
C GLU B 334 -23.71 -7.84 -3.46
N TYR B 335 -24.97 -7.79 -3.92
CA TYR B 335 -25.69 -8.94 -4.46
C TYR B 335 -25.96 -8.78 -5.92
N CYS B 336 -25.95 -9.91 -6.66
CA CYS B 336 -26.25 -9.97 -8.08
C CYS B 336 -27.73 -9.61 -8.35
N THR B 337 -28.56 -9.61 -7.29
CA THR B 337 -30.01 -9.34 -7.30
C THR B 337 -30.41 -7.90 -6.94
N ASP B 338 -29.44 -7.03 -6.59
CA ASP B 338 -29.69 -5.65 -6.13
C ASP B 338 -30.52 -4.79 -7.11
N VAL B 339 -30.53 -5.13 -8.41
CA VAL B 339 -31.29 -4.42 -9.44
C VAL B 339 -32.81 -4.61 -9.21
N ALA B 340 -33.25 -5.75 -8.63
CA ALA B 340 -34.66 -6.05 -8.37
C ALA B 340 -35.27 -5.22 -7.22
N LYS B 341 -34.44 -4.53 -6.42
CA LYS B 341 -34.91 -3.68 -5.31
C LYS B 341 -35.65 -2.43 -5.84
N MET B 342 -35.38 -2.05 -7.11
CA MET B 342 -35.98 -0.89 -7.77
C MET B 342 -37.52 -1.00 -7.92
N ILE B 343 -38.10 -2.23 -7.95
CA ILE B 343 -39.55 -2.38 -8.08
C ILE B 343 -40.14 -2.85 -6.76
N GLY B 344 -39.38 -2.65 -5.68
CA GLY B 344 -39.74 -3.03 -4.32
C GLY B 344 -39.96 -4.52 -4.15
N ALA B 345 -39.17 -5.33 -4.86
CA ALA B 345 -39.31 -6.78 -4.75
C ALA B 345 -38.58 -7.31 -3.52
N PRO B 346 -39.22 -8.19 -2.71
CA PRO B 346 -38.48 -8.81 -1.59
C PRO B 346 -37.41 -9.75 -2.15
N ILE B 347 -36.22 -9.75 -1.54
CA ILE B 347 -35.13 -10.60 -2.00
C ILE B 347 -34.74 -11.57 -0.89
N PHE B 348 -34.69 -12.85 -1.24
CA PHE B 348 -34.33 -13.93 -0.33
C PHE B 348 -33.05 -14.60 -0.81
N HIS B 349 -31.97 -14.45 -0.03
CA HIS B 349 -30.69 -15.08 -0.30
C HIS B 349 -30.71 -16.37 0.49
N VAL B 350 -30.60 -17.52 -0.19
CA VAL B 350 -30.71 -18.80 0.50
C VAL B 350 -29.48 -19.70 0.19
N ASN B 351 -29.01 -20.43 1.22
CA ASN B 351 -27.89 -21.36 1.13
C ASN B 351 -28.31 -22.57 0.31
N GLY B 352 -27.60 -22.79 -0.79
CA GLY B 352 -27.85 -23.90 -1.72
C GLY B 352 -27.59 -25.28 -1.16
N ASP B 353 -26.84 -25.39 -0.04
CA ASP B 353 -26.56 -26.66 0.63
C ASP B 353 -27.71 -27.06 1.56
N ASP B 354 -28.69 -26.16 1.78
CA ASP B 354 -29.84 -26.41 2.64
C ASP B 354 -31.09 -26.55 1.74
N PRO B 355 -31.43 -27.77 1.29
CA PRO B 355 -32.59 -27.91 0.39
C PRO B 355 -33.94 -27.62 1.05
N GLU B 356 -34.04 -27.80 2.38
CA GLU B 356 -35.28 -27.57 3.13
C GLU B 356 -35.58 -26.07 3.23
N ALA B 357 -34.53 -25.23 3.43
CA ALA B 357 -34.67 -23.78 3.48
C ALA B 357 -35.01 -23.24 2.09
N CYS B 358 -34.45 -23.88 1.04
CA CYS B 358 -34.67 -23.55 -0.36
C CYS B 358 -36.12 -23.85 -0.77
N ALA B 359 -36.66 -25.00 -0.32
CA ALA B 359 -38.05 -25.39 -0.60
C ALA B 359 -39.02 -24.47 0.14
N TRP B 360 -38.66 -24.04 1.38
CA TRP B 360 -39.47 -23.16 2.23
C TRP B 360 -39.55 -21.74 1.64
N VAL B 361 -38.40 -21.20 1.16
CA VAL B 361 -38.30 -19.87 0.55
C VAL B 361 -39.11 -19.86 -0.76
N ALA B 362 -39.03 -20.94 -1.54
CA ALA B 362 -39.77 -21.13 -2.79
C ALA B 362 -41.28 -21.02 -2.56
N ARG B 363 -41.79 -21.67 -1.49
CA ARG B 363 -43.22 -21.64 -1.14
C ARG B 363 -43.62 -20.28 -0.58
N LEU B 364 -42.70 -19.61 0.16
CA LEU B 364 -42.92 -18.27 0.71
C LEU B 364 -43.04 -17.27 -0.43
N ALA B 365 -42.18 -17.41 -1.47
CA ALA B 365 -42.12 -16.56 -2.66
C ALA B 365 -43.45 -16.60 -3.42
N VAL B 366 -43.99 -17.82 -3.66
CA VAL B 366 -45.26 -18.02 -4.38
C VAL B 366 -46.41 -17.37 -3.57
N ASP B 367 -46.42 -17.58 -2.25
CA ASP B 367 -47.42 -17.03 -1.34
C ASP B 367 -47.42 -15.50 -1.37
N PHE B 368 -46.22 -14.87 -1.44
CA PHE B 368 -46.07 -13.42 -1.51
C PHE B 368 -46.61 -12.90 -2.84
N ARG B 369 -46.26 -13.59 -3.95
CA ARG B 369 -46.71 -13.27 -5.30
C ARG B 369 -48.23 -13.31 -5.34
N GLN B 370 -48.84 -14.35 -4.75
CA GLN B 370 -50.29 -14.48 -4.71
C GLN B 370 -50.97 -13.41 -3.86
N ALA B 371 -50.34 -13.01 -2.75
CA ALA B 371 -50.92 -12.02 -1.84
C ALA B 371 -50.86 -10.59 -2.38
N PHE B 372 -49.73 -10.20 -3.02
CA PHE B 372 -49.58 -8.83 -3.44
C PHE B 372 -49.42 -8.64 -4.97
N LYS B 373 -49.44 -9.73 -5.76
CA LYS B 373 -49.31 -9.72 -7.24
C LYS B 373 -48.07 -8.91 -7.65
N LYS B 374 -46.96 -9.15 -6.93
CA LYS B 374 -45.68 -8.48 -7.09
C LYS B 374 -44.56 -9.54 -7.28
N ASP B 375 -43.47 -9.12 -7.93
CA ASP B 375 -42.27 -9.91 -8.21
C ASP B 375 -41.54 -10.27 -6.90
N VAL B 376 -40.96 -11.49 -6.85
CA VAL B 376 -40.19 -12.02 -5.72
C VAL B 376 -38.91 -12.59 -6.29
N VAL B 377 -37.77 -12.32 -5.62
CA VAL B 377 -36.48 -12.81 -6.09
C VAL B 377 -35.85 -13.75 -5.05
N ILE B 378 -35.43 -14.93 -5.53
CA ILE B 378 -34.72 -15.94 -4.75
C ILE B 378 -33.28 -16.00 -5.29
N ASP B 379 -32.30 -15.68 -4.44
CA ASP B 379 -30.86 -15.72 -4.77
C ASP B 379 -30.29 -16.98 -4.15
N MET B 380 -30.26 -18.08 -4.94
CA MET B 380 -29.74 -19.35 -4.42
C MET B 380 -28.23 -19.38 -4.53
N LEU B 381 -27.56 -19.19 -3.39
CA LEU B 381 -26.12 -19.21 -3.33
C LEU B 381 -25.65 -20.65 -3.41
N CYS B 382 -24.80 -20.93 -4.39
CA CYS B 382 -24.30 -22.28 -4.64
C CYS B 382 -22.91 -22.19 -5.26
N TYR B 383 -22.53 -23.23 -6.00
CA TYR B 383 -21.24 -23.31 -6.69
C TYR B 383 -21.38 -24.17 -7.96
N ARG B 384 -20.37 -24.10 -8.82
CA ARG B 384 -20.33 -24.85 -10.06
C ARG B 384 -19.25 -25.91 -9.90
N ARG B 385 -19.65 -27.17 -9.64
CA ARG B 385 -18.77 -28.31 -9.37
C ARG B 385 -17.66 -28.46 -10.42
N ARG B 386 -18.03 -28.43 -11.71
CA ARG B 386 -17.10 -28.56 -12.84
C ARG B 386 -16.76 -27.20 -13.43
N GLY B 387 -16.09 -27.19 -14.57
CA GLY B 387 -15.76 -25.97 -15.30
C GLY B 387 -17.03 -25.36 -15.86
N HIS B 388 -16.92 -24.21 -16.56
CA HIS B 388 -18.06 -23.51 -17.16
C HIS B 388 -18.87 -24.47 -18.03
N ASN B 389 -18.16 -25.20 -18.88
CA ASN B 389 -18.64 -26.30 -19.71
C ASN B 389 -17.94 -27.55 -19.15
N GLU B 390 -18.35 -28.74 -19.56
CA GLU B 390 -17.80 -30.00 -19.04
C GLU B 390 -16.38 -30.32 -19.57
N GLY B 391 -15.87 -29.48 -20.47
CA GLY B 391 -14.53 -29.64 -21.02
C GLY B 391 -13.54 -28.57 -20.58
N ASP B 392 -14.02 -27.58 -19.81
CA ASP B 392 -13.23 -26.46 -19.32
C ASP B 392 -12.57 -26.78 -17.97
N ASP B 393 -11.27 -26.42 -17.83
CA ASP B 393 -10.52 -26.62 -16.57
C ASP B 393 -10.59 -25.29 -15.78
N PRO B 394 -11.36 -25.25 -14.67
CA PRO B 394 -11.57 -23.97 -13.97
C PRO B 394 -10.45 -23.53 -13.02
N SER B 395 -9.55 -24.46 -12.62
CA SER B 395 -8.44 -24.17 -11.69
C SER B 395 -7.39 -23.22 -12.33
N MET B 396 -7.44 -23.04 -13.65
CA MET B 396 -6.52 -22.17 -14.37
C MET B 396 -6.71 -20.72 -13.93
N THR B 397 -7.98 -20.32 -13.75
CA THR B 397 -8.36 -18.95 -13.39
C THR B 397 -8.87 -18.83 -11.96
N GLN B 398 -9.54 -19.86 -11.40
CA GLN B 398 -10.01 -19.82 -10.00
C GLN B 398 -9.44 -21.03 -9.20
N PRO B 399 -8.11 -21.06 -8.91
CA PRO B 399 -7.56 -22.22 -8.17
C PRO B 399 -8.03 -22.32 -6.72
N TYR B 400 -8.20 -21.18 -6.02
CA TYR B 400 -8.65 -21.17 -4.62
C TYR B 400 -10.08 -21.73 -4.47
N MET B 401 -11.02 -21.25 -5.32
CA MET B 401 -12.42 -21.67 -5.30
C MET B 401 -12.53 -23.17 -5.52
N TYR B 402 -11.81 -23.71 -6.51
CA TYR B 402 -11.87 -25.11 -6.86
C TYR B 402 -11.08 -25.99 -5.92
N ASP B 403 -10.22 -25.39 -5.08
CA ASP B 403 -9.51 -26.14 -4.05
C ASP B 403 -10.50 -26.36 -2.87
N VAL B 404 -11.48 -25.44 -2.72
CA VAL B 404 -12.53 -25.46 -1.70
C VAL B 404 -13.66 -26.41 -2.13
N ILE B 405 -14.12 -26.32 -3.40
CA ILE B 405 -15.19 -27.16 -3.96
C ILE B 405 -14.81 -28.66 -3.82
N ASP B 406 -13.54 -29.01 -4.11
CA ASP B 406 -13.01 -30.37 -4.02
C ASP B 406 -13.16 -30.96 -2.58
N THR B 407 -13.22 -30.10 -1.54
CA THR B 407 -13.39 -30.56 -0.15
C THR B 407 -14.88 -30.73 0.17
N LYS B 408 -15.76 -30.08 -0.60
CA LYS B 408 -17.22 -30.11 -0.41
C LYS B 408 -17.83 -31.44 -0.84
N ARG B 409 -18.79 -31.92 -0.06
CA ARG B 409 -19.46 -33.21 -0.28
C ARG B 409 -20.63 -33.19 -1.29
N GLY B 410 -21.35 -32.09 -1.43
CA GLY B 410 -22.49 -32.05 -2.35
C GLY B 410 -23.79 -32.21 -1.60
N SER B 411 -24.77 -31.34 -1.91
CA SER B 411 -26.10 -31.26 -1.29
C SER B 411 -26.82 -32.63 -1.21
N ARG B 412 -26.66 -33.51 -2.22
CA ARG B 412 -27.30 -34.83 -2.22
C ARG B 412 -26.72 -35.74 -1.13
N LYS B 413 -25.37 -35.87 -1.07
CA LYS B 413 -24.72 -36.74 -0.08
C LYS B 413 -24.94 -36.22 1.35
N ALA B 414 -24.80 -34.90 1.58
CA ALA B 414 -25.00 -34.27 2.88
C ALA B 414 -26.46 -34.44 3.35
N TYR B 415 -27.43 -34.25 2.44
CA TYR B 415 -28.84 -34.38 2.78
C TYR B 415 -29.19 -35.84 3.07
N THR B 416 -28.58 -36.79 2.31
CA THR B 416 -28.75 -38.23 2.50
C THR B 416 -28.32 -38.61 3.93
N GLU B 417 -27.10 -38.18 4.33
CA GLU B 417 -26.50 -38.42 5.64
C GLU B 417 -27.35 -37.83 6.76
N ALA B 418 -27.91 -36.63 6.54
CA ALA B 418 -28.77 -35.94 7.51
C ALA B 418 -30.03 -36.77 7.81
N LEU B 419 -30.71 -37.29 6.75
CA LEU B 419 -31.92 -38.11 6.87
C LEU B 419 -31.62 -39.49 7.51
N ILE B 420 -30.39 -40.04 7.31
CA ILE B 420 -29.99 -41.32 7.90
C ILE B 420 -29.80 -41.09 9.41
N GLY B 421 -29.18 -39.95 9.74
CA GLY B 421 -28.93 -39.50 11.12
C GLY B 421 -30.22 -39.21 11.88
N ARG B 422 -31.24 -38.68 11.19
CA ARG B 422 -32.57 -38.38 11.73
C ARG B 422 -33.38 -39.68 11.93
N GLY B 423 -32.95 -40.76 11.26
CA GLY B 423 -33.60 -42.07 11.30
C GLY B 423 -34.74 -42.23 10.33
N ASP B 424 -34.84 -41.32 9.35
CA ASP B 424 -35.89 -41.31 8.33
C ASP B 424 -35.71 -42.47 7.36
N ILE B 425 -34.47 -42.68 6.89
CA ILE B 425 -34.10 -43.72 5.94
C ILE B 425 -32.79 -44.39 6.38
N SER B 426 -32.48 -45.56 5.78
CA SER B 426 -31.25 -46.31 6.04
C SER B 426 -30.27 -46.08 4.89
N MET B 427 -29.02 -46.56 5.04
CA MET B 427 -28.01 -46.46 4.00
C MET B 427 -28.43 -47.32 2.80
N LYS B 428 -29.05 -48.49 3.08
CA LYS B 428 -29.55 -49.42 2.05
C LYS B 428 -30.69 -48.81 1.23
N GLU B 429 -31.71 -48.19 1.90
CA GLU B 429 -32.87 -47.54 1.27
C GLU B 429 -32.44 -46.44 0.30
N ALA B 430 -31.44 -45.64 0.72
CA ALA B 430 -30.85 -44.53 -0.03
C ALA B 430 -30.08 -45.04 -1.25
N GLU B 431 -29.29 -46.11 -1.09
CA GLU B 431 -28.51 -46.73 -2.14
C GLU B 431 -29.43 -47.39 -3.17
N ASP B 432 -30.47 -48.12 -2.70
CA ASP B 432 -31.47 -48.78 -3.55
C ASP B 432 -32.26 -47.78 -4.39
N ALA B 433 -32.57 -46.58 -3.81
CA ALA B 433 -33.31 -45.50 -4.49
C ALA B 433 -32.50 -44.96 -5.66
N LEU B 434 -31.18 -44.72 -5.47
CA LEU B 434 -30.25 -44.28 -6.51
C LEU B 434 -30.10 -45.31 -7.61
N ARG B 435 -30.01 -46.62 -7.25
CA ARG B 435 -29.91 -47.73 -8.20
C ARG B 435 -31.14 -47.80 -9.11
N ASP B 436 -32.34 -47.53 -8.56
CA ASP B 436 -33.59 -47.51 -9.30
C ASP B 436 -33.61 -46.40 -10.34
N TYR B 437 -33.08 -45.21 -9.98
CA TYR B 437 -33.04 -44.09 -10.90
C TYR B 437 -31.97 -44.32 -11.97
N GLN B 438 -30.80 -44.84 -11.57
CA GLN B 438 -29.69 -45.15 -12.48
C GLN B 438 -30.08 -46.28 -13.45
N GLY B 439 -30.76 -47.30 -12.93
CA GLY B 439 -31.23 -48.44 -13.70
C GLY B 439 -32.23 -48.05 -14.77
N GLN B 440 -33.11 -47.09 -14.45
CA GLN B 440 -34.13 -46.56 -15.35
C GLN B 440 -33.49 -45.76 -16.48
N LEU B 441 -32.45 -44.96 -16.17
CA LEU B 441 -31.69 -44.14 -17.11
C LEU B 441 -30.97 -44.98 -18.17
N GLU B 442 -30.32 -46.09 -17.75
CA GLU B 442 -29.58 -47.04 -18.60
C GLU B 442 -30.53 -47.75 -19.59
N ARG B 443 -31.67 -48.24 -19.08
CA ARG B 443 -32.73 -48.93 -19.81
C ARG B 443 -33.24 -48.07 -20.98
N VAL B 444 -33.50 -46.77 -20.72
CA VAL B 444 -33.96 -45.80 -21.71
C VAL B 444 -32.82 -45.49 -22.71
N PHE B 445 -31.59 -45.32 -22.20
CA PHE B 445 -30.39 -45.06 -23.00
C PHE B 445 -30.13 -46.20 -24.00
N ASN B 446 -30.35 -47.46 -23.56
CA ASN B 446 -30.14 -48.64 -24.40
C ASN B 446 -31.14 -48.68 -25.58
N GLU B 447 -32.43 -48.35 -25.34
CA GLU B 447 -33.48 -48.32 -26.37
C GLU B 447 -33.21 -47.26 -27.44
N VAL B 448 -32.67 -46.09 -27.05
CA VAL B 448 -32.34 -44.99 -27.98
C VAL B 448 -31.18 -45.46 -28.86
N ARG B 449 -30.18 -46.13 -28.26
CA ARG B 449 -29.03 -46.69 -28.98
C ARG B 449 -29.48 -47.75 -29.99
N GLU B 450 -30.53 -48.52 -29.63
CA GLU B 450 -31.14 -49.59 -30.44
C GLU B 450 -31.86 -49.04 -31.69
N LEU B 451 -32.22 -47.75 -31.71
CA LEU B 451 -32.91 -47.11 -32.85
C LEU B 451 -31.97 -46.99 -34.05
N GLU B 452 -32.52 -47.25 -35.27
CA GLU B 452 -31.77 -47.15 -36.52
C GLU B 452 -31.41 -45.70 -36.83
N LYS B 453 -30.12 -45.46 -37.13
CA LYS B 453 -29.57 -44.15 -37.45
C LYS B 453 -29.98 -43.71 -38.87
N HIS B 454 -30.58 -42.52 -38.95
CA HIS B 454 -31.03 -41.92 -40.23
C HIS B 454 -29.87 -41.20 -40.93
N GLU B 455 -29.94 -41.10 -42.28
CA GLU B 455 -28.94 -40.38 -43.09
C GLU B 455 -28.99 -38.89 -42.78
N ILE B 456 -27.83 -38.31 -42.45
CA ILE B 456 -27.73 -36.89 -42.11
C ILE B 456 -27.73 -36.10 -43.43
N GLU B 457 -28.73 -35.22 -43.57
CA GLU B 457 -28.93 -34.38 -44.74
C GLU B 457 -28.87 -32.91 -44.35
N PRO B 458 -28.47 -31.99 -45.27
CA PRO B 458 -28.43 -30.55 -44.91
C PRO B 458 -29.80 -30.02 -44.47
N SER B 459 -29.81 -28.94 -43.65
CA SER B 459 -31.05 -28.35 -43.17
C SER B 459 -31.84 -27.77 -44.36
N GLU B 460 -33.17 -27.84 -44.27
CA GLU B 460 -34.06 -27.37 -45.33
C GLU B 460 -34.82 -26.13 -44.88
N SER B 461 -35.15 -25.26 -45.86
CA SER B 461 -35.92 -24.04 -45.69
C SER B 461 -37.31 -24.38 -45.12
N VAL B 462 -37.85 -23.53 -44.24
CA VAL B 462 -39.15 -23.77 -43.61
C VAL B 462 -40.26 -23.00 -44.33
N GLU B 463 -39.97 -22.40 -45.51
CA GLU B 463 -40.90 -21.57 -46.32
C GLU B 463 -42.25 -22.26 -46.59
N ALA B 464 -42.22 -23.51 -47.09
CA ALA B 464 -43.40 -24.30 -47.47
C ALA B 464 -44.24 -24.77 -46.27
N ASP B 465 -43.73 -24.66 -45.02
CA ASP B 465 -44.43 -25.09 -43.81
C ASP B 465 -45.75 -24.35 -43.60
N GLN B 466 -45.79 -23.07 -44.00
CA GLN B 466 -46.98 -22.23 -43.92
C GLN B 466 -47.31 -21.80 -45.34
N GLN B 467 -48.47 -22.26 -45.84
CA GLN B 467 -48.95 -22.00 -47.18
C GLN B 467 -49.89 -20.80 -47.25
N ILE B 468 -49.72 -19.93 -48.26
CA ILE B 468 -50.60 -18.77 -48.50
C ILE B 468 -52.01 -19.29 -48.85
N PRO B 469 -53.08 -18.84 -48.15
CA PRO B 469 -54.43 -19.33 -48.50
C PRO B 469 -54.90 -18.78 -49.84
N SER B 470 -55.66 -19.58 -50.60
CA SER B 470 -56.18 -19.20 -51.92
C SER B 470 -57.46 -18.37 -51.79
N LYS B 471 -57.53 -17.28 -52.58
CA LYS B 471 -58.67 -16.34 -52.71
C LYS B 471 -59.22 -15.89 -51.33
N LEU B 472 -58.37 -15.25 -50.51
CA LEU B 472 -58.76 -14.75 -49.20
C LEU B 472 -59.29 -13.31 -49.34
N ALA B 473 -60.57 -13.12 -48.97
CA ALA B 473 -61.23 -11.82 -49.04
C ALA B 473 -60.95 -10.99 -47.77
N THR B 474 -60.42 -9.77 -47.94
CA THR B 474 -60.09 -8.82 -46.87
C THR B 474 -61.01 -7.58 -46.92
N ALA B 475 -61.79 -7.41 -48.01
CA ALA B 475 -62.72 -6.30 -48.18
C ALA B 475 -63.85 -6.35 -47.13
N VAL B 476 -64.34 -5.17 -46.71
CA VAL B 476 -65.44 -5.05 -45.73
C VAL B 476 -66.62 -4.33 -46.39
N ASP B 477 -67.84 -4.46 -45.84
CA ASP B 477 -68.99 -3.77 -46.39
C ASP B 477 -68.92 -2.28 -45.99
N LYS B 478 -69.49 -1.39 -46.82
CA LYS B 478 -69.51 0.06 -46.60
C LYS B 478 -70.08 0.39 -45.22
N ALA B 479 -71.11 -0.36 -44.76
CA ALA B 479 -71.76 -0.19 -43.47
C ALA B 479 -70.76 -0.34 -42.28
N MET B 480 -69.73 -1.21 -42.44
CA MET B 480 -68.68 -1.41 -41.43
C MET B 480 -67.80 -0.16 -41.33
N LEU B 481 -67.40 0.43 -42.50
CA LEU B 481 -66.60 1.66 -42.56
C LEU B 481 -67.38 2.77 -41.85
N GLN B 482 -68.68 2.86 -42.14
CA GLN B 482 -69.60 3.84 -41.56
C GLN B 482 -69.72 3.64 -40.06
N ARG B 483 -69.74 2.37 -39.58
CA ARG B 483 -69.87 2.05 -38.16
C ARG B 483 -68.62 2.50 -37.39
N ILE B 484 -67.40 2.30 -37.97
CA ILE B 484 -66.12 2.70 -37.38
C ILE B 484 -66.05 4.26 -37.38
N GLY B 485 -66.59 4.87 -38.43
CA GLY B 485 -66.70 6.32 -38.57
C GLY B 485 -67.60 6.92 -37.51
N ASP B 486 -68.83 6.35 -37.37
CA ASP B 486 -69.85 6.75 -36.38
C ASP B 486 -69.36 6.58 -34.94
N ALA B 487 -68.51 5.56 -34.70
CA ALA B 487 -67.93 5.24 -33.40
C ALA B 487 -67.03 6.36 -32.87
N HIS B 488 -66.43 7.16 -33.77
CA HIS B 488 -65.55 8.27 -33.41
C HIS B 488 -66.35 9.47 -32.84
N LEU B 489 -67.66 9.52 -33.10
CA LEU B 489 -68.53 10.58 -32.62
C LEU B 489 -69.58 10.07 -31.62
N ALA B 490 -69.55 8.76 -31.30
CA ALA B 490 -70.45 8.16 -30.32
C ALA B 490 -69.84 8.34 -28.91
N LEU B 491 -69.66 9.62 -28.54
CA LEU B 491 -69.04 10.08 -27.29
C LEU B 491 -69.95 9.87 -26.08
N PRO B 492 -69.38 9.57 -24.88
CA PRO B 492 -70.22 9.44 -23.68
C PRO B 492 -70.86 10.76 -23.30
N GLU B 493 -71.93 10.74 -22.49
CA GLU B 493 -72.64 11.95 -22.08
C GLU B 493 -71.73 12.89 -21.29
N GLY B 494 -71.74 14.17 -21.67
CA GLY B 494 -70.95 15.23 -21.06
C GLY B 494 -69.47 15.23 -21.40
N PHE B 495 -69.03 14.37 -22.34
CA PHE B 495 -67.63 14.29 -22.76
C PHE B 495 -67.22 15.56 -23.50
N THR B 496 -66.07 16.15 -23.10
CA THR B 496 -65.54 17.35 -23.73
C THR B 496 -64.29 17.00 -24.53
N VAL B 497 -64.42 17.02 -25.85
CA VAL B 497 -63.33 16.73 -26.77
C VAL B 497 -62.45 17.96 -26.87
N HIS B 498 -61.13 17.76 -26.90
CA HIS B 498 -60.15 18.83 -27.10
C HIS B 498 -60.44 19.50 -28.47
N PRO B 499 -60.41 20.85 -28.57
CA PRO B 499 -60.77 21.53 -29.84
C PRO B 499 -59.95 21.13 -31.07
N ARG B 500 -58.72 20.62 -30.89
CA ARG B 500 -57.86 20.19 -31.99
C ARG B 500 -57.97 18.66 -32.27
N VAL B 501 -58.71 17.93 -31.41
CA VAL B 501 -58.95 16.48 -31.57
C VAL B 501 -60.30 16.28 -32.27
N ARG B 502 -61.31 17.09 -31.89
CA ARG B 502 -62.67 17.08 -32.45
C ARG B 502 -62.70 17.09 -34.01
N PRO B 503 -61.90 17.90 -34.77
CA PRO B 503 -62.00 17.85 -36.24
C PRO B 503 -61.56 16.51 -36.83
N VAL B 504 -60.67 15.78 -36.14
CA VAL B 504 -60.18 14.46 -36.56
C VAL B 504 -61.37 13.47 -36.49
N LEU B 505 -62.15 13.47 -35.39
CA LEU B 505 -63.31 12.59 -35.21
C LEU B 505 -64.38 12.85 -36.26
N GLU B 506 -64.66 14.14 -36.53
CA GLU B 506 -65.67 14.58 -37.50
C GLU B 506 -65.21 14.31 -38.94
N LYS B 507 -63.91 14.51 -39.24
CA LYS B 507 -63.35 14.22 -40.56
C LYS B 507 -63.38 12.72 -40.85
N ARG B 508 -63.22 11.88 -39.79
CA ARG B 508 -63.24 10.42 -39.89
C ARG B 508 -64.63 9.89 -40.24
N ARG B 509 -65.70 10.47 -39.64
CA ARG B 509 -67.07 10.07 -39.98
C ARG B 509 -67.35 10.47 -41.43
N GLU B 510 -66.86 11.67 -41.84
CA GLU B 510 -66.99 12.17 -43.20
C GLU B 510 -66.23 11.25 -44.18
N MET B 511 -64.99 10.85 -43.83
CA MET B 511 -64.15 9.95 -44.64
C MET B 511 -64.82 8.61 -44.87
N ALA B 512 -65.47 8.06 -43.82
CA ALA B 512 -66.15 6.76 -43.82
C ALA B 512 -67.36 6.72 -44.75
N TYR B 513 -68.02 7.86 -44.97
CA TYR B 513 -69.20 7.98 -45.82
C TYR B 513 -68.88 8.58 -47.19
N GLU B 514 -67.90 9.50 -47.27
CA GLU B 514 -67.59 10.24 -48.50
C GLU B 514 -66.30 9.83 -49.21
N GLY B 515 -65.38 9.17 -48.50
CA GLY B 515 -64.12 8.74 -49.11
C GLY B 515 -62.93 9.57 -48.68
N ARG B 516 -61.88 9.61 -49.53
CA ARG B 516 -60.61 10.33 -49.31
C ARG B 516 -60.05 10.00 -47.92
N ILE B 517 -59.96 8.68 -47.65
CA ILE B 517 -59.50 8.11 -46.38
C ILE B 517 -57.97 8.26 -46.29
N ASP B 518 -57.49 8.88 -45.19
CA ASP B 518 -56.06 9.08 -44.94
C ASP B 518 -55.46 7.80 -44.32
N TRP B 519 -54.12 7.78 -44.14
CA TRP B 519 -53.40 6.62 -43.57
C TRP B 519 -53.89 6.24 -42.15
N ALA B 520 -53.89 7.22 -41.21
CA ALA B 520 -54.28 7.03 -39.81
C ALA B 520 -55.68 6.42 -39.65
N PHE B 521 -56.65 6.84 -40.46
CA PHE B 521 -58.00 6.26 -40.38
C PHE B 521 -58.06 4.85 -41.00
N ALA B 522 -57.31 4.57 -42.09
CA ALA B 522 -57.33 3.24 -42.71
C ALA B 522 -56.80 2.17 -41.74
N GLU B 523 -55.80 2.54 -40.91
CA GLU B 523 -55.24 1.69 -39.87
C GLU B 523 -56.35 1.30 -38.88
N LEU B 524 -57.09 2.30 -38.37
CA LEU B 524 -58.16 2.09 -37.38
C LEU B 524 -59.37 1.39 -38.02
N LEU B 525 -59.56 1.56 -39.34
CA LEU B 525 -60.62 0.86 -40.07
C LEU B 525 -60.28 -0.63 -40.14
N ALA B 526 -58.98 -0.96 -40.28
CA ALA B 526 -58.51 -2.34 -40.36
C ALA B 526 -58.63 -3.01 -39.01
N LEU B 527 -58.15 -2.34 -37.93
CA LEU B 527 -58.20 -2.87 -36.57
C LEU B 527 -59.64 -2.98 -36.08
N GLY B 528 -60.43 -1.93 -36.29
CA GLY B 528 -61.84 -1.88 -35.91
C GLY B 528 -62.71 -2.96 -36.54
N SER B 529 -62.48 -3.27 -37.84
CA SER B 529 -63.24 -4.30 -38.56
C SER B 529 -62.86 -5.69 -38.05
N LEU B 530 -61.58 -5.88 -37.66
CA LEU B 530 -61.11 -7.14 -37.07
C LEU B 530 -61.75 -7.37 -35.70
N ILE B 531 -61.83 -6.32 -34.84
CA ILE B 531 -62.44 -6.36 -33.51
C ILE B 531 -63.93 -6.75 -33.67
N ALA B 532 -64.61 -6.14 -34.65
CA ALA B 532 -66.02 -6.40 -34.97
C ALA B 532 -66.22 -7.88 -35.41
N GLU B 533 -65.18 -8.49 -35.99
CA GLU B 533 -65.18 -9.88 -36.44
C GLU B 533 -64.80 -10.85 -35.30
N GLY B 534 -64.52 -10.29 -34.12
CA GLY B 534 -64.19 -11.04 -32.92
C GLY B 534 -62.72 -11.19 -32.59
N LYS B 535 -61.84 -10.42 -33.25
CA LYS B 535 -60.41 -10.54 -33.02
C LYS B 535 -59.91 -9.65 -31.88
N LEU B 536 -58.96 -10.19 -31.08
CA LEU B 536 -58.29 -9.46 -30.02
C LEU B 536 -57.17 -8.65 -30.66
N VAL B 537 -57.24 -7.31 -30.54
CA VAL B 537 -56.22 -6.44 -31.10
C VAL B 537 -55.42 -5.80 -29.96
N ARG B 538 -54.10 -6.02 -29.94
CA ARG B 538 -53.18 -5.41 -29.00
C ARG B 538 -52.24 -4.51 -29.77
N LEU B 539 -52.34 -3.21 -29.49
CA LEU B 539 -51.53 -2.17 -30.13
C LEU B 539 -50.81 -1.42 -29.04
N SER B 540 -49.48 -1.30 -29.15
CA SER B 540 -48.68 -0.60 -28.15
C SER B 540 -47.41 0.01 -28.78
N GLY B 541 -46.75 0.88 -28.03
CA GLY B 541 -45.54 1.57 -28.45
C GLY B 541 -45.44 2.91 -27.76
N GLN B 542 -44.34 3.63 -28.01
CA GLN B 542 -44.10 4.92 -27.39
C GLN B 542 -45.06 5.98 -27.95
N ASP B 543 -45.97 6.49 -27.07
CA ASP B 543 -46.98 7.51 -27.36
C ASP B 543 -47.96 7.02 -28.46
N THR B 544 -48.20 5.71 -28.51
CA THR B 544 -49.00 5.05 -29.54
C THR B 544 -50.51 5.37 -29.43
N GLN B 545 -51.04 5.59 -28.22
CA GLN B 545 -52.46 5.92 -28.02
C GLN B 545 -52.86 7.16 -28.84
N ARG B 546 -52.04 8.21 -28.80
CA ARG B 546 -52.35 9.41 -29.58
C ARG B 546 -51.65 9.33 -30.95
N GLY B 547 -50.44 8.82 -30.95
CA GLY B 547 -49.58 8.75 -32.14
C GLY B 547 -48.53 9.84 -32.05
N THR B 548 -47.27 9.50 -32.39
CA THR B 548 -46.12 10.43 -32.38
C THR B 548 -46.43 11.69 -33.22
N PHE B 549 -47.10 11.52 -34.37
CA PHE B 549 -47.41 12.60 -35.30
C PHE B 549 -48.85 13.10 -35.12
N THR B 550 -49.43 12.92 -33.90
CA THR B 550 -50.79 13.36 -33.49
C THR B 550 -51.84 12.88 -34.49
N GLN B 551 -51.69 11.65 -35.01
CA GLN B 551 -52.57 11.20 -36.08
C GLN B 551 -53.49 10.06 -35.68
N ARG B 552 -53.11 9.21 -34.70
CA ARG B 552 -53.93 8.04 -34.36
C ARG B 552 -55.18 8.40 -33.57
N HIS B 553 -55.03 8.98 -32.37
CA HIS B 553 -56.12 9.33 -31.43
C HIS B 553 -56.99 8.08 -31.17
N ALA B 554 -56.32 6.96 -30.85
CA ALA B 554 -56.96 5.68 -30.50
C ALA B 554 -57.67 5.83 -29.15
N VAL B 555 -57.15 6.73 -28.31
CA VAL B 555 -57.67 7.11 -26.99
C VAL B 555 -57.81 8.64 -27.01
N ILE B 556 -59.01 9.16 -26.70
CA ILE B 556 -59.21 10.61 -26.64
C ILE B 556 -59.46 10.98 -25.16
N VAL B 557 -58.81 12.06 -24.70
CA VAL B 557 -58.85 12.49 -23.30
C VAL B 557 -59.82 13.67 -23.13
N ASP B 558 -60.69 13.59 -22.11
CA ASP B 558 -61.66 14.65 -21.80
C ASP B 558 -60.89 15.90 -21.34
N ARG B 559 -61.07 17.02 -22.08
CA ARG B 559 -60.41 18.29 -21.83
C ARG B 559 -60.63 18.82 -20.42
N LYS B 560 -61.81 18.53 -19.82
CA LYS B 560 -62.19 19.01 -18.49
C LYS B 560 -61.84 18.05 -17.34
N THR B 561 -62.19 16.74 -17.47
CA THR B 561 -62.03 15.76 -16.40
C THR B 561 -60.80 14.85 -16.54
N GLY B 562 -60.33 14.63 -17.77
CA GLY B 562 -59.20 13.74 -18.02
C GLY B 562 -59.61 12.31 -18.31
N GLU B 563 -60.94 12.04 -18.33
CA GLU B 563 -61.53 10.73 -18.63
C GLU B 563 -61.17 10.30 -20.03
N GLU B 564 -60.85 9.01 -20.20
CA GLU B 564 -60.44 8.47 -21.48
C GLU B 564 -61.62 7.83 -22.22
N PHE B 565 -61.62 7.97 -23.56
CA PHE B 565 -62.60 7.37 -24.45
C PHE B 565 -61.88 6.70 -25.61
N THR B 566 -62.13 5.39 -25.79
CA THR B 566 -61.53 4.57 -26.84
C THR B 566 -62.63 4.24 -27.89
N PRO B 567 -62.69 4.98 -29.02
CA PRO B 567 -63.74 4.74 -30.03
C PRO B 567 -63.82 3.30 -30.59
N LEU B 568 -62.68 2.63 -30.90
CA LEU B 568 -62.69 1.27 -31.47
C LEU B 568 -63.27 0.20 -30.53
N GLN B 569 -63.29 0.46 -29.21
CA GLN B 569 -63.81 -0.49 -28.22
C GLN B 569 -65.35 -0.69 -28.37
N LEU B 570 -66.05 0.29 -29.00
CA LEU B 570 -67.49 0.21 -29.26
C LEU B 570 -67.83 -0.88 -30.29
N LEU B 571 -66.81 -1.30 -31.08
CA LEU B 571 -66.95 -2.31 -32.12
C LEU B 571 -66.87 -3.73 -31.58
N ALA B 572 -66.45 -3.89 -30.29
CA ALA B 572 -66.40 -5.17 -29.60
C ALA B 572 -67.84 -5.62 -29.23
N THR B 573 -68.84 -4.75 -29.45
CA THR B 573 -70.25 -5.00 -29.19
C THR B 573 -71.03 -4.88 -30.51
N ASN B 574 -71.89 -5.87 -30.80
CA ASN B 574 -72.74 -5.89 -31.99
C ASN B 574 -73.92 -4.89 -31.79
N PRO B 575 -74.63 -4.44 -32.84
CA PRO B 575 -75.74 -3.48 -32.63
C PRO B 575 -76.89 -3.98 -31.73
N ASP B 576 -77.05 -5.32 -31.58
CA ASP B 576 -78.09 -5.91 -30.72
C ASP B 576 -77.65 -5.95 -29.23
N GLY B 577 -76.37 -5.68 -28.97
CA GLY B 577 -75.81 -5.64 -27.63
C GLY B 577 -74.88 -6.80 -27.26
N THR B 578 -74.85 -7.85 -28.10
CA THR B 578 -74.04 -9.05 -27.89
C THR B 578 -72.55 -8.77 -28.15
N PRO B 579 -71.62 -9.35 -27.34
CA PRO B 579 -70.19 -9.13 -27.62
C PRO B 579 -69.72 -9.89 -28.86
N THR B 580 -68.81 -9.30 -29.63
CA THR B 580 -68.27 -9.90 -30.85
C THR B 580 -67.21 -10.95 -30.52
N GLY B 581 -66.62 -10.81 -29.33
CA GLY B 581 -65.54 -11.66 -28.84
C GLY B 581 -64.22 -10.93 -28.91
N GLY B 582 -64.19 -9.87 -29.71
CA GLY B 582 -63.03 -9.01 -29.92
C GLY B 582 -62.83 -8.01 -28.81
N LYS B 583 -61.63 -7.39 -28.78
CA LYS B 583 -61.23 -6.41 -27.79
C LYS B 583 -60.07 -5.56 -28.32
N PHE B 584 -60.07 -4.26 -27.96
CA PHE B 584 -59.00 -3.35 -28.35
C PHE B 584 -58.16 -3.00 -27.13
N LEU B 585 -56.90 -3.47 -27.14
CA LEU B 585 -55.97 -3.22 -26.08
C LEU B 585 -54.90 -2.28 -26.62
N VAL B 586 -55.01 -0.99 -26.27
CA VAL B 586 -54.06 0.00 -26.78
C VAL B 586 -53.33 0.67 -25.59
N TYR B 587 -52.00 0.67 -25.64
CA TYR B 587 -51.20 1.21 -24.55
C TYR B 587 -50.07 2.08 -25.03
N ASN B 588 -49.62 2.96 -24.14
CA ASN B 588 -48.40 3.76 -24.27
C ASN B 588 -47.34 2.91 -23.58
N SER B 589 -46.28 2.54 -24.30
CA SER B 589 -45.25 1.68 -23.72
C SER B 589 -44.30 2.48 -22.83
N ALA B 590 -43.36 1.78 -22.15
CA ALA B 590 -42.29 2.41 -21.39
C ALA B 590 -41.23 2.88 -22.40
N LEU B 591 -40.25 3.69 -21.98
CA LEU B 591 -39.26 4.13 -22.96
C LEU B 591 -38.21 3.04 -23.13
N SER B 592 -38.65 1.93 -23.71
CA SER B 592 -37.87 0.73 -24.01
C SER B 592 -38.15 0.25 -25.41
N GLU B 593 -37.18 -0.45 -25.99
CA GLU B 593 -37.32 -1.06 -27.30
C GLU B 593 -37.11 -2.55 -27.12
N PHE B 594 -35.97 -2.94 -26.50
CA PHE B 594 -35.59 -4.34 -26.24
C PHE B 594 -36.73 -5.09 -25.54
N ALA B 595 -37.15 -4.64 -24.34
CA ALA B 595 -38.20 -5.28 -23.55
C ALA B 595 -39.59 -5.23 -24.22
N ALA B 596 -39.97 -4.07 -24.77
CA ALA B 596 -41.27 -3.86 -25.43
C ALA B 596 -41.43 -4.75 -26.67
N VAL B 597 -40.38 -4.84 -27.52
CA VAL B 597 -40.42 -5.70 -28.74
C VAL B 597 -40.42 -7.17 -28.31
N GLY B 598 -39.57 -7.51 -27.32
CA GLY B 598 -39.50 -8.85 -26.74
C GLY B 598 -40.85 -9.30 -26.21
N PHE B 599 -41.52 -8.42 -25.45
CA PHE B 599 -42.85 -8.64 -24.86
C PHE B 599 -43.92 -8.90 -25.94
N GLU B 600 -43.94 -8.08 -27.02
CA GLU B 600 -44.95 -8.20 -28.07
C GLU B 600 -44.75 -9.44 -28.88
N TYR B 601 -43.48 -9.85 -29.10
CA TYR B 601 -43.15 -11.10 -29.76
C TYR B 601 -43.70 -12.24 -28.91
N GLY B 602 -43.38 -12.26 -27.61
CA GLY B 602 -43.87 -13.26 -26.66
C GLY B 602 -45.39 -13.30 -26.62
N TYR B 603 -46.06 -12.12 -26.61
CA TYR B 603 -47.52 -12.02 -26.62
C TYR B 603 -48.11 -12.76 -27.85
N SER B 604 -47.55 -12.49 -29.04
CA SER B 604 -47.99 -13.09 -30.31
C SER B 604 -47.84 -14.62 -30.30
N VAL B 605 -46.80 -15.15 -29.62
CA VAL B 605 -46.55 -16.59 -29.48
C VAL B 605 -47.57 -17.17 -28.46
N GLY B 606 -47.80 -16.44 -27.36
CA GLY B 606 -48.72 -16.80 -26.29
C GLY B 606 -50.17 -16.92 -26.74
N ASN B 607 -50.60 -16.00 -27.63
CA ASN B 607 -51.93 -15.98 -28.23
C ASN B 607 -51.77 -15.81 -29.75
N PRO B 608 -51.74 -16.93 -30.51
CA PRO B 608 -51.57 -16.83 -31.98
C PRO B 608 -52.79 -16.25 -32.72
N ASP B 609 -53.96 -16.23 -32.07
CA ASP B 609 -55.20 -15.72 -32.67
C ASP B 609 -55.37 -14.20 -32.42
N ALA B 610 -54.39 -13.57 -31.77
CA ALA B 610 -54.42 -12.14 -31.50
C ALA B 610 -53.70 -11.36 -32.60
N MET B 611 -54.15 -10.13 -32.82
CA MET B 611 -53.55 -9.17 -33.74
C MET B 611 -52.63 -8.34 -32.85
N VAL B 612 -51.32 -8.59 -32.91
CA VAL B 612 -50.34 -7.92 -32.04
C VAL B 612 -49.48 -6.99 -32.86
N LEU B 613 -49.56 -5.69 -32.52
CA LEU B 613 -48.84 -4.63 -33.21
C LEU B 613 -48.00 -3.82 -32.23
N TRP B 614 -46.71 -3.65 -32.55
CA TRP B 614 -45.79 -2.81 -31.79
C TRP B 614 -45.31 -1.72 -32.70
N GLU B 615 -45.41 -0.47 -32.23
CA GLU B 615 -45.00 0.68 -33.01
C GLU B 615 -43.79 1.38 -32.42
N ALA B 616 -42.76 1.60 -33.28
CA ALA B 616 -41.58 2.37 -32.90
C ALA B 616 -41.94 3.84 -33.01
N GLN B 617 -41.36 4.73 -32.15
CA GLN B 617 -41.58 6.17 -32.23
C GLN B 617 -41.16 6.61 -33.63
N PHE B 618 -39.95 6.17 -34.04
CA PHE B 618 -39.29 6.28 -35.34
C PHE B 618 -38.59 4.96 -35.54
N GLY B 619 -38.59 4.45 -36.76
CA GLY B 619 -37.96 3.16 -37.09
C GLY B 619 -36.48 3.08 -36.73
N ASP B 620 -35.85 4.25 -36.55
CA ASP B 620 -34.44 4.40 -36.21
C ASP B 620 -34.11 3.87 -34.79
N PHE B 621 -35.14 3.62 -33.95
CA PHE B 621 -34.92 3.13 -32.59
C PHE B 621 -35.09 1.62 -32.45
N VAL B 622 -35.52 0.92 -33.53
CA VAL B 622 -35.73 -0.53 -33.50
C VAL B 622 -34.40 -1.27 -33.34
N ASN B 623 -33.25 -0.64 -33.68
CA ASN B 623 -31.93 -1.26 -33.50
C ASN B 623 -31.60 -1.45 -31.99
N GLY B 624 -32.38 -0.81 -31.10
CA GLY B 624 -32.29 -0.99 -29.65
C GLY B 624 -32.85 -2.33 -29.23
N ALA B 625 -33.62 -2.97 -30.14
CA ALA B 625 -34.23 -4.30 -29.99
C ALA B 625 -33.60 -5.31 -30.96
N GLN B 626 -32.40 -4.98 -31.50
CA GLN B 626 -31.73 -5.83 -32.47
C GLN B 626 -31.73 -7.32 -32.12
N SER B 627 -31.37 -7.66 -30.87
CA SER B 627 -31.32 -9.04 -30.36
C SER B 627 -32.66 -9.75 -30.52
N ILE B 628 -33.80 -9.05 -30.28
CA ILE B 628 -35.12 -9.67 -30.45
C ILE B 628 -35.38 -9.92 -31.95
N ILE B 629 -35.05 -8.95 -32.82
CA ILE B 629 -35.23 -9.07 -34.26
C ILE B 629 -34.40 -10.25 -34.78
N ASP B 630 -33.10 -10.29 -34.45
CA ASP B 630 -32.17 -11.33 -34.90
C ASP B 630 -32.44 -12.69 -34.30
N GLU B 631 -32.64 -12.78 -32.98
CA GLU B 631 -32.73 -14.05 -32.28
C GLU B 631 -34.15 -14.62 -32.11
N PHE B 632 -35.21 -13.81 -32.28
CA PHE B 632 -36.57 -14.31 -32.09
C PHE B 632 -37.46 -14.12 -33.32
N ILE B 633 -37.70 -12.87 -33.73
CA ILE B 633 -38.59 -12.51 -34.82
C ILE B 633 -38.18 -13.12 -36.17
N SER B 634 -36.93 -12.93 -36.61
CA SER B 634 -36.49 -13.39 -37.92
C SER B 634 -36.10 -14.87 -38.00
N SER B 635 -35.72 -15.51 -36.87
CA SER B 635 -35.19 -16.87 -36.92
C SER B 635 -35.84 -17.89 -35.97
N GLY B 636 -36.81 -17.48 -35.15
CA GLY B 636 -37.48 -18.36 -34.20
C GLY B 636 -38.17 -19.58 -34.78
N GLU B 637 -38.75 -19.47 -35.99
CA GLU B 637 -39.45 -20.58 -36.66
C GLU B 637 -38.45 -21.65 -37.12
N ALA B 638 -37.37 -21.23 -37.82
CA ALA B 638 -36.33 -22.14 -38.33
C ALA B 638 -35.59 -22.85 -37.20
N LYS B 639 -35.31 -22.11 -36.10
CA LYS B 639 -34.54 -22.62 -34.96
C LYS B 639 -35.34 -23.52 -34.03
N TRP B 640 -36.58 -23.16 -33.68
CA TRP B 640 -37.32 -23.92 -32.67
C TRP B 640 -38.74 -24.36 -33.07
N GLY B 641 -39.21 -23.93 -34.24
CA GLY B 641 -40.58 -24.22 -34.67
C GLY B 641 -41.58 -23.34 -33.94
N GLN B 642 -41.08 -22.24 -33.34
CA GLN B 642 -41.85 -21.27 -32.59
C GLN B 642 -42.39 -20.22 -33.56
N LEU B 643 -43.73 -20.14 -33.63
CA LEU B 643 -44.42 -19.28 -34.58
C LEU B 643 -44.94 -18.00 -33.92
N SER B 644 -44.63 -16.86 -34.54
CA SER B 644 -45.05 -15.53 -34.09
C SER B 644 -45.61 -14.74 -35.25
N ASP B 645 -46.70 -13.99 -35.03
CA ASP B 645 -47.28 -13.15 -36.08
C ASP B 645 -47.21 -11.70 -35.65
N VAL B 646 -46.14 -11.38 -34.90
CA VAL B 646 -45.91 -10.03 -34.40
C VAL B 646 -45.81 -9.05 -35.58
N VAL B 647 -46.38 -7.84 -35.40
CA VAL B 647 -46.34 -6.77 -36.38
C VAL B 647 -45.44 -5.67 -35.83
N LEU B 648 -44.43 -5.28 -36.61
CA LEU B 648 -43.56 -4.17 -36.27
C LEU B 648 -43.87 -3.01 -37.19
N LEU B 649 -44.35 -1.90 -36.62
CA LEU B 649 -44.67 -0.66 -37.36
C LEU B 649 -43.50 0.27 -37.19
N LEU B 650 -42.83 0.63 -38.30
CA LEU B 650 -41.62 1.43 -38.24
C LEU B 650 -41.72 2.72 -39.07
N PRO B 651 -41.95 3.89 -38.42
CA PRO B 651 -42.03 5.16 -39.18
C PRO B 651 -40.70 5.42 -39.88
N HIS B 652 -40.79 5.52 -41.22
CA HIS B 652 -39.66 5.62 -42.15
C HIS B 652 -39.91 6.67 -43.23
N GLY B 653 -38.83 7.35 -43.63
CA GLY B 653 -38.89 8.36 -44.67
C GLY B 653 -37.91 9.51 -44.50
N HIS B 654 -37.30 9.95 -45.62
CA HIS B 654 -36.34 11.05 -45.66
C HIS B 654 -37.12 12.36 -45.71
N GLU B 655 -37.07 13.14 -44.60
CA GLU B 655 -37.83 14.39 -44.47
C GLU B 655 -37.00 15.58 -43.93
N GLY B 656 -35.71 15.37 -43.71
CA GLY B 656 -34.82 16.40 -43.17
C GLY B 656 -34.81 16.52 -41.67
N GLN B 657 -35.28 15.48 -40.94
CA GLN B 657 -35.34 15.47 -39.48
C GLN B 657 -34.08 14.87 -38.81
N GLY B 658 -33.05 14.54 -39.58
CA GLY B 658 -31.80 14.00 -39.05
C GLY B 658 -31.59 12.52 -39.22
N PRO B 659 -30.35 12.02 -38.97
CA PRO B 659 -30.05 10.59 -39.17
C PRO B 659 -30.81 9.62 -38.24
N ASP B 660 -31.41 10.10 -37.13
CA ASP B 660 -32.15 9.25 -36.18
C ASP B 660 -33.67 9.46 -36.28
N HIS B 661 -34.12 10.17 -37.31
CA HIS B 661 -35.54 10.40 -37.57
C HIS B 661 -35.80 10.23 -39.06
N THR B 662 -35.16 9.22 -39.67
CA THR B 662 -35.20 9.01 -41.11
C THR B 662 -35.40 7.53 -41.54
N SER B 663 -34.60 6.58 -41.00
CA SER B 663 -34.64 5.20 -41.49
C SER B 663 -34.92 4.11 -40.45
N GLY B 664 -35.76 3.16 -40.87
CA GLY B 664 -36.11 1.96 -40.12
C GLY B 664 -35.19 0.79 -40.49
N ARG B 665 -34.16 1.08 -41.32
CA ARG B 665 -33.11 0.18 -41.82
C ARG B 665 -33.74 -1.02 -42.60
N ILE B 666 -34.40 -0.68 -43.74
CA ILE B 666 -35.05 -1.63 -44.66
C ILE B 666 -34.05 -2.72 -45.08
N GLU B 667 -32.83 -2.28 -45.48
CA GLU B 667 -31.70 -3.11 -45.92
C GLU B 667 -31.38 -4.22 -44.92
N ARG B 668 -31.46 -3.94 -43.60
CA ARG B 668 -31.18 -4.90 -42.54
C ARG B 668 -32.26 -5.98 -42.46
N PHE B 669 -33.55 -5.59 -42.51
CA PHE B 669 -34.67 -6.54 -42.48
C PHE B 669 -34.67 -7.41 -43.74
N LEU B 670 -34.28 -6.84 -44.90
CA LEU B 670 -34.20 -7.53 -46.18
C LEU B 670 -33.06 -8.55 -46.17
N GLN B 671 -31.97 -8.20 -45.47
CA GLN B 671 -30.79 -9.05 -45.28
C GLN B 671 -31.14 -10.25 -44.41
N LEU B 672 -31.90 -10.03 -43.32
CA LEU B 672 -32.34 -11.06 -42.38
C LEU B 672 -33.38 -12.00 -42.99
N TRP B 673 -34.17 -11.50 -43.97
CA TRP B 673 -35.19 -12.27 -44.66
C TRP B 673 -34.60 -13.46 -45.41
N ALA B 674 -35.20 -14.62 -45.19
CA ALA B 674 -34.90 -15.90 -45.85
C ALA B 674 -35.98 -16.89 -45.50
N GLU B 675 -36.16 -17.93 -46.34
CA GLU B 675 -37.12 -19.03 -46.13
C GLU B 675 -38.55 -18.53 -45.82
N GLY B 676 -38.95 -17.44 -46.47
CA GLY B 676 -40.25 -16.82 -46.25
C GLY B 676 -40.65 -16.64 -44.80
N SER B 677 -39.68 -16.24 -43.94
CA SER B 677 -39.87 -16.08 -42.49
C SER B 677 -40.81 -14.95 -42.13
N MET B 678 -40.72 -13.82 -42.86
CA MET B 678 -41.53 -12.61 -42.59
C MET B 678 -42.08 -11.98 -43.86
N THR B 679 -43.03 -11.06 -43.69
CA THR B 679 -43.57 -10.20 -44.74
C THR B 679 -42.99 -8.82 -44.46
N ILE B 680 -42.35 -8.21 -45.46
CA ILE B 680 -41.76 -6.88 -45.34
C ILE B 680 -42.45 -6.02 -46.37
N ALA B 681 -43.13 -4.97 -45.90
CA ALA B 681 -43.90 -4.08 -46.75
C ALA B 681 -43.63 -2.61 -46.46
N MET B 682 -43.82 -1.78 -47.48
CA MET B 682 -43.73 -0.33 -47.43
C MET B 682 -44.89 0.20 -48.31
N PRO B 683 -46.13 0.21 -47.76
CA PRO B 683 -47.27 0.64 -48.58
C PRO B 683 -47.27 2.14 -48.81
N SER B 684 -47.79 2.56 -49.99
CA SER B 684 -47.85 3.96 -50.39
C SER B 684 -49.25 4.55 -50.28
N THR B 685 -50.28 3.70 -50.11
CA THR B 685 -51.65 4.18 -50.01
C THR B 685 -52.31 3.66 -48.73
N PRO B 686 -53.25 4.42 -48.15
CA PRO B 686 -53.96 3.96 -46.94
C PRO B 686 -54.72 2.64 -47.14
N ALA B 687 -55.42 2.48 -48.29
CA ALA B 687 -56.20 1.28 -48.63
C ALA B 687 -55.36 0.02 -48.67
N ASN B 688 -54.13 0.14 -49.18
CA ASN B 688 -53.23 -1.00 -49.27
C ASN B 688 -52.77 -1.45 -47.88
N TYR B 689 -52.51 -0.49 -47.00
CA TYR B 689 -52.11 -0.74 -45.62
C TYR B 689 -53.23 -1.44 -44.85
N PHE B 690 -54.48 -1.00 -45.04
CA PHE B 690 -55.70 -1.59 -44.47
C PHE B 690 -55.78 -3.09 -44.83
N HIS B 691 -55.62 -3.41 -46.13
CA HIS B 691 -55.69 -4.78 -46.64
C HIS B 691 -54.49 -5.60 -46.20
N LEU B 692 -53.30 -4.97 -46.07
CA LEU B 692 -52.09 -5.64 -45.58
C LEU B 692 -52.32 -6.12 -44.14
N LEU B 693 -52.87 -5.22 -43.29
CA LEU B 693 -53.19 -5.50 -41.89
C LEU B 693 -54.32 -6.53 -41.78
N ARG B 694 -55.38 -6.39 -42.60
CA ARG B 694 -56.50 -7.34 -42.55
C ARG B 694 -56.09 -8.71 -43.09
N ARG B 695 -55.19 -8.77 -44.10
CA ARG B 695 -54.69 -10.04 -44.63
C ARG B 695 -53.91 -10.75 -43.55
N HIS B 696 -52.98 -10.03 -42.88
CA HIS B 696 -52.15 -10.56 -41.80
C HIS B 696 -52.99 -11.16 -40.67
N GLY B 697 -54.07 -10.49 -40.30
CA GLY B 697 -54.96 -10.97 -39.25
C GLY B 697 -55.94 -12.05 -39.66
N LYS B 698 -56.08 -12.34 -40.97
CA LYS B 698 -57.04 -13.34 -41.44
C LYS B 698 -56.44 -14.53 -42.21
N ASP B 699 -55.23 -14.40 -42.81
CA ASP B 699 -54.62 -15.42 -43.67
C ASP B 699 -54.18 -16.72 -42.93
N GLY B 700 -53.99 -16.64 -41.61
CA GLY B 700 -53.57 -17.79 -40.80
C GLY B 700 -52.09 -18.14 -40.86
N ILE B 701 -51.27 -17.28 -41.49
CA ILE B 701 -49.82 -17.44 -41.63
C ILE B 701 -49.24 -16.92 -40.33
N GLN B 702 -48.72 -17.82 -39.50
CA GLN B 702 -48.19 -17.42 -38.19
C GLN B 702 -46.72 -17.02 -38.33
N ARG B 703 -46.50 -15.90 -39.05
CA ARG B 703 -45.20 -15.31 -39.41
C ARG B 703 -45.24 -13.81 -39.20
N PRO B 704 -44.10 -13.18 -38.77
CA PRO B 704 -44.14 -11.74 -38.48
C PRO B 704 -44.32 -10.86 -39.72
N LEU B 705 -44.78 -9.62 -39.49
CA LEU B 705 -45.00 -8.59 -40.51
C LEU B 705 -44.24 -7.33 -40.15
N ILE B 706 -43.38 -6.87 -41.07
CA ILE B 706 -42.57 -5.66 -40.89
C ILE B 706 -43.16 -4.58 -41.81
N VAL B 707 -43.69 -3.49 -41.22
CA VAL B 707 -44.32 -2.41 -41.98
C VAL B 707 -43.55 -1.13 -41.80
N PHE B 708 -43.00 -0.59 -42.90
CA PHE B 708 -42.33 0.70 -42.92
C PHE B 708 -43.43 1.72 -43.18
N THR B 709 -43.82 2.42 -42.10
CA THR B 709 -44.96 3.34 -42.06
C THR B 709 -44.53 4.80 -42.32
N PRO B 710 -45.48 5.68 -42.76
CA PRO B 710 -45.11 7.07 -43.10
C PRO B 710 -45.23 8.07 -41.96
N LYS B 711 -44.66 9.27 -42.20
CA LYS B 711 -44.66 10.38 -41.25
C LYS B 711 -45.36 11.58 -41.92
N SER B 712 -44.68 12.28 -42.86
CA SER B 712 -45.30 13.41 -43.58
C SER B 712 -46.43 12.92 -44.52
N MET B 713 -46.26 11.71 -45.10
CA MET B 713 -47.22 11.08 -46.02
C MET B 713 -48.59 10.86 -45.33
N LEU B 714 -48.64 10.86 -43.96
CA LEU B 714 -49.87 10.74 -43.19
C LEU B 714 -50.85 11.89 -43.52
N ARG B 715 -50.28 13.10 -43.80
CA ARG B 715 -51.04 14.31 -44.09
C ARG B 715 -50.96 14.74 -45.57
N ASN B 716 -50.45 13.86 -46.46
CA ASN B 716 -50.40 14.14 -47.89
C ASN B 716 -51.80 14.01 -48.47
N LYS B 717 -52.29 15.08 -49.13
CA LYS B 717 -53.62 15.15 -49.75
C LYS B 717 -53.76 14.17 -50.92
N ALA B 718 -52.63 13.76 -51.53
CA ALA B 718 -52.62 12.80 -52.64
C ALA B 718 -52.63 11.34 -52.11
N ALA B 719 -52.04 11.11 -50.92
CA ALA B 719 -51.98 9.80 -50.28
C ALA B 719 -53.29 9.47 -49.54
N VAL B 720 -54.42 9.45 -50.28
CA VAL B 720 -55.77 9.15 -49.78
C VAL B 720 -56.41 8.07 -50.66
N SER B 721 -57.42 7.35 -50.10
CA SER B 721 -58.08 6.26 -50.82
C SER B 721 -59.59 6.38 -50.84
N ASP B 722 -60.22 5.75 -51.84
CA ASP B 722 -61.67 5.75 -52.02
C ASP B 722 -62.30 4.57 -51.30
N ILE B 723 -63.59 4.66 -50.98
CA ILE B 723 -64.39 3.63 -50.29
C ILE B 723 -64.31 2.28 -51.05
N ARG B 724 -64.39 2.32 -52.40
CA ARG B 724 -64.34 1.15 -53.29
C ARG B 724 -63.05 0.34 -53.09
N ASP B 725 -61.94 0.99 -52.75
CA ASP B 725 -60.66 0.33 -52.50
C ASP B 725 -60.70 -0.50 -51.19
N PHE B 726 -61.62 -0.18 -50.27
CA PHE B 726 -61.81 -0.88 -49.00
C PHE B 726 -62.90 -1.95 -49.08
N THR B 727 -63.90 -1.74 -49.95
CA THR B 727 -65.08 -2.60 -50.11
C THR B 727 -65.02 -3.57 -51.28
N GLU B 728 -64.29 -3.26 -52.37
CA GLU B 728 -64.27 -4.13 -53.55
C GLU B 728 -62.86 -4.51 -54.01
N SER B 729 -61.83 -4.05 -53.30
CA SER B 729 -60.45 -4.38 -53.67
C SER B 729 -59.79 -5.34 -52.62
N LYS B 730 -58.51 -5.69 -52.86
CA LYS B 730 -57.64 -6.54 -52.03
C LYS B 730 -56.24 -5.91 -52.02
N PHE B 731 -55.29 -6.49 -51.28
CA PHE B 731 -53.92 -5.98 -51.21
C PHE B 731 -53.26 -6.08 -52.59
N ARG B 732 -52.58 -5.02 -53.01
CA ARG B 732 -51.88 -5.02 -54.30
C ARG B 732 -50.40 -4.79 -54.01
N SER B 733 -49.58 -5.84 -54.23
CA SER B 733 -48.14 -5.84 -53.96
C SER B 733 -47.37 -4.98 -54.95
N VAL B 734 -47.89 -4.85 -56.17
CA VAL B 734 -47.31 -4.03 -57.23
C VAL B 734 -48.38 -3.00 -57.66
N LEU B 735 -48.06 -1.71 -57.57
CA LEU B 735 -49.02 -0.67 -57.95
C LEU B 735 -48.56 0.14 -59.15
N GLU B 736 -49.51 0.39 -60.07
CA GLU B 736 -49.33 1.24 -61.24
C GLU B 736 -49.87 2.62 -60.91
N GLU B 737 -49.55 3.62 -61.75
CA GLU B 737 -50.08 4.98 -61.62
C GLU B 737 -51.57 4.96 -61.98
N PRO B 738 -52.46 5.62 -61.18
CA PRO B 738 -53.90 5.63 -61.51
C PRO B 738 -54.25 6.05 -62.94
N MET B 739 -53.41 6.89 -63.59
CA MET B 739 -53.64 7.37 -64.97
C MET B 739 -53.68 6.22 -66.00
N TYR B 740 -53.04 5.08 -65.70
CA TYR B 740 -53.02 3.94 -66.63
C TYR B 740 -54.16 2.98 -66.32
N THR B 741 -54.48 2.77 -65.04
CA THR B 741 -55.54 1.85 -64.65
C THR B 741 -56.94 2.50 -64.66
N ASP B 742 -57.04 3.80 -64.29
CA ASP B 742 -58.33 4.50 -64.19
C ASP B 742 -58.43 5.73 -65.10
N GLY B 743 -57.31 6.40 -65.36
CA GLY B 743 -57.26 7.63 -66.16
C GLY B 743 -57.20 7.43 -67.67
N GLU B 744 -56.61 8.42 -68.37
CA GLU B 744 -56.49 8.45 -69.84
C GLU B 744 -55.02 8.37 -70.32
N GLY B 745 -54.13 7.80 -69.50
CA GLY B 745 -52.72 7.65 -69.85
C GLY B 745 -52.43 6.49 -70.79
N ASP B 746 -51.41 6.66 -71.68
CA ASP B 746 -51.00 5.63 -72.64
C ASP B 746 -49.68 4.99 -72.19
N ARG B 747 -49.74 3.67 -71.93
CA ARG B 747 -48.60 2.87 -71.47
C ARG B 747 -47.54 2.71 -72.57
N ASN B 748 -47.96 2.73 -73.84
CA ASN B 748 -47.12 2.55 -75.01
C ASN B 748 -46.14 3.72 -75.24
N LYS B 749 -46.46 4.92 -74.71
CA LYS B 749 -45.62 6.10 -74.83
C LYS B 749 -44.41 6.03 -73.88
N VAL B 750 -44.45 5.12 -72.89
CA VAL B 750 -43.42 4.95 -71.86
C VAL B 750 -42.15 4.28 -72.42
N THR B 751 -41.02 5.02 -72.33
CA THR B 751 -39.69 4.58 -72.75
C THR B 751 -38.77 4.36 -71.54
N ARG B 752 -38.98 5.15 -70.46
CA ARG B 752 -38.20 5.04 -69.23
C ARG B 752 -39.10 4.57 -68.10
N LEU B 753 -38.63 3.60 -67.32
CA LEU B 753 -39.38 3.05 -66.23
C LEU B 753 -38.66 3.25 -64.91
N LEU B 754 -39.35 3.85 -63.94
CA LEU B 754 -38.80 4.09 -62.61
C LEU B 754 -39.52 3.19 -61.61
N LEU B 755 -38.77 2.26 -61.01
CA LEU B 755 -39.29 1.33 -60.01
C LEU B 755 -38.97 1.88 -58.64
N THR B 756 -39.99 1.95 -57.77
CA THR B 756 -39.78 2.54 -56.46
C THR B 756 -40.68 1.90 -55.39
N SER B 757 -40.50 2.38 -54.14
CA SER B 757 -41.25 1.98 -52.96
C SER B 757 -41.37 3.17 -52.03
N GLY B 758 -42.56 3.36 -51.46
CA GLY B 758 -42.79 4.42 -50.47
C GLY B 758 -43.33 5.75 -50.95
N LYS B 759 -43.06 6.79 -50.14
CA LYS B 759 -43.57 8.15 -50.33
C LYS B 759 -42.93 8.88 -51.51
N ILE B 760 -41.71 8.49 -51.95
CA ILE B 760 -41.01 9.16 -53.06
C ILE B 760 -41.84 9.09 -54.36
N TYR B 761 -42.76 8.09 -54.48
CA TYR B 761 -43.65 7.95 -55.64
C TYR B 761 -44.39 9.27 -55.92
N TYR B 762 -44.98 9.87 -54.87
CA TYR B 762 -45.76 11.12 -54.93
C TYR B 762 -44.90 12.28 -55.44
N GLU B 763 -43.63 12.35 -55.01
CA GLU B 763 -42.66 13.36 -55.43
C GLU B 763 -42.26 13.14 -56.88
N LEU B 764 -42.20 11.87 -57.32
CA LEU B 764 -41.90 11.51 -58.70
C LEU B 764 -43.12 11.77 -59.60
N ALA B 765 -44.33 11.42 -59.10
CA ALA B 765 -45.61 11.63 -59.80
C ALA B 765 -45.90 13.12 -60.02
N ALA B 766 -45.60 13.98 -59.01
CA ALA B 766 -45.80 15.43 -59.10
C ALA B 766 -44.85 16.06 -60.11
N ARG B 767 -43.63 15.50 -60.25
CA ARG B 767 -42.63 15.97 -61.21
C ARG B 767 -43.05 15.57 -62.63
N LYS B 768 -43.56 14.33 -62.78
CA LYS B 768 -44.05 13.79 -64.05
C LYS B 768 -45.23 14.61 -64.55
N ALA B 769 -46.14 15.02 -63.65
CA ALA B 769 -47.33 15.81 -63.96
C ALA B 769 -46.96 17.24 -64.36
N LYS B 770 -46.02 17.86 -63.61
CA LYS B 770 -45.53 19.24 -63.83
C LYS B 770 -44.88 19.38 -65.22
N GLU B 771 -44.05 18.40 -65.63
CA GLU B 771 -43.34 18.44 -66.91
C GLU B 771 -44.06 17.65 -68.00
N ASN B 772 -45.24 17.04 -67.68
CA ASN B 772 -46.08 16.22 -68.58
C ASN B 772 -45.22 15.15 -69.31
N ARG B 773 -44.44 14.39 -68.50
CA ARG B 773 -43.54 13.36 -69.00
C ARG B 773 -44.29 12.04 -69.24
N GLU B 774 -44.93 11.95 -70.42
CA GLU B 774 -45.70 10.78 -70.84
C GLU B 774 -44.79 9.58 -71.13
N ASP B 775 -43.47 9.83 -71.32
CA ASP B 775 -42.44 8.84 -71.63
C ASP B 775 -41.92 8.12 -70.38
N VAL B 776 -42.30 8.60 -69.18
CA VAL B 776 -41.84 8.03 -67.91
C VAL B 776 -43.03 7.46 -67.11
N ALA B 777 -42.87 6.23 -66.57
CA ALA B 777 -43.87 5.58 -65.72
C ALA B 777 -43.25 5.16 -64.40
N ILE B 778 -44.01 5.33 -63.30
CA ILE B 778 -43.56 4.97 -61.97
C ILE B 778 -44.34 3.75 -61.51
N VAL B 779 -43.63 2.65 -61.21
CA VAL B 779 -44.19 1.40 -60.72
C VAL B 779 -43.75 1.21 -59.26
N ARG B 780 -44.71 0.98 -58.37
CA ARG B 780 -44.44 0.80 -56.94
C ARG B 780 -44.41 -0.66 -56.54
N ILE B 781 -43.44 -1.02 -55.68
CA ILE B 781 -43.32 -2.34 -55.07
C ILE B 781 -43.72 -2.13 -53.60
N GLU B 782 -44.95 -2.53 -53.26
CA GLU B 782 -45.57 -2.39 -51.95
C GLU B 782 -45.09 -3.47 -50.97
N GLN B 783 -44.94 -4.72 -51.46
CA GLN B 783 -44.45 -5.84 -50.67
C GLN B 783 -43.02 -6.12 -51.12
N LEU B 784 -42.05 -5.81 -50.26
CA LEU B 784 -40.62 -5.96 -50.54
C LEU B 784 -40.15 -7.40 -50.41
N ALA B 785 -40.70 -8.15 -49.43
CA ALA B 785 -40.37 -9.55 -49.16
C ALA B 785 -41.58 -10.30 -48.57
N PRO B 786 -42.00 -11.48 -49.09
CA PRO B 786 -41.49 -12.17 -50.28
C PRO B 786 -41.73 -11.33 -51.55
N LEU B 787 -40.79 -11.38 -52.52
CA LEU B 787 -40.87 -10.59 -53.74
C LEU B 787 -42.01 -11.06 -54.64
N PRO B 788 -42.94 -10.16 -55.03
CA PRO B 788 -44.03 -10.55 -55.93
C PRO B 788 -43.51 -10.62 -57.37
N ARG B 789 -42.72 -11.67 -57.67
CA ARG B 789 -42.04 -11.90 -58.95
C ARG B 789 -43.02 -11.95 -60.12
N ARG B 790 -44.11 -12.74 -60.00
CA ARG B 790 -45.13 -12.93 -61.05
C ARG B 790 -45.90 -11.62 -61.31
N ARG B 791 -46.39 -10.93 -60.27
CA ARG B 791 -47.12 -9.67 -60.43
C ARG B 791 -46.22 -8.58 -61.02
N LEU B 792 -44.95 -8.47 -60.56
CA LEU B 792 -43.98 -7.49 -61.05
C LEU B 792 -43.72 -7.71 -62.55
N ALA B 793 -43.46 -8.97 -62.99
CA ALA B 793 -43.22 -9.31 -64.40
C ALA B 793 -44.42 -8.96 -65.28
N GLU B 794 -45.64 -9.33 -64.84
CA GLU B 794 -46.92 -9.09 -65.51
C GLU B 794 -47.17 -7.59 -65.71
N THR B 795 -46.82 -6.76 -64.70
CA THR B 795 -46.96 -5.30 -64.70
C THR B 795 -46.01 -4.66 -65.71
N LEU B 796 -44.74 -5.10 -65.77
CA LEU B 796 -43.74 -4.53 -66.70
C LEU B 796 -44.05 -4.88 -68.15
N ASP B 797 -44.68 -6.06 -68.39
CA ASP B 797 -45.08 -6.55 -69.71
C ASP B 797 -46.16 -5.66 -70.34
N ARG B 798 -46.74 -4.74 -69.55
CA ARG B 798 -47.77 -3.80 -69.98
C ARG B 798 -47.14 -2.53 -70.59
N TYR B 799 -45.80 -2.38 -70.46
CA TYR B 799 -45.01 -1.27 -71.00
C TYR B 799 -43.99 -1.84 -72.01
N PRO B 800 -44.42 -2.14 -73.26
CA PRO B 800 -43.51 -2.82 -74.20
C PRO B 800 -42.39 -1.97 -74.80
N ASN B 801 -42.50 -0.65 -74.76
CA ASN B 801 -41.52 0.24 -75.38
C ASN B 801 -40.46 0.77 -74.40
N VAL B 802 -40.35 0.16 -73.21
CA VAL B 802 -39.37 0.56 -72.19
C VAL B 802 -37.97 0.17 -72.68
N LYS B 803 -37.06 1.17 -72.77
CA LYS B 803 -35.68 1.00 -73.21
C LYS B 803 -34.72 1.00 -72.03
N GLU B 804 -35.11 1.61 -70.89
CA GLU B 804 -34.28 1.68 -69.69
C GLU B 804 -35.13 1.65 -68.42
N LYS B 805 -34.63 0.91 -67.40
CA LYS B 805 -35.28 0.75 -66.10
C LYS B 805 -34.35 1.19 -64.98
N PHE B 806 -34.89 1.94 -64.01
CA PHE B 806 -34.12 2.44 -62.87
C PHE B 806 -34.82 2.18 -61.54
N TRP B 807 -34.09 1.66 -60.54
CA TRP B 807 -34.62 1.55 -59.19
C TRP B 807 -34.36 2.90 -58.52
N VAL B 808 -35.41 3.61 -58.14
CA VAL B 808 -35.31 4.94 -57.54
C VAL B 808 -35.68 4.86 -56.07
N GLN B 809 -34.83 5.43 -55.19
CA GLN B 809 -35.06 5.45 -53.75
C GLN B 809 -34.42 6.68 -53.09
N GLU B 810 -34.98 7.12 -51.94
CA GLU B 810 -34.48 8.26 -51.15
C GLU B 810 -33.23 7.88 -50.38
N GLU B 811 -33.20 6.62 -49.92
CA GLU B 811 -32.16 6.05 -49.07
C GLU B 811 -30.78 6.02 -49.72
N PRO B 812 -29.69 6.16 -48.92
CA PRO B 812 -28.33 6.04 -49.48
C PRO B 812 -28.12 4.73 -50.25
N ALA B 813 -27.15 4.71 -51.19
CA ALA B 813 -26.83 3.56 -52.05
C ALA B 813 -26.65 2.23 -51.28
N ASN B 814 -26.08 2.29 -50.05
CA ASN B 814 -25.81 1.12 -49.21
C ASN B 814 -27.00 0.80 -48.28
N GLN B 815 -28.10 1.55 -48.41
CA GLN B 815 -29.29 1.40 -47.58
C GLN B 815 -30.53 1.26 -48.45
N GLY B 816 -31.71 1.16 -47.84
CA GLY B 816 -32.96 0.97 -48.56
C GLY B 816 -33.07 -0.41 -49.19
N ALA B 817 -33.87 -0.53 -50.26
CA ALA B 817 -34.08 -1.81 -50.93
C ALA B 817 -33.01 -2.16 -51.98
N TRP B 818 -32.21 -1.17 -52.45
CA TRP B 818 -31.18 -1.42 -53.49
C TRP B 818 -30.19 -2.54 -53.11
N PRO B 819 -29.54 -2.58 -51.90
CA PRO B 819 -28.57 -3.67 -51.62
C PRO B 819 -29.09 -5.07 -51.94
N SER B 820 -30.39 -5.35 -51.76
CA SER B 820 -30.94 -6.67 -52.07
C SER B 820 -31.59 -6.72 -53.47
N PHE B 821 -32.40 -5.69 -53.84
CA PHE B 821 -33.08 -5.61 -55.14
C PHE B 821 -32.11 -5.51 -56.31
N GLY B 822 -31.02 -4.75 -56.13
CA GLY B 822 -29.98 -4.59 -57.14
C GLY B 822 -29.27 -5.89 -57.49
N LEU B 823 -29.32 -6.87 -56.57
CA LEU B 823 -28.71 -8.18 -56.75
C LEU B 823 -29.75 -9.25 -57.13
N THR B 824 -30.93 -9.28 -56.46
CA THR B 824 -31.97 -10.30 -56.68
C THR B 824 -32.79 -10.07 -57.96
N LEU B 825 -33.26 -8.83 -58.24
CA LEU B 825 -34.09 -8.52 -59.43
C LEU B 825 -33.41 -8.92 -60.76
N PRO B 826 -32.11 -8.62 -61.04
CA PRO B 826 -31.53 -9.08 -62.33
C PRO B 826 -31.33 -10.61 -62.38
N GLU B 827 -31.35 -11.29 -61.21
CA GLU B 827 -31.18 -12.73 -61.11
C GLU B 827 -32.51 -13.48 -61.26
N ILE B 828 -33.56 -13.03 -60.55
CA ILE B 828 -34.87 -13.69 -60.57
C ILE B 828 -35.64 -13.36 -61.87
N LEU B 829 -35.43 -12.14 -62.43
CA LEU B 829 -36.07 -11.73 -63.68
C LEU B 829 -35.02 -11.13 -64.66
N PRO B 830 -34.19 -11.99 -65.29
CA PRO B 830 -33.14 -11.49 -66.21
C PRO B 830 -33.69 -10.81 -67.47
N ASP B 831 -34.84 -11.26 -68.00
CA ASP B 831 -35.41 -10.66 -69.22
C ASP B 831 -36.01 -9.27 -68.96
N HIS B 832 -36.24 -8.93 -67.68
CA HIS B 832 -36.80 -7.63 -67.30
C HIS B 832 -35.77 -6.70 -66.65
N PHE B 833 -34.85 -7.22 -65.80
CA PHE B 833 -33.95 -6.34 -65.06
C PHE B 833 -32.45 -6.43 -65.36
N THR B 834 -32.05 -6.99 -66.52
CA THR B 834 -30.63 -7.02 -66.89
C THR B 834 -30.27 -5.59 -67.30
N GLY B 835 -29.31 -5.00 -66.59
CA GLY B 835 -28.88 -3.62 -66.84
C GLY B 835 -29.66 -2.58 -66.04
N LEU B 836 -30.34 -3.01 -64.96
CA LEU B 836 -31.09 -2.14 -64.06
C LEU B 836 -30.10 -1.25 -63.30
N LYS B 837 -30.29 0.07 -63.41
CA LYS B 837 -29.42 1.04 -62.77
C LYS B 837 -30.09 1.62 -61.52
N ARG B 838 -29.29 2.21 -60.64
CA ARG B 838 -29.75 2.78 -59.38
C ARG B 838 -29.76 4.31 -59.43
N ILE B 839 -30.83 4.90 -58.87
CA ILE B 839 -31.00 6.33 -58.65
C ILE B 839 -31.31 6.48 -57.17
N SER B 840 -30.34 7.02 -56.41
CA SER B 840 -30.45 7.23 -54.98
C SER B 840 -29.42 8.20 -54.47
N ARG B 841 -29.43 8.43 -53.14
CA ARG B 841 -28.41 9.20 -52.44
C ARG B 841 -27.13 8.36 -52.48
N ARG B 842 -25.96 9.01 -52.42
CA ARG B 842 -24.65 8.35 -52.37
C ARG B 842 -24.60 7.37 -51.17
N ALA B 843 -23.66 6.41 -51.16
CA ALA B 843 -23.50 5.53 -50.00
C ALA B 843 -23.11 6.40 -48.78
N MET B 844 -23.85 6.26 -47.66
CA MET B 844 -23.61 7.06 -46.46
C MET B 844 -23.45 6.20 -45.23
N SER B 845 -22.59 6.64 -44.29
CA SER B 845 -22.33 6.01 -43.00
C SER B 845 -23.57 6.11 -42.10
N ALA B 846 -24.22 7.27 -42.12
CA ALA B 846 -25.44 7.60 -41.38
C ALA B 846 -26.66 7.48 -42.31
N PRO B 847 -27.88 7.25 -41.79
CA PRO B 847 -29.03 7.09 -42.69
C PRO B 847 -29.37 8.34 -43.52
N SER B 848 -28.96 9.55 -43.07
CA SER B 848 -29.17 10.83 -43.77
C SER B 848 -28.32 11.97 -43.19
N SER B 849 -28.47 13.15 -43.78
CA SER B 849 -27.82 14.39 -43.36
C SER B 849 -28.51 14.97 -42.09
N GLY B 850 -27.80 15.80 -41.34
CA GLY B 850 -28.34 16.43 -40.14
C GLY B 850 -29.18 17.67 -40.42
N SER B 851 -28.93 18.32 -41.57
CA SER B 851 -29.61 19.54 -42.00
C SER B 851 -30.80 19.24 -42.91
N SER B 852 -31.94 19.94 -42.70
CA SER B 852 -33.13 19.80 -43.54
C SER B 852 -32.91 20.45 -44.92
N LYS B 853 -32.06 21.50 -44.97
CA LYS B 853 -31.73 22.21 -46.20
C LYS B 853 -30.89 21.32 -47.12
N VAL B 854 -29.92 20.58 -46.56
CA VAL B 854 -29.03 19.66 -47.29
C VAL B 854 -29.87 18.47 -47.80
N HIS B 855 -30.83 17.97 -46.97
CA HIS B 855 -31.75 16.91 -47.35
C HIS B 855 -32.54 17.31 -48.61
N ALA B 856 -33.12 18.55 -48.59
CA ALA B 856 -33.93 19.11 -49.66
C ALA B 856 -33.18 19.17 -51.00
N VAL B 857 -31.89 19.57 -50.98
CA VAL B 857 -31.02 19.66 -52.16
C VAL B 857 -30.76 18.24 -52.72
N GLU B 858 -30.46 17.28 -51.82
CA GLU B 858 -30.22 15.87 -52.17
C GLU B 858 -31.47 15.25 -52.77
N GLN B 859 -32.65 15.55 -52.18
CA GLN B 859 -33.93 15.04 -52.64
C GLN B 859 -34.24 15.51 -54.07
N GLN B 860 -34.00 16.80 -54.35
CA GLN B 860 -34.22 17.40 -55.66
C GLN B 860 -33.27 16.79 -56.69
N GLU B 861 -32.03 16.43 -56.26
CA GLU B 861 -31.02 15.79 -57.12
C GLU B 861 -31.51 14.43 -57.62
N ILE B 862 -32.20 13.66 -56.77
CA ILE B 862 -32.75 12.35 -57.11
C ILE B 862 -33.84 12.53 -58.18
N LEU B 863 -34.80 13.46 -57.93
CA LEU B 863 -35.89 13.74 -58.86
C LEU B 863 -35.35 14.20 -60.20
N ASP B 864 -34.35 15.13 -60.19
CA ASP B 864 -33.71 15.66 -61.40
C ASP B 864 -33.00 14.58 -62.20
N THR B 865 -32.38 13.59 -61.53
CA THR B 865 -31.67 12.48 -62.18
C THR B 865 -32.68 11.52 -62.83
N ALA B 866 -33.76 11.20 -62.10
CA ALA B 866 -34.84 10.31 -62.52
C ALA B 866 -35.58 10.82 -63.77
N PHE B 867 -35.52 12.15 -64.03
CA PHE B 867 -36.18 12.79 -65.18
C PHE B 867 -35.17 13.52 -66.10
N GLY B 868 -33.89 13.21 -65.94
CA GLY B 868 -32.80 13.80 -66.73
C GLY B 868 -32.80 13.33 -68.18
N GLU C 5 39.23 -6.69 -29.30
CA GLU C 5 38.52 -5.66 -30.07
C GLU C 5 37.34 -5.11 -29.26
N ASP C 6 36.41 -6.00 -28.85
CA ASP C 6 35.22 -5.72 -28.04
C ASP C 6 35.31 -6.53 -26.74
N LYS C 7 35.97 -7.70 -26.83
CA LYS C 7 36.28 -8.64 -25.75
C LYS C 7 37.16 -7.99 -24.69
N ASN C 8 37.92 -6.94 -25.10
CA ASN C 8 38.81 -6.15 -24.26
C ASN C 8 38.05 -5.48 -23.10
N ALA C 9 36.76 -5.10 -23.34
CA ALA C 9 35.87 -4.48 -22.35
C ALA C 9 35.49 -5.49 -21.26
N ARG C 10 35.29 -6.78 -21.64
CA ARG C 10 34.94 -7.86 -20.72
C ARG C 10 36.10 -8.15 -19.75
N VAL C 11 37.34 -7.98 -20.23
CA VAL C 11 38.61 -8.19 -19.51
C VAL C 11 38.75 -7.13 -18.39
N ILE C 12 38.47 -5.84 -18.70
CA ILE C 12 38.55 -4.72 -17.74
C ILE C 12 37.47 -4.91 -16.62
N GLU C 13 36.30 -5.48 -16.98
CA GLU C 13 35.22 -5.83 -16.05
C GLU C 13 35.70 -6.93 -15.11
N LEU C 14 36.41 -7.93 -15.67
CA LEU C 14 36.96 -9.08 -14.95
C LEU C 14 38.07 -8.63 -14.01
N ILE C 15 38.98 -7.72 -14.45
CA ILE C 15 40.06 -7.16 -13.63
C ILE C 15 39.42 -6.48 -12.39
N ALA C 16 38.34 -5.71 -12.62
CA ALA C 16 37.59 -5.01 -11.58
C ALA C 16 36.94 -6.01 -10.61
N ALA C 17 36.35 -7.09 -11.15
CA ALA C 17 35.69 -8.14 -10.36
C ALA C 17 36.64 -8.80 -9.33
N TYR C 18 37.92 -9.02 -9.70
CA TYR C 18 38.90 -9.62 -8.79
C TYR C 18 39.37 -8.61 -7.75
N ARG C 19 39.62 -7.36 -8.18
CA ARG C 19 40.07 -6.29 -7.28
C ARG C 19 38.98 -5.92 -6.26
N ASN C 20 37.70 -5.97 -6.67
CA ASN C 20 36.56 -5.63 -5.81
C ASN C 20 36.06 -6.78 -4.94
N ARG C 21 35.82 -7.95 -5.56
CA ARG C 21 35.18 -9.08 -4.89
C ARG C 21 36.01 -10.37 -4.79
N GLY C 22 37.29 -10.34 -5.19
CA GLY C 22 38.17 -11.50 -5.14
C GLY C 22 38.36 -12.08 -3.75
N HIS C 23 38.34 -11.21 -2.72
CA HIS C 23 38.49 -11.56 -1.31
C HIS C 23 37.37 -12.50 -0.81
N LEU C 24 36.20 -12.51 -1.49
CA LEU C 24 35.07 -13.38 -1.16
C LEU C 24 35.34 -14.83 -1.62
N MET C 25 36.31 -15.02 -2.53
CA MET C 25 36.70 -16.33 -3.07
C MET C 25 38.00 -16.85 -2.43
N ALA C 26 38.79 -15.96 -1.81
CA ALA C 26 40.08 -16.28 -1.19
C ALA C 26 39.99 -17.42 -0.17
N ASP C 27 41.01 -18.28 -0.13
CA ASP C 27 41.13 -19.41 0.79
C ASP C 27 41.75 -18.88 2.09
N ILE C 28 40.94 -18.14 2.85
CA ILE C 28 41.36 -17.46 4.07
C ILE C 28 40.96 -18.23 5.34
N ASP C 29 39.89 -19.04 5.31
CA ASP C 29 39.44 -19.81 6.48
C ASP C 29 40.24 -21.13 6.61
N PRO C 30 41.04 -21.29 7.70
CA PRO C 30 41.80 -22.55 7.87
C PRO C 30 40.93 -23.77 8.20
N LEU C 31 39.69 -23.54 8.68
CA LEU C 31 38.76 -24.61 9.05
C LEU C 31 37.88 -25.06 7.87
N ARG C 32 37.72 -24.18 6.84
CA ARG C 32 36.90 -24.41 5.63
C ARG C 32 35.47 -24.82 6.04
N LEU C 33 34.85 -24.02 6.91
CA LEU C 33 33.50 -24.27 7.44
C LEU C 33 32.44 -24.02 6.37
N ASP C 34 32.48 -22.85 5.70
CA ASP C 34 31.56 -22.46 4.64
C ASP C 34 31.89 -23.24 3.35
N ASN C 35 31.14 -24.33 3.09
CA ASN C 35 31.31 -25.18 1.92
C ASN C 35 30.81 -24.48 0.64
N THR C 36 29.80 -23.60 0.79
CA THR C 36 29.17 -22.83 -0.29
C THR C 36 29.99 -21.57 -0.68
N ARG C 37 31.23 -21.43 -0.14
CA ARG C 37 32.13 -20.32 -0.47
C ARG C 37 32.63 -20.43 -1.92
N PHE C 38 32.82 -21.68 -2.40
CA PHE C 38 33.29 -21.98 -3.75
C PHE C 38 32.29 -22.89 -4.47
N ASN C 47 35.62 -15.62 -15.54
CA ASN C 47 35.45 -15.62 -16.99
C ASN C 47 33.98 -15.94 -17.35
N SER C 48 33.74 -16.53 -18.57
CA SER C 48 32.44 -16.94 -19.14
C SER C 48 31.47 -15.75 -19.33
N HIS C 49 31.97 -14.49 -19.22
CA HIS C 49 31.18 -13.27 -19.40
C HIS C 49 31.61 -12.60 -20.73
N GLY C 50 31.38 -13.30 -21.83
CA GLY C 50 31.72 -12.86 -23.18
C GLY C 50 33.12 -13.23 -23.63
N LEU C 51 33.80 -14.11 -22.87
CA LEU C 51 35.17 -14.58 -23.15
C LEU C 51 35.23 -16.10 -23.14
N THR C 52 35.85 -16.68 -24.17
CA THR C 52 36.01 -18.13 -24.34
C THR C 52 37.42 -18.58 -23.91
N LEU C 53 37.66 -19.90 -23.81
CA LEU C 53 38.94 -20.50 -23.45
C LEU C 53 40.03 -20.22 -24.51
N TRP C 54 39.61 -19.87 -25.73
CA TRP C 54 40.50 -19.53 -26.86
C TRP C 54 41.11 -18.14 -26.67
N ASP C 55 40.40 -17.24 -25.96
CA ASP C 55 40.81 -15.87 -25.69
C ASP C 55 41.92 -15.77 -24.63
N LEU C 56 42.21 -16.87 -23.91
CA LEU C 56 43.23 -16.94 -22.86
C LEU C 56 44.65 -16.66 -23.42
N ASP C 57 44.91 -17.01 -24.68
CA ASP C 57 46.21 -16.76 -25.31
C ASP C 57 46.24 -15.43 -26.07
N ARG C 58 45.08 -14.75 -26.21
CA ARG C 58 44.99 -13.46 -26.88
C ARG C 58 45.53 -12.34 -25.99
N GLU C 59 46.18 -11.35 -26.60
CA GLU C 59 46.77 -10.20 -25.90
C GLU C 59 45.73 -9.07 -25.74
N PHE C 60 45.78 -8.37 -24.59
CA PHE C 60 44.87 -7.27 -24.26
C PHE C 60 45.62 -6.08 -23.68
N LYS C 61 45.08 -4.85 -23.87
CA LYS C 61 45.65 -3.61 -23.36
C LYS C 61 45.29 -3.44 -21.88
N VAL C 62 46.32 -3.29 -21.03
CA VAL C 62 46.16 -3.17 -19.58
C VAL C 62 46.97 -1.95 -19.08
N ASP C 63 46.32 -1.12 -18.24
CA ASP C 63 46.89 0.07 -17.61
C ASP C 63 47.88 -0.38 -16.51
N GLY C 64 49.08 -0.72 -16.97
CA GLY C 64 50.18 -1.21 -16.12
C GLY C 64 50.75 -0.19 -15.16
N PHE C 65 51.60 -0.67 -14.23
CA PHE C 65 52.22 0.15 -13.19
C PHE C 65 53.31 1.10 -13.74
N ALA C 66 53.90 0.74 -14.90
CA ALA C 66 54.93 1.52 -15.58
C ALA C 66 54.42 2.06 -16.94
N GLY C 67 53.10 2.24 -17.03
CA GLY C 67 52.41 2.72 -18.23
C GLY C 67 51.57 1.62 -18.88
N VAL C 68 50.70 2.01 -19.83
CA VAL C 68 49.81 1.09 -20.57
C VAL C 68 50.66 0.03 -21.27
N GLN C 69 50.33 -1.25 -21.08
CA GLN C 69 51.06 -2.39 -21.64
C GLN C 69 50.13 -3.46 -22.20
N ARG C 70 50.66 -4.32 -23.09
CA ARG C 70 49.94 -5.44 -23.70
C ARG C 70 50.31 -6.74 -22.97
N LYS C 71 49.31 -7.43 -22.40
CA LYS C 71 49.48 -8.69 -21.66
C LYS C 71 48.42 -9.71 -22.06
N LYS C 72 48.79 -11.02 -22.08
CA LYS C 72 47.88 -12.12 -22.41
C LYS C 72 46.88 -12.33 -21.29
N LEU C 73 45.61 -12.65 -21.63
CA LEU C 73 44.53 -12.89 -20.68
C LEU C 73 44.91 -13.91 -19.59
N ARG C 74 45.57 -15.03 -19.98
CA ARG C 74 46.02 -16.08 -19.06
C ARG C 74 46.96 -15.51 -17.97
N ASP C 75 47.86 -14.59 -18.35
CA ASP C 75 48.82 -13.91 -17.46
C ASP C 75 48.11 -12.89 -16.57
N ILE C 76 47.08 -12.20 -17.11
CA ILE C 76 46.26 -11.23 -16.34
C ILE C 76 45.50 -12.01 -15.24
N LEU C 77 44.80 -13.10 -15.64
CA LEU C 77 44.02 -13.99 -14.77
C LEU C 77 44.85 -14.62 -13.65
N SER C 78 46.08 -15.09 -13.98
CA SER C 78 46.96 -15.74 -13.01
C SER C 78 47.43 -14.75 -11.95
N VAL C 79 47.75 -13.50 -12.36
CA VAL C 79 48.16 -12.40 -11.47
C VAL C 79 46.99 -12.05 -10.51
N LEU C 80 45.75 -12.01 -11.03
CA LEU C 80 44.55 -11.68 -10.26
C LEU C 80 44.21 -12.77 -9.23
N ARG C 81 44.24 -14.04 -9.65
CA ARG C 81 43.97 -15.21 -8.79
C ARG C 81 45.00 -15.32 -7.66
N ASP C 82 46.29 -15.11 -7.97
CA ASP C 82 47.39 -15.19 -7.02
C ASP C 82 47.33 -14.05 -5.99
N ALA C 83 47.02 -12.84 -6.44
CA ALA C 83 46.97 -11.67 -5.56
C ALA C 83 45.73 -11.63 -4.68
N TYR C 84 44.56 -12.04 -5.21
CA TYR C 84 43.30 -11.87 -4.51
C TYR C 84 42.53 -13.13 -4.10
N CYS C 85 42.89 -14.32 -4.60
CA CYS C 85 42.09 -15.51 -4.26
C CYS C 85 42.89 -16.67 -3.61
N ARG C 86 44.10 -16.40 -3.09
CA ARG C 86 44.88 -17.45 -2.42
C ARG C 86 44.65 -17.33 -0.90
N HIS C 87 45.72 -17.16 -0.08
CA HIS C 87 45.57 -17.08 1.38
C HIS C 87 45.41 -15.64 1.88
N VAL C 88 45.35 -14.65 0.97
CA VAL C 88 45.19 -13.24 1.34
C VAL C 88 43.98 -12.64 0.59
N GLY C 89 43.01 -12.17 1.37
CA GLY C 89 41.82 -11.48 0.90
C GLY C 89 42.04 -9.99 1.08
N VAL C 90 42.10 -9.24 -0.03
CA VAL C 90 42.40 -7.82 0.02
C VAL C 90 41.16 -6.97 -0.29
N GLU C 91 40.78 -6.12 0.67
CA GLU C 91 39.68 -5.16 0.53
C GLU C 91 40.32 -3.79 0.52
N TYR C 92 40.21 -3.06 -0.61
CA TYR C 92 40.85 -1.75 -0.73
C TYR C 92 40.15 -0.79 -1.70
N THR C 93 39.24 -1.30 -2.56
CA THR C 93 38.58 -0.47 -3.59
C THR C 93 37.59 0.52 -2.96
N HIS C 94 37.32 0.38 -1.65
CA HIS C 94 36.46 1.30 -0.88
C HIS C 94 37.22 2.61 -0.59
N ILE C 95 38.57 2.57 -0.65
CA ILE C 95 39.46 3.72 -0.41
C ILE C 95 39.27 4.77 -1.51
N LEU C 96 38.99 6.02 -1.09
CA LEU C 96 38.74 7.14 -1.99
C LEU C 96 40.02 7.71 -2.62
N GLU C 97 41.19 7.59 -1.97
CA GLU C 97 42.46 8.09 -2.51
C GLU C 97 42.97 7.17 -3.63
N PRO C 98 43.04 7.62 -4.91
CA PRO C 98 43.50 6.72 -5.99
C PRO C 98 44.95 6.26 -5.83
N GLU C 99 45.84 7.11 -5.25
CA GLU C 99 47.25 6.80 -5.05
C GLU C 99 47.44 5.63 -4.06
N GLN C 100 46.50 5.49 -3.10
CA GLN C 100 46.50 4.43 -2.11
C GLN C 100 46.10 3.11 -2.76
N GLN C 101 45.08 3.15 -3.64
CA GLN C 101 44.63 1.97 -4.38
C GLN C 101 45.74 1.48 -5.32
N ARG C 102 46.46 2.41 -5.99
CA ARG C 102 47.57 2.08 -6.91
C ARG C 102 48.76 1.50 -6.13
N TRP C 103 49.06 2.04 -4.93
CA TRP C 103 50.14 1.58 -4.03
C TRP C 103 49.92 0.12 -3.63
N ILE C 104 48.68 -0.23 -3.24
CA ILE C 104 48.30 -1.58 -2.82
C ILE C 104 48.40 -2.49 -4.05
N GLN C 105 47.81 -2.07 -5.19
CA GLN C 105 47.83 -2.78 -6.46
C GLN C 105 49.24 -3.16 -6.86
N GLU C 106 50.20 -2.21 -6.82
CA GLU C 106 51.60 -2.43 -7.19
C GLU C 106 52.31 -3.46 -6.30
N ARG C 107 51.93 -3.55 -5.02
CA ARG C 107 52.57 -4.47 -4.08
C ARG C 107 51.87 -5.81 -3.96
N VAL C 108 50.58 -5.86 -4.32
CA VAL C 108 49.76 -7.07 -4.22
C VAL C 108 49.71 -7.81 -5.59
N GLU C 109 49.65 -7.07 -6.73
CA GLU C 109 49.58 -7.67 -8.07
C GLU C 109 50.98 -7.90 -8.72
N THR C 110 52.02 -8.12 -7.91
CA THR C 110 53.37 -8.41 -8.40
C THR C 110 53.97 -9.57 -7.64
N LYS C 111 54.78 -10.39 -8.30
CA LYS C 111 55.43 -11.55 -7.68
C LYS C 111 56.43 -11.10 -6.61
N HIS C 112 56.08 -11.34 -5.34
CA HIS C 112 56.93 -11.01 -4.18
C HIS C 112 57.82 -12.21 -3.87
N ASP C 113 59.14 -11.98 -3.79
CA ASP C 113 60.15 -13.01 -3.54
C ASP C 113 59.90 -13.76 -2.22
N LYS C 114 60.14 -15.09 -2.23
CA LYS C 114 59.96 -15.98 -1.07
C LYS C 114 60.98 -15.65 0.05
N PRO C 115 60.64 -15.85 1.35
CA PRO C 115 61.62 -15.53 2.41
C PRO C 115 62.84 -16.45 2.36
N THR C 116 64.01 -15.96 2.83
CA THR C 116 65.25 -16.74 2.86
C THR C 116 65.12 -17.86 3.91
N VAL C 117 65.89 -18.95 3.74
CA VAL C 117 65.91 -20.13 4.61
C VAL C 117 66.05 -19.69 6.08
N ALA C 118 66.95 -18.71 6.35
CA ALA C 118 67.18 -18.15 7.69
C ALA C 118 65.92 -17.48 8.23
N GLU C 119 65.19 -16.74 7.37
CA GLU C 119 63.95 -16.04 7.74
C GLU C 119 62.81 -17.03 7.99
N GLN C 120 62.77 -18.14 7.24
CA GLN C 120 61.79 -19.22 7.38
C GLN C 120 62.01 -19.94 8.70
N LYS C 121 63.29 -20.25 9.02
CA LYS C 121 63.72 -20.90 10.26
C LYS C 121 63.31 -20.04 11.45
N TYR C 122 63.47 -18.71 11.31
CA TYR C 122 63.13 -17.70 12.31
C TYR C 122 61.61 -17.69 12.56
N ILE C 123 60.79 -17.79 11.49
CA ILE C 123 59.33 -17.85 11.61
C ILE C 123 58.93 -19.10 12.41
N LEU C 124 59.55 -20.27 12.08
CA LEU C 124 59.28 -21.52 12.81
C LEU C 124 59.68 -21.41 14.27
N SER C 125 60.82 -20.75 14.56
CA SER C 125 61.27 -20.53 15.94
C SER C 125 60.23 -19.75 16.74
N LYS C 126 59.48 -18.83 16.08
CA LYS C 126 58.41 -18.05 16.72
C LYS C 126 57.18 -18.92 16.97
N LEU C 127 56.84 -19.81 16.00
CA LEU C 127 55.71 -20.74 16.13
C LEU C 127 56.02 -21.79 17.20
N ASN C 128 57.30 -22.18 17.32
CA ASN C 128 57.79 -23.13 18.32
C ASN C 128 57.60 -22.55 19.71
N ALA C 129 58.06 -21.31 19.92
CA ALA C 129 57.97 -20.57 21.18
C ALA C 129 56.51 -20.26 21.55
N ALA C 130 55.64 -20.09 20.55
CA ALA C 130 54.22 -19.79 20.74
C ALA C 130 53.44 -21.02 21.23
N GLU C 131 53.65 -22.20 20.59
CA GLU C 131 52.93 -23.44 20.92
C GLU C 131 53.48 -24.10 22.18
N ALA C 132 54.82 -24.20 22.32
CA ALA C 132 55.44 -24.85 23.47
C ALA C 132 55.18 -24.11 24.77
N PHE C 133 55.10 -22.76 24.75
CA PHE C 133 54.77 -21.95 25.92
C PHE C 133 53.37 -22.31 26.43
N GLU C 134 52.41 -22.51 25.49
CA GLU C 134 51.03 -22.86 25.83
C GLU C 134 50.95 -24.30 26.39
N THR C 135 51.63 -25.28 25.73
CA THR C 135 51.62 -26.70 26.14
C THR C 135 52.31 -26.88 27.49
N PHE C 136 53.40 -26.10 27.74
CA PHE C 136 54.12 -26.14 29.02
C PHE C 136 53.21 -25.70 30.15
N LEU C 137 52.45 -24.61 29.91
CA LEU C 137 51.52 -24.05 30.87
C LEU C 137 50.36 -25.03 31.12
N GLN C 138 49.88 -25.71 30.06
CA GLN C 138 48.82 -26.72 30.14
C GLN C 138 49.26 -27.90 31.01
N THR C 139 50.53 -28.34 30.89
CA THR C 139 51.07 -29.47 31.63
C THR C 139 51.34 -29.11 33.11
N LYS C 140 51.89 -27.90 33.40
CA LYS C 140 52.23 -27.49 34.77
C LYS C 140 51.05 -26.89 35.55
N TYR C 141 50.18 -26.09 34.89
CA TYR C 141 49.04 -25.41 35.53
C TYR C 141 47.72 -25.71 34.80
N VAL C 142 47.31 -26.98 34.78
CA VAL C 142 46.12 -27.49 34.07
C VAL C 142 44.80 -26.84 34.57
N GLY C 143 44.71 -26.52 35.87
CA GLY C 143 43.52 -25.92 36.45
C GLY C 143 43.38 -24.41 36.38
N GLN C 144 44.45 -23.69 35.95
CA GLN C 144 44.44 -22.23 35.88
C GLN C 144 44.17 -21.72 34.46
N LYS C 145 43.28 -20.72 34.33
CA LYS C 145 42.93 -20.11 33.06
C LYS C 145 44.08 -19.20 32.63
N ARG C 146 44.41 -19.21 31.32
CA ARG C 146 45.51 -18.45 30.73
C ARG C 146 45.14 -17.85 29.34
N PHE C 147 43.90 -18.12 28.86
CA PHE C 147 43.36 -17.70 27.55
C PHE C 147 44.36 -17.99 26.42
N SER C 148 44.51 -19.30 26.14
CA SER C 148 45.45 -19.86 25.19
C SER C 148 45.27 -19.38 23.75
N LEU C 149 46.41 -19.07 23.12
CA LEU C 149 46.59 -18.67 21.74
C LEU C 149 46.68 -19.92 20.79
N GLU C 150 46.51 -21.16 21.32
CA GLU C 150 46.55 -22.38 20.50
C GLU C 150 45.46 -22.31 19.39
N GLY C 151 45.89 -22.53 18.15
CA GLY C 151 45.06 -22.45 16.96
C GLY C 151 45.23 -21.12 16.27
N ALA C 152 45.98 -20.20 16.90
CA ALA C 152 46.25 -18.84 16.44
C ALA C 152 47.72 -18.44 16.69
N GLU C 153 48.63 -19.42 16.81
CA GLU C 153 50.06 -19.21 17.11
C GLU C 153 50.76 -18.25 16.13
N THR C 154 50.24 -18.11 14.91
CA THR C 154 50.77 -17.26 13.86
C THR C 154 50.74 -15.74 14.26
N VAL C 155 49.99 -15.38 15.31
CA VAL C 155 49.96 -14.00 15.84
C VAL C 155 51.39 -13.58 16.28
N ILE C 156 52.16 -14.51 16.87
CA ILE C 156 53.53 -14.28 17.35
C ILE C 156 54.45 -13.94 16.16
N PRO C 157 54.67 -14.79 15.11
CA PRO C 157 55.52 -14.33 13.99
C PRO C 157 54.97 -13.09 13.27
N MET C 158 53.62 -12.91 13.24
CA MET C 158 52.98 -11.74 12.62
C MET C 158 53.33 -10.44 13.36
N MET C 159 53.24 -10.44 14.71
CA MET C 159 53.57 -9.27 15.53
C MET C 159 55.06 -8.97 15.45
N ASP C 160 55.88 -10.01 15.43
CA ASP C 160 57.33 -9.89 15.29
C ASP C 160 57.67 -9.17 13.98
N ALA C 161 56.96 -9.51 12.88
CA ALA C 161 57.14 -8.92 11.55
C ALA C 161 56.72 -7.44 11.56
N VAL C 162 55.64 -7.10 12.30
CA VAL C 162 55.17 -5.71 12.46
C VAL C 162 56.28 -4.91 13.14
N ILE C 163 56.78 -5.40 14.29
CA ILE C 163 57.81 -4.74 15.09
C ILE C 163 59.13 -4.63 14.31
N ASP C 164 59.53 -5.72 13.62
CA ASP C 164 60.75 -5.75 12.82
C ASP C 164 60.66 -4.76 11.65
N GLN C 165 59.48 -4.64 11.00
CA GLN C 165 59.29 -3.70 9.89
C GLN C 165 59.32 -2.25 10.40
N CYS C 166 58.82 -2.00 11.63
CA CYS C 166 58.85 -0.67 12.27
C CYS C 166 60.31 -0.28 12.56
N ALA C 167 61.12 -1.25 13.04
CA ALA C 167 62.54 -1.07 13.34
C ALA C 167 63.33 -0.78 12.06
N GLU C 168 62.89 -1.37 10.93
CA GLU C 168 63.50 -1.22 9.61
C GLU C 168 63.25 0.19 9.08
N HIS C 169 62.11 0.81 9.48
CA HIS C 169 61.75 2.19 9.11
C HIS C 169 62.42 3.21 10.06
N GLY C 170 63.20 2.70 11.02
CA GLY C 170 63.91 3.51 12.02
C GLY C 170 63.01 4.22 13.01
N LEU C 171 61.86 3.60 13.32
CA LEU C 171 60.87 4.19 14.24
C LEU C 171 61.35 4.00 15.67
N ASP C 172 60.81 4.80 16.61
CA ASP C 172 61.30 4.81 17.99
C ASP C 172 60.63 3.79 18.94
N GLU C 173 59.32 3.57 18.82
CA GLU C 173 58.61 2.69 19.76
C GLU C 173 57.35 2.09 19.14
N VAL C 174 56.98 0.89 19.62
CA VAL C 174 55.74 0.20 19.25
C VAL C 174 54.98 -0.01 20.55
N VAL C 175 53.80 0.64 20.68
CA VAL C 175 52.98 0.49 21.90
C VAL C 175 51.83 -0.47 21.55
N ILE C 176 51.70 -1.53 22.35
CA ILE C 176 50.69 -2.57 22.13
C ILE C 176 49.58 -2.50 23.18
N ALA C 177 48.35 -2.69 22.70
CA ALA C 177 47.14 -2.87 23.48
C ALA C 177 46.45 -4.07 22.90
N MET C 178 46.04 -4.98 23.77
CA MET C 178 45.43 -6.22 23.32
C MET C 178 44.48 -6.80 24.38
N PRO C 179 43.58 -7.74 24.02
CA PRO C 179 42.76 -8.38 25.04
C PRO C 179 43.51 -9.58 25.67
N HIS C 180 42.76 -10.55 26.19
CA HIS C 180 43.21 -11.76 26.90
C HIS C 180 43.84 -12.83 25.98
N ARG C 181 43.39 -12.96 24.71
CA ARG C 181 43.82 -14.00 23.77
C ARG C 181 45.32 -13.93 23.45
N GLY C 182 46.07 -14.90 23.99
CA GLY C 182 47.52 -15.03 23.80
C GLY C 182 48.33 -13.91 24.42
N ARG C 183 47.76 -13.25 25.45
CA ARG C 183 48.35 -12.14 26.18
C ARG C 183 49.66 -12.57 26.88
N LEU C 184 49.61 -13.67 27.64
CA LEU C 184 50.77 -14.21 28.35
C LEU C 184 51.87 -14.56 27.33
N ASN C 185 51.47 -15.15 26.19
CA ASN C 185 52.35 -15.52 25.10
C ASN C 185 53.06 -14.29 24.53
N VAL C 186 52.29 -13.22 24.22
CA VAL C 186 52.79 -11.95 23.68
C VAL C 186 53.77 -11.30 24.69
N LEU C 187 53.41 -11.27 26.00
CA LEU C 187 54.28 -10.71 27.05
C LEU C 187 55.64 -11.44 27.11
N ALA C 188 55.62 -12.77 26.99
CA ALA C 188 56.83 -13.59 27.08
C ALA C 188 57.64 -13.67 25.77
N ASN C 189 56.98 -13.87 24.63
CA ASN C 189 57.65 -14.08 23.34
C ASN C 189 57.78 -12.83 22.44
N ILE C 190 57.06 -11.73 22.74
CA ILE C 190 57.16 -10.52 21.91
C ILE C 190 57.76 -9.36 22.74
N VAL C 191 57.13 -9.02 23.88
CA VAL C 191 57.54 -7.87 24.71
C VAL C 191 58.83 -8.19 25.48
N GLY C 192 58.99 -9.43 25.94
CA GLY C 192 60.19 -9.87 26.65
C GLY C 192 60.08 -9.93 28.15
N LYS C 193 58.84 -10.00 28.69
CA LYS C 193 58.59 -10.13 30.12
C LYS C 193 59.20 -11.48 30.56
N PRO C 194 60.04 -11.50 31.63
CA PRO C 194 60.70 -12.76 32.02
C PRO C 194 59.71 -13.86 32.38
N TYR C 195 60.02 -15.08 31.95
CA TYR C 195 59.24 -16.28 32.22
C TYR C 195 59.13 -16.50 33.73
N SER C 196 60.21 -16.19 34.48
CA SER C 196 60.23 -16.33 35.93
C SER C 196 59.09 -15.52 36.55
N GLN C 197 58.90 -14.27 36.08
CA GLN C 197 57.84 -13.36 36.53
C GLN C 197 56.44 -13.91 36.21
N ILE C 198 56.26 -14.44 34.97
CA ILE C 198 54.98 -15.01 34.54
C ILE C 198 54.69 -16.27 35.38
N PHE C 199 55.67 -17.22 35.50
CA PHE C 199 55.50 -18.45 36.28
C PHE C 199 55.19 -18.19 37.77
N SER C 200 55.73 -17.09 38.35
CA SER C 200 55.49 -16.70 39.74
C SER C 200 54.02 -16.29 39.95
N GLU C 201 53.39 -15.67 38.93
CA GLU C 201 51.97 -15.28 38.97
C GLU C 201 51.07 -16.53 39.03
N PHE C 202 51.51 -17.62 38.37
CA PHE C 202 50.78 -18.91 38.36
C PHE C 202 50.92 -19.62 39.70
N GLU C 203 52.12 -19.52 40.32
CA GLU C 203 52.44 -20.12 41.62
C GLU C 203 51.72 -19.39 42.75
N GLY C 204 51.33 -18.14 42.50
CA GLY C 204 50.67 -17.28 43.47
C GLY C 204 51.62 -16.87 44.57
N ASN C 205 52.92 -16.77 44.24
CA ASN C 205 54.01 -16.40 45.16
C ASN C 205 54.70 -15.13 44.63
N LEU C 206 54.10 -13.98 44.95
CA LEU C 206 54.55 -12.66 44.53
C LEU C 206 55.32 -11.97 45.63
N ASN C 207 56.42 -11.27 45.26
CA ASN C 207 57.28 -10.50 46.16
C ASN C 207 56.58 -9.18 46.58
N PRO C 208 57.08 -8.35 47.53
CA PRO C 208 56.36 -7.12 47.92
C PRO C 208 56.03 -6.15 46.78
N SER C 209 56.92 -6.01 45.77
CA SER C 209 56.70 -5.11 44.62
C SER C 209 55.57 -5.61 43.70
N GLN C 210 55.50 -6.93 43.46
CA GLN C 210 54.48 -7.58 42.63
C GLN C 210 53.13 -7.66 43.34
N ALA C 211 53.14 -7.80 44.68
CA ALA C 211 51.94 -7.90 45.51
C ALA C 211 51.40 -6.52 45.94
N HIS C 212 52.10 -5.42 45.57
CA HIS C 212 51.74 -4.04 45.93
C HIS C 212 50.39 -3.61 45.31
N GLY C 213 49.56 -2.98 46.14
CA GLY C 213 48.23 -2.52 45.76
C GLY C 213 47.22 -3.64 45.70
N SER C 214 46.02 -3.30 45.22
CA SER C 214 44.86 -4.17 45.04
C SER C 214 45.19 -5.29 44.01
N GLY C 215 45.90 -4.94 42.95
CA GLY C 215 46.34 -5.86 41.90
C GLY C 215 45.29 -6.21 40.85
N ASP C 216 45.68 -7.02 39.87
CA ASP C 216 44.82 -7.50 38.79
C ASP C 216 45.36 -8.82 38.24
N VAL C 217 44.50 -9.54 37.49
CA VAL C 217 44.80 -10.84 36.88
C VAL C 217 45.98 -10.71 35.88
N LYS C 218 46.76 -11.80 35.71
CA LYS C 218 47.97 -11.91 34.91
C LYS C 218 47.79 -11.50 33.45
N TYR C 219 46.62 -11.79 32.85
CA TYR C 219 46.34 -11.47 31.43
C TYR C 219 45.77 -10.02 31.25
N HIS C 220 46.08 -9.11 32.18
CA HIS C 220 45.67 -7.68 32.15
C HIS C 220 46.89 -6.79 32.35
N LEU C 221 48.02 -7.41 32.65
CA LEU C 221 49.25 -6.68 32.96
C LEU C 221 50.05 -6.35 31.70
N GLY C 222 50.84 -5.30 31.83
CA GLY C 222 51.72 -4.81 30.78
C GLY C 222 53.19 -5.01 31.09
N ALA C 223 54.05 -4.65 30.13
CA ALA C 223 55.50 -4.77 30.21
C ALA C 223 56.18 -3.86 29.18
N THR C 224 57.49 -3.68 29.31
CA THR C 224 58.31 -2.89 28.41
C THR C 224 59.61 -3.63 28.13
N GLY C 225 60.23 -3.33 26.99
CA GLY C 225 61.47 -3.96 26.57
C GLY C 225 62.05 -3.38 25.30
N THR C 226 63.22 -3.89 24.89
CA THR C 226 63.92 -3.48 23.67
C THR C 226 63.95 -4.65 22.70
N TYR C 227 63.42 -4.42 21.51
CA TYR C 227 63.42 -5.39 20.43
C TYR C 227 64.68 -5.18 19.62
N ILE C 228 65.46 -6.24 19.42
CA ILE C 228 66.68 -6.20 18.61
C ILE C 228 66.42 -7.03 17.35
N GLN C 229 66.65 -6.43 16.17
CA GLN C 229 66.44 -7.10 14.88
C GLN C 229 67.35 -8.32 14.72
N MET C 230 66.75 -9.44 14.31
CA MET C 230 67.43 -10.71 14.08
C MET C 230 68.36 -10.62 12.86
N PHE C 231 67.89 -10.00 11.75
CA PHE C 231 68.66 -9.87 10.51
C PHE C 231 68.96 -8.40 10.13
N GLY C 232 68.74 -7.50 11.07
CA GLY C 232 69.02 -6.07 10.91
C GLY C 232 69.87 -5.54 12.04
N ASP C 233 70.25 -4.27 11.96
CA ASP C 233 71.10 -3.64 12.97
C ASP C 233 70.31 -2.65 13.86
N ASN C 234 69.03 -2.43 13.53
CA ASN C 234 68.18 -1.50 14.29
C ASN C 234 67.55 -2.13 15.52
N ASP C 235 67.21 -1.29 16.50
CA ASP C 235 66.53 -1.66 17.74
C ASP C 235 65.33 -0.73 17.94
N ILE C 236 64.29 -1.23 18.62
CA ILE C 236 63.07 -0.45 18.84
C ILE C 236 62.46 -0.81 20.21
N GLU C 237 61.88 0.19 20.89
CA GLU C 237 61.21 -0.01 22.18
C GLU C 237 59.87 -0.68 21.95
N VAL C 238 59.54 -1.69 22.75
CA VAL C 238 58.26 -2.38 22.66
C VAL C 238 57.59 -2.33 24.03
N SER C 239 56.37 -1.77 24.07
CA SER C 239 55.59 -1.64 25.28
C SER C 239 54.20 -2.21 25.12
N LEU C 240 53.69 -2.82 26.18
CA LEU C 240 52.34 -3.35 26.24
C LEU C 240 51.65 -2.66 27.43
N THR C 241 50.52 -2.00 27.19
CA THR C 241 49.81 -1.29 28.23
C THR C 241 48.80 -2.19 28.98
N ALA C 242 48.53 -1.84 30.25
CA ALA C 242 47.59 -2.55 31.11
C ALA C 242 46.15 -2.27 30.67
N ASN C 243 45.19 -3.11 31.08
CA ASN C 243 43.79 -2.95 30.67
C ASN C 243 42.81 -3.73 31.56
N PRO C 244 41.52 -3.33 31.61
CA PRO C 244 40.56 -4.14 32.38
C PRO C 244 40.00 -5.29 31.52
N SER C 245 38.98 -6.00 32.04
CA SER C 245 38.34 -7.10 31.31
C SER C 245 37.53 -6.55 30.16
N HIS C 246 36.96 -5.33 30.35
CA HIS C 246 36.15 -4.57 29.39
C HIS C 246 36.89 -4.52 28.06
N LEU C 247 36.52 -5.46 27.19
CA LEU C 247 37.11 -5.65 25.88
C LEU C 247 36.91 -4.41 25.05
N GLU C 248 38.02 -3.95 24.41
CA GLU C 248 38.13 -2.79 23.52
C GLU C 248 38.18 -1.43 24.27
N ALA C 249 37.90 -1.37 25.59
CA ALA C 249 37.93 -0.13 26.37
C ALA C 249 39.30 0.60 26.34
N VAL C 250 40.41 -0.17 26.24
CA VAL C 250 41.79 0.32 26.21
C VAL C 250 42.16 0.93 24.83
N ASP C 251 41.33 0.72 23.80
CA ASP C 251 41.62 1.22 22.45
C ASP C 251 41.92 2.76 22.42
N PRO C 252 41.05 3.68 22.93
CA PRO C 252 41.41 5.10 22.89
C PRO C 252 42.55 5.46 23.82
N VAL C 253 42.73 4.67 24.90
CA VAL C 253 43.78 4.79 25.91
C VAL C 253 45.13 4.62 25.20
N LEU C 254 45.27 3.57 24.35
CA LEU C 254 46.47 3.31 23.57
C LEU C 254 46.78 4.50 22.67
N GLU C 255 45.76 5.00 21.95
CA GLU C 255 45.87 6.15 21.05
C GLU C 255 46.40 7.39 21.80
N GLY C 256 45.80 7.70 22.94
CA GLY C 256 46.21 8.82 23.79
C GLY C 256 47.64 8.71 24.27
N LEU C 257 48.04 7.49 24.69
CA LEU C 257 49.36 7.12 25.18
C LEU C 257 50.41 7.33 24.07
N VAL C 258 50.11 6.87 22.83
CA VAL C 258 50.98 6.99 21.67
C VAL C 258 51.13 8.48 21.29
N ARG C 259 50.00 9.22 21.24
CA ARG C 259 49.99 10.66 20.93
C ARG C 259 50.88 11.47 21.90
N ALA C 260 50.83 11.17 23.21
CA ALA C 260 51.63 11.84 24.24
C ALA C 260 53.13 11.60 24.01
N LYS C 261 53.47 10.37 23.61
CA LYS C 261 54.84 9.95 23.32
C LYS C 261 55.35 10.64 22.04
N GLN C 262 54.50 10.71 21.00
CA GLN C 262 54.80 11.39 19.74
C GLN C 262 55.05 12.90 19.96
N ASP C 263 54.18 13.54 20.78
CA ASP C 263 54.30 14.96 21.12
C ASP C 263 55.64 15.25 21.82
N LEU C 264 56.06 14.35 22.74
CA LEU C 264 57.34 14.47 23.46
C LEU C 264 58.56 14.33 22.53
N LEU C 265 58.50 13.40 21.57
CA LEU C 265 59.59 13.14 20.63
C LEU C 265 59.58 14.08 19.42
N ASP C 266 58.61 15.03 19.36
CA ASP C 266 58.43 16.03 18.31
C ASP C 266 58.36 15.35 16.93
N THR C 267 57.43 14.39 16.78
CA THR C 267 57.31 13.60 15.56
C THR C 267 55.87 13.54 14.98
N GLY C 268 54.87 13.78 15.82
CA GLY C 268 53.47 13.72 15.40
C GLY C 268 52.95 14.93 14.66
N GLU C 269 51.65 15.24 14.89
CA GLU C 269 50.94 16.39 14.34
C GLU C 269 51.53 17.68 14.93
N GLU C 270 51.93 17.61 16.22
CA GLU C 270 52.53 18.71 16.98
C GLU C 270 54.07 18.55 17.07
N GLY C 271 54.68 18.27 15.92
CA GLY C 271 56.12 18.07 15.78
C GLY C 271 56.70 18.69 14.52
N SER C 272 58.05 18.86 14.48
CA SER C 272 58.76 19.45 13.33
C SER C 272 58.75 18.48 12.15
N ASP C 273 58.96 17.18 12.40
CA ASP C 273 58.90 16.16 11.37
C ASP C 273 57.55 15.44 11.45
N ASN C 274 57.14 14.76 10.36
CA ASN C 274 55.88 14.01 10.32
C ASN C 274 56.19 12.51 10.13
N ARG C 275 56.98 11.94 11.07
CA ARG C 275 57.41 10.54 11.07
C ARG C 275 56.51 9.62 11.91
N PHE C 276 55.80 10.17 12.94
CA PHE C 276 54.94 9.42 13.87
C PHE C 276 55.69 8.15 14.29
N SER C 277 56.90 8.34 14.84
CA SER C 277 57.85 7.31 15.21
C SER C 277 57.38 6.36 16.33
N VAL C 278 56.24 6.65 16.98
CA VAL C 278 55.61 5.79 18.00
C VAL C 278 54.40 5.14 17.32
N VAL C 279 54.40 3.80 17.20
CA VAL C 279 53.38 3.04 16.47
C VAL C 279 52.36 2.33 17.39
N PRO C 280 51.05 2.64 17.25
CA PRO C 280 50.05 1.89 18.01
C PRO C 280 49.77 0.56 17.32
N LEU C 281 49.97 -0.53 18.03
CA LEU C 281 49.67 -1.87 17.53
C LEU C 281 48.52 -2.37 18.40
N MET C 282 47.33 -2.37 17.82
CA MET C 282 46.11 -2.70 18.54
C MET C 282 45.58 -4.06 18.14
N LEU C 283 45.51 -4.98 19.11
CA LEU C 283 44.98 -6.32 18.87
C LEU C 283 43.53 -6.39 19.34
N HIS C 284 42.74 -7.27 18.72
CA HIS C 284 41.31 -7.43 18.98
C HIS C 284 40.83 -8.84 18.78
N GLY C 285 39.71 -9.16 19.40
CA GLY C 285 38.97 -10.39 19.19
C GLY C 285 37.88 -10.11 18.18
N ASP C 286 37.43 -11.12 17.44
CA ASP C 286 36.42 -10.95 16.39
C ASP C 286 35.03 -10.53 16.90
N ALA C 287 34.57 -11.05 18.04
CA ALA C 287 33.25 -10.67 18.56
C ALA C 287 33.27 -9.27 19.19
N ALA C 288 34.37 -8.92 19.89
CA ALA C 288 34.52 -7.62 20.55
C ALA C 288 34.70 -6.50 19.54
N PHE C 289 35.43 -6.75 18.42
CA PHE C 289 35.67 -5.74 17.37
C PHE C 289 34.38 -5.30 16.69
N ALA C 290 33.48 -6.25 16.42
CA ALA C 290 32.21 -5.96 15.77
C ALA C 290 31.16 -5.39 16.74
N GLY C 291 31.16 -5.86 17.99
CA GLY C 291 30.16 -5.50 19.00
C GLY C 291 30.36 -4.26 19.85
N GLN C 292 31.61 -3.88 20.15
CA GLN C 292 31.89 -2.74 21.02
C GLN C 292 31.94 -1.42 20.24
N GLY C 293 31.11 -0.48 20.68
CA GLY C 293 30.98 0.85 20.08
C GLY C 293 32.21 1.72 20.15
N VAL C 294 33.06 1.51 21.16
CA VAL C 294 34.29 2.28 21.38
C VAL C 294 35.26 2.05 20.19
N VAL C 295 35.11 0.93 19.46
CA VAL C 295 35.94 0.62 18.29
C VAL C 295 35.69 1.70 17.23
N ALA C 296 34.41 1.94 16.86
CA ALA C 296 34.03 2.98 15.89
C ALA C 296 34.40 4.37 16.40
N GLU C 297 34.25 4.61 17.72
CA GLU C 297 34.59 5.88 18.36
C GLU C 297 36.10 6.21 18.24
N THR C 298 36.96 5.17 18.39
CA THR C 298 38.42 5.28 18.34
C THR C 298 38.90 5.39 16.87
N LEU C 299 38.24 4.66 15.93
CA LEU C 299 38.58 4.72 14.51
C LEU C 299 38.26 6.11 13.96
N ASN C 300 37.19 6.75 14.49
CA ASN C 300 36.74 8.08 14.13
C ASN C 300 37.76 9.17 14.52
N LEU C 301 38.69 8.86 15.45
CA LEU C 301 39.76 9.77 15.91
C LEU C 301 41.02 9.72 15.03
N ALA C 302 41.17 8.65 14.23
CA ALA C 302 42.35 8.33 13.42
C ALA C 302 42.94 9.48 12.59
N LEU C 303 42.10 10.37 12.02
CA LEU C 303 42.61 11.46 11.17
C LEU C 303 42.37 12.84 11.75
N LEU C 304 41.82 12.95 12.97
CA LEU C 304 41.58 14.24 13.62
C LEU C 304 42.91 14.89 14.08
N ARG C 305 43.02 16.22 13.97
CA ARG C 305 44.20 17.01 14.34
C ARG C 305 44.67 16.75 15.79
N GLY C 306 43.72 16.69 16.72
CA GLY C 306 44.04 16.50 18.14
C GLY C 306 44.12 15.07 18.61
N TYR C 307 43.95 14.08 17.72
CA TYR C 307 43.93 12.69 18.14
C TYR C 307 44.75 11.75 17.28
N ARG C 308 45.11 12.17 16.05
CA ARG C 308 45.88 11.37 15.09
C ARG C 308 47.22 10.93 15.67
N THR C 309 47.59 9.69 15.38
CA THR C 309 48.83 9.01 15.79
C THR C 309 49.58 8.54 14.52
N GLY C 310 49.10 9.00 13.36
CA GLY C 310 49.62 8.67 12.05
C GLY C 310 49.37 7.23 11.63
N GLY C 311 48.19 6.70 11.97
CA GLY C 311 47.76 5.35 11.63
C GLY C 311 48.10 4.25 12.63
N THR C 312 47.08 3.44 12.94
CA THR C 312 47.20 2.30 13.84
C THR C 312 47.26 1.00 13.04
N ILE C 313 48.07 0.03 13.50
CA ILE C 313 48.13 -1.31 12.92
C ILE C 313 47.18 -2.15 13.75
N HIS C 314 46.06 -2.57 13.15
CA HIS C 314 45.08 -3.41 13.82
C HIS C 314 45.27 -4.87 13.44
N ILE C 315 45.30 -5.75 14.45
CA ILE C 315 45.37 -7.19 14.25
C ILE C 315 44.13 -7.78 14.93
N VAL C 316 43.26 -8.42 14.15
CA VAL C 316 42.10 -9.11 14.69
C VAL C 316 42.41 -10.61 14.74
N VAL C 317 42.43 -11.18 15.96
CA VAL C 317 42.62 -12.62 16.18
C VAL C 317 41.22 -13.20 16.00
N ASN C 318 40.86 -13.48 14.74
CA ASN C 318 39.55 -13.96 14.34
C ASN C 318 39.50 -15.47 14.40
N ASN C 319 39.18 -16.00 15.59
CA ASN C 319 39.06 -17.44 15.83
C ASN C 319 37.63 -17.92 15.55
N GLN C 320 36.82 -17.09 14.86
CA GLN C 320 35.45 -17.34 14.39
C GLN C 320 34.51 -17.80 15.52
N ILE C 321 34.72 -17.25 16.73
CA ILE C 321 33.97 -17.60 17.95
C ILE C 321 34.11 -16.48 18.99
N GLY C 322 33.09 -16.35 19.83
CA GLY C 322 33.03 -15.43 20.96
C GLY C 322 32.46 -16.21 22.13
N PHE C 323 33.34 -16.92 22.87
CA PHE C 323 33.00 -17.82 23.98
C PHE C 323 32.11 -18.97 23.40
N THR C 324 30.77 -18.90 23.55
CA THR C 324 29.85 -19.91 23.00
C THR C 324 29.01 -19.31 21.85
N THR C 325 29.23 -18.03 21.55
CA THR C 325 28.47 -17.31 20.53
C THR C 325 29.14 -17.43 19.16
N ALA C 326 28.36 -17.89 18.18
CA ALA C 326 28.78 -18.04 16.79
C ALA C 326 28.81 -16.64 16.12
N PRO C 327 29.69 -16.39 15.11
CA PRO C 327 29.74 -15.07 14.47
C PRO C 327 28.39 -14.57 13.92
N THR C 328 27.48 -15.49 13.51
CA THR C 328 26.13 -15.19 13.01
C THR C 328 25.29 -14.39 14.04
N ASP C 329 25.56 -14.58 15.35
CA ASP C 329 24.86 -13.86 16.42
C ASP C 329 25.70 -12.70 16.98
N SER C 330 26.94 -12.55 16.49
CA SER C 330 27.86 -11.50 16.95
C SER C 330 27.90 -10.26 16.05
N ARG C 331 27.52 -10.39 14.76
CA ARG C 331 27.56 -9.27 13.81
C ARG C 331 26.59 -9.46 12.64
N SER C 332 26.21 -8.32 12.01
CA SER C 332 25.32 -8.19 10.86
C SER C 332 26.11 -7.96 9.56
N SER C 333 27.45 -8.14 9.61
CA SER C 333 28.34 -7.91 8.48
C SER C 333 29.11 -9.18 8.10
N GLU C 334 29.61 -9.22 6.84
CA GLU C 334 30.38 -10.33 6.29
C GLU C 334 31.66 -10.56 7.11
N TYR C 335 32.41 -9.48 7.38
CA TYR C 335 33.65 -9.53 8.14
C TYR C 335 33.52 -8.77 9.44
N CYS C 336 34.20 -9.26 10.49
CA CYS C 336 34.25 -8.64 11.82
C CYS C 336 34.96 -7.28 11.77
N THR C 337 35.68 -7.00 10.66
CA THR C 337 36.49 -5.81 10.40
C THR C 337 35.79 -4.72 9.56
N ASP C 338 34.55 -4.98 9.08
CA ASP C 338 33.80 -4.08 8.19
C ASP C 338 33.61 -2.64 8.75
N VAL C 339 33.67 -2.46 10.08
CA VAL C 339 33.55 -1.15 10.73
C VAL C 339 34.77 -0.24 10.37
N ALA C 340 35.96 -0.84 10.13
CA ALA C 340 37.17 -0.08 9.79
C ALA C 340 37.16 0.51 8.36
N LYS C 341 36.19 0.11 7.51
CA LYS C 341 36.08 0.65 6.14
C LYS C 341 35.60 2.12 6.16
N MET C 342 34.98 2.56 7.27
CA MET C 342 34.46 3.92 7.46
C MET C 342 35.59 5.00 7.43
N ILE C 343 36.84 4.65 7.76
CA ILE C 343 37.93 5.62 7.73
C ILE C 343 38.86 5.34 6.54
N GLY C 344 38.34 4.59 5.58
CA GLY C 344 39.05 4.19 4.37
C GLY C 344 40.29 3.37 4.63
N ALA C 345 40.24 2.52 5.66
CA ALA C 345 41.38 1.67 5.99
C ALA C 345 41.43 0.43 5.09
N PRO C 346 42.62 0.09 4.53
CA PRO C 346 42.72 -1.16 3.76
C PRO C 346 42.57 -2.34 4.73
N ILE C 347 41.84 -3.38 4.31
CA ILE C 347 41.64 -4.56 5.15
C ILE C 347 42.23 -5.78 4.45
N PHE C 348 43.08 -6.50 5.19
CA PHE C 348 43.73 -7.72 4.71
C PHE C 348 43.26 -8.90 5.53
N HIS C 349 42.51 -9.81 4.92
CA HIS C 349 42.06 -11.06 5.53
C HIS C 349 43.12 -12.09 5.18
N VAL C 350 43.78 -12.67 6.20
CA VAL C 350 44.86 -13.61 5.93
C VAL C 350 44.62 -14.96 6.65
N ASN C 351 44.97 -16.07 5.97
CA ASN C 351 44.86 -17.42 6.50
C ASN C 351 45.90 -17.61 7.60
N GLY C 352 45.41 -17.94 8.81
CA GLY C 352 46.23 -18.16 9.98
C GLY C 352 47.15 -19.38 9.91
N ASP C 353 46.87 -20.33 8.98
CA ASP C 353 47.67 -21.53 8.79
C ASP C 353 48.88 -21.25 7.88
N ASP C 354 48.94 -20.05 7.27
CA ASP C 354 50.04 -19.64 6.40
C ASP C 354 50.86 -18.56 7.11
N PRO C 355 51.91 -18.94 7.87
CA PRO C 355 52.67 -17.92 8.62
C PRO C 355 53.48 -16.98 7.75
N GLU C 356 53.87 -17.42 6.52
CA GLU C 356 54.65 -16.61 5.59
C GLU C 356 53.80 -15.49 5.00
N ALA C 357 52.50 -15.78 4.69
CA ALA C 357 51.57 -14.79 4.17
C ALA C 357 51.22 -13.78 5.26
N CYS C 358 51.15 -14.27 6.52
CA CYS C 358 50.86 -13.47 7.71
C CYS C 358 52.00 -12.50 8.00
N ALA C 359 53.26 -12.96 7.87
CA ALA C 359 54.44 -12.12 8.06
C ALA C 359 54.56 -11.07 6.95
N TRP C 360 54.18 -11.45 5.70
CA TRP C 360 54.22 -10.57 4.53
C TRP C 360 53.17 -9.45 4.62
N VAL C 361 51.95 -9.79 5.05
CA VAL C 361 50.82 -8.85 5.22
C VAL C 361 51.17 -7.85 6.35
N ALA C 362 51.80 -8.35 7.43
CA ALA C 362 52.25 -7.54 8.56
C ALA C 362 53.25 -6.47 8.11
N ARG C 363 54.21 -6.84 7.24
CA ARG C 363 55.22 -5.91 6.71
C ARG C 363 54.59 -4.95 5.70
N LEU C 364 53.60 -5.42 4.92
CA LEU C 364 52.87 -4.59 3.96
C LEU C 364 52.06 -3.53 4.71
N ALA C 365 51.42 -3.92 5.83
CA ALA C 365 50.61 -3.05 6.70
C ALA C 365 51.44 -1.90 7.26
N VAL C 366 52.64 -2.19 7.79
CA VAL C 366 53.56 -1.19 8.36
C VAL C 366 53.99 -0.21 7.26
N ASP C 367 54.34 -0.74 6.06
CA ASP C 367 54.75 0.05 4.90
C ASP C 367 53.65 1.02 4.46
N PHE C 368 52.36 0.56 4.49
CA PHE C 368 51.21 1.39 4.13
C PHE C 368 51.04 2.49 5.15
N ARG C 369 51.13 2.15 6.45
CA ARG C 369 51.02 3.08 7.57
C ARG C 369 52.07 4.17 7.43
N GLN C 370 53.31 3.79 7.09
CA GLN C 370 54.41 4.73 6.92
C GLN C 370 54.23 5.63 5.70
N ALA C 371 53.68 5.08 4.59
CA ALA C 371 53.49 5.85 3.36
C ALA C 371 52.33 6.85 3.45
N PHE C 372 51.21 6.48 4.07
CA PHE C 372 50.04 7.36 4.07
C PHE C 372 49.58 7.83 5.46
N LYS C 373 50.27 7.40 6.54
CA LYS C 373 49.96 7.76 7.94
C LYS C 373 48.47 7.52 8.23
N LYS C 374 48.00 6.35 7.78
CA LYS C 374 46.63 5.89 7.90
C LYS C 374 46.58 4.49 8.54
N ASP C 375 45.45 4.18 9.20
CA ASP C 375 45.16 2.90 9.85
C ASP C 375 45.10 1.77 8.83
N VAL C 376 45.59 0.57 9.24
CA VAL C 376 45.60 -0.66 8.44
C VAL C 376 45.04 -1.78 9.31
N VAL C 377 44.17 -2.61 8.75
CA VAL C 377 43.57 -3.71 9.51
C VAL C 377 43.96 -5.06 8.92
N ILE C 378 44.44 -5.96 9.79
CA ILE C 378 44.79 -7.34 9.46
C ILE C 378 43.78 -8.23 10.16
N ASP C 379 43.02 -8.97 9.36
CA ASP C 379 42.02 -9.93 9.84
C ASP C 379 42.65 -11.34 9.76
N MET C 380 43.25 -11.81 10.87
CA MET C 380 43.88 -13.13 10.87
C MET C 380 42.85 -14.21 11.16
N LEU C 381 42.46 -14.94 10.12
CA LEU C 381 41.49 -16.00 10.24
C LEU C 381 42.17 -17.21 10.83
N CYS C 382 41.66 -17.68 11.98
CA CYS C 382 42.23 -18.78 12.72
C CYS C 382 41.13 -19.53 13.45
N TYR C 383 41.49 -20.22 14.54
CA TYR C 383 40.58 -20.98 15.39
C TYR C 383 41.11 -21.02 16.81
N ARG C 384 40.25 -21.42 17.75
CA ARG C 384 40.57 -21.53 19.16
C ARG C 384 40.60 -23.04 19.48
N ARG C 385 41.82 -23.62 19.58
CA ARG C 385 42.06 -25.06 19.80
C ARG C 385 41.26 -25.61 20.99
N ARG C 386 41.28 -24.91 22.13
CA ARG C 386 40.59 -25.32 23.35
C ARG C 386 39.29 -24.53 23.51
N GLY C 387 38.66 -24.65 24.69
CA GLY C 387 37.46 -23.90 25.03
C GLY C 387 37.80 -22.43 25.19
N HIS C 388 36.80 -21.58 25.49
CA HIS C 388 36.99 -20.14 25.67
C HIS C 388 38.11 -19.89 26.69
N ASN C 389 38.03 -20.58 27.82
CA ASN C 389 39.04 -20.65 28.88
C ASN C 389 39.53 -22.11 28.84
N GLU C 390 40.62 -22.43 29.55
CA GLU C 390 41.22 -23.76 29.51
C GLU C 390 40.40 -24.82 30.29
N GLY C 391 39.33 -24.39 30.97
CA GLY C 391 38.45 -25.26 31.72
C GLY C 391 37.06 -25.44 31.11
N ASP C 392 36.78 -24.71 30.02
CA ASP C 392 35.51 -24.75 29.32
C ASP C 392 35.48 -25.84 28.24
N ASP C 393 34.36 -26.60 28.16
CA ASP C 393 34.15 -27.64 27.15
C ASP C 393 33.36 -27.02 25.97
N PRO C 394 34.02 -26.78 24.81
CA PRO C 394 33.34 -26.07 23.71
C PRO C 394 32.40 -26.90 22.84
N SER C 395 32.52 -28.25 22.87
CA SER C 395 31.70 -29.16 22.06
C SER C 395 30.21 -29.15 22.49
N MET C 396 29.92 -28.58 23.67
CA MET C 396 28.55 -28.48 24.19
C MET C 396 27.70 -27.58 23.28
N THR C 397 28.30 -26.48 22.80
CA THR C 397 27.62 -25.48 21.97
C THR C 397 28.09 -25.49 20.52
N GLN C 398 29.36 -25.84 20.27
CA GLN C 398 29.92 -25.89 18.91
C GLN C 398 30.49 -27.30 18.61
N PRO C 399 29.65 -28.37 18.51
CA PRO C 399 30.21 -29.71 18.27
C PRO C 399 30.81 -29.88 16.88
N TYR C 400 30.19 -29.29 15.81
CA TYR C 400 30.69 -29.41 14.45
C TYR C 400 32.07 -28.76 14.29
N MET C 401 32.25 -27.51 14.78
CA MET C 401 33.51 -26.77 14.67
C MET C 401 34.65 -27.54 15.36
N TYR C 402 34.44 -28.02 16.58
CA TYR C 402 35.48 -28.71 17.35
C TYR C 402 35.72 -30.13 16.86
N ASP C 403 34.78 -30.73 16.11
CA ASP C 403 34.99 -32.03 15.46
C ASP C 403 35.95 -31.82 14.28
N VAL C 404 35.90 -30.62 13.65
CA VAL C 404 36.77 -30.22 12.54
C VAL C 404 38.15 -29.87 13.11
N ILE C 405 38.21 -29.09 14.22
CA ILE C 405 39.45 -28.67 14.89
C ILE C 405 40.28 -29.91 15.30
N ASP C 406 39.60 -30.99 15.76
CA ASP C 406 40.21 -32.28 16.15
C ASP C 406 40.97 -32.94 14.98
N THR C 407 40.54 -32.67 13.74
CA THR C 407 41.17 -33.23 12.53
C THR C 407 42.36 -32.35 12.10
N LYS C 408 42.36 -31.07 12.51
CA LYS C 408 43.39 -30.10 12.14
C LYS C 408 44.72 -30.35 12.85
N ARG C 409 45.82 -30.25 12.10
CA ARG C 409 47.19 -30.31 12.59
C ARG C 409 47.56 -28.88 12.91
N GLY C 410 48.34 -28.66 13.97
CA GLY C 410 48.75 -27.30 14.34
C GLY C 410 49.53 -26.59 13.25
N SER C 411 49.45 -25.25 13.19
CA SER C 411 50.20 -24.45 12.21
C SER C 411 51.72 -24.68 12.36
N ARG C 412 52.18 -24.88 13.62
CA ARG C 412 53.58 -25.17 13.96
C ARG C 412 54.03 -26.49 13.34
N LYS C 413 53.21 -27.57 13.47
CA LYS C 413 53.51 -28.89 12.90
C LYS C 413 53.52 -28.84 11.36
N ALA C 414 52.51 -28.16 10.78
CA ALA C 414 52.36 -28.02 9.32
C ALA C 414 53.49 -27.22 8.72
N TYR C 415 53.97 -26.18 9.42
CA TYR C 415 55.07 -25.36 8.92
C TYR C 415 56.39 -26.11 9.06
N THR C 416 56.55 -26.91 10.16
CA THR C 416 57.73 -27.75 10.40
C THR C 416 57.89 -28.73 9.23
N GLU C 417 56.81 -29.45 8.88
CA GLU C 417 56.75 -30.44 7.80
C GLU C 417 57.08 -29.82 6.45
N ALA C 418 56.59 -28.59 6.21
CA ALA C 418 56.82 -27.81 5.00
C ALA C 418 58.31 -27.49 4.83
N LEU C 419 58.98 -27.05 5.92
CA LEU C 419 60.39 -26.71 5.96
C LEU C 419 61.29 -27.94 5.78
N ILE C 420 60.83 -29.12 6.24
CA ILE C 420 61.58 -30.38 6.08
C ILE C 420 61.44 -30.85 4.62
N GLY C 421 60.25 -30.63 4.03
CA GLY C 421 59.95 -30.94 2.64
C GLY C 421 60.74 -30.12 1.66
N ARG C 422 60.99 -28.84 2.00
CA ARG C 422 61.78 -27.88 1.23
C ARG C 422 63.29 -28.16 1.38
N GLY C 423 63.65 -28.90 2.43
CA GLY C 423 65.03 -29.27 2.73
C GLY C 423 65.79 -28.25 3.56
N ASP C 424 65.06 -27.31 4.18
CA ASP C 424 65.63 -26.26 5.02
C ASP C 424 66.20 -26.84 6.32
N ILE C 425 65.44 -27.74 6.97
CA ILE C 425 65.80 -28.38 8.24
C ILE C 425 65.47 -29.87 8.19
N SER C 426 66.02 -30.65 9.15
CA SER C 426 65.76 -32.07 9.28
C SER C 426 64.78 -32.31 10.44
N MET C 427 64.31 -33.56 10.59
CA MET C 427 63.39 -33.93 11.68
C MET C 427 64.14 -33.81 13.01
N LYS C 428 65.44 -34.15 13.04
CA LYS C 428 66.31 -34.07 14.22
C LYS C 428 66.51 -32.60 14.67
N GLU C 429 66.83 -31.68 13.72
CA GLU C 429 67.06 -30.26 13.98
C GLU C 429 65.83 -29.60 14.60
N ALA C 430 64.63 -29.96 14.08
CA ALA C 430 63.32 -29.48 14.52
C ALA C 430 63.00 -29.98 15.93
N GLU C 431 63.26 -31.28 16.20
CA GLU C 431 63.03 -31.92 17.50
C GLU C 431 63.98 -31.36 18.56
N ASP C 432 65.27 -31.20 18.20
CA ASP C 432 66.30 -30.63 19.08
C ASP C 432 66.00 -29.17 19.45
N ALA C 433 65.43 -28.38 18.50
CA ALA C 433 65.05 -26.99 18.71
C ALA C 433 63.95 -26.88 19.76
N LEU C 434 62.90 -27.73 19.65
CA LEU C 434 61.78 -27.77 20.59
C LEU C 434 62.24 -28.19 22.00
N ARG C 435 63.09 -29.24 22.10
CA ARG C 435 63.63 -29.75 23.36
C ARG C 435 64.49 -28.70 24.07
N ASP C 436 65.12 -27.80 23.29
CA ASP C 436 65.93 -26.71 23.83
C ASP C 436 65.02 -25.65 24.47
N TYR C 437 63.89 -25.32 23.82
CA TYR C 437 62.94 -24.34 24.34
C TYR C 437 62.20 -24.90 25.55
N GLN C 438 61.79 -26.19 25.49
CA GLN C 438 61.10 -26.87 26.59
C GLN C 438 62.02 -27.01 27.82
N GLY C 439 63.29 -27.35 27.57
CA GLY C 439 64.33 -27.49 28.59
C GLY C 439 64.59 -26.20 29.34
N GLN C 440 64.57 -25.06 28.60
CA GLN C 440 64.77 -23.72 29.14
C GLN C 440 63.60 -23.31 30.05
N LEU C 441 62.34 -23.65 29.65
CA LEU C 441 61.12 -23.36 30.41
C LEU C 441 61.13 -24.06 31.77
N GLU C 442 61.45 -25.38 31.79
CA GLU C 442 61.51 -26.24 32.97
C GLU C 442 62.54 -25.71 33.99
N ARG C 443 63.74 -25.36 33.51
CA ARG C 443 64.87 -24.81 34.27
C ARG C 443 64.44 -23.53 35.03
N VAL C 444 63.71 -22.62 34.35
CA VAL C 444 63.21 -21.37 34.91
C VAL C 444 62.05 -21.68 35.88
N PHE C 445 61.15 -22.62 35.49
CA PHE C 445 59.99 -23.04 36.29
C PHE C 445 60.45 -23.64 37.63
N ASN C 446 61.52 -24.46 37.63
CA ASN C 446 62.07 -25.08 38.83
C ASN C 446 62.64 -24.03 39.83
N GLU C 447 63.34 -22.99 39.31
CA GLU C 447 63.93 -21.92 40.15
C GLU C 447 62.84 -21.08 40.83
N VAL C 448 61.70 -20.87 40.16
CA VAL C 448 60.55 -20.12 40.68
C VAL C 448 59.93 -20.93 41.84
N ARG C 449 59.81 -22.25 41.64
CA ARG C 449 59.29 -23.18 42.65
C ARG C 449 60.21 -23.22 43.88
N GLU C 450 61.53 -23.08 43.65
CA GLU C 450 62.58 -23.09 44.67
C GLU C 450 62.55 -21.84 45.57
N LEU C 451 61.89 -20.76 45.13
CA LEU C 451 61.77 -19.51 45.91
C LEU C 451 60.89 -19.72 47.15
N GLU C 452 61.29 -19.11 48.28
CA GLU C 452 60.58 -19.20 49.56
C GLU C 452 59.23 -18.50 49.47
N LYS C 453 58.16 -19.19 49.91
CA LYS C 453 56.79 -18.70 49.87
C LYS C 453 56.54 -17.63 50.95
N HIS C 454 56.06 -16.47 50.53
CA HIS C 454 55.75 -15.33 51.42
C HIS C 454 54.35 -15.49 52.02
N GLU C 455 54.13 -14.91 53.21
CA GLU C 455 52.83 -14.93 53.89
C GLU C 455 51.84 -14.07 53.12
N ILE C 456 50.67 -14.66 52.78
CA ILE C 456 49.63 -13.96 52.05
C ILE C 456 48.87 -13.08 53.04
N GLU C 457 48.89 -11.77 52.77
CA GLU C 457 48.25 -10.75 53.60
C GLU C 457 47.20 -10.00 52.77
N PRO C 458 46.12 -9.44 53.40
CA PRO C 458 45.13 -8.68 52.62
C PRO C 458 45.75 -7.51 51.83
N SER C 459 45.11 -7.07 50.74
CA SER C 459 45.63 -5.96 49.94
C SER C 459 45.59 -4.68 50.76
N GLU C 460 46.58 -3.80 50.53
CA GLU C 460 46.68 -2.54 51.28
C GLU C 460 46.37 -1.35 50.39
N SER C 461 45.82 -0.28 51.00
CA SER C 461 45.50 0.99 50.35
C SER C 461 46.79 1.61 49.81
N VAL C 462 46.68 2.28 48.66
CA VAL C 462 47.84 2.88 47.98
C VAL C 462 47.96 4.37 48.33
N GLU C 463 47.09 4.89 49.23
CA GLU C 463 47.03 6.31 49.61
C GLU C 463 48.41 6.92 49.90
N ALA C 464 49.20 6.28 50.78
CA ALA C 464 50.52 6.74 51.23
C ALA C 464 51.62 6.66 50.15
N ASP C 465 51.38 5.96 49.02
CA ASP C 465 52.35 5.82 47.92
C ASP C 465 52.76 7.15 47.32
N GLN C 466 51.81 8.10 47.28
CA GLN C 466 52.02 9.45 46.76
C GLN C 466 51.78 10.43 47.90
N GLN C 467 52.86 11.10 48.33
CA GLN C 467 52.82 12.04 49.43
C GLN C 467 52.63 13.48 48.94
N ILE C 468 51.74 14.24 49.63
CA ILE C 468 51.47 15.66 49.37
C ILE C 468 52.75 16.45 49.70
N PRO C 469 53.29 17.27 48.77
CA PRO C 469 54.51 18.04 49.10
C PRO C 469 54.21 19.14 50.13
N SER C 470 55.18 19.43 51.00
CA SER C 470 55.05 20.43 52.05
C SER C 470 55.34 21.83 51.52
N LYS C 471 54.50 22.81 51.93
CA LYS C 471 54.58 24.25 51.62
C LYS C 471 54.83 24.52 50.12
N LEU C 472 53.92 24.05 49.25
CA LEU C 472 54.02 24.25 47.80
C LEU C 472 53.34 25.57 47.41
N ALA C 473 54.13 26.51 46.86
CA ALA C 473 53.64 27.82 46.44
C ALA C 473 53.07 27.76 45.01
N THR C 474 51.82 28.22 44.85
CA THR C 474 51.09 28.26 43.58
C THR C 474 50.83 29.69 43.12
N ALA C 475 51.08 30.67 44.00
CA ALA C 475 50.92 32.10 43.71
C ALA C 475 51.90 32.56 42.62
N VAL C 476 51.51 33.56 41.85
CA VAL C 476 52.33 34.12 40.76
C VAL C 476 52.54 35.63 40.99
N ASP C 477 53.50 36.24 40.29
CA ASP C 477 53.71 37.68 40.41
C ASP C 477 52.65 38.40 39.58
N LYS C 478 52.33 39.66 39.96
CA LYS C 478 51.32 40.50 39.29
C LYS C 478 51.61 40.62 37.78
N ALA C 479 52.91 40.73 37.42
CA ALA C 479 53.41 40.86 36.05
C ALA C 479 53.06 39.63 35.20
N MET C 480 52.84 38.46 35.85
CA MET C 480 52.44 37.23 35.17
C MET C 480 50.97 37.35 34.76
N LEU C 481 50.11 37.85 35.68
CA LEU C 481 48.69 38.07 35.41
C LEU C 481 48.53 39.08 34.27
N GLN C 482 49.34 40.16 34.36
CA GLN C 482 49.38 41.27 33.41
C GLN C 482 49.84 40.78 32.04
N ARG C 483 50.82 39.85 31.97
CA ARG C 483 51.33 39.31 30.72
C ARG C 483 50.27 38.47 29.99
N ILE C 484 49.50 37.66 30.76
CA ILE C 484 48.41 36.81 30.24
C ILE C 484 47.27 37.74 29.75
N GLY C 485 47.05 38.84 30.48
CA GLY C 485 46.07 39.87 30.12
C GLY C 485 46.43 40.55 28.82
N ASP C 486 47.70 41.03 28.71
CA ASP C 486 48.29 41.70 27.54
C ASP C 486 48.27 40.80 26.30
N ALA C 487 48.43 39.48 26.50
CA ALA C 487 48.45 38.45 25.45
C ALA C 487 47.12 38.36 24.71
N HIS C 488 46.01 38.72 25.39
CA HIS C 488 44.66 38.68 24.80
C HIS C 488 44.44 39.82 23.80
N LEU C 489 45.28 40.87 23.86
CA LEU C 489 45.19 42.01 22.96
C LEU C 489 46.42 42.12 22.04
N ALA C 490 47.38 41.18 22.15
CA ALA C 490 48.57 41.14 21.29
C ALA C 490 48.22 40.38 20.00
N LEU C 491 47.24 40.94 19.26
CA LEU C 491 46.67 40.40 18.03
C LEU C 491 47.61 40.54 16.84
N PRO C 492 47.60 39.58 15.88
CA PRO C 492 48.46 39.71 14.69
C PRO C 492 48.02 40.88 13.81
N GLU C 493 48.90 41.35 12.91
CA GLU C 493 48.61 42.48 12.02
C GLU C 493 47.41 42.17 11.11
N GLY C 494 46.48 43.12 11.06
CA GLY C 494 45.26 43.03 10.26
C GLY C 494 44.18 42.09 10.78
N PHE C 495 44.35 41.55 12.01
CA PHE C 495 43.37 40.64 12.62
C PHE C 495 42.08 41.38 12.95
N THR C 496 40.94 40.80 12.55
CA THR C 496 39.62 41.38 12.82
C THR C 496 38.90 40.53 13.86
N VAL C 497 38.79 41.04 15.08
CA VAL C 497 38.12 40.36 16.18
C VAL C 497 36.61 40.52 16.00
N HIS C 498 35.83 39.45 16.25
CA HIS C 498 34.38 39.50 16.23
C HIS C 498 33.90 40.56 17.26
N PRO C 499 32.91 41.42 16.93
CA PRO C 499 32.50 42.49 17.85
C PRO C 499 32.02 42.04 19.24
N ARG C 500 31.57 40.79 19.40
CA ARG C 500 31.11 40.24 20.68
C ARG C 500 32.23 39.44 21.40
N VAL C 501 33.39 39.24 20.74
CA VAL C 501 34.55 38.55 21.33
C VAL C 501 35.52 39.61 21.87
N ARG C 502 35.71 40.72 21.13
CA ARG C 502 36.57 41.85 21.48
C ARG C 502 36.36 42.36 22.95
N PRO C 503 35.11 42.54 23.50
CA PRO C 503 35.00 43.04 24.89
C PRO C 503 35.56 42.06 25.92
N VAL C 504 35.56 40.75 25.62
CA VAL C 504 36.11 39.71 26.49
C VAL C 504 37.64 39.90 26.60
N LEU C 505 38.34 40.11 25.46
CA LEU C 505 39.79 40.33 25.42
C LEU C 505 40.18 41.58 26.19
N GLU C 506 39.43 42.68 26.00
CA GLU C 506 39.66 43.97 26.65
C GLU C 506 39.33 43.92 28.13
N LYS C 507 38.23 43.22 28.52
CA LYS C 507 37.84 43.05 29.93
C LYS C 507 38.87 42.22 30.68
N ARG C 508 39.51 41.25 29.99
CA ARG C 508 40.54 40.39 30.55
C ARG C 508 41.81 41.17 30.87
N ARG C 509 42.27 42.07 29.96
CA ARG C 509 43.45 42.91 30.24
C ARG C 509 43.13 43.81 31.44
N GLU C 510 41.89 44.34 31.50
CA GLU C 510 41.41 45.18 32.60
C GLU C 510 41.39 44.38 33.91
N MET C 511 40.89 43.12 33.86
CA MET C 511 40.83 42.22 35.02
C MET C 511 42.23 41.91 35.58
N ALA C 512 43.21 41.71 34.68
CA ALA C 512 44.61 41.39 35.04
C ALA C 512 45.30 42.53 35.78
N TYR C 513 44.92 43.78 35.50
CA TYR C 513 45.52 44.98 36.10
C TYR C 513 44.67 45.56 37.24
N GLU C 514 43.33 45.44 37.16
CA GLU C 514 42.41 46.05 38.11
C GLU C 514 41.72 45.09 39.08
N GLY C 515 41.67 43.80 38.75
CA GLY C 515 41.05 42.81 39.62
C GLY C 515 39.71 42.33 39.12
N ARG C 516 38.82 41.89 40.05
CA ARG C 516 37.47 41.35 39.78
C ARG C 516 37.54 40.30 38.66
N ILE C 517 38.48 39.35 38.81
CA ILE C 517 38.76 38.27 37.85
C ILE C 517 37.64 37.23 37.95
N ASP C 518 36.98 36.94 36.79
CA ASP C 518 35.90 35.97 36.67
C ASP C 518 36.47 34.55 36.56
N TRP C 519 35.60 33.51 36.55
CA TRP C 519 36.02 32.10 36.48
C TRP C 519 36.81 31.78 35.20
N ALA C 520 36.26 32.10 34.01
CA ALA C 520 36.85 31.82 32.70
C ALA C 520 38.27 32.38 32.56
N PHE C 521 38.54 33.60 33.07
CA PHE C 521 39.88 34.17 32.99
C PHE C 521 40.84 33.51 33.99
N ALA C 522 40.39 33.15 35.23
CA ALA C 522 41.25 32.49 36.22
C ALA C 522 41.80 31.16 35.69
N GLU C 523 40.95 30.44 34.94
CA GLU C 523 41.31 29.17 34.30
C GLU C 523 42.49 29.41 33.35
N LEU C 524 42.36 30.40 32.46
CA LEU C 524 43.39 30.74 31.47
C LEU C 524 44.62 31.37 32.12
N LEU C 525 44.45 32.02 33.29
CA LEU C 525 45.56 32.57 34.07
C LEU C 525 46.38 31.42 34.64
N ALA C 526 45.70 30.33 35.05
CA ALA C 526 46.35 29.14 35.61
C ALA C 526 47.11 28.40 34.54
N LEU C 527 46.46 28.13 33.38
CA LEU C 527 47.08 27.41 32.27
C LEU C 527 48.22 28.23 31.65
N GLY C 528 47.98 29.53 31.47
CA GLY C 528 48.94 30.48 30.91
C GLY C 528 50.22 30.62 31.71
N SER C 529 50.11 30.62 33.05
CA SER C 529 51.26 30.74 33.93
C SER C 529 52.07 29.43 33.93
N LEU C 530 51.38 28.28 33.79
CA LEU C 530 52.04 26.98 33.71
C LEU C 530 52.85 26.85 32.41
N ILE C 531 52.27 27.31 31.26
CA ILE C 531 52.93 27.31 29.94
C ILE C 531 54.20 28.18 30.02
N ALA C 532 54.10 29.35 30.66
CA ALA C 532 55.20 30.28 30.87
C ALA C 532 56.32 29.65 31.72
N GLU C 533 55.97 28.69 32.60
CA GLU C 533 56.89 27.96 33.46
C GLU C 533 57.47 26.73 32.75
N GLY C 534 57.06 26.53 31.51
CA GLY C 534 57.54 25.44 30.65
C GLY C 534 56.69 24.20 30.58
N LYS C 535 55.45 24.25 31.07
CA LYS C 535 54.58 23.08 31.07
C LYS C 535 53.75 22.93 29.79
N LEU C 536 53.61 21.67 29.34
CA LEU C 536 52.78 21.32 28.19
C LEU C 536 51.34 21.21 28.68
N VAL C 537 50.45 22.05 28.13
CA VAL C 537 49.04 22.05 28.52
C VAL C 537 48.21 21.53 27.34
N ARG C 538 47.46 20.45 27.57
CA ARG C 538 46.54 19.88 26.61
C ARG C 538 45.13 20.02 27.18
N LEU C 539 44.31 20.80 26.50
CA LEU C 539 42.93 21.08 26.86
C LEU C 539 42.05 20.70 25.69
N SER C 540 41.04 19.86 25.92
CA SER C 540 40.12 19.44 24.87
C SER C 540 38.73 19.11 25.45
N GLY C 541 37.77 18.95 24.56
CA GLY C 541 36.38 18.64 24.88
C GLY C 541 35.46 19.20 23.81
N GLN C 542 34.15 18.93 23.95
CA GLN C 542 33.16 19.39 22.99
C GLN C 542 32.99 20.91 23.07
N ASP C 543 33.37 21.61 21.96
CA ASP C 543 33.30 23.07 21.79
C ASP C 543 34.16 23.80 22.85
N THR C 544 35.26 23.16 23.28
CA THR C 544 36.13 23.64 24.35
C THR C 544 36.94 24.88 23.95
N GLN C 545 37.32 25.03 22.66
CA GLN C 545 38.09 26.18 22.19
C GLN C 545 37.37 27.51 22.49
N ARG C 546 36.05 27.56 22.20
CA ARG C 546 35.28 28.75 22.50
C ARG C 546 34.68 28.66 23.93
N GLY C 547 34.16 27.48 24.27
CA GLY C 547 33.48 27.23 25.53
C GLY C 547 31.99 27.12 25.26
N THR C 548 31.33 26.09 25.84
CA THR C 548 29.89 25.85 25.69
C THR C 548 29.07 27.11 26.05
N PHE C 549 29.50 27.84 27.09
CA PHE C 549 28.80 29.03 27.58
C PHE C 549 29.46 30.32 27.08
N THR C 550 30.15 30.26 25.91
CA THR C 550 30.84 31.37 25.22
C THR C 550 31.74 32.15 26.21
N GLN C 551 32.45 31.43 27.08
CA GLN C 551 33.23 32.08 28.11
C GLN C 551 34.73 31.90 27.96
N ARG C 552 35.21 30.79 27.34
CA ARG C 552 36.65 30.53 27.29
C ARG C 552 37.38 31.42 26.26
N HIS C 553 37.04 31.30 24.97
CA HIS C 553 37.68 32.00 23.85
C HIS C 553 39.20 31.76 23.87
N ALA C 554 39.58 30.48 24.02
CA ALA C 554 40.99 30.02 24.02
C ALA C 554 41.57 30.21 22.62
N VAL C 555 40.69 30.12 21.60
CA VAL C 555 40.97 30.33 20.18
C VAL C 555 39.99 31.41 19.68
N ILE C 556 40.50 32.48 19.07
CA ILE C 556 39.61 33.52 18.52
C ILE C 556 39.73 33.46 16.99
N VAL C 557 38.58 33.54 16.29
CA VAL C 557 38.52 33.41 14.84
C VAL C 557 38.38 34.79 14.18
N ASP C 558 39.20 35.05 13.12
CA ASP C 558 39.16 36.30 12.37
C ASP C 558 37.81 36.41 11.65
N ARG C 559 37.04 37.47 11.96
CA ARG C 559 35.70 37.72 11.42
C ARG C 559 35.68 37.76 9.89
N LYS C 560 36.78 38.24 9.27
CA LYS C 560 36.91 38.40 7.82
C LYS C 560 37.52 37.20 7.09
N THR C 561 38.66 36.67 7.58
CA THR C 561 39.40 35.58 6.91
C THR C 561 39.18 34.19 7.50
N GLY C 562 38.84 34.10 8.77
CA GLY C 562 38.65 32.81 9.43
C GLY C 562 39.91 32.28 10.10
N GLU C 563 41.01 33.08 10.04
CA GLU C 563 42.30 32.76 10.65
C GLU C 563 42.16 32.66 12.17
N GLU C 564 42.82 31.67 12.76
CA GLU C 564 42.73 31.45 14.21
C GLU C 564 43.89 32.11 14.95
N PHE C 565 43.60 32.63 16.16
CA PHE C 565 44.58 33.22 17.06
C PHE C 565 44.38 32.63 18.46
N THR C 566 45.45 32.06 19.02
CA THR C 566 45.47 31.44 20.34
C THR C 566 46.31 32.33 21.28
N PRO C 567 45.66 33.19 22.11
CA PRO C 567 46.41 34.10 22.99
C PRO C 567 47.41 33.44 23.95
N LEU C 568 47.07 32.30 24.60
CA LEU C 568 47.95 31.64 25.58
C LEU C 568 49.25 31.08 24.95
N GLN C 569 49.27 30.85 23.63
CA GLN C 569 50.45 30.33 22.93
C GLN C 569 51.62 31.34 22.94
N LEU C 570 51.31 32.64 23.12
CA LEU C 570 52.32 33.71 23.21
C LEU C 570 53.18 33.57 24.48
N LEU C 571 52.67 32.84 25.48
CA LEU C 571 53.32 32.63 26.77
C LEU C 571 54.36 31.51 26.71
N ALA C 572 54.38 30.73 25.62
CA ALA C 572 55.37 29.68 25.38
C ALA C 572 56.73 30.30 24.99
N THR C 573 56.76 31.63 24.80
CA THR C 573 57.96 32.41 24.47
C THR C 573 58.19 33.44 25.57
N ASN C 574 59.44 33.51 26.09
CA ASN C 574 59.87 34.46 27.11
C ASN C 574 60.00 35.87 26.49
N PRO C 575 59.98 36.99 27.27
CA PRO C 575 60.10 38.33 26.65
C PRO C 575 61.39 38.57 25.83
N ASP C 576 62.46 37.78 26.10
CA ASP C 576 63.73 37.89 25.38
C ASP C 576 63.71 37.10 24.05
N GLY C 577 62.69 36.27 23.85
CA GLY C 577 62.49 35.50 22.63
C GLY C 577 62.74 34.01 22.70
N THR C 578 63.39 33.54 23.77
CA THR C 578 63.68 32.11 23.96
C THR C 578 62.42 31.34 24.34
N PRO C 579 62.28 30.06 23.90
CA PRO C 579 61.08 29.29 24.29
C PRO C 579 61.13 28.87 25.75
N THR C 580 59.96 28.82 26.41
CA THR C 580 59.84 28.43 27.81
C THR C 580 59.91 26.92 27.96
N GLY C 581 59.58 26.20 26.88
CA GLY C 581 59.51 24.75 26.84
C GLY C 581 58.07 24.28 26.85
N GLY C 582 57.17 25.19 27.26
CA GLY C 582 55.73 24.96 27.34
C GLY C 582 55.05 25.08 26.00
N LYS C 583 53.79 24.60 25.93
CA LYS C 583 52.98 24.58 24.72
C LYS C 583 51.48 24.50 25.07
N PHE C 584 50.63 25.27 24.35
CA PHE C 584 49.19 25.21 24.56
C PHE C 584 48.55 24.43 23.44
N LEU C 585 47.98 23.27 23.78
CA LEU C 585 47.29 22.42 22.83
C LEU C 585 45.84 22.42 23.21
N VAL C 586 45.02 23.13 22.42
CA VAL C 586 43.59 23.23 22.70
C VAL C 586 42.80 22.78 21.47
N TYR C 587 41.87 21.84 21.69
CA TYR C 587 41.10 21.26 20.59
C TYR C 587 39.63 21.16 20.92
N ASN C 588 38.83 21.11 19.87
CA ASN C 588 37.41 20.79 19.88
C ASN C 588 37.38 19.28 19.64
N SER C 589 36.83 18.51 20.58
CA SER C 589 36.80 17.05 20.43
C SER C 589 35.71 16.61 19.45
N ALA C 590 35.65 15.29 19.16
CA ALA C 590 34.58 14.69 18.38
C ALA C 590 33.37 14.54 19.31
N LEU C 591 32.18 14.23 18.78
CA LEU C 591 31.04 14.09 19.67
C LEU C 591 31.07 12.69 20.31
N SER C 592 32.07 12.49 21.17
CA SER C 592 32.33 11.28 21.93
C SER C 592 32.65 11.61 23.37
N GLU C 593 32.40 10.66 24.26
CA GLU C 593 32.75 10.77 25.67
C GLU C 593 33.70 9.64 26.01
N PHE C 594 33.29 8.38 25.68
CA PHE C 594 34.05 7.16 25.92
C PHE C 594 35.48 7.28 25.36
N ALA C 595 35.60 7.51 24.04
CA ALA C 595 36.90 7.61 23.36
C ALA C 595 37.72 8.83 23.79
N ALA C 596 37.09 10.02 23.91
CA ALA C 596 37.74 11.26 24.29
C ALA C 596 38.31 11.19 25.72
N VAL C 597 37.53 10.65 26.69
CA VAL C 597 37.98 10.51 28.08
C VAL C 597 39.11 9.46 28.14
N GLY C 598 38.91 8.34 27.43
CA GLY C 598 39.89 7.27 27.32
C GLY C 598 41.22 7.79 26.79
N PHE C 599 41.15 8.59 25.71
CA PHE C 599 42.30 9.21 25.05
C PHE C 599 43.09 10.14 26.02
N GLU C 600 42.36 10.99 26.78
CA GLU C 600 42.98 11.97 27.68
C GLU C 600 43.62 11.28 28.86
N TYR C 601 43.00 10.19 29.35
CA TYR C 601 43.57 9.36 30.40
C TYR C 601 44.89 8.78 29.87
N GLY C 602 44.84 8.19 28.67
CA GLY C 602 45.99 7.62 27.99
C GLY C 602 47.10 8.63 27.80
N TYR C 603 46.75 9.86 27.37
CA TYR C 603 47.69 10.96 27.17
C TYR C 603 48.43 11.28 28.47
N SER C 604 47.69 11.42 29.59
CA SER C 604 48.24 11.74 30.91
C SER C 604 49.23 10.67 31.40
N VAL C 605 48.99 9.39 31.06
CA VAL C 605 49.88 8.26 31.39
C VAL C 605 51.12 8.31 30.47
N GLY C 606 50.91 8.61 29.19
CA GLY C 606 51.96 8.72 28.19
C GLY C 606 52.98 9.81 28.46
N ASN C 607 52.49 10.96 28.97
CA ASN C 607 53.31 12.11 29.37
C ASN C 607 52.85 12.57 30.76
N PRO C 608 53.53 12.08 31.82
CA PRO C 608 53.13 12.46 33.20
C PRO C 608 53.44 13.92 33.56
N ASP C 609 54.33 14.59 32.79
CA ASP C 609 54.72 15.99 33.03
C ASP C 609 53.79 16.98 32.31
N ALA C 610 52.77 16.46 31.62
CA ALA C 610 51.80 17.29 30.92
C ALA C 610 50.60 17.62 31.81
N MET C 611 50.00 18.80 31.56
CA MET C 611 48.77 19.24 32.21
C MET C 611 47.67 18.83 31.22
N VAL C 612 46.94 17.76 31.54
CA VAL C 612 45.92 17.21 30.64
C VAL C 612 44.54 17.44 31.22
N LEU C 613 43.73 18.21 30.49
CA LEU C 613 42.37 18.58 30.89
C LEU C 613 41.36 18.18 29.83
N TRP C 614 40.30 17.48 30.26
CA TRP C 614 39.18 17.10 29.40
C TRP C 614 37.94 17.73 29.95
N GLU C 615 37.19 18.44 29.08
CA GLU C 615 35.98 19.12 29.52
C GLU C 615 34.73 18.51 28.89
N ALA C 616 33.74 18.18 29.76
CA ALA C 616 32.43 17.70 29.32
C ALA C 616 31.62 18.91 28.92
N GLN C 617 30.71 18.78 27.93
CA GLN C 617 29.84 19.88 27.53
C GLN C 617 29.04 20.29 28.80
N PHE C 618 28.45 19.27 29.43
CA PHE C 618 27.72 19.28 30.70
C PHE C 618 28.16 18.01 31.39
N GLY C 619 28.35 18.06 32.70
CA GLY C 619 28.78 16.91 33.49
C GLY C 619 27.88 15.69 33.37
N ASP C 620 26.64 15.91 32.91
CA ASP C 620 25.62 14.89 32.73
C ASP C 620 25.97 13.89 31.61
N PHE C 621 26.97 14.21 30.77
CA PHE C 621 27.39 13.35 29.65
C PHE C 621 28.59 12.47 29.97
N VAL C 622 29.23 12.66 31.15
CA VAL C 622 30.40 11.90 31.56
C VAL C 622 30.04 10.41 31.82
N ASN C 623 28.74 10.11 32.06
CA ASN C 623 28.28 8.72 32.25
C ASN C 623 28.40 7.91 30.93
N GLY C 624 28.66 8.59 29.81
CA GLY C 624 28.91 7.96 28.51
C GLY C 624 30.32 7.37 28.47
N ALA C 625 31.19 7.79 29.43
CA ALA C 625 32.57 7.35 29.62
C ALA C 625 32.74 6.64 30.98
N GLN C 626 31.64 6.07 31.52
CA GLN C 626 31.63 5.40 32.82
C GLN C 626 32.71 4.33 32.93
N SER C 627 32.88 3.49 31.88
CA SER C 627 33.89 2.43 31.84
C SER C 627 35.30 2.98 32.04
N ILE C 628 35.63 4.16 31.47
CA ILE C 628 36.95 4.76 31.65
C ILE C 628 37.09 5.25 33.10
N ILE C 629 36.04 5.88 33.64
CA ILE C 629 36.06 6.40 35.02
C ILE C 629 36.25 5.22 35.99
N ASP C 630 35.41 4.17 35.86
CA ASP C 630 35.44 2.99 36.73
C ASP C 630 36.70 2.14 36.56
N GLU C 631 37.08 1.83 35.31
CA GLU C 631 38.16 0.87 35.04
C GLU C 631 39.56 1.47 34.88
N PHE C 632 39.68 2.79 34.65
CA PHE C 632 41.01 3.38 34.45
C PHE C 632 41.31 4.51 35.43
N ILE C 633 40.52 5.59 35.41
CA ILE C 633 40.73 6.80 36.21
C ILE C 633 40.68 6.53 37.73
N SER C 634 39.61 5.90 38.23
CA SER C 634 39.44 5.70 39.67
C SER C 634 40.20 4.50 40.25
N SER C 635 40.55 3.48 39.43
CA SER C 635 41.18 2.27 39.99
C SER C 635 42.50 1.81 39.34
N GLY C 636 42.99 2.50 38.30
CA GLY C 636 44.22 2.15 37.59
C GLY C 636 45.49 2.06 38.43
N GLU C 637 45.63 2.93 39.45
CA GLU C 637 46.79 2.94 40.34
C GLU C 637 46.80 1.68 41.24
N ALA C 638 45.67 1.39 41.91
CA ALA C 638 45.49 0.25 42.81
C ALA C 638 45.63 -1.10 42.08
N LYS C 639 45.16 -1.15 40.82
CA LYS C 639 45.13 -2.37 40.02
C LYS C 639 46.44 -2.68 39.31
N TRP C 640 47.11 -1.66 38.73
CA TRP C 640 48.30 -1.91 37.92
C TRP C 640 49.52 -1.06 38.26
N GLY C 641 49.37 -0.09 39.16
CA GLY C 641 50.46 0.84 39.48
C GLY C 641 50.63 1.87 38.38
N GLN C 642 49.59 2.02 37.53
CA GLN C 642 49.54 2.95 36.42
C GLN C 642 49.03 4.30 36.93
N LEU C 643 49.88 5.32 36.79
CA LEU C 643 49.62 6.65 37.32
C LEU C 643 49.18 7.62 36.21
N SER C 644 48.08 8.34 36.49
CA SER C 644 47.44 9.32 35.61
C SER C 644 47.07 10.57 36.41
N ASP C 645 47.30 11.76 35.83
CA ASP C 645 46.95 13.03 36.47
C ASP C 645 45.91 13.75 35.60
N VAL C 646 45.10 12.97 34.85
CA VAL C 646 44.07 13.52 34.00
C VAL C 646 43.11 14.42 34.83
N VAL C 647 42.66 15.53 34.23
CA VAL C 647 41.71 16.47 34.86
C VAL C 647 40.38 16.35 34.11
N LEU C 648 39.29 16.10 34.85
CA LEU C 648 37.94 16.06 34.29
C LEU C 648 37.20 17.29 34.76
N LEU C 649 36.84 18.17 33.81
CA LEU C 649 36.07 19.39 34.08
C LEU C 649 34.62 19.08 33.76
N LEU C 650 33.75 19.18 34.77
CA LEU C 650 32.36 18.79 34.63
C LEU C 650 31.39 19.93 35.00
N PRO C 651 30.82 20.63 33.99
CA PRO C 651 29.85 21.71 34.29
C PRO C 651 28.65 21.15 35.04
N HIS C 652 28.45 21.67 36.27
CA HIS C 652 27.47 21.21 37.25
C HIS C 652 26.73 22.38 37.91
N GLY C 653 25.45 22.17 38.22
CA GLY C 653 24.61 23.17 38.88
C GLY C 653 23.16 23.14 38.47
N HIS C 654 22.26 23.34 39.47
CA HIS C 654 20.81 23.36 39.28
C HIS C 654 20.40 24.76 38.81
N GLU C 655 19.98 24.88 37.54
CA GLU C 655 19.63 26.17 36.93
C GLU C 655 18.30 26.16 36.15
N GLY C 656 17.59 25.03 36.16
CA GLY C 656 16.33 24.89 35.45
C GLY C 656 16.45 24.48 34.00
N GLN C 657 17.62 23.94 33.61
CA GLN C 657 17.88 23.52 32.22
C GLN C 657 17.54 22.04 31.94
N GLY C 658 16.95 21.33 32.91
CA GLY C 658 16.55 19.95 32.73
C GLY C 658 17.43 18.91 33.39
N PRO C 659 16.97 17.63 33.45
CA PRO C 659 17.76 16.57 34.13
C PRO C 659 19.09 16.22 33.46
N ASP C 660 19.33 16.61 32.20
CA ASP C 660 20.58 16.31 31.49
C ASP C 660 21.48 17.55 31.33
N HIS C 661 21.12 18.64 32.01
CA HIS C 661 21.90 19.88 31.98
C HIS C 661 21.98 20.42 33.40
N THR C 662 22.16 19.50 34.38
CA THR C 662 22.14 19.85 35.79
C THR C 662 23.27 19.20 36.63
N SER C 663 23.47 17.87 36.53
CA SER C 663 24.41 17.17 37.42
C SER C 663 25.53 16.36 36.75
N GLY C 664 26.72 16.49 37.32
CA GLY C 664 27.94 15.75 36.96
C GLY C 664 28.08 14.48 37.79
N ARG C 665 27.05 14.18 38.61
CA ARG C 665 26.90 13.03 39.49
C ARG C 665 28.06 12.96 40.53
N ILE C 666 28.12 14.00 41.41
CA ILE C 666 29.10 14.15 42.49
C ILE C 666 29.12 12.89 43.35
N GLU C 667 27.91 12.41 43.75
CA GLU C 667 27.66 11.23 44.56
C GLU C 667 28.37 9.98 44.02
N ARG C 668 28.43 9.81 42.68
CA ARG C 668 29.08 8.68 42.01
C ARG C 668 30.60 8.75 42.13
N PHE C 669 31.20 9.94 41.91
CA PHE C 669 32.65 10.13 42.04
C PHE C 669 33.09 9.97 43.49
N LEU C 670 32.25 10.42 44.44
CA LEU C 670 32.50 10.30 45.89
C LEU C 670 32.43 8.84 46.33
N GLN C 671 31.53 8.07 45.71
CA GLN C 671 31.34 6.63 45.95
C GLN C 671 32.56 5.85 45.47
N LEU C 672 33.09 6.21 44.27
CA LEU C 672 34.26 5.58 43.66
C LEU C 672 35.55 5.92 44.41
N TRP C 673 35.61 7.10 45.05
CA TRP C 673 36.76 7.57 45.81
C TRP C 673 37.10 6.62 46.97
N ALA C 674 38.38 6.30 47.08
CA ALA C 674 38.99 5.46 48.13
C ALA C 674 40.49 5.45 47.92
N GLU C 675 41.27 5.22 48.99
CA GLU C 675 42.74 5.10 48.92
C GLU C 675 43.42 6.37 48.35
N GLY C 676 42.82 7.54 48.59
CA GLY C 676 43.30 8.82 48.08
C GLY C 676 43.66 8.79 46.60
N SER C 677 42.85 8.07 45.79
CA SER C 677 43.06 7.86 44.36
C SER C 677 42.91 9.13 43.54
N MET C 678 41.95 10.00 43.90
CA MET C 678 41.68 11.24 43.17
C MET C 678 41.42 12.41 44.09
N THR C 679 41.45 13.63 43.52
CA THR C 679 41.05 14.88 44.15
C THR C 679 39.72 15.23 43.52
N ILE C 680 38.69 15.47 44.36
CA ILE C 680 37.35 15.85 43.91
C ILE C 680 37.06 17.21 44.51
N ALA C 681 36.87 18.20 43.65
CA ALA C 681 36.64 19.57 44.07
C ALA C 681 35.45 20.22 43.37
N MET C 682 34.83 21.20 44.05
CA MET C 682 33.75 22.04 43.56
C MET C 682 34.04 23.46 44.06
N PRO C 683 34.98 24.19 43.40
CA PRO C 683 35.33 25.53 43.87
C PRO C 683 34.22 26.54 43.62
N SER C 684 34.10 27.52 44.53
CA SER C 684 33.09 28.58 44.46
C SER C 684 33.66 29.91 43.98
N THR C 685 34.99 30.06 43.95
CA THR C 685 35.61 31.31 43.53
C THR C 685 36.62 31.07 42.41
N PRO C 686 36.85 32.06 41.51
CA PRO C 686 37.85 31.90 40.45
C PRO C 686 39.27 31.65 40.99
N ALA C 687 39.69 32.45 42.00
CA ALA C 687 41.01 32.34 42.65
C ALA C 687 41.32 30.93 43.13
N ASN C 688 40.32 30.26 43.74
CA ASN C 688 40.48 28.90 44.27
C ASN C 688 40.63 27.86 43.18
N TYR C 689 39.98 28.09 42.04
CA TYR C 689 40.05 27.20 40.88
C TYR C 689 41.44 27.31 40.25
N PHE C 690 41.96 28.55 40.14
CA PHE C 690 43.29 28.88 39.62
C PHE C 690 44.37 28.12 40.42
N HIS C 691 44.32 28.19 41.76
CA HIS C 691 45.27 27.53 42.66
C HIS C 691 45.09 26.02 42.63
N LEU C 692 43.83 25.54 42.50
CA LEU C 692 43.55 24.09 42.39
C LEU C 692 44.25 23.52 41.16
N LEU C 693 44.12 24.22 40.02
CA LEU C 693 44.74 23.84 38.74
C LEU C 693 46.26 23.96 38.82
N ARG C 694 46.77 25.05 39.41
CA ARG C 694 48.21 25.26 39.53
C ARG C 694 48.83 24.26 40.50
N ARG C 695 48.11 23.89 41.58
CA ARG C 695 48.60 22.89 42.54
C ARG C 695 48.71 21.54 41.84
N HIS C 696 47.66 21.14 41.12
CA HIS C 696 47.63 19.88 40.37
C HIS C 696 48.80 19.75 39.39
N GLY C 697 49.12 20.83 38.70
CA GLY C 697 50.22 20.85 37.74
C GLY C 697 51.60 21.01 38.34
N LYS C 698 51.71 21.33 39.65
CA LYS C 698 53.03 21.54 40.28
C LYS C 698 53.35 20.59 41.45
N ASP C 699 52.34 19.99 42.11
CA ASP C 699 52.54 19.15 43.32
C ASP C 699 53.27 17.81 43.06
N GLY C 700 53.25 17.32 41.83
CA GLY C 700 53.91 16.07 41.46
C GLY C 700 53.14 14.80 41.79
N ILE C 701 51.90 14.95 42.34
CA ILE C 701 51.02 13.82 42.66
C ILE C 701 50.41 13.36 41.35
N GLN C 702 50.73 12.14 40.93
CA GLN C 702 50.24 11.59 39.67
C GLN C 702 48.93 10.84 39.91
N ARG C 703 47.89 11.59 40.28
CA ARG C 703 46.54 11.12 40.58
C ARG C 703 45.50 12.04 39.90
N PRO C 704 44.34 11.51 39.44
CA PRO C 704 43.39 12.36 38.70
C PRO C 704 42.71 13.43 39.55
N LEU C 705 42.21 14.49 38.87
CA LEU C 705 41.50 15.61 39.48
C LEU C 705 40.12 15.74 38.85
N ILE C 706 39.07 15.70 39.68
CA ILE C 706 37.68 15.84 39.23
C ILE C 706 37.19 17.22 39.69
N VAL C 707 36.86 18.09 38.72
CA VAL C 707 36.42 19.45 39.01
C VAL C 707 34.99 19.66 38.53
N PHE C 708 34.08 19.95 39.48
CA PHE C 708 32.70 20.29 39.18
C PHE C 708 32.69 21.79 38.95
N THR C 709 32.62 22.17 37.68
CA THR C 709 32.75 23.55 37.19
C THR C 709 31.37 24.25 37.03
N PRO C 710 31.34 25.61 37.04
CA PRO C 710 30.06 26.32 36.97
C PRO C 710 29.58 26.68 35.57
N LYS C 711 28.29 27.10 35.48
CA LYS C 711 27.63 27.51 34.24
C LYS C 711 27.16 28.96 34.40
N SER C 712 26.07 29.22 35.16
CA SER C 712 25.59 30.59 35.40
C SER C 712 26.58 31.37 36.30
N MET C 713 27.24 30.67 37.25
CA MET C 713 28.22 31.25 38.18
C MET C 713 29.42 31.88 37.42
N LEU C 714 29.64 31.49 36.13
CA LEU C 714 30.69 32.05 35.28
C LEU C 714 30.50 33.56 35.12
N ARG C 715 29.22 34.01 35.07
CA ARG C 715 28.83 35.40 34.86
C ARG C 715 28.27 36.08 36.12
N ASN C 716 28.39 35.44 37.29
CA ASN C 716 27.96 36.01 38.56
C ASN C 716 28.94 37.10 38.96
N LYS C 717 28.42 38.33 39.18
CA LYS C 717 29.19 39.51 39.55
C LYS C 717 29.81 39.36 40.94
N ALA C 718 29.23 38.50 41.81
CA ALA C 718 29.76 38.23 43.16
C ALA C 718 30.86 37.16 43.12
N ALA C 719 30.81 36.22 42.15
CA ALA C 719 31.79 35.16 41.99
C ALA C 719 33.04 35.65 41.22
N VAL C 720 33.71 36.69 41.78
CA VAL C 720 34.92 37.30 41.23
C VAL C 720 36.02 37.35 42.31
N SER C 721 37.29 37.47 41.89
CA SER C 721 38.44 37.45 42.78
C SER C 721 39.39 38.62 42.57
N ASP C 722 40.12 38.99 43.64
CA ASP C 722 41.09 40.08 43.62
C ASP C 722 42.46 39.58 43.22
N ILE C 723 43.33 40.47 42.70
CA ILE C 723 44.70 40.18 42.26
C ILE C 723 45.51 39.53 43.41
N ARG C 724 45.36 40.07 44.65
CA ARG C 724 46.05 39.58 45.85
C ARG C 724 45.78 38.08 46.08
N ASP C 725 44.53 37.60 45.80
CA ASP C 725 44.14 36.19 45.93
C ASP C 725 44.95 35.27 45.00
N PHE C 726 45.52 35.82 43.91
CA PHE C 726 46.31 35.10 42.92
C PHE C 726 47.80 35.20 43.22
N THR C 727 48.22 36.35 43.79
CA THR C 727 49.62 36.70 44.04
C THR C 727 50.09 36.41 45.47
N GLU C 728 49.21 36.44 46.49
CA GLU C 728 49.66 36.23 47.88
C GLU C 728 48.87 35.12 48.60
N SER C 729 47.97 34.43 47.90
CA SER C 729 47.18 33.36 48.49
C SER C 729 47.57 31.98 47.90
N LYS C 730 46.84 30.94 48.32
CA LYS C 730 47.00 29.53 47.94
C LYS C 730 45.62 28.88 47.95
N PHE C 731 45.51 27.59 47.58
CA PHE C 731 44.23 26.89 47.59
C PHE C 731 43.67 26.82 49.00
N ARG C 732 42.38 27.06 49.14
CA ARG C 732 41.70 26.98 50.42
C ARG C 732 40.57 25.98 50.27
N SER C 733 40.71 24.82 50.92
CA SER C 733 39.76 23.70 50.85
C SER C 733 38.48 24.01 51.61
N VAL C 734 38.57 24.82 52.66
CA VAL C 734 37.43 25.26 53.47
C VAL C 734 37.38 26.80 53.40
N LEU C 735 36.25 27.35 52.96
CA LEU C 735 36.12 28.80 52.86
C LEU C 735 35.06 29.36 53.80
N GLU C 736 35.41 30.47 54.46
CA GLU C 736 34.52 31.25 55.32
C GLU C 736 33.96 32.39 54.52
N GLU C 737 32.94 33.07 55.06
CA GLU C 737 32.37 34.27 54.47
C GLU C 737 33.37 35.41 54.60
N PRO C 738 33.58 36.22 53.54
CA PRO C 738 34.51 37.36 53.64
C PRO C 738 34.26 38.33 54.80
N MET C 739 32.99 38.45 55.29
CA MET C 739 32.62 39.36 56.39
C MET C 739 33.31 38.97 57.70
N TYR C 740 33.69 37.69 57.84
CA TYR C 740 34.33 37.18 59.05
C TYR C 740 35.85 37.27 58.98
N THR C 741 36.43 37.08 57.78
CA THR C 741 37.88 37.14 57.58
C THR C 741 38.38 38.54 57.20
N ASP C 742 37.58 39.33 56.43
CA ASP C 742 37.99 40.64 55.95
C ASP C 742 37.07 41.78 56.41
N GLY C 743 35.77 41.48 56.58
CA GLY C 743 34.76 42.47 56.97
C GLY C 743 34.65 42.77 58.45
N GLU C 744 33.44 43.19 58.88
CA GLU C 744 33.15 43.54 60.27
C GLU C 744 32.13 42.57 60.93
N GLY C 745 32.07 41.32 60.46
CA GLY C 745 31.20 40.29 61.00
C GLY C 745 31.64 39.73 62.33
N ASP C 746 30.67 39.31 63.18
CA ASP C 746 30.95 38.74 64.51
C ASP C 746 30.55 37.26 64.52
N ARG C 747 31.56 36.37 64.59
CA ARG C 747 31.39 34.91 64.58
C ARG C 747 30.66 34.38 65.83
N ASN C 748 30.71 35.12 66.94
CA ASN C 748 30.09 34.73 68.20
C ASN C 748 28.56 34.84 68.17
N LYS C 749 28.02 35.66 67.24
CA LYS C 749 26.56 35.84 67.08
C LYS C 749 25.92 34.65 66.37
N VAL C 750 26.73 33.79 65.72
CA VAL C 750 26.30 32.64 64.93
C VAL C 750 25.82 31.48 65.83
N THR C 751 24.54 31.11 65.66
CA THR C 751 23.86 30.01 66.37
C THR C 751 23.56 28.86 65.41
N ARG C 752 23.30 29.17 64.13
CA ARG C 752 23.01 28.17 63.10
C ARG C 752 24.13 28.19 62.04
N LEU C 753 24.62 27.00 61.69
CA LEU C 753 25.70 26.86 60.73
C LEU C 753 25.28 26.01 59.53
N LEU C 754 25.38 26.61 58.33
CA LEU C 754 25.03 25.94 57.09
C LEU C 754 26.32 25.59 56.34
N LEU C 755 26.56 24.28 56.16
CA LEU C 755 27.71 23.77 55.43
C LEU C 755 27.29 23.46 54.02
N THR C 756 28.05 23.96 53.05
CA THR C 756 27.69 23.79 51.66
C THR C 756 28.91 23.69 50.73
N SER C 757 28.63 23.48 49.43
CA SER C 757 29.59 23.42 48.36
C SER C 757 28.96 23.96 47.09
N GLY C 758 29.72 24.77 46.35
CA GLY C 758 29.28 25.28 45.06
C GLY C 758 28.63 26.64 45.00
N LYS C 759 27.83 26.86 43.95
CA LYS C 759 27.18 28.13 43.65
C LYS C 759 26.05 28.50 44.61
N ILE C 760 25.41 27.52 45.30
CA ILE C 760 24.30 27.79 46.23
C ILE C 760 24.74 28.72 47.37
N TYR C 761 26.06 28.79 47.68
CA TYR C 761 26.60 29.70 48.69
C TYR C 761 26.14 31.14 48.45
N TYR C 762 26.26 31.62 47.19
CA TYR C 762 25.90 32.97 46.77
C TYR C 762 24.42 33.25 46.99
N GLU C 763 23.55 32.24 46.71
CA GLU C 763 22.11 32.32 46.91
C GLU C 763 21.79 32.36 48.40
N LEU C 764 22.59 31.65 49.22
CA LEU C 764 22.43 31.63 50.69
C LEU C 764 22.96 32.94 51.27
N ALA C 765 24.12 33.43 50.76
CA ALA C 765 24.76 34.69 51.19
C ALA C 765 23.86 35.91 50.89
N ALA C 766 23.18 35.92 49.72
CA ALA C 766 22.27 36.99 49.31
C ALA C 766 21.03 37.03 50.21
N ARG C 767 20.56 35.85 50.66
CA ARG C 767 19.41 35.74 51.55
C ARG C 767 19.79 36.21 52.96
N LYS C 768 21.00 35.84 53.41
CA LYS C 768 21.56 36.23 54.71
C LYS C 768 21.70 37.77 54.78
N ALA C 769 22.17 38.39 53.69
CA ALA C 769 22.38 39.83 53.57
C ALA C 769 21.04 40.59 53.55
N LYS C 770 20.05 40.08 52.78
CA LYS C 770 18.72 40.66 52.63
C LYS C 770 17.96 40.70 53.96
N GLU C 771 18.04 39.63 54.76
CA GLU C 771 17.35 39.52 56.04
C GLU C 771 18.24 39.90 57.23
N ASN C 772 19.53 40.25 56.97
CA ASN C 772 20.56 40.62 57.97
C ASN C 772 20.64 39.55 59.08
N ARG C 773 20.76 38.28 58.67
CA ARG C 773 20.81 37.14 59.58
C ARG C 773 22.22 36.92 60.12
N GLU C 774 22.57 37.68 61.16
CA GLU C 774 23.86 37.63 61.85
C GLU C 774 24.05 36.30 62.61
N ASP C 775 22.94 35.59 62.87
CA ASP C 775 22.89 34.33 63.62
C ASP C 775 23.22 33.10 62.73
N VAL C 776 23.32 33.30 61.41
CA VAL C 776 23.58 32.24 60.45
C VAL C 776 24.92 32.48 59.72
N ALA C 777 25.76 31.43 59.63
CA ALA C 777 27.03 31.46 58.89
C ALA C 777 27.08 30.34 57.87
N ILE C 778 27.63 30.65 56.68
CA ILE C 778 27.77 29.69 55.60
C ILE C 778 29.26 29.36 55.44
N VAL C 779 29.58 28.06 55.59
CA VAL C 779 30.94 27.52 55.45
C VAL C 779 30.97 26.64 54.20
N ARG C 780 31.93 26.90 53.31
CA ARG C 780 32.07 26.15 52.07
C ARG C 780 33.14 25.09 52.14
N ILE C 781 32.84 23.92 51.56
CA ILE C 781 33.79 22.80 51.42
C ILE C 781 34.13 22.77 49.93
N GLU C 782 35.32 23.30 49.58
CA GLU C 782 35.83 23.43 48.21
C GLU C 782 36.40 22.10 47.70
N GLN C 783 37.12 21.37 48.57
CA GLN C 783 37.70 20.06 48.26
C GLN C 783 36.85 19.00 48.95
N LEU C 784 36.09 18.25 48.16
CA LEU C 784 35.17 17.22 48.66
C LEU C 784 35.88 15.94 49.05
N ALA C 785 36.94 15.56 48.30
CA ALA C 785 37.74 14.36 48.53
C ALA C 785 39.19 14.58 48.05
N PRO C 786 40.24 14.30 48.86
CA PRO C 786 40.21 13.85 50.27
C PRO C 786 39.60 14.95 51.16
N LEU C 787 38.84 14.55 52.19
CA LEU C 787 38.16 15.48 53.09
C LEU C 787 39.16 16.27 53.95
N PRO C 788 39.09 17.62 53.90
CA PRO C 788 39.99 18.42 54.73
C PRO C 788 39.48 18.46 56.18
N ARG C 789 39.66 17.33 56.89
CA ARG C 789 39.18 17.11 58.26
C ARG C 789 39.74 18.14 59.24
N ARG C 790 41.07 18.39 59.22
CA ARG C 790 41.77 19.32 60.09
C ARG C 790 41.30 20.77 59.87
N ARG C 791 41.29 21.24 58.60
CA ARG C 791 40.87 22.60 58.27
C ARG C 791 39.38 22.82 58.61
N LEU C 792 38.51 21.83 58.31
CA LEU C 792 37.08 21.91 58.60
C LEU C 792 36.85 22.03 60.11
N ALA C 793 37.51 21.20 60.94
CA ALA C 793 37.39 21.24 62.40
C ALA C 793 37.83 22.60 62.98
N GLU C 794 38.99 23.10 62.52
CA GLU C 794 39.61 24.38 62.89
C GLU C 794 38.67 25.56 62.58
N THR C 795 37.99 25.50 61.42
CA THR C 795 37.05 26.52 60.94
C THR C 795 35.79 26.56 61.82
N LEU C 796 35.23 25.39 62.18
CA LEU C 796 34.01 25.32 63.00
C LEU C 796 34.25 25.77 64.42
N ASP C 797 35.49 25.56 64.94
CA ASP C 797 35.92 25.96 66.29
C ASP C 797 35.95 27.48 66.46
N ARG C 798 35.80 28.22 65.35
CA ARG C 798 35.78 29.69 65.34
C ARG C 798 34.34 30.22 65.59
N TYR C 799 33.34 29.31 65.59
CA TYR C 799 31.92 29.61 65.85
C TYR C 799 31.49 28.83 67.10
N PRO C 800 31.82 29.33 68.33
CA PRO C 800 31.55 28.53 69.54
C PRO C 800 30.10 28.42 69.99
N ASN C 801 29.22 29.34 69.54
CA ASN C 801 27.83 29.38 69.97
C ASN C 801 26.86 28.67 69.02
N VAL C 802 27.40 27.84 68.08
CA VAL C 802 26.58 27.08 67.13
C VAL C 802 25.82 25.98 67.88
N LYS C 803 24.49 25.99 67.78
CA LYS C 803 23.60 25.03 68.42
C LYS C 803 23.10 23.97 67.42
N GLU C 804 23.08 24.30 66.12
CA GLU C 804 22.64 23.39 65.06
C GLU C 804 23.43 23.58 63.77
N LYS C 805 23.76 22.46 63.11
CA LYS C 805 24.51 22.41 61.86
C LYS C 805 23.70 21.68 60.79
N PHE C 806 23.68 22.24 59.56
CA PHE C 806 22.95 21.65 58.45
C PHE C 806 23.81 21.59 57.18
N TRP C 807 23.80 20.42 56.49
CA TRP C 807 24.45 20.32 55.20
C TRP C 807 23.40 20.76 54.19
N VAL C 808 23.68 21.85 53.46
CA VAL C 808 22.75 22.44 52.49
C VAL C 808 23.27 22.19 51.08
N GLN C 809 22.40 21.66 50.20
CA GLN C 809 22.75 21.39 48.80
C GLN C 809 21.52 21.51 47.88
N GLU C 810 21.75 21.85 46.60
CA GLU C 810 20.70 21.96 45.57
C GLU C 810 20.24 20.58 45.12
N GLU C 811 21.18 19.63 45.08
CA GLU C 811 21.00 18.28 44.58
C GLU C 811 19.98 17.47 45.39
N PRO C 812 19.23 16.53 44.73
CA PRO C 812 18.30 15.66 45.47
C PRO C 812 18.99 14.92 46.63
N ALA C 813 18.19 14.50 47.64
CA ALA C 813 18.67 13.81 48.86
C ALA C 813 19.59 12.61 48.58
N ASN C 814 19.34 11.87 47.48
CA ASN C 814 20.11 10.68 47.09
C ASN C 814 21.28 11.04 46.15
N GLN C 815 21.49 12.34 45.90
CA GLN C 815 22.54 12.83 45.01
C GLN C 815 23.37 13.91 45.73
N GLY C 816 24.34 14.50 45.03
CA GLY C 816 25.24 15.49 45.61
C GLY C 816 26.20 14.89 46.62
N ALA C 817 26.69 15.71 47.56
CA ALA C 817 27.65 15.26 48.56
C ALA C 817 27.00 14.61 49.81
N TRP C 818 25.68 14.81 50.05
CA TRP C 818 25.01 14.24 51.23
C TRP C 818 25.17 12.70 51.36
N PRO C 819 24.92 11.85 50.31
CA PRO C 819 25.07 10.39 50.51
C PRO C 819 26.37 9.96 51.19
N SER C 820 27.49 10.67 50.96
CA SER C 820 28.77 10.33 51.58
C SER C 820 29.05 11.20 52.83
N PHE C 821 28.82 12.54 52.74
CA PHE C 821 29.05 13.47 53.85
C PHE C 821 28.14 13.20 55.05
N GLY C 822 26.89 12.84 54.79
CA GLY C 822 25.91 12.51 55.82
C GLY C 822 26.30 11.30 56.65
N LEU C 823 27.17 10.44 56.08
CA LEU C 823 27.65 9.24 56.75
C LEU C 823 29.07 9.42 57.30
N THR C 824 30.01 10.03 56.52
CA THR C 824 31.41 10.20 56.91
C THR C 824 31.64 11.33 57.94
N LEU C 825 31.03 12.53 57.76
CA LEU C 825 31.21 13.68 58.67
C LEU C 825 30.86 13.36 60.13
N PRO C 826 29.71 12.70 60.48
CA PRO C 826 29.46 12.39 61.90
C PRO C 826 30.40 11.31 62.45
N GLU C 827 31.06 10.53 61.56
CA GLU C 827 31.98 9.46 61.94
C GLU C 827 33.41 9.99 62.13
N ILE C 828 33.92 10.81 61.19
CA ILE C 828 35.29 11.35 61.24
C ILE C 828 35.39 12.50 62.26
N LEU C 829 34.31 13.28 62.45
CA LEU C 829 34.27 14.39 63.40
C LEU C 829 33.00 14.31 64.27
N PRO C 830 32.95 13.37 65.25
CA PRO C 830 31.74 13.24 66.09
C PRO C 830 31.45 14.44 67.00
N ASP C 831 32.49 15.15 67.48
CA ASP C 831 32.29 16.30 68.36
C ASP C 831 31.74 17.52 67.60
N HIS C 832 31.84 17.51 66.26
CA HIS C 832 31.35 18.60 65.42
C HIS C 832 30.07 18.26 64.66
N PHE C 833 29.93 17.01 64.16
CA PHE C 833 28.79 16.70 63.28
C PHE C 833 27.77 15.66 63.80
N THR C 834 27.74 15.38 65.12
CA THR C 834 26.73 14.47 65.66
C THR C 834 25.40 15.23 65.64
N GLY C 835 24.42 14.70 64.90
CA GLY C 835 23.11 15.32 64.75
C GLY C 835 23.02 16.29 63.58
N LEU C 836 23.94 16.17 62.61
CA LEU C 836 23.97 16.98 61.39
C LEU C 836 22.75 16.61 60.54
N LYS C 837 21.94 17.61 60.19
CA LYS C 837 20.72 17.40 59.40
C LYS C 837 20.95 17.85 57.97
N ARG C 838 20.10 17.38 57.06
CA ARG C 838 20.18 17.67 55.64
C ARG C 838 19.10 18.65 55.19
N ILE C 839 19.50 19.61 54.34
CA ILE C 839 18.62 20.56 53.66
C ILE C 839 18.95 20.42 52.18
N SER C 840 18.00 19.85 51.42
CA SER C 840 18.13 19.60 49.99
C SER C 840 16.79 19.31 49.34
N ARG C 841 16.83 19.07 48.02
CA ARG C 841 15.69 18.60 47.26
C ARG C 841 15.39 17.17 47.72
N ARG C 842 14.14 16.72 47.59
CA ARG C 842 13.72 15.36 47.92
C ARG C 842 14.55 14.34 47.11
N ALA C 843 14.58 13.06 47.52
CA ALA C 843 15.27 12.04 46.72
C ALA C 843 14.57 11.93 45.36
N MET C 844 15.33 12.04 44.26
CA MET C 844 14.77 12.00 42.91
C MET C 844 15.45 10.97 42.03
N SER C 845 14.68 10.34 41.13
CA SER C 845 15.12 9.36 40.13
C SER C 845 16.02 10.04 39.10
N ALA C 846 15.63 11.26 38.69
CA ALA C 846 16.35 12.10 37.72
C ALA C 846 17.16 13.16 38.47
N PRO C 847 18.26 13.74 37.91
CA PRO C 847 19.03 14.74 38.67
C PRO C 847 18.26 16.00 39.02
N SER C 848 17.17 16.33 38.27
CA SER C 848 16.31 17.51 38.50
C SER C 848 15.00 17.44 37.70
N SER C 849 14.17 18.48 37.85
CA SER C 849 12.90 18.66 37.14
C SER C 849 13.15 19.14 35.71
N GLY C 850 12.18 18.92 34.83
CA GLY C 850 12.27 19.33 33.43
C GLY C 850 11.93 20.79 33.19
N SER C 851 11.11 21.38 34.08
CA SER C 851 10.66 22.77 34.01
C SER C 851 11.58 23.70 34.81
N SER C 852 11.88 24.89 34.25
CA SER C 852 12.69 25.92 34.93
C SER C 852 11.87 26.60 36.03
N LYS C 853 10.53 26.66 35.87
CA LYS C 853 9.61 27.24 36.84
C LYS C 853 9.53 26.38 38.10
N VAL C 854 9.47 25.04 37.93
CA VAL C 854 9.42 24.05 39.02
C VAL C 854 10.76 24.06 39.77
N HIS C 855 11.89 24.17 39.03
CA HIS C 855 13.22 24.28 39.60
C HIS C 855 13.30 25.48 40.56
N ALA C 856 12.82 26.66 40.09
CA ALA C 856 12.82 27.94 40.81
C ALA C 856 12.06 27.86 42.15
N VAL C 857 10.91 27.15 42.16
CA VAL C 857 10.06 26.95 43.35
C VAL C 857 10.81 26.06 44.36
N GLU C 858 11.43 24.97 43.87
CA GLU C 858 12.21 24.02 44.66
C GLU C 858 13.43 24.70 45.26
N GLN C 859 14.11 25.56 44.46
CA GLN C 859 15.30 26.30 44.89
C GLN C 859 14.96 27.25 46.05
N GLN C 860 13.83 27.98 45.93
CA GLN C 860 13.38 28.91 46.95
C GLN C 860 13.01 28.17 48.24
N GLU C 861 12.48 26.93 48.12
CA GLU C 861 12.12 26.07 49.25
C GLU C 861 13.35 25.72 50.09
N ILE C 862 14.50 25.47 49.43
CA ILE C 862 15.77 25.14 50.09
C ILE C 862 16.24 26.37 50.90
N LEU C 863 16.26 27.56 50.26
CA LEU C 863 16.68 28.81 50.90
C LEU C 863 15.77 29.15 52.08
N ASP C 864 14.45 28.96 51.92
CA ASP C 864 13.46 29.23 52.97
C ASP C 864 13.63 28.28 54.17
N THR C 865 14.00 27.01 53.91
CA THR C 865 14.22 25.99 54.95
C THR C 865 15.50 26.32 55.75
N ALA C 866 16.58 26.66 55.02
CA ALA C 866 17.90 27.01 55.56
C ALA C 866 17.86 28.24 56.48
N PHE C 867 16.84 29.11 56.32
CA PHE C 867 16.68 30.33 57.11
C PHE C 867 15.34 30.35 57.88
N GLY C 868 14.69 29.19 58.01
CA GLY C 868 13.43 29.03 58.71
C GLY C 868 13.56 29.15 60.21
N SER D 3 42.68 3.72 -30.26
CA SER D 3 42.19 2.54 -30.97
C SER D 3 40.76 2.18 -30.53
N ILE D 4 40.09 1.30 -31.32
CA ILE D 4 38.72 0.82 -31.10
C ILE D 4 38.63 0.03 -29.76
N GLU D 5 39.67 -0.77 -29.44
CA GLU D 5 39.74 -1.57 -28.22
C GLU D 5 40.03 -0.67 -27.00
N ASP D 6 40.96 0.32 -27.17
CA ASP D 6 41.35 1.29 -26.15
C ASP D 6 40.19 2.17 -25.72
N LYS D 7 39.37 2.60 -26.70
CA LYS D 7 38.20 3.45 -26.50
C LYS D 7 37.12 2.71 -25.72
N ASN D 8 36.75 1.49 -26.17
CA ASN D 8 35.72 0.66 -25.55
C ASN D 8 36.06 0.29 -24.09
N ALA D 9 37.36 0.11 -23.79
CA ALA D 9 37.85 -0.20 -22.44
C ALA D 9 37.81 1.04 -21.55
N ARG D 10 38.02 2.24 -22.15
CA ARG D 10 37.99 3.52 -21.45
C ARG D 10 36.56 3.89 -21.02
N VAL D 11 35.56 3.43 -21.79
CA VAL D 11 34.13 3.67 -21.53
C VAL D 11 33.67 2.87 -20.30
N ILE D 12 33.97 1.54 -20.26
CA ILE D 12 33.59 0.66 -19.15
C ILE D 12 34.24 1.16 -17.82
N GLU D 13 35.45 1.75 -17.90
CA GLU D 13 36.13 2.35 -16.75
C GLU D 13 35.36 3.58 -16.25
N LEU D 14 34.84 4.42 -17.20
CA LEU D 14 34.07 5.62 -16.90
C LEU D 14 32.76 5.29 -16.20
N ILE D 15 32.05 4.24 -16.66
CA ILE D 15 30.79 3.76 -16.10
C ILE D 15 31.02 3.41 -14.63
N ALA D 16 32.06 2.60 -14.34
CA ALA D 16 32.48 2.21 -13.00
C ALA D 16 32.82 3.44 -12.16
N ALA D 17 33.65 4.36 -12.72
CA ALA D 17 34.07 5.62 -12.08
C ALA D 17 32.87 6.46 -11.60
N TYR D 18 31.79 6.53 -12.38
CA TYR D 18 30.58 7.27 -12.00
C TYR D 18 29.80 6.52 -10.92
N ARG D 19 29.65 5.20 -11.07
CA ARG D 19 28.92 4.34 -10.12
C ARG D 19 29.67 4.24 -8.77
N ASN D 20 31.02 4.23 -8.80
CA ASN D 20 31.84 4.15 -7.59
C ASN D 20 32.09 5.51 -6.96
N ARG D 21 32.50 6.51 -7.78
CA ARG D 21 32.95 7.82 -7.27
C ARG D 21 32.17 9.05 -7.75
N GLY D 22 31.06 8.87 -8.48
CA GLY D 22 30.24 9.98 -8.96
C GLY D 22 29.68 10.87 -7.87
N HIS D 23 29.38 10.27 -6.70
CA HIS D 23 28.85 10.95 -5.51
C HIS D 23 29.81 12.01 -4.96
N LEU D 24 31.13 11.91 -5.28
CA LEU D 24 32.15 12.88 -4.86
C LEU D 24 32.04 14.17 -5.68
N MET D 25 31.39 14.11 -6.86
CA MET D 25 31.20 15.23 -7.78
C MET D 25 29.81 15.84 -7.68
N ALA D 26 28.83 15.09 -7.11
CA ALA D 26 27.43 15.49 -6.98
C ALA D 26 27.26 16.84 -6.29
N ASP D 27 26.29 17.65 -6.77
CA ASP D 27 25.95 18.97 -6.24
C ASP D 27 24.98 18.74 -5.08
N ILE D 28 25.52 18.24 -3.97
CA ILE D 28 24.75 17.86 -2.78
C ILE D 28 24.81 18.95 -1.69
N ASP D 29 25.85 19.79 -1.69
CA ASP D 29 26.05 20.84 -0.69
C ASP D 29 25.27 22.13 -1.08
N PRO D 30 24.22 22.51 -0.33
CA PRO D 30 23.47 23.74 -0.67
C PRO D 30 24.26 25.03 -0.42
N LEU D 31 25.35 24.95 0.38
CA LEU D 31 26.19 26.12 0.71
C LEU D 31 27.36 26.28 -0.24
N ARG D 32 27.72 25.22 -1.01
CA ARG D 32 28.83 25.20 -1.98
C ARG D 32 30.10 25.83 -1.38
N LEU D 33 30.55 25.30 -0.25
CA LEU D 33 31.70 25.82 0.47
C LEU D 33 33.02 25.54 -0.28
N ASP D 34 33.13 24.37 -0.94
CA ASP D 34 34.30 23.97 -1.73
C ASP D 34 34.30 24.67 -3.10
N THR D 52 37.66 11.15 -27.17
CA THR D 52 37.51 12.49 -27.75
C THR D 52 36.02 12.85 -27.89
N LEU D 53 35.73 14.13 -28.21
CA LEU D 53 34.36 14.66 -28.40
C LEU D 53 33.65 13.98 -29.59
N TRP D 54 34.42 13.41 -30.54
CA TRP D 54 33.93 12.71 -31.73
C TRP D 54 33.35 11.35 -31.36
N ASP D 55 33.86 10.73 -30.27
CA ASP D 55 33.44 9.42 -29.77
C ASP D 55 32.08 9.45 -29.07
N LEU D 56 31.53 10.66 -28.79
CA LEU D 56 30.23 10.85 -28.13
C LEU D 56 29.08 10.21 -28.93
N ASP D 57 29.17 10.21 -30.26
CA ASP D 57 28.13 9.65 -31.14
C ASP D 57 28.44 8.19 -31.53
N ARG D 58 29.62 7.68 -31.13
CA ARG D 58 30.03 6.30 -31.41
C ARG D 58 29.36 5.36 -30.41
N GLU D 59 28.87 4.20 -30.91
CA GLU D 59 28.18 3.17 -30.12
C GLU D 59 29.17 2.33 -29.32
N PHE D 60 28.76 1.91 -28.11
CA PHE D 60 29.57 1.06 -27.22
C PHE D 60 28.71 -0.03 -26.57
N LYS D 61 29.33 -1.19 -26.27
CA LYS D 61 28.66 -2.32 -25.64
C LYS D 61 28.61 -2.13 -24.12
N ARG D 70 23.79 -2.14 -26.84
CA ARG D 70 24.59 -1.15 -27.56
C ARG D 70 23.98 0.25 -27.39
N LYS D 71 24.76 1.19 -26.82
CA LYS D 71 24.33 2.57 -26.58
C LYS D 71 25.43 3.58 -26.93
N LYS D 72 25.03 4.79 -27.38
CA LYS D 72 25.95 5.88 -27.72
C LYS D 72 26.56 6.47 -26.45
N LEU D 73 27.86 6.85 -26.50
CA LEU D 73 28.64 7.41 -25.38
C LEU D 73 27.93 8.61 -24.75
N ARG D 74 27.36 9.52 -25.59
CA ARG D 74 26.63 10.71 -25.15
C ARG D 74 25.43 10.33 -24.26
N ASP D 75 24.72 9.25 -24.61
CA ASP D 75 23.56 8.74 -23.89
C ASP D 75 24.00 8.05 -22.61
N ILE D 76 25.15 7.32 -22.63
CA ILE D 76 25.71 6.66 -21.46
C ILE D 76 26.11 7.73 -20.43
N LEU D 77 26.89 8.73 -20.88
CA LEU D 77 27.40 9.87 -20.10
C LEU D 77 26.28 10.69 -19.46
N SER D 78 25.21 10.98 -20.21
CA SER D 78 24.08 11.79 -19.73
C SER D 78 23.33 11.06 -18.62
N VAL D 79 23.13 9.73 -18.77
CA VAL D 79 22.47 8.86 -17.78
C VAL D 79 23.31 8.83 -16.48
N LEU D 80 24.65 8.72 -16.62
CA LEU D 80 25.59 8.67 -15.49
C LEU D 80 25.61 10.00 -14.72
N ARG D 81 25.75 11.14 -15.44
CA ARG D 81 25.77 12.49 -14.87
C ARG D 81 24.48 12.80 -14.11
N ASP D 82 23.32 12.46 -14.71
CA ASP D 82 21.99 12.71 -14.14
C ASP D 82 21.73 11.87 -12.88
N ALA D 83 22.15 10.60 -12.91
CA ALA D 83 21.93 9.69 -11.81
C ALA D 83 22.87 9.91 -10.63
N TYR D 84 24.14 10.24 -10.90
CA TYR D 84 25.16 10.29 -9.88
C TYR D 84 25.82 11.64 -9.61
N CYS D 85 25.63 12.66 -10.45
CA CYS D 85 26.35 13.92 -10.20
C CYS D 85 25.43 15.16 -10.11
N ARG D 86 24.11 14.98 -9.90
CA ARG D 86 23.20 16.12 -9.76
C ARG D 86 22.98 16.38 -8.25
N HIS D 87 21.72 16.37 -7.76
CA HIS D 87 21.45 16.66 -6.35
C HIS D 87 21.43 15.40 -5.48
N VAL D 88 21.71 14.22 -6.06
CA VAL D 88 21.73 12.95 -5.32
C VAL D 88 23.07 12.24 -5.54
N GLY D 89 23.78 12.00 -4.42
CA GLY D 89 25.03 11.26 -4.37
C GLY D 89 24.71 9.86 -3.88
N VAL D 90 24.97 8.86 -4.73
CA VAL D 90 24.62 7.48 -4.41
C VAL D 90 25.86 6.62 -4.13
N GLU D 91 25.91 6.00 -2.94
CA GLU D 91 26.96 5.06 -2.52
C GLU D 91 26.33 3.68 -2.43
N TYR D 92 26.69 2.76 -3.35
CA TYR D 92 26.06 1.45 -3.35
C TYR D 92 26.97 0.30 -3.83
N THR D 93 28.11 0.59 -4.48
CA THR D 93 29.00 -0.46 -5.02
C THR D 93 29.75 -1.23 -3.90
N HIS D 94 29.64 -0.78 -2.65
CA HIS D 94 30.24 -1.45 -1.49
C HIS D 94 29.35 -2.63 -1.04
N ILE D 95 28.07 -2.66 -1.49
CA ILE D 95 27.11 -3.71 -1.14
C ILE D 95 27.54 -5.02 -1.81
N LEU D 96 27.64 -6.08 -1.00
CA LEU D 96 28.10 -7.40 -1.45
C LEU D 96 27.03 -8.17 -2.24
N GLU D 97 25.72 -7.92 -2.00
CA GLU D 97 24.65 -8.63 -2.71
C GLU D 97 24.50 -8.05 -4.13
N PRO D 98 24.76 -8.82 -5.21
CA PRO D 98 24.66 -8.27 -6.57
C PRO D 98 23.26 -7.80 -6.96
N GLU D 99 22.20 -8.49 -6.45
CA GLU D 99 20.79 -8.18 -6.74
C GLU D 99 20.41 -6.81 -6.17
N GLN D 100 21.03 -6.40 -5.05
CA GLN D 100 20.80 -5.11 -4.40
C GLN D 100 21.44 -4.00 -5.21
N GLN D 101 22.67 -4.23 -5.71
CA GLN D 101 23.40 -3.29 -6.57
C GLN D 101 22.64 -3.08 -7.89
N ARG D 102 22.03 -4.15 -8.46
CA ARG D 102 21.25 -4.07 -9.71
C ARG D 102 19.92 -3.32 -9.48
N TRP D 103 19.28 -3.56 -8.31
CA TRP D 103 18.01 -2.93 -7.92
C TRP D 103 18.15 -1.41 -7.84
N ILE D 104 19.25 -0.93 -7.20
CA ILE D 104 19.53 0.50 -7.05
C ILE D 104 19.84 1.07 -8.42
N GLN D 105 20.72 0.40 -9.18
CA GLN D 105 21.12 0.77 -10.53
C GLN D 105 19.90 1.00 -11.43
N GLU D 106 18.93 0.06 -11.43
CA GLU D 106 17.70 0.15 -12.25
C GLU D 106 16.82 1.33 -11.89
N ARG D 107 16.79 1.75 -10.61
CA ARG D 107 15.94 2.84 -10.17
C ARG D 107 16.62 4.21 -10.17
N VAL D 108 17.96 4.21 -10.15
CA VAL D 108 18.76 5.43 -10.12
C VAL D 108 19.23 5.81 -11.55
N GLU D 109 19.59 4.81 -12.41
CA GLU D 109 20.06 5.08 -13.78
C GLU D 109 18.92 5.14 -14.81
N THR D 110 17.74 5.57 -14.36
CA THR D 110 16.56 5.74 -15.21
C THR D 110 15.93 7.07 -14.90
N LYS D 111 15.44 7.76 -15.93
CA LYS D 111 14.76 9.04 -15.77
C LYS D 111 13.50 8.83 -14.94
N HIS D 112 13.49 9.38 -13.71
CA HIS D 112 12.38 9.29 -12.77
C HIS D 112 11.40 10.45 -13.01
N ASP D 113 10.11 10.11 -13.31
CA ASP D 113 9.01 11.02 -13.63
C ASP D 113 8.87 12.13 -12.58
N LYS D 114 8.57 13.37 -13.05
CA LYS D 114 8.41 14.53 -12.18
C LYS D 114 7.11 14.41 -11.35
N PRO D 115 7.04 14.96 -10.11
CA PRO D 115 5.80 14.83 -9.34
C PRO D 115 4.66 15.66 -9.93
N THR D 116 3.39 15.25 -9.67
CA THR D 116 2.22 15.96 -10.16
C THR D 116 2.10 17.33 -9.48
N VAL D 117 1.38 18.27 -10.13
CA VAL D 117 1.15 19.62 -9.64
C VAL D 117 0.58 19.55 -8.20
N ALA D 118 -0.38 18.63 -7.95
CA ALA D 118 -1.01 18.41 -6.64
C ALA D 118 0.03 17.95 -5.61
N GLU D 119 0.96 17.04 -6.01
CA GLU D 119 2.04 16.52 -5.16
C GLU D 119 3.04 17.64 -4.83
N GLN D 120 3.36 18.50 -5.83
CA GLN D 120 4.27 19.63 -5.69
C GLN D 120 3.72 20.64 -4.70
N LYS D 121 2.41 20.96 -4.84
CA LYS D 121 1.66 21.88 -3.97
C LYS D 121 1.70 21.37 -2.53
N TYR D 122 1.53 20.04 -2.38
CA TYR D 122 1.56 19.33 -1.10
C TYR D 122 2.95 19.44 -0.45
N ILE D 123 4.03 19.29 -1.25
CA ILE D 123 5.41 19.43 -0.74
C ILE D 123 5.61 20.86 -0.22
N LEU D 124 5.17 21.89 -0.99
CA LEU D 124 5.27 23.29 -0.58
C LEU D 124 4.47 23.55 0.71
N SER D 125 3.27 22.94 0.85
CA SER D 125 2.45 23.06 2.06
C SER D 125 3.22 22.54 3.29
N LYS D 126 4.08 21.51 3.11
CA LYS D 126 4.90 20.94 4.20
C LYS D 126 6.06 21.90 4.53
N LEU D 127 6.68 22.52 3.50
CA LEU D 127 7.77 23.50 3.70
C LEU D 127 7.24 24.78 4.34
N ASN D 128 5.99 25.15 4.00
CA ASN D 128 5.30 26.31 4.56
C ASN D 128 5.09 26.11 6.05
N ALA D 129 4.56 24.93 6.45
CA ALA D 129 4.30 24.61 7.86
C ALA D 129 5.59 24.48 8.66
N ALA D 130 6.68 23.97 8.02
CA ALA D 130 7.98 23.79 8.65
C ALA D 130 8.65 25.13 8.97
N GLU D 131 8.61 26.09 8.02
CA GLU D 131 9.23 27.40 8.22
C GLU D 131 8.37 28.32 9.07
N ALA D 132 7.05 28.40 8.82
CA ALA D 132 6.15 29.29 9.57
C ALA D 132 6.05 28.89 11.05
N PHE D 133 6.11 27.58 11.37
CA PHE D 133 6.08 27.11 12.75
C PHE D 133 7.31 27.64 13.51
N GLU D 134 8.49 27.66 12.84
CA GLU D 134 9.73 28.15 13.43
C GLU D 134 9.73 29.69 13.60
N THR D 135 9.22 30.42 12.58
CA THR D 135 9.18 31.89 12.61
C THR D 135 8.16 32.37 13.64
N PHE D 136 7.03 31.63 13.81
CA PHE D 136 6.01 31.98 14.81
C PHE D 136 6.59 31.91 16.23
N LEU D 137 7.36 30.83 16.53
CA LEU D 137 7.99 30.63 17.82
C LEU D 137 9.10 31.64 18.05
N GLN D 138 9.82 32.03 16.97
CA GLN D 138 10.86 33.05 17.03
C GLN D 138 10.25 34.42 17.43
N THR D 139 9.04 34.72 16.89
CA THR D 139 8.33 35.97 17.15
C THR D 139 7.73 36.02 18.56
N LYS D 140 7.11 34.93 19.04
CA LYS D 140 6.46 34.87 20.35
C LYS D 140 7.44 34.59 21.51
N TYR D 141 8.32 33.59 21.33
CA TYR D 141 9.29 33.17 22.36
C TYR D 141 10.71 33.32 21.83
N VAL D 142 11.14 34.59 21.68
CA VAL D 142 12.47 34.94 21.18
C VAL D 142 13.60 34.49 22.17
N GLY D 143 13.31 34.50 23.47
CA GLY D 143 14.26 34.13 24.52
C GLY D 143 14.36 32.66 24.88
N GLN D 144 13.44 31.81 24.36
CA GLN D 144 13.43 30.38 24.68
C GLN D 144 14.05 29.55 23.57
N LYS D 145 14.88 28.56 23.95
CA LYS D 145 15.51 27.65 22.99
C LYS D 145 14.47 26.62 22.52
N ARG D 146 14.46 26.33 21.23
CA ARG D 146 13.52 25.41 20.59
C ARG D 146 14.24 24.48 19.57
N PHE D 147 15.57 24.72 19.34
CA PHE D 147 16.44 24.02 18.38
C PHE D 147 15.78 23.97 16.99
N SER D 148 15.74 25.14 16.33
CA SER D 148 15.11 25.36 15.01
C SER D 148 15.64 24.45 13.90
N LEU D 149 14.72 24.03 13.02
CA LEU D 149 14.97 23.22 11.83
C LEU D 149 15.18 24.15 10.61
N GLU D 150 15.28 25.48 10.84
CA GLU D 150 15.49 26.48 9.79
C GLU D 150 16.83 26.23 9.12
N GLY D 151 16.76 26.09 7.79
CA GLY D 151 17.88 25.74 6.94
C GLY D 151 17.86 24.27 6.56
N ALA D 152 16.93 23.52 7.18
CA ALA D 152 16.74 22.08 7.01
C ALA D 152 15.24 21.70 6.96
N GLU D 153 14.36 22.65 6.59
CA GLU D 153 12.89 22.48 6.53
C GLU D 153 12.44 21.29 5.66
N THR D 154 13.27 20.88 4.70
CA THR D 154 13.02 19.76 3.79
C THR D 154 12.88 18.41 4.54
N VAL D 155 13.30 18.33 5.81
CA VAL D 155 13.15 17.13 6.65
C VAL D 155 11.63 16.77 6.78
N ILE D 156 10.77 17.79 6.90
CA ILE D 156 9.32 17.64 7.04
C ILE D 156 8.73 16.98 5.76
N PRO D 157 8.83 17.52 4.51
CA PRO D 157 8.30 16.77 3.35
C PRO D 157 9.00 15.42 3.14
N MET D 158 10.30 15.28 3.53
CA MET D 158 11.05 14.03 3.41
C MET D 158 10.48 12.93 4.33
N MET D 159 10.19 13.27 5.60
CA MET D 159 9.62 12.33 6.57
C MET D 159 8.20 11.95 6.17
N ASP D 160 7.43 12.92 5.67
CA ASP D 160 6.09 12.73 5.16
C ASP D 160 6.10 11.69 4.02
N ALA D 161 7.10 11.78 3.11
CA ALA D 161 7.27 10.87 1.98
C ALA D 161 7.62 9.46 2.46
N VAL D 162 8.46 9.34 3.53
CA VAL D 162 8.82 8.05 4.16
C VAL D 162 7.54 7.41 4.69
N ILE D 163 6.76 8.15 5.48
CA ILE D 163 5.53 7.66 6.11
C ILE D 163 4.47 7.32 5.06
N ASP D 164 4.30 8.18 4.05
CA ASP D 164 3.36 7.96 2.94
C ASP D 164 3.73 6.71 2.14
N GLN D 165 5.05 6.50 1.88
CA GLN D 165 5.51 5.32 1.14
C GLN D 165 5.29 4.04 1.96
N CYS D 166 5.43 4.11 3.31
CA CYS D 166 5.18 2.98 4.22
C CYS D 166 3.70 2.62 4.18
N ALA D 167 2.82 3.64 4.18
CA ALA D 167 1.36 3.48 4.11
C ALA D 167 0.94 2.86 2.76
N GLU D 168 1.70 3.18 1.67
CA GLU D 168 1.48 2.68 0.32
C GLU D 168 1.80 1.18 0.25
N HIS D 169 2.76 0.73 1.08
CA HIS D 169 3.16 -0.68 1.19
C HIS D 169 2.23 -1.45 2.15
N GLY D 170 1.24 -0.76 2.72
CA GLY D 170 0.26 -1.32 3.64
C GLY D 170 0.83 -1.71 4.99
N LEU D 171 1.89 -1.02 5.43
CA LEU D 171 2.56 -1.27 6.70
C LEU D 171 1.70 -0.78 7.87
N ASP D 172 1.90 -1.34 9.07
CA ASP D 172 1.06 -1.08 10.24
C ASP D 172 1.47 0.15 11.07
N GLU D 173 2.77 0.45 11.22
CA GLU D 173 3.23 1.56 12.06
C GLU D 173 4.63 2.06 11.68
N VAL D 174 4.90 3.35 11.93
CA VAL D 174 6.21 3.96 11.77
C VAL D 174 6.60 4.52 13.15
N VAL D 175 7.65 3.97 13.77
CA VAL D 175 8.11 4.46 15.07
C VAL D 175 9.34 5.33 14.84
N ILE D 176 9.29 6.57 15.35
CA ILE D 176 10.36 7.57 15.16
C ILE D 176 11.13 7.80 16.45
N ALA D 177 12.45 7.92 16.30
CA ALA D 177 13.40 8.34 17.32
C ALA D 177 14.26 9.38 16.66
N MET D 178 14.45 10.50 17.34
CA MET D 178 15.20 11.61 16.79
C MET D 178 15.85 12.48 17.87
N PRO D 179 16.85 13.33 17.54
CA PRO D 179 17.38 14.25 18.55
C PRO D 179 16.52 15.52 18.63
N HIS D 180 17.14 16.64 19.04
CA HIS D 180 16.58 17.97 19.28
C HIS D 180 16.23 18.76 18.01
N ARG D 181 17.02 18.61 16.92
CA ARG D 181 16.89 19.36 15.67
C ARG D 181 15.53 19.13 14.99
N GLY D 182 14.70 20.19 15.03
CA GLY D 182 13.36 20.20 14.45
C GLY D 182 12.38 19.25 15.09
N ARG D 183 12.62 18.89 16.36
CA ARG D 183 11.82 17.95 17.16
C ARG D 183 10.39 18.49 17.34
N LEU D 184 10.26 19.74 17.79
CA LEU D 184 8.97 20.38 18.00
C LEU D 184 8.19 20.42 16.68
N ASN D 185 8.90 20.74 15.59
CA ASN D 185 8.37 20.79 14.23
C ASN D 185 7.81 19.43 13.81
N VAL D 186 8.60 18.34 14.00
CA VAL D 186 8.23 16.96 13.68
C VAL D 186 7.00 16.54 14.51
N LEU D 187 6.98 16.85 15.82
CA LEU D 187 5.84 16.53 16.69
C LEU D 187 4.54 17.19 16.20
N ALA D 188 4.62 18.47 15.77
CA ALA D 188 3.46 19.23 15.33
C ALA D 188 3.04 18.96 13.87
N ASN D 189 4.01 18.88 12.94
CA ASN D 189 3.72 18.75 11.51
C ASN D 189 3.79 17.31 10.95
N ILE D 190 4.38 16.35 11.69
CA ILE D 190 4.47 14.97 11.20
C ILE D 190 3.63 14.02 12.09
N VAL D 191 3.91 14.00 13.40
CA VAL D 191 3.24 13.08 14.34
C VAL D 191 1.80 13.53 14.62
N GLY D 192 1.57 14.84 14.73
CA GLY D 192 0.25 15.39 14.96
C GLY D 192 -0.04 15.84 16.39
N LYS D 193 1.03 16.11 17.18
CA LYS D 193 0.91 16.62 18.55
C LYS D 193 0.25 18.01 18.49
N PRO D 194 -0.85 18.25 19.25
CA PRO D 194 -1.55 19.54 19.14
C PRO D 194 -0.67 20.74 19.45
N TYR D 195 -0.84 21.81 18.66
CA TYR D 195 -0.13 23.08 18.80
C TYR D 195 -0.40 23.67 20.18
N SER D 196 -1.63 23.48 20.69
CA SER D 196 -2.08 23.94 22.01
C SER D 196 -1.20 23.37 23.11
N GLN D 197 -0.83 22.08 22.99
CA GLN D 197 0.03 21.38 23.93
C GLN D 197 1.46 21.91 23.87
N ILE D 198 2.00 22.15 22.66
CA ILE D 198 3.37 22.63 22.44
C ILE D 198 3.52 24.09 22.93
N PHE D 199 2.48 24.91 22.77
CA PHE D 199 2.52 26.33 23.17
C PHE D 199 2.44 26.47 24.70
N SER D 200 1.63 25.63 25.37
CA SER D 200 1.50 25.59 26.84
C SER D 200 2.85 25.25 27.50
N GLU D 201 3.72 24.54 26.77
CA GLU D 201 5.07 24.18 27.22
C GLU D 201 5.98 25.41 27.19
N PHE D 202 5.83 26.26 26.17
CA PHE D 202 6.58 27.50 26.04
C PHE D 202 6.13 28.52 27.08
N GLU D 203 4.81 28.56 27.35
CA GLU D 203 4.18 29.45 28.33
C GLU D 203 4.55 29.07 29.77
N GLY D 204 4.75 27.77 30.00
CA GLY D 204 5.06 27.22 31.31
C GLY D 204 3.83 27.12 32.20
N ASN D 205 2.65 26.92 31.58
CA ASN D 205 1.38 26.78 32.25
C ASN D 205 0.78 25.40 31.93
N LEU D 206 1.19 24.39 32.71
CA LEU D 206 0.79 23.00 32.54
C LEU D 206 -0.27 22.59 33.56
N ASN D 207 -1.27 21.80 33.12
CA ASN D 207 -2.37 21.30 33.95
C ASN D 207 -1.89 20.17 34.85
N HIS D 212 2.78 16.27 35.94
CA HIS D 212 2.98 15.08 36.76
C HIS D 212 4.41 14.52 36.62
N GLY D 213 5.00 14.16 37.76
CA GLY D 213 6.38 13.67 37.84
C GLY D 213 7.39 14.80 37.77
N SER D 214 8.69 14.46 37.72
CA SER D 214 9.75 15.48 37.64
C SER D 214 9.77 16.12 36.25
N GLY D 215 9.38 15.35 35.22
CA GLY D 215 9.28 15.82 33.84
C GLY D 215 10.60 15.98 33.11
N ASP D 216 10.53 16.49 31.89
CA ASP D 216 11.71 16.72 31.05
C ASP D 216 11.40 17.85 30.07
N VAL D 217 12.45 18.38 29.40
CA VAL D 217 12.37 19.47 28.42
C VAL D 217 11.45 19.04 27.24
N LYS D 218 10.84 20.05 26.57
CA LYS D 218 9.85 19.89 25.50
C LYS D 218 10.37 19.16 24.25
N TYR D 219 11.66 19.34 23.90
CA TYR D 219 12.25 18.73 22.71
C TYR D 219 12.78 17.29 23.02
N HIS D 220 12.20 16.62 24.04
CA HIS D 220 12.53 15.25 24.46
C HIS D 220 11.29 14.38 24.51
N LEU D 221 10.12 15.04 24.42
CA LEU D 221 8.82 14.43 24.52
C LEU D 221 8.39 13.71 23.23
N GLY D 222 7.61 12.66 23.43
CA GLY D 222 7.06 11.87 22.34
C GLY D 222 5.56 12.07 22.17
N ALA D 223 5.01 11.47 21.11
CA ALA D 223 3.59 11.55 20.77
C ALA D 223 3.18 10.39 19.87
N THR D 224 1.89 10.19 19.69
CA THR D 224 1.32 9.16 18.82
C THR D 224 0.16 9.75 18.02
N GLY D 225 -0.11 9.16 16.86
CA GLY D 225 -1.18 9.60 15.97
C GLY D 225 -1.39 8.70 14.77
N THR D 226 -2.40 9.04 13.96
CA THR D 226 -2.74 8.32 12.75
C THR D 226 -2.47 9.20 11.53
N TYR D 227 -1.63 8.70 10.63
CA TYR D 227 -1.32 9.37 9.38
C TYR D 227 -2.31 8.90 8.34
N ILE D 228 -2.96 9.85 7.66
CA ILE D 228 -3.92 9.55 6.60
C ILE D 228 -3.30 10.07 5.29
N GLN D 229 -3.19 9.19 4.28
CA GLN D 229 -2.62 9.52 2.98
C GLN D 229 -3.42 10.63 2.28
N MET D 230 -2.69 11.63 1.77
CA MET D 230 -3.26 12.78 1.05
C MET D 230 -3.80 12.34 -0.32
N PHE D 231 -3.05 11.50 -1.06
CA PHE D 231 -3.42 11.02 -2.40
C PHE D 231 -3.61 9.49 -2.46
N GLY D 232 -3.77 8.87 -1.30
CA GLY D 232 -4.00 7.43 -1.18
C GLY D 232 -5.16 7.16 -0.24
N ASP D 233 -5.55 5.89 -0.11
CA ASP D 233 -6.67 5.51 0.76
C ASP D 233 -6.19 4.80 2.05
N ASN D 234 -4.87 4.56 2.17
CA ASN D 234 -4.30 3.88 3.34
C ASN D 234 -4.02 4.83 4.49
N ASP D 235 -4.00 4.28 5.70
CA ASP D 235 -3.67 4.96 6.94
C ASP D 235 -2.59 4.16 7.69
N ILE D 236 -1.76 4.85 8.49
CA ILE D 236 -0.68 4.21 9.23
C ILE D 236 -0.47 4.93 10.57
N GLU D 237 -0.14 4.15 11.62
CA GLU D 237 0.16 4.68 12.94
C GLU D 237 1.53 5.33 12.94
N VAL D 238 1.65 6.52 13.53
CA VAL D 238 2.93 7.22 13.61
C VAL D 238 3.19 7.52 15.09
N SER D 239 4.33 7.05 15.59
CA SER D 239 4.73 7.25 16.98
C SER D 239 6.14 7.82 17.06
N LEU D 240 6.36 8.71 18.03
CA LEU D 240 7.66 9.28 18.33
C LEU D 240 7.97 8.95 19.79
N THR D 241 9.11 8.30 20.04
CA THR D 241 9.48 7.88 21.39
C THR D 241 10.26 8.97 22.13
N ALA D 242 10.15 8.98 23.47
CA ALA D 242 10.86 9.91 24.34
C ALA D 242 12.35 9.57 24.39
N ASN D 243 13.20 10.52 24.81
CA ASN D 243 14.64 10.29 24.87
C ASN D 243 15.37 11.33 25.75
N PRO D 244 16.59 11.03 26.24
CA PRO D 244 17.34 12.05 27.00
C PRO D 244 18.14 12.96 26.05
N SER D 245 18.99 13.85 26.62
CA SER D 245 19.85 14.75 25.83
C SER D 245 20.94 13.95 25.14
N HIS D 246 21.38 12.86 25.78
CA HIS D 246 22.40 11.92 25.30
C HIS D 246 22.07 11.51 23.88
N LEU D 247 22.76 12.16 22.95
CA LEU D 247 22.58 11.98 21.52
C LEU D 247 22.92 10.57 21.12
N GLU D 248 21.99 9.96 20.35
CA GLU D 248 22.07 8.62 19.78
C GLU D 248 21.74 7.49 20.79
N ALA D 249 21.64 7.79 22.12
CA ALA D 249 21.35 6.78 23.15
C ALA D 249 20.01 6.02 22.91
N VAL D 250 19.04 6.70 22.28
CA VAL D 250 17.71 6.18 21.95
C VAL D 250 17.75 5.18 20.77
N ASP D 251 18.84 5.15 19.95
CA ASP D 251 18.96 4.27 18.78
C ASP D 251 18.59 2.79 19.09
N PRO D 252 19.19 2.08 20.11
CA PRO D 252 18.81 0.68 20.35
C PRO D 252 17.43 0.53 21.00
N VAL D 253 17.00 1.57 21.74
CA VAL D 253 15.71 1.66 22.43
C VAL D 253 14.61 1.59 21.37
N LEU D 254 14.74 2.39 20.28
CA LEU D 254 13.82 2.41 19.15
C LEU D 254 13.72 1.02 18.54
N GLU D 255 14.88 0.38 18.27
CA GLU D 255 14.99 -0.97 17.70
C GLU D 255 14.22 -1.99 18.55
N GLY D 256 14.46 -1.98 19.86
CA GLY D 256 13.81 -2.86 20.82
C GLY D 256 12.30 -2.69 20.86
N LEU D 257 11.86 -1.42 20.84
CA LEU D 257 10.47 -0.99 20.83
C LEU D 257 9.75 -1.49 19.56
N VAL D 258 10.39 -1.35 18.38
CA VAL D 258 9.88 -1.80 17.08
C VAL D 258 9.79 -3.33 17.06
N ARG D 259 10.87 -4.03 17.51
CA ARG D 259 10.94 -5.50 17.56
C ARG D 259 9.82 -6.09 18.44
N ALA D 260 9.54 -5.47 19.61
CA ALA D 260 8.48 -5.92 20.51
C ALA D 260 7.12 -5.86 19.82
N LYS D 261 6.84 -4.75 19.10
CA LYS D 261 5.62 -4.52 18.34
C LYS D 261 5.49 -5.52 17.19
N GLN D 262 6.61 -5.78 16.45
CA GLN D 262 6.64 -6.75 15.34
C GLN D 262 6.30 -8.15 15.85
N ASP D 263 6.82 -8.54 17.04
CA ASP D 263 6.55 -9.84 17.66
C ASP D 263 5.06 -9.93 18.10
N LEU D 264 4.46 -8.80 18.53
CA LEU D 264 3.05 -8.72 18.94
C LEU D 264 2.11 -8.90 17.74
N LEU D 265 2.52 -8.40 16.55
CA LEU D 265 1.74 -8.47 15.31
C LEU D 265 2.01 -9.76 14.52
N ASP D 266 2.84 -10.68 15.09
CA ASP D 266 3.23 -11.98 14.51
C ASP D 266 3.87 -11.75 13.11
N THR D 267 4.70 -10.70 13.01
CA THR D 267 5.38 -10.30 11.77
C THR D 267 6.89 -10.19 12.03
N GLY D 268 7.66 -10.56 11.01
CA GLY D 268 9.12 -10.52 11.08
C GLY D 268 9.79 -11.85 11.33
N GLU D 269 10.87 -11.84 12.14
CA GLU D 269 11.70 -13.00 12.49
C GLU D 269 10.93 -14.00 13.37
N GLU D 270 10.15 -13.51 14.34
CA GLU D 270 9.33 -14.36 15.23
C GLU D 270 7.84 -14.24 14.83
N GLY D 271 7.59 -14.40 13.53
CA GLY D 271 6.26 -14.32 12.96
C GLY D 271 6.02 -15.24 11.78
N SER D 272 4.74 -15.40 11.39
CA SER D 272 4.30 -16.25 10.29
C SER D 272 4.66 -15.61 8.93
N ASP D 273 4.45 -14.29 8.79
CA ASP D 273 4.79 -13.51 7.61
C ASP D 273 6.01 -12.64 7.88
N ASN D 274 6.89 -12.46 6.86
CA ASN D 274 8.11 -11.66 7.00
C ASN D 274 7.90 -10.26 6.42
N ARG D 275 6.86 -9.57 6.94
CA ARG D 275 6.45 -8.24 6.52
C ARG D 275 7.19 -7.13 7.25
N PHE D 276 7.53 -7.32 8.56
CA PHE D 276 8.17 -6.31 9.42
C PHE D 276 7.35 -5.01 9.30
N SER D 277 6.03 -5.13 9.53
CA SER D 277 5.04 -4.07 9.35
C SER D 277 5.22 -2.86 10.29
N VAL D 278 6.19 -2.92 11.22
CA VAL D 278 6.53 -1.78 12.09
C VAL D 278 7.89 -1.25 11.60
N VAL D 279 7.94 0.03 11.17
CA VAL D 279 9.15 0.61 10.58
C VAL D 279 9.88 1.56 11.53
N PRO D 280 11.17 1.28 11.83
CA PRO D 280 11.95 2.24 12.63
C PRO D 280 12.46 3.37 11.73
N LEU D 281 12.09 4.60 12.06
CA LEU D 281 12.56 5.78 11.35
C LEU D 281 13.45 6.51 12.35
N MET D 282 14.75 6.43 12.13
CA MET D 282 15.74 6.98 13.05
C MET D 282 16.40 8.22 12.47
N LEU D 283 16.23 9.35 13.16
CA LEU D 283 16.84 10.60 12.75
C LEU D 283 18.12 10.84 13.56
N HIS D 284 19.08 11.55 12.97
CA HIS D 284 20.39 11.83 13.56
C HIS D 284 20.96 13.17 13.14
N GLY D 285 21.87 13.68 13.95
CA GLY D 285 22.67 14.86 13.64
C GLY D 285 23.98 14.36 13.07
N ASP D 286 24.66 15.18 12.25
CA ASP D 286 25.91 14.77 11.59
C ASP D 286 27.08 14.54 12.55
N ALA D 287 27.23 15.35 13.60
CA ALA D 287 28.36 15.16 14.52
C ALA D 287 28.12 13.97 15.46
N ALA D 288 26.87 13.76 15.89
CA ALA D 288 26.50 12.67 16.80
C ALA D 288 26.56 11.32 16.10
N PHE D 289 26.17 11.25 14.80
CA PHE D 289 26.18 10.01 14.02
C PHE D 289 27.60 9.46 13.84
N ALA D 290 28.57 10.35 13.59
CA ALA D 290 29.97 9.95 13.40
C ALA D 290 30.69 9.69 14.74
N GLY D 291 30.35 10.45 15.78
CA GLY D 291 31.05 10.36 17.07
C GLY D 291 30.57 9.37 18.12
N GLN D 292 29.29 9.03 18.14
CA GLN D 292 28.75 8.14 19.17
C GLN D 292 28.86 6.67 18.78
N GLY D 293 29.51 5.90 19.66
CA GLY D 293 29.74 4.48 19.48
C GLY D 293 28.50 3.60 19.44
N VAL D 294 27.42 4.04 20.09
CA VAL D 294 26.16 3.30 20.14
C VAL D 294 25.57 3.18 18.72
N VAL D 295 25.94 4.09 17.80
CA VAL D 295 25.48 4.07 16.42
C VAL D 295 25.97 2.76 15.77
N ALA D 296 27.29 2.48 15.84
CA ALA D 296 27.88 1.24 15.32
C ALA D 296 27.33 0.01 16.02
N GLU D 297 27.12 0.11 17.35
CA GLU D 297 26.56 -0.96 18.18
C GLU D 297 25.13 -1.35 17.74
N THR D 298 24.30 -0.34 17.40
CA THR D 298 22.90 -0.51 16.97
C THR D 298 22.83 -0.99 15.50
N LEU D 299 23.73 -0.51 14.62
CA LEU D 299 23.80 -0.95 13.22
C LEU D 299 24.20 -2.41 13.15
N ASN D 300 25.07 -2.84 14.09
CA ASN D 300 25.55 -4.21 14.21
C ASN D 300 24.42 -5.20 14.59
N LEU D 301 23.29 -4.70 15.12
CA LEU D 301 22.11 -5.50 15.49
C LEU D 301 21.14 -5.73 14.33
N ALA D 302 21.23 -4.88 13.28
CA ALA D 302 20.34 -4.82 12.11
C ALA D 302 19.97 -6.19 11.47
N LEU D 303 20.90 -7.16 11.40
CA LEU D 303 20.60 -8.44 10.75
C LEU D 303 20.65 -9.63 11.71
N LEU D 304 20.84 -9.40 13.00
CA LEU D 304 20.86 -10.48 14.01
C LEU D 304 19.45 -11.06 14.25
N ARG D 305 19.36 -12.37 14.47
CA ARG D 305 18.11 -13.10 14.72
C ARG D 305 17.27 -12.52 15.86
N GLY D 306 17.90 -12.19 16.97
CA GLY D 306 17.20 -11.65 18.13
C GLY D 306 17.03 -10.15 18.19
N TYR D 307 17.46 -9.42 17.15
CA TYR D 307 17.40 -7.95 17.19
C TYR D 307 16.89 -7.30 15.94
N ARG D 308 16.84 -8.02 14.79
CA ARG D 308 16.42 -7.40 13.52
C ARG D 308 14.97 -6.92 13.52
N THR D 309 14.76 -5.79 12.83
CA THR D 309 13.48 -5.08 12.68
C THR D 309 13.12 -4.92 11.20
N GLY D 310 13.83 -5.68 10.35
CA GLY D 310 13.65 -5.68 8.90
C GLY D 310 14.14 -4.41 8.22
N GLY D 311 15.20 -3.83 8.75
CA GLY D 311 15.77 -2.60 8.19
C GLY D 311 15.22 -1.31 8.75
N THR D 312 16.13 -0.39 9.11
CA THR D 312 15.81 0.92 9.64
C THR D 312 16.01 1.98 8.55
N ILE D 313 15.14 3.00 8.52
CA ILE D 313 15.30 4.14 7.62
C ILE D 313 16.01 5.20 8.46
N HIS D 314 17.26 5.51 8.09
CA HIS D 314 18.04 6.52 8.76
C HIS D 314 18.00 7.83 7.98
N ILE D 315 17.73 8.93 8.68
CA ILE D 315 17.77 10.28 8.13
C ILE D 315 18.79 11.05 8.94
N VAL D 316 19.86 11.53 8.29
CA VAL D 316 20.85 12.36 8.95
C VAL D 316 20.58 13.83 8.53
N VAL D 317 20.25 14.69 9.51
CA VAL D 317 20.06 16.11 9.31
C VAL D 317 21.47 16.69 9.37
N ASN D 318 22.19 16.63 8.23
CA ASN D 318 23.60 17.03 8.09
C ASN D 318 23.70 18.53 7.78
N ASN D 319 23.67 19.35 8.83
CA ASN D 319 23.77 20.80 8.71
C ASN D 319 25.23 21.26 8.72
N GLN D 320 26.17 20.31 8.49
CA GLN D 320 27.62 20.49 8.36
C GLN D 320 28.24 21.24 9.55
N ILE D 321 27.68 21.00 10.77
CA ILE D 321 28.11 21.66 12.00
C ILE D 321 27.64 20.85 13.23
N GLY D 322 28.41 20.94 14.30
CA GLY D 322 28.15 20.37 15.61
C GLY D 322 28.40 21.48 16.62
N PHE D 323 27.36 22.28 16.94
CA PHE D 323 27.42 23.45 17.81
C PHE D 323 28.48 24.45 17.22
N THR D 324 29.73 24.45 17.72
CA THR D 324 30.79 25.32 17.20
C THR D 324 31.88 24.50 16.50
N THR D 325 31.70 23.18 16.46
CA THR D 325 32.70 22.27 15.90
C THR D 325 32.43 22.02 14.43
N ALA D 326 33.47 22.24 13.60
CA ALA D 326 33.44 22.01 12.18
C ALA D 326 33.54 20.48 11.91
N PRO D 327 32.96 19.96 10.81
CA PRO D 327 33.03 18.51 10.54
C PRO D 327 34.45 17.92 10.53
N THR D 328 35.48 18.73 10.15
CA THR D 328 36.90 18.34 10.11
C THR D 328 37.40 17.88 11.51
N ASP D 329 36.80 18.42 12.61
CA ASP D 329 37.18 18.01 13.97
C ASP D 329 36.16 17.02 14.56
N SER D 330 35.09 16.70 13.81
CA SER D 330 34.04 15.78 14.28
C SER D 330 34.21 14.33 13.77
N ARG D 331 34.92 14.14 12.63
CA ARG D 331 35.11 12.82 12.03
C ARG D 331 36.36 12.72 11.16
N SER D 332 36.84 11.48 10.96
CA SER D 332 38.01 11.12 10.15
C SER D 332 37.58 10.55 8.79
N SER D 333 36.30 10.67 8.45
CA SER D 333 35.74 10.15 7.22
C SER D 333 35.14 11.24 6.35
N GLU D 334 35.02 10.96 5.03
CA GLU D 334 34.47 11.88 4.03
C GLU D 334 33.03 12.26 4.41
N TYR D 335 32.19 11.25 4.71
CA TYR D 335 30.79 11.43 5.07
C TYR D 335 30.53 11.03 6.49
N CYS D 336 29.60 11.75 7.15
CA CYS D 336 29.17 11.49 8.53
C CYS D 336 28.45 10.13 8.63
N THR D 337 28.06 9.57 7.48
CA THR D 337 27.32 8.30 7.32
C THR D 337 28.18 7.07 7.01
N ASP D 338 29.51 7.24 6.83
CA ASP D 338 30.44 6.17 6.44
C ASP D 338 30.43 4.94 7.36
N VAL D 339 30.00 5.09 8.63
CA VAL D 339 29.89 3.99 9.59
C VAL D 339 28.79 2.97 9.15
N ALA D 340 27.74 3.44 8.45
CA ALA D 340 26.64 2.59 8.00
C ALA D 340 27.02 1.65 6.83
N LYS D 341 28.19 1.87 6.20
CA LYS D 341 28.67 1.01 5.09
C LYS D 341 29.06 -0.40 5.61
N MET D 342 29.34 -0.52 6.92
CA MET D 342 29.73 -1.78 7.58
C MET D 342 28.62 -2.86 7.51
N ILE D 343 27.33 -2.47 7.40
CA ILE D 343 26.25 -3.47 7.32
C ILE D 343 25.69 -3.52 5.90
N GLY D 344 26.49 -3.02 4.96
CA GLY D 344 26.15 -2.98 3.53
C GLY D 344 24.92 -2.16 3.24
N ALA D 345 24.72 -1.07 4.00
CA ALA D 345 23.57 -0.20 3.77
C ALA D 345 23.82 0.76 2.61
N PRO D 346 22.85 0.91 1.69
CA PRO D 346 23.00 1.93 0.64
C PRO D 346 22.92 3.33 1.28
N ILE D 347 23.77 4.25 0.82
CA ILE D 347 23.77 5.61 1.38
C ILE D 347 23.45 6.60 0.25
N PHE D 348 22.46 7.47 0.52
CA PHE D 348 22.02 8.50 -0.40
C PHE D 348 22.26 9.87 0.19
N HIS D 349 23.18 10.62 -0.41
CA HIS D 349 23.49 12.00 -0.03
C HIS D 349 22.60 12.87 -0.89
N VAL D 350 21.72 13.66 -0.29
CA VAL D 350 20.78 14.47 -1.07
C VAL D 350 20.84 15.96 -0.66
N ASN D 351 20.72 16.85 -1.67
CA ASN D 351 20.72 18.30 -1.48
C ASN D 351 19.43 18.72 -0.79
N GLY D 352 19.58 19.35 0.37
CA GLY D 352 18.49 19.84 1.19
C GLY D 352 17.67 20.97 0.60
N ASP D 353 18.21 21.66 -0.43
CA ASP D 353 17.52 22.75 -1.13
C ASP D 353 16.60 22.21 -2.22
N ASP D 354 16.68 20.89 -2.52
CA ASP D 354 15.85 20.25 -3.53
C ASP D 354 14.83 19.35 -2.82
N PRO D 355 13.63 19.86 -2.48
CA PRO D 355 12.66 19.01 -1.74
C PRO D 355 12.09 17.86 -2.56
N GLU D 356 12.07 17.97 -3.89
CA GLU D 356 11.56 16.92 -4.79
C GLU D 356 12.51 15.73 -4.84
N ALA D 357 13.84 15.98 -4.84
CA ALA D 357 14.86 14.93 -4.83
C ALA D 357 14.86 14.25 -3.47
N CYS D 358 14.60 15.03 -2.39
CA CYS D 358 14.52 14.56 -1.01
C CYS D 358 13.31 13.64 -0.82
N ALA D 359 12.15 14.01 -1.39
CA ALA D 359 10.93 13.20 -1.34
C ALA D 359 11.10 11.91 -2.15
N TRP D 360 11.83 11.97 -3.29
CA TRP D 360 12.09 10.83 -4.18
C TRP D 360 13.03 9.81 -3.52
N VAL D 361 14.11 10.29 -2.85
CA VAL D 361 15.10 9.47 -2.15
C VAL D 361 14.41 8.78 -0.95
N ALA D 362 13.54 9.50 -0.25
CA ALA D 362 12.75 8.98 0.88
C ALA D 362 11.89 7.79 0.46
N ARG D 363 11.23 7.89 -0.72
CA ARG D 363 10.38 6.82 -1.25
C ARG D 363 11.22 5.67 -1.78
N LEU D 364 12.41 5.97 -2.35
CA LEU D 364 13.35 4.95 -2.83
C LEU D 364 13.88 4.13 -1.64
N ALA D 365 14.18 4.82 -0.51
CA ALA D 365 14.69 4.22 0.72
C ALA D 365 13.71 3.21 1.30
N VAL D 366 12.40 3.59 1.39
CA VAL D 366 11.33 2.72 1.90
C VAL D 366 11.20 1.49 1.00
N ASP D 367 11.21 1.69 -0.34
CA ASP D 367 11.10 0.62 -1.32
C ASP D 367 12.25 -0.38 -1.18
N PHE D 368 13.48 0.11 -0.92
CA PHE D 368 14.66 -0.75 -0.72
C PHE D 368 14.51 -1.57 0.55
N ARG D 369 14.07 -0.90 1.65
CA ARG D 369 13.83 -1.52 2.94
C ARG D 369 12.81 -2.65 2.79
N GLN D 370 11.73 -2.39 2.04
CA GLN D 370 10.69 -3.39 1.82
C GLN D 370 11.17 -4.56 0.95
N ALA D 371 12.03 -4.30 -0.04
CA ALA D 371 12.52 -5.33 -0.95
C ALA D 371 13.56 -6.25 -0.31
N PHE D 372 14.48 -5.70 0.51
CA PHE D 372 15.57 -6.52 1.04
C PHE D 372 15.60 -6.60 2.57
N LYS D 373 14.66 -5.93 3.29
CA LYS D 373 14.56 -5.92 4.76
C LYS D 373 15.91 -5.55 5.38
N LYS D 374 16.55 -4.52 4.81
CA LYS D 374 17.84 -4.00 5.17
C LYS D 374 17.77 -2.48 5.43
N ASP D 375 18.69 -1.98 6.26
CA ASP D 375 18.83 -0.57 6.63
C ASP D 375 19.22 0.29 5.42
N VAL D 376 18.67 1.51 5.36
CA VAL D 376 18.93 2.51 4.31
C VAL D 376 19.25 3.83 4.99
N VAL D 377 20.27 4.54 4.50
CA VAL D 377 20.68 5.81 5.09
C VAL D 377 20.52 6.96 4.09
N ILE D 378 19.84 8.02 4.54
CA ILE D 378 19.65 9.27 3.79
C ILE D 378 20.47 10.35 4.50
N ASP D 379 21.44 10.94 3.79
CA ASP D 379 22.31 12.00 4.29
C ASP D 379 21.80 13.33 3.70
N MET D 380 20.86 13.99 4.41
CA MET D 380 20.32 15.25 3.91
C MET D 380 21.27 16.39 4.20
N LEU D 381 22.06 16.78 3.19
CA LEU D 381 22.97 17.89 3.34
C LEU D 381 22.17 19.19 3.35
N CYS D 382 22.34 19.97 4.42
CA CYS D 382 21.63 21.22 4.64
C CYS D 382 22.51 22.18 5.42
N TYR D 383 21.89 23.10 6.17
CA TYR D 383 22.57 24.07 7.00
C TYR D 383 21.68 24.46 8.18
N ARG D 384 22.27 25.11 9.17
CA ARG D 384 21.60 25.58 10.37
C ARG D 384 21.54 27.11 10.27
N ARG D 385 20.37 27.66 9.91
CA ARG D 385 20.13 29.09 9.67
C ARG D 385 20.62 29.96 10.83
N ARG D 386 20.26 29.60 12.08
CA ARG D 386 20.63 30.34 13.29
C ARG D 386 21.79 29.64 14.00
N GLY D 387 22.10 30.08 15.21
CA GLY D 387 23.12 29.47 16.05
C GLY D 387 22.68 28.08 16.47
N HIS D 388 23.52 27.38 17.24
CA HIS D 388 23.22 26.02 17.73
C HIS D 388 21.85 25.99 18.43
N ASN D 389 21.66 26.97 19.33
CA ASN D 389 20.42 27.28 20.02
C ASN D 389 20.02 28.66 19.48
N GLU D 390 18.80 29.11 19.77
CA GLU D 390 18.26 30.38 19.25
C GLU D 390 18.89 31.62 19.93
N GLY D 391 19.74 31.41 20.94
CA GLY D 391 20.43 32.48 21.65
C GLY D 391 21.92 32.55 21.40
N ASP D 392 22.45 31.57 20.63
CA ASP D 392 23.88 31.46 20.32
C ASP D 392 24.25 32.24 19.05
N ASP D 393 25.38 32.98 19.07
CA ASP D 393 25.89 33.73 17.91
C ASP D 393 26.94 32.84 17.19
N PRO D 394 26.61 32.29 16.00
CA PRO D 394 27.53 31.34 15.36
C PRO D 394 28.69 31.95 14.57
N SER D 395 28.62 33.26 14.21
CA SER D 395 29.67 33.95 13.44
C SER D 395 30.99 34.08 14.24
N MET D 396 30.94 33.85 15.56
CA MET D 396 32.11 33.94 16.44
C MET D 396 33.12 32.86 16.07
N THR D 397 32.63 31.65 15.75
CA THR D 397 33.46 30.48 15.45
C THR D 397 33.38 30.09 13.96
N GLN D 398 32.24 30.30 13.30
CA GLN D 398 32.07 30.00 11.87
C GLN D 398 31.64 31.27 11.07
N PRO D 399 32.55 32.27 10.90
CA PRO D 399 32.14 33.49 10.17
C PRO D 399 31.94 33.28 8.66
N TYR D 400 32.80 32.48 7.99
CA TYR D 400 32.69 32.24 6.54
C TYR D 400 31.37 31.54 6.19
N MET D 401 31.02 30.50 6.94
CA MET D 401 29.79 29.72 6.74
C MET D 401 28.54 30.62 6.89
N TYR D 402 28.52 31.51 7.90
CA TYR D 402 27.36 32.35 8.16
C TYR D 402 27.32 33.58 7.28
N ASP D 403 28.41 33.85 6.54
CA ASP D 403 28.46 34.89 5.52
C ASP D 403 27.68 34.35 4.30
N VAL D 404 27.84 33.04 4.02
CA VAL D 404 27.20 32.31 2.92
C VAL D 404 25.71 32.14 3.22
N ILE D 405 25.36 31.68 4.46
CA ILE D 405 23.99 31.46 4.92
C ILE D 405 23.16 32.76 4.77
N ASP D 406 23.77 33.92 5.09
CA ASP D 406 23.16 35.25 4.98
C ASP D 406 22.73 35.58 3.53
N THR D 407 23.43 35.02 2.53
CA THR D 407 23.14 35.24 1.11
C THR D 407 22.09 34.24 0.61
N LYS D 408 21.93 33.10 1.32
CA LYS D 408 21.01 32.03 0.94
C LYS D 408 19.55 32.40 1.20
N ARG D 409 18.68 32.05 0.24
CA ARG D 409 17.24 32.19 0.33
C ARG D 409 16.77 30.84 0.87
N GLY D 410 15.80 30.81 1.77
CA GLY D 410 15.34 29.54 2.33
C GLY D 410 14.72 28.59 1.31
N SER D 411 14.60 27.30 1.67
CA SER D 411 14.00 26.25 0.83
C SER D 411 12.55 26.57 0.47
N ARG D 412 11.79 27.10 1.45
CA ARG D 412 10.39 27.48 1.29
C ARG D 412 10.25 28.52 0.18
N LYS D 413 11.02 29.63 0.25
CA LYS D 413 10.99 30.72 -0.74
C LYS D 413 11.45 30.27 -2.14
N ALA D 414 12.56 29.50 -2.21
CA ALA D 414 13.12 28.98 -3.46
C ALA D 414 12.14 28.04 -4.16
N TYR D 415 11.47 27.16 -3.39
CA TYR D 415 10.51 26.21 -3.96
C TYR D 415 9.23 26.92 -4.38
N THR D 416 8.82 27.97 -3.63
CA THR D 416 7.65 28.80 -3.95
C THR D 416 7.85 29.44 -5.33
N GLU D 417 9.03 30.07 -5.54
CA GLU D 417 9.43 30.75 -6.78
C GLU D 417 9.43 29.79 -7.98
N ALA D 418 9.92 28.55 -7.78
CA ALA D 418 9.95 27.52 -8.82
C ALA D 418 8.53 27.16 -9.27
N LEU D 419 7.61 26.94 -8.28
CA LEU D 419 6.21 26.58 -8.54
C LEU D 419 5.45 27.69 -9.26
N ILE D 420 5.76 28.98 -8.97
CA ILE D 420 5.12 30.12 -9.66
C ILE D 420 5.66 30.15 -11.11
N GLY D 421 6.98 29.97 -11.25
CA GLY D 421 7.67 29.92 -12.54
C GLY D 421 7.16 28.81 -13.46
N ARG D 422 6.79 27.65 -12.87
CA ARG D 422 6.24 26.50 -13.56
C ARG D 422 4.75 26.74 -13.91
N GLY D 423 4.13 27.70 -13.22
CA GLY D 423 2.73 28.06 -13.40
C GLY D 423 1.76 27.24 -12.59
N ASP D 424 2.25 26.51 -11.58
CA ASP D 424 1.46 25.68 -10.68
C ASP D 424 0.56 26.54 -9.77
N ILE D 425 1.15 27.59 -9.19
CA ILE D 425 0.49 28.52 -8.27
C ILE D 425 0.87 29.97 -8.59
N SER D 426 0.11 30.94 -8.05
CA SER D 426 0.37 32.37 -8.22
C SER D 426 1.01 32.92 -6.94
N MET D 427 1.46 34.20 -6.98
CA MET D 427 2.03 34.88 -5.82
C MET D 427 0.93 35.05 -4.74
N LYS D 428 -0.32 35.32 -5.18
CA LYS D 428 -1.47 35.50 -4.29
C LYS D 428 -1.83 34.19 -3.56
N GLU D 429 -1.89 33.04 -4.30
CA GLU D 429 -2.22 31.72 -3.76
C GLU D 429 -1.23 31.30 -2.68
N ALA D 430 0.08 31.57 -2.92
CA ALA D 430 1.20 31.29 -2.04
C ALA D 430 1.13 32.15 -0.77
N GLU D 431 0.83 33.45 -0.92
CA GLU D 431 0.70 34.40 0.18
C GLU D 431 -0.52 34.06 1.05
N ASP D 432 -1.67 33.75 0.41
CA ASP D 432 -2.91 33.37 1.07
C ASP D 432 -2.74 32.06 1.88
N ALA D 433 -1.95 31.10 1.36
CA ALA D 433 -1.67 29.82 2.01
C ALA D 433 -0.89 30.03 3.31
N LEU D 434 0.19 30.85 3.27
CA LEU D 434 1.04 31.18 4.42
C LEU D 434 0.28 31.96 5.49
N ARG D 435 -0.59 32.92 5.07
CA ARG D 435 -1.39 33.74 5.98
C ARG D 435 -2.50 32.90 6.66
N ASP D 436 -2.91 31.76 6.04
CA ASP D 436 -3.90 30.85 6.61
C ASP D 436 -3.27 30.02 7.73
N TYR D 437 -2.01 29.54 7.51
CA TYR D 437 -1.29 28.74 8.49
C TYR D 437 -0.88 29.57 9.70
N GLN D 438 -0.33 30.79 9.51
CA GLN D 438 0.09 31.63 10.64
C GLN D 438 -1.13 32.21 11.39
N GLY D 439 -2.25 32.37 10.69
CA GLY D 439 -3.52 32.83 11.28
C GLY D 439 -4.10 31.79 12.20
N GLN D 440 -3.97 30.50 11.83
CA GLN D 440 -4.44 29.33 12.59
C GLN D 440 -3.57 29.15 13.85
N LEU D 441 -2.25 29.42 13.76
CA LEU D 441 -1.32 29.33 14.89
C LEU D 441 -1.62 30.37 15.96
N GLU D 442 -1.83 31.64 15.55
CA GLU D 442 -2.15 32.77 16.44
C GLU D 442 -3.46 32.53 17.21
N ARG D 443 -4.49 31.98 16.53
CA ARG D 443 -5.79 31.63 17.07
C ARG D 443 -5.65 30.59 18.20
N VAL D 444 -4.82 29.55 17.99
CA VAL D 444 -4.52 28.50 18.95
C VAL D 444 -3.67 29.09 20.10
N PHE D 445 -2.69 29.96 19.77
CA PHE D 445 -1.83 30.65 20.74
C PHE D 445 -2.68 31.50 21.69
N ASN D 446 -3.68 32.23 21.15
CA ASN D 446 -4.57 33.09 21.93
C ASN D 446 -5.43 32.29 22.93
N GLU D 447 -5.85 31.06 22.56
CA GLU D 447 -6.66 30.19 23.42
C GLU D 447 -5.82 29.66 24.58
N VAL D 448 -4.53 29.35 24.30
CA VAL D 448 -3.55 28.84 25.27
C VAL D 448 -3.24 29.93 26.31
N ARG D 449 -2.95 31.17 25.86
CA ARG D 449 -2.63 32.31 26.73
C ARG D 449 -3.83 32.66 27.62
N GLU D 450 -5.07 32.60 27.06
CA GLU D 450 -6.35 32.89 27.73
C GLU D 450 -6.64 31.91 28.88
N LEU D 451 -5.91 30.77 28.96
CA LEU D 451 -6.06 29.79 30.04
C LEU D 451 -5.51 30.37 31.36
N GLU D 452 -6.25 30.13 32.47
CA GLU D 452 -5.88 30.58 33.82
C GLU D 452 -4.60 29.88 34.28
N LYS D 453 -3.61 30.68 34.75
CA LYS D 453 -2.31 30.19 35.20
C LYS D 453 -2.41 29.50 36.56
N HIS D 454 -1.91 28.26 36.63
CA HIS D 454 -1.91 27.45 37.85
C HIS D 454 -0.69 27.79 38.72
N GLU D 455 -0.81 27.60 40.05
CA GLU D 455 0.28 27.81 41.01
C GLU D 455 1.37 26.76 40.80
N ILE D 456 2.61 27.21 40.62
CA ILE D 456 3.76 26.33 40.41
C ILE D 456 4.16 25.71 41.75
N GLU D 457 4.13 24.39 41.82
CA GLU D 457 4.45 23.59 43.00
C GLU D 457 5.66 22.68 42.72
N PRO D 458 6.48 22.31 43.75
CA PRO D 458 7.62 21.40 43.49
C PRO D 458 7.20 20.05 42.91
N SER D 459 8.10 19.38 42.18
CA SER D 459 7.80 18.07 41.59
C SER D 459 7.58 17.04 42.70
N GLU D 460 6.69 16.09 42.45
CA GLU D 460 6.34 15.06 43.42
C GLU D 460 6.80 13.69 42.95
N SER D 461 7.11 12.81 43.91
CA SER D 461 7.52 11.42 43.69
C SER D 461 6.42 10.65 42.94
N VAL D 462 6.82 9.75 42.04
CA VAL D 462 5.86 8.96 41.24
C VAL D 462 5.63 7.57 41.86
N GLU D 463 6.14 7.31 43.10
CA GLU D 463 6.04 6.02 43.80
C GLU D 463 4.62 5.46 43.89
N ALA D 464 3.64 6.28 44.34
CA ALA D 464 2.24 5.90 44.53
C ALA D 464 1.47 5.65 43.22
N ASP D 465 2.04 6.04 42.05
CA ASP D 465 1.41 5.84 40.73
C ASP D 465 1.15 4.37 40.41
N GLN D 466 2.01 3.47 40.93
CA GLN D 466 1.91 2.02 40.75
C GLN D 466 1.71 1.39 42.12
N GLN D 467 0.52 0.84 42.38
CA GLN D 467 0.18 0.22 43.67
C GLN D 467 0.41 -1.30 43.67
N ILE D 468 1.05 -1.79 44.76
CA ILE D 468 1.34 -3.20 45.01
C ILE D 468 0.00 -3.97 45.11
N PRO D 469 -0.20 -5.06 44.34
CA PRO D 469 -1.47 -5.79 44.45
C PRO D 469 -1.57 -6.57 45.77
N SER D 470 -2.80 -6.68 46.30
CA SER D 470 -3.07 -7.39 47.55
C SER D 470 -3.21 -8.89 47.32
N LYS D 471 -2.60 -9.71 48.21
CA LYS D 471 -2.62 -11.17 48.24
C LYS D 471 -2.36 -11.81 46.85
N LEU D 472 -1.19 -11.52 46.25
CA LEU D 472 -0.82 -12.08 44.96
C LEU D 472 -0.11 -13.43 45.16
N ALA D 473 -0.71 -14.49 44.59
CA ALA D 473 -0.18 -15.86 44.68
C ALA D 473 0.85 -16.12 43.58
N THR D 474 2.06 -16.55 43.98
CA THR D 474 3.18 -16.86 43.08
C THR D 474 3.57 -18.36 43.16
N ALA D 475 2.91 -19.12 44.05
CA ALA D 475 3.16 -20.56 44.16
C ALA D 475 2.56 -21.32 42.96
N VAL D 476 3.11 -22.50 42.65
CA VAL D 476 2.67 -23.34 41.53
C VAL D 476 2.31 -24.75 42.02
N ASP D 477 1.45 -25.45 41.27
CA ASP D 477 1.01 -26.82 41.57
C ASP D 477 2.18 -27.80 41.39
N LYS D 478 2.16 -28.93 42.13
CA LYS D 478 3.19 -29.97 42.06
C LYS D 478 3.42 -30.45 40.62
N ALA D 479 2.31 -30.62 39.85
CA ALA D 479 2.27 -31.03 38.44
C ALA D 479 3.03 -30.07 37.52
N MET D 480 3.05 -28.76 37.85
CA MET D 480 3.75 -27.73 37.06
C MET D 480 5.27 -27.92 37.14
N LEU D 481 5.82 -28.10 38.36
CA LEU D 481 7.25 -28.33 38.59
C LEU D 481 7.73 -29.55 37.81
N GLN D 482 6.95 -30.63 37.89
CA GLN D 482 7.18 -31.92 37.24
C GLN D 482 7.08 -31.82 35.73
N ARG D 483 6.17 -30.98 35.19
CA ARG D 483 6.03 -30.79 33.75
C ARG D 483 7.28 -30.12 33.17
N ILE D 484 7.84 -29.12 33.87
CA ILE D 484 9.06 -28.38 33.48
C ILE D 484 10.25 -29.36 33.57
N GLY D 485 10.24 -30.23 34.59
CA GLY D 485 11.24 -31.26 34.79
C GLY D 485 11.23 -32.28 33.66
N ASP D 486 10.03 -32.82 33.35
CA ASP D 486 9.78 -33.80 32.27
C ASP D 486 10.15 -33.23 30.89
N ALA D 487 9.97 -31.92 30.69
CA ALA D 487 10.27 -31.19 29.45
C ALA D 487 11.77 -31.23 29.10
N HIS D 488 12.63 -31.36 30.11
CA HIS D 488 14.08 -31.41 29.93
C HIS D 488 14.53 -32.77 29.36
N LEU D 489 13.68 -33.80 29.45
CA LEU D 489 13.98 -35.13 28.94
C LEU D 489 13.05 -35.52 27.78
N ALA D 490 12.12 -34.63 27.39
CA ALA D 490 11.20 -34.86 26.27
C ALA D 490 11.91 -34.44 24.96
N LEU D 491 13.04 -35.12 24.69
CA LEU D 491 13.94 -34.89 23.56
C LEU D 491 13.35 -35.39 22.25
N PRO D 492 13.65 -34.73 21.11
CA PRO D 492 13.15 -35.25 19.80
C PRO D 492 13.79 -36.60 19.47
N GLU D 493 13.16 -37.40 18.59
CA GLU D 493 13.69 -38.72 18.24
C GLU D 493 15.06 -38.62 17.57
N GLY D 494 15.99 -39.45 18.05
CA GLY D 494 17.36 -39.50 17.55
C GLY D 494 18.26 -38.38 18.01
N PHE D 495 17.78 -37.50 18.94
CA PHE D 495 18.57 -36.40 19.49
C PHE D 495 19.72 -36.95 20.35
N THR D 496 20.94 -36.45 20.11
CA THR D 496 22.11 -36.88 20.86
C THR D 496 22.56 -35.74 21.78
N VAL D 497 22.30 -35.92 23.08
CA VAL D 497 22.67 -34.94 24.09
C VAL D 497 24.15 -35.09 24.37
N HIS D 498 24.87 -33.96 24.54
CA HIS D 498 26.28 -33.94 24.92
C HIS D 498 26.42 -34.69 26.27
N PRO D 499 27.43 -35.57 26.44
CA PRO D 499 27.55 -36.35 27.70
C PRO D 499 27.63 -35.54 29.00
N ARG D 500 28.08 -34.27 28.95
CA ARG D 500 28.19 -33.40 30.12
C ARG D 500 26.93 -32.50 30.29
N VAL D 501 26.01 -32.51 29.31
CA VAL D 501 24.75 -31.74 29.36
C VAL D 501 23.63 -32.68 29.88
N ARG D 502 23.63 -33.94 29.43
CA ARG D 502 22.67 -34.98 29.81
C ARG D 502 22.46 -35.09 31.36
N PRO D 503 23.50 -35.08 32.25
CA PRO D 503 23.22 -35.20 33.69
C PRO D 503 22.42 -34.02 34.26
N VAL D 504 22.55 -32.83 33.65
CA VAL D 504 21.81 -31.62 34.04
C VAL D 504 20.31 -31.85 33.77
N LEU D 505 19.94 -32.36 32.58
CA LEU D 505 18.55 -32.65 32.22
C LEU D 505 17.93 -33.68 33.14
N GLU D 506 18.67 -34.76 33.45
CA GLU D 506 18.24 -35.86 34.31
C GLU D 506 18.14 -35.42 35.76
N LYS D 507 19.10 -34.58 36.24
CA LYS D 507 19.09 -34.04 37.61
C LYS D 507 17.90 -33.10 37.79
N ARG D 508 17.51 -32.35 36.73
CA ARG D 508 16.38 -31.41 36.74
C ARG D 508 15.05 -32.14 36.89
N ARG D 509 14.85 -33.27 36.17
CA ARG D 509 13.67 -34.13 36.28
C ARG D 509 13.58 -34.69 37.71
N GLU D 510 14.74 -35.07 38.29
CA GLU D 510 14.87 -35.59 39.65
C GLU D 510 14.56 -34.48 40.67
N MET D 511 15.10 -33.26 40.46
CA MET D 511 14.87 -32.09 41.32
C MET D 511 13.39 -31.72 41.39
N ALA D 512 12.69 -31.79 40.25
CA ALA D 512 11.27 -31.45 40.10
C ALA D 512 10.34 -32.39 40.88
N TYR D 513 10.76 -33.65 41.07
CA TYR D 513 9.98 -34.66 41.78
C TYR D 513 10.47 -34.91 43.21
N GLU D 514 11.79 -34.77 43.46
CA GLU D 514 12.41 -35.09 44.74
C GLU D 514 12.85 -33.88 45.59
N GLY D 515 13.02 -32.71 44.97
CA GLY D 515 13.43 -31.51 45.68
C GLY D 515 14.88 -31.12 45.45
N ARG D 516 15.48 -30.40 46.41
CA ARG D 516 16.87 -29.91 46.39
C ARG D 516 17.13 -29.17 45.06
N ILE D 517 16.23 -28.21 44.72
CA ILE D 517 16.27 -27.44 43.49
C ILE D 517 17.35 -26.36 43.59
N ASP D 518 18.29 -26.38 42.63
CA ASP D 518 19.38 -25.41 42.56
C ASP D 518 18.88 -24.09 41.93
N TRP D 519 19.74 -23.04 41.91
CA TRP D 519 19.40 -21.72 41.36
C TRP D 519 19.00 -21.77 39.89
N ALA D 520 19.86 -22.37 39.01
CA ALA D 520 19.64 -22.46 37.55
C ALA D 520 18.30 -23.10 37.20
N PHE D 521 17.87 -24.15 37.91
CA PHE D 521 16.58 -24.79 37.63
C PHE D 521 15.42 -23.93 38.13
N ALA D 522 15.59 -23.25 39.30
CA ALA D 522 14.54 -22.40 39.87
C ALA D 522 14.16 -21.25 38.93
N GLU D 523 15.16 -20.72 38.19
CA GLU D 523 15.00 -19.67 37.18
C GLU D 523 14.13 -20.19 36.04
N LEU D 524 14.46 -21.38 35.50
CA LEU D 524 13.74 -21.99 34.38
C LEU D 524 12.35 -22.48 34.82
N LEU D 525 12.17 -22.81 36.13
CA LEU D 525 10.88 -23.18 36.69
C LEU D 525 9.98 -21.95 36.71
N ALA D 526 10.55 -20.76 37.01
CA ALA D 526 9.84 -19.49 37.04
C ALA D 526 9.42 -19.07 35.65
N LEU D 527 10.36 -19.10 34.68
CA LEU D 527 10.10 -18.70 33.29
C LEU D 527 9.14 -19.69 32.61
N GLY D 528 9.39 -20.99 32.78
CA GLY D 528 8.57 -22.07 32.25
C GLY D 528 7.12 -22.03 32.69
N SER D 529 6.86 -21.74 33.99
CA SER D 529 5.51 -21.68 34.53
C SER D 529 4.78 -20.45 33.99
N LEU D 530 5.51 -19.34 33.75
CA LEU D 530 4.92 -18.13 33.15
C LEU D 530 4.51 -18.38 31.69
N ILE D 531 5.37 -19.09 30.90
CA ILE D 531 5.11 -19.44 29.51
C ILE D 531 3.84 -20.33 29.45
N ALA D 532 3.73 -21.30 30.38
CA ALA D 532 2.58 -22.20 30.51
C ALA D 532 1.29 -21.43 30.82
N GLU D 533 1.42 -20.26 31.49
CA GLU D 533 0.31 -19.38 31.85
C GLU D 533 -0.02 -18.41 30.71
N GLY D 534 0.73 -18.50 29.60
CA GLY D 534 0.54 -17.69 28.41
C GLY D 534 1.41 -16.46 28.25
N LYS D 535 2.47 -16.33 29.07
CA LYS D 535 3.33 -15.16 29.00
C LYS D 535 4.48 -15.31 28.00
N LEU D 536 4.78 -14.20 27.29
CA LEU D 536 5.92 -14.12 26.36
C LEU D 536 7.16 -13.84 27.19
N VAL D 537 8.15 -14.75 27.14
CA VAL D 537 9.39 -14.58 27.88
C VAL D 537 10.53 -14.35 26.88
N ARG D 538 11.22 -13.21 27.02
CA ARG D 538 12.38 -12.86 26.21
C ARG D 538 13.57 -12.78 27.14
N LEU D 539 14.52 -13.70 26.97
CA LEU D 539 15.73 -13.82 27.76
C LEU D 539 16.91 -13.73 26.81
N SER D 540 17.85 -12.82 27.07
CA SER D 540 19.03 -12.63 26.22
C SER D 540 20.22 -12.11 27.03
N GLY D 541 21.38 -12.13 26.41
CA GLY D 541 22.65 -11.70 27.00
C GLY D 541 23.80 -12.49 26.41
N GLN D 542 25.03 -12.15 26.82
CA GLN D 542 26.23 -12.79 26.31
C GLN D 542 26.32 -14.24 26.82
N ASP D 543 26.23 -15.20 25.87
CA ASP D 543 26.30 -16.66 26.11
C ASP D 543 25.16 -17.12 27.06
N THR D 544 24.00 -16.45 27.00
CA THR D 544 22.86 -16.65 27.89
C THR D 544 22.14 -17.98 27.62
N GLN D 545 22.11 -18.46 26.36
CA GLN D 545 21.49 -19.74 26.01
C GLN D 545 22.04 -20.92 26.84
N ARG D 546 23.38 -21.04 26.94
CA ARG D 546 24.00 -22.12 27.73
C ARG D 546 24.25 -21.66 29.18
N GLY D 547 24.65 -20.41 29.32
CA GLY D 547 25.02 -19.79 30.57
C GLY D 547 26.52 -19.61 30.63
N THR D 548 27.00 -18.48 31.17
CA THR D 548 28.43 -18.20 31.36
C THR D 548 29.07 -19.31 32.24
N PHE D 549 28.35 -19.77 33.27
CA PHE D 549 28.86 -20.76 34.23
C PHE D 549 28.31 -22.15 33.92
N THR D 550 27.96 -22.41 32.63
CA THR D 550 27.46 -23.70 32.09
C THR D 550 26.29 -24.24 32.95
N GLN D 551 25.41 -23.32 33.40
CA GLN D 551 24.35 -23.73 34.32
C GLN D 551 22.95 -23.65 33.74
N ARG D 552 22.69 -22.75 32.76
CA ARG D 552 21.33 -22.57 32.24
C ARG D 552 20.88 -23.72 31.32
N HIS D 553 21.58 -23.92 30.18
CA HIS D 553 21.25 -24.92 29.15
C HIS D 553 19.78 -24.74 28.70
N ALA D 554 19.40 -23.47 28.41
CA ALA D 554 18.08 -23.09 27.91
C ALA D 554 17.90 -23.65 26.51
N VAL D 555 19.03 -23.80 25.78
CA VAL D 555 19.13 -24.38 24.43
C VAL D 555 20.19 -25.50 24.52
N ILE D 556 19.85 -26.71 24.09
CA ILE D 556 20.80 -27.82 24.09
C ILE D 556 21.10 -28.17 22.61
N VAL D 557 22.39 -28.36 22.29
CA VAL D 557 22.84 -28.61 20.92
C VAL D 557 23.11 -30.12 20.70
N ASP D 558 22.61 -30.67 19.59
CA ASP D 558 22.81 -32.08 19.22
C ASP D 558 24.31 -32.30 18.94
N ARG D 559 24.94 -33.22 19.71
CA ARG D 559 26.37 -33.54 19.64
C ARG D 559 26.79 -33.99 18.23
N LYS D 560 25.88 -34.66 17.49
CA LYS D 560 26.15 -35.20 16.15
C LYS D 560 25.78 -34.25 15.00
N THR D 561 24.56 -33.66 15.01
CA THR D 561 24.05 -32.83 13.90
C THR D 561 24.14 -31.32 14.13
N GLY D 562 24.14 -30.88 15.39
CA GLY D 562 24.17 -29.46 15.71
C GLY D 562 22.80 -28.84 15.87
N GLU D 563 21.74 -29.67 15.72
CA GLU D 563 20.33 -29.27 15.88
C GLU D 563 20.07 -28.76 17.29
N GLU D 564 19.31 -27.67 17.42
CA GLU D 564 19.01 -27.08 18.72
C GLU D 564 17.68 -27.57 19.28
N PHE D 565 17.62 -27.75 20.60
CA PHE D 565 16.42 -28.14 21.34
C PHE D 565 16.25 -27.20 22.54
N THR D 566 15.09 -26.55 22.62
CA THR D 566 14.76 -25.62 23.68
C THR D 566 13.66 -26.27 24.57
N PRO D 567 14.05 -26.86 25.73
CA PRO D 567 13.05 -27.55 26.59
C PRO D 567 11.86 -26.69 27.05
N LEU D 568 12.06 -25.41 27.46
CA LEU D 568 10.96 -24.55 27.95
C LEU D 568 9.91 -24.22 26.86
N GLN D 569 10.27 -24.34 25.56
CA GLN D 569 9.35 -24.06 24.45
C GLN D 569 8.19 -25.09 24.42
N LEU D 570 8.39 -26.29 25.01
CA LEU D 570 7.37 -27.33 25.09
C LEU D 570 6.21 -26.91 26.01
N LEU D 571 6.45 -25.92 26.88
CA LEU D 571 5.46 -25.41 27.84
C LEU D 571 4.52 -24.39 27.21
N ALA D 572 4.84 -23.91 25.99
CA ALA D 572 3.99 -23.00 25.22
C ALA D 572 2.79 -23.76 24.63
N THR D 573 2.78 -25.10 24.77
CA THR D 573 1.74 -25.99 24.30
C THR D 573 1.18 -26.74 25.49
N ASN D 574 -0.16 -26.80 25.60
CA ASN D 574 -0.86 -27.55 26.65
C ASN D 574 -0.78 -29.08 26.32
N PRO D 575 -1.01 -30.01 27.26
CA PRO D 575 -0.87 -31.44 26.92
C PRO D 575 -1.82 -31.95 25.81
N ASP D 576 -2.95 -31.25 25.57
CA ASP D 576 -3.92 -31.61 24.52
C ASP D 576 -3.48 -31.11 23.13
N GLY D 577 -2.46 -30.25 23.09
CA GLY D 577 -1.91 -29.71 21.86
C GLY D 577 -2.21 -28.25 21.58
N THR D 578 -3.13 -27.64 22.37
CA THR D 578 -3.54 -26.23 22.23
C THR D 578 -2.44 -25.27 22.71
N PRO D 579 -2.21 -24.12 22.03
CA PRO D 579 -1.18 -23.20 22.51
C PRO D 579 -1.63 -22.44 23.77
N THR D 580 -0.69 -22.17 24.68
CA THR D 580 -0.96 -21.43 25.92
C THR D 580 -1.02 -19.92 25.65
N GLY D 581 -0.38 -19.49 24.55
CA GLY D 581 -0.28 -18.10 24.17
C GLY D 581 1.12 -17.58 24.44
N GLY D 582 1.84 -18.29 25.31
CA GLY D 582 3.20 -17.97 25.72
C GLY D 582 4.24 -18.41 24.70
N LYS D 583 5.47 -17.90 24.86
CA LYS D 583 6.61 -18.20 23.99
C LYS D 583 7.93 -17.92 24.72
N PHE D 584 8.95 -18.75 24.43
CA PHE D 584 10.27 -18.58 25.00
C PHE D 584 11.23 -18.10 23.93
N LEU D 585 11.66 -16.86 24.05
CA LEU D 585 12.60 -16.25 23.14
C LEU D 585 13.91 -16.11 23.86
N VAL D 586 14.85 -17.00 23.57
CA VAL D 586 16.14 -16.97 24.24
C VAL D 586 17.26 -16.82 23.20
N TYR D 587 18.12 -15.81 23.41
CA TYR D 587 19.18 -15.50 22.45
C TYR D 587 20.50 -15.25 23.10
N ASN D 588 21.57 -15.46 22.33
CA ASN D 588 22.93 -15.08 22.64
C ASN D 588 23.08 -13.69 22.04
N SER D 589 23.38 -12.69 22.85
CA SER D 589 23.49 -11.32 22.35
C SER D 589 24.82 -11.10 21.62
N ALA D 590 24.99 -9.90 21.03
CA ALA D 590 26.26 -9.48 20.43
C ALA D 590 27.17 -9.07 21.58
N LEU D 591 28.47 -8.85 21.32
CA LEU D 591 29.33 -8.45 22.42
C LEU D 591 29.16 -6.95 22.67
N SER D 592 27.97 -6.60 23.14
CA SER D 592 27.56 -5.24 23.45
C SER D 592 26.80 -5.18 24.76
N GLU D 593 26.88 -4.01 25.44
CA GLU D 593 26.17 -3.77 26.69
C GLU D 593 25.21 -2.61 26.45
N PHE D 594 25.74 -1.47 25.97
CA PHE D 594 24.97 -0.26 25.67
C PHE D 594 23.75 -0.56 24.79
N ALA D 595 23.97 -1.13 23.58
CA ALA D 595 22.91 -1.45 22.63
C ALA D 595 21.96 -2.56 23.12
N ALA D 596 22.51 -3.65 23.69
CA ALA D 596 21.73 -4.79 24.19
C ALA D 596 20.81 -4.37 25.36
N VAL D 597 21.30 -3.58 26.33
CA VAL D 597 20.49 -3.10 27.47
C VAL D 597 19.44 -2.11 26.96
N GLY D 598 19.86 -1.20 26.06
CA GLY D 598 18.97 -0.24 25.42
C GLY D 598 17.83 -0.93 24.70
N PHE D 599 18.15 -1.97 23.92
CA PHE D 599 17.21 -2.79 23.16
C PHE D 599 16.17 -3.47 24.08
N GLU D 600 16.63 -4.08 25.20
CA GLU D 600 15.76 -4.81 26.11
C GLU D 600 14.85 -3.89 26.86
N TYR D 601 15.34 -2.68 27.19
CA TYR D 601 14.53 -1.64 27.81
C TYR D 601 13.42 -1.26 26.82
N GLY D 602 13.83 -0.99 25.56
CA GLY D 602 12.92 -0.66 24.48
C GLY D 602 11.86 -1.72 24.26
N TYR D 603 12.29 -3.00 24.26
CA TYR D 603 11.41 -4.16 24.09
C TYR D 603 10.32 -4.18 25.19
N SER D 604 10.73 -3.98 26.47
CA SER D 604 9.83 -3.99 27.62
C SER D 604 8.78 -2.87 27.54
N VAL D 605 9.15 -1.71 26.95
CA VAL D 605 8.24 -0.56 26.75
C VAL D 605 7.28 -0.89 25.57
N GLY D 606 7.83 -1.50 24.51
CA GLY D 606 7.09 -1.90 23.31
C GLY D 606 6.02 -2.94 23.57
N ASN D 607 6.31 -3.90 24.46
CA ASN D 607 5.37 -4.94 24.89
C ASN D 607 5.40 -5.01 26.42
N PRO D 608 4.48 -4.28 27.11
CA PRO D 608 4.49 -4.29 28.58
C PRO D 608 4.04 -5.63 29.21
N ASP D 609 3.37 -6.50 28.42
CA ASP D 609 2.88 -7.80 28.92
C ASP D 609 3.94 -8.91 28.76
N ALA D 610 5.13 -8.56 28.26
CA ALA D 610 6.22 -9.50 28.09
C ALA D 610 7.13 -9.53 29.32
N MET D 611 7.73 -10.70 29.58
CA MET D 611 8.72 -10.91 30.63
C MET D 611 10.06 -10.74 29.92
N VAL D 612 10.71 -9.57 30.11
CA VAL D 612 11.95 -9.23 29.42
C VAL D 612 13.10 -9.23 30.39
N LEU D 613 14.06 -10.14 30.14
CA LEU D 613 15.25 -10.33 30.97
C LEU D 613 16.53 -10.19 30.16
N TRP D 614 17.46 -9.37 30.64
CA TRP D 614 18.78 -9.18 30.04
C TRP D 614 19.80 -9.60 31.05
N GLU D 615 20.73 -10.48 30.65
CA GLU D 615 21.76 -10.97 31.55
C GLU D 615 23.15 -10.49 31.15
N ALA D 616 23.88 -9.91 32.12
CA ALA D 616 25.27 -9.51 31.96
C ALA D 616 26.14 -10.75 32.11
N GLN D 617 27.29 -10.82 31.41
CA GLN D 617 28.20 -11.96 31.55
C GLN D 617 28.64 -12.01 33.02
N PHE D 618 29.03 -10.85 33.53
CA PHE D 618 29.37 -10.51 34.91
C PHE D 618 28.81 -9.12 35.11
N GLY D 619 28.27 -8.84 36.29
CA GLY D 619 27.69 -7.54 36.61
C GLY D 619 28.64 -6.37 36.43
N ASP D 620 29.94 -6.65 36.40
CA ASP D 620 31.02 -5.66 36.24
C ASP D 620 31.01 -5.01 34.84
N PHE D 621 30.28 -5.57 33.87
CA PHE D 621 30.22 -5.03 32.51
C PHE D 621 28.99 -4.14 32.24
N VAL D 622 28.04 -4.06 33.21
CA VAL D 622 26.83 -3.27 33.07
C VAL D 622 27.15 -1.76 33.03
N ASN D 623 28.34 -1.35 33.53
CA ASN D 623 28.76 0.06 33.49
C ASN D 623 29.02 0.52 32.03
N GLY D 624 29.07 -0.43 31.09
CA GLY D 624 29.19 -0.17 29.66
C GLY D 624 27.89 0.34 29.09
N ALA D 625 26.78 0.15 29.85
CA ALA D 625 25.42 0.59 29.53
C ALA D 625 24.89 1.59 30.59
N GLN D 626 25.81 2.36 31.21
CA GLN D 626 25.48 3.33 32.26
C GLN D 626 24.46 4.36 31.80
N SER D 627 24.59 4.87 30.55
CA SER D 627 23.67 5.84 29.97
C SER D 627 22.24 5.29 29.94
N ILE D 628 22.05 4.00 29.60
CA ILE D 628 20.72 3.41 29.57
C ILE D 628 20.18 3.29 31.01
N ILE D 629 21.01 2.86 31.97
CA ILE D 629 20.62 2.72 33.36
C ILE D 629 20.21 4.09 33.91
N ASP D 630 21.07 5.11 33.74
CA ASP D 630 20.84 6.47 34.24
C ASP D 630 19.71 7.21 33.53
N GLU D 631 19.69 7.17 32.19
CA GLU D 631 18.76 7.98 31.40
C GLU D 631 17.44 7.30 31.02
N PHE D 632 17.33 5.97 31.10
CA PHE D 632 16.10 5.28 30.72
C PHE D 632 15.50 4.43 31.84
N ILE D 633 16.24 3.41 32.30
CA ILE D 633 15.79 2.44 33.30
C ILE D 633 15.43 3.10 34.65
N SER D 634 16.35 3.88 35.24
CA SER D 634 16.12 4.45 36.57
C SER D 634 15.25 5.71 36.60
N SER D 635 15.16 6.48 35.48
CA SER D 635 14.45 7.75 35.51
C SER D 635 13.38 7.99 34.43
N GLY D 636 13.16 7.03 33.54
CA GLY D 636 12.18 7.14 32.45
C GLY D 636 10.74 7.40 32.86
N GLU D 637 10.29 6.82 33.99
CA GLU D 637 8.93 6.99 34.50
C GLU D 637 8.71 8.43 35.01
N ALA D 638 9.64 8.93 35.86
CA ALA D 638 9.56 10.27 36.45
C ALA D 638 9.68 11.37 35.39
N LYS D 639 10.55 11.15 34.38
CA LYS D 639 10.81 12.13 33.32
C LYS D 639 9.74 12.17 32.23
N TRP D 640 9.24 11.01 31.76
CA TRP D 640 8.32 11.00 30.62
C TRP D 640 7.01 10.22 30.81
N GLY D 641 6.86 9.52 31.93
CA GLY D 641 5.70 8.66 32.18
C GLY D 641 5.81 7.37 31.39
N GLN D 642 7.03 7.06 30.90
CA GLN D 642 7.36 5.87 30.13
C GLN D 642 7.66 4.72 31.09
N LEU D 643 6.84 3.66 31.01
CA LEU D 643 6.94 2.53 31.91
C LEU D 643 7.64 1.34 31.26
N SER D 644 8.62 0.78 31.98
CA SER D 644 9.45 -0.36 31.59
C SER D 644 9.51 -1.37 32.71
N ASP D 645 9.39 -2.67 32.37
CA ASP D 645 9.46 -3.74 33.35
C ASP D 645 10.66 -4.66 33.02
N VAL D 646 11.75 -4.07 32.47
CA VAL D 646 12.96 -4.81 32.13
C VAL D 646 13.59 -5.40 33.40
N VAL D 647 14.14 -6.61 33.28
CA VAL D 647 14.84 -7.33 34.34
C VAL D 647 16.33 -7.36 33.96
N LEU D 648 17.20 -6.83 34.83
CA LEU D 648 18.65 -6.88 34.65
C LEU D 648 19.20 -7.92 35.60
N LEU D 649 19.80 -8.99 35.05
CA LEU D 649 20.42 -10.07 35.81
C LEU D 649 21.90 -9.79 35.84
N LEU D 650 22.46 -9.59 37.04
CA LEU D 650 23.86 -9.21 37.18
C LEU D 650 24.65 -10.18 38.08
N PRO D 651 25.46 -11.09 37.47
CA PRO D 651 26.26 -12.01 38.29
C PRO D 651 27.23 -11.22 39.18
N HIS D 652 27.07 -11.41 40.49
CA HIS D 652 27.76 -10.68 41.56
C HIS D 652 28.25 -11.62 42.66
N GLY D 653 29.40 -11.30 43.24
CA GLY D 653 29.98 -12.06 44.33
C GLY D 653 31.49 -12.07 44.36
N HIS D 654 32.08 -11.98 45.57
CA HIS D 654 33.52 -12.01 45.81
C HIS D 654 33.99 -13.45 45.84
N GLU D 655 34.74 -13.87 44.81
CA GLU D 655 35.19 -15.26 44.67
C GLU D 655 36.68 -15.41 44.31
N GLY D 656 37.40 -14.29 44.21
CA GLY D 656 38.82 -14.28 43.86
C GLY D 656 39.10 -14.29 42.37
N GLN D 657 38.10 -13.92 41.53
CA GLN D 657 38.26 -13.89 40.08
C GLN D 657 38.73 -12.52 39.52
N GLY D 658 39.05 -11.57 40.40
CA GLY D 658 39.54 -10.26 39.99
C GLY D 658 38.56 -9.12 40.09
N PRO D 659 39.04 -7.86 39.95
CA PRO D 659 38.14 -6.70 40.10
C PRO D 659 37.04 -6.56 39.02
N ASP D 660 37.16 -7.27 37.87
CA ASP D 660 36.15 -7.19 36.81
C ASP D 660 35.29 -8.47 36.72
N HIS D 661 35.40 -9.34 37.75
CA HIS D 661 34.61 -10.56 37.82
C HIS D 661 34.12 -10.71 39.26
N THR D 662 33.71 -9.59 39.88
CA THR D 662 33.33 -9.56 41.28
C THR D 662 32.05 -8.76 41.58
N SER D 663 31.93 -7.49 41.09
CA SER D 663 30.82 -6.64 41.49
C SER D 663 29.95 -6.07 40.35
N GLY D 664 28.63 -6.10 40.60
CA GLY D 664 27.60 -5.51 39.75
C GLY D 664 27.28 -4.08 40.14
N ARG D 665 28.06 -3.55 41.10
CA ARG D 665 28.01 -2.19 41.67
C ARG D 665 26.61 -1.90 42.29
N ILE D 666 26.28 -2.66 43.36
CA ILE D 666 25.03 -2.57 44.13
C ILE D 666 24.82 -1.14 44.60
N GLU D 667 25.89 -0.54 45.17
CA GLU D 667 25.95 0.83 45.69
C GLU D 667 25.46 1.87 44.67
N ARG D 668 25.77 1.68 43.36
CA ARG D 668 25.37 2.59 42.29
C ARG D 668 23.86 2.49 42.01
N PHE D 669 23.31 1.25 41.94
CA PHE D 669 21.88 1.05 41.71
C PHE D 669 21.06 1.55 42.91
N LEU D 670 21.61 1.37 44.14
CA LEU D 670 20.98 1.83 45.38
C LEU D 670 20.97 3.36 45.44
N GLN D 671 22.02 4.00 44.91
CA GLN D 671 22.18 5.45 44.82
C GLN D 671 21.16 6.05 43.84
N LEU D 672 20.97 5.38 42.68
CA LEU D 672 20.03 5.79 41.63
C LEU D 672 18.57 5.61 42.05
N TRP D 673 18.31 4.65 42.96
CA TRP D 673 16.97 4.36 43.45
C TRP D 673 16.37 5.54 44.19
N ALA D 674 15.14 5.87 43.84
CA ALA D 674 14.28 6.90 44.45
C ALA D 674 12.88 6.74 43.90
N GLU D 675 11.87 7.21 44.65
CA GLU D 675 10.46 7.22 44.24
C GLU D 675 9.93 5.83 43.80
N GLY D 676 10.35 4.77 44.48
CA GLY D 676 9.94 3.41 44.16
C GLY D 676 10.00 3.07 42.68
N SER D 677 11.03 3.60 41.99
CA SER D 677 11.23 3.46 40.54
C SER D 677 11.59 2.02 40.12
N MET D 678 12.38 1.30 40.93
CA MET D 678 12.82 -0.07 40.63
C MET D 678 12.78 -0.97 41.84
N THR D 679 12.88 -2.28 41.61
CA THR D 679 13.04 -3.30 42.63
C THR D 679 14.48 -3.77 42.51
N ILE D 680 15.23 -3.74 43.62
CA ILE D 680 16.63 -4.17 43.65
C ILE D 680 16.70 -5.31 44.65
N ALA D 681 17.08 -6.49 44.16
CA ALA D 681 17.15 -7.68 44.98
C ALA D 681 18.44 -8.43 44.82
N MET D 682 18.80 -9.14 45.89
CA MET D 682 19.93 -10.03 45.98
C MET D 682 19.45 -11.28 46.73
N PRO D 683 18.78 -12.23 46.02
CA PRO D 683 18.24 -13.42 46.71
C PRO D 683 19.35 -14.42 47.04
N SER D 684 19.17 -15.15 48.16
CA SER D 684 20.13 -16.13 48.66
C SER D 684 19.66 -17.56 48.40
N THR D 685 18.39 -17.75 48.06
CA THR D 685 17.86 -19.10 47.83
C THR D 685 17.23 -19.20 46.44
N PRO D 686 17.28 -20.39 45.80
CA PRO D 686 16.65 -20.55 44.48
C PRO D 686 15.14 -20.26 44.50
N ALA D 687 14.41 -20.77 45.54
CA ALA D 687 12.97 -20.59 45.68
C ALA D 687 12.58 -19.11 45.68
N ASN D 688 13.31 -18.28 46.44
CA ASN D 688 13.03 -16.84 46.57
C ASN D 688 13.24 -16.11 45.24
N TYR D 689 14.23 -16.55 44.44
CA TYR D 689 14.48 -16.01 43.12
C TYR D 689 13.33 -16.33 42.18
N PHE D 690 12.85 -17.58 42.21
CA PHE D 690 11.71 -18.09 41.45
C PHE D 690 10.47 -17.21 41.76
N HIS D 691 10.22 -16.97 43.05
CA HIS D 691 9.10 -16.16 43.55
C HIS D 691 9.25 -14.68 43.19
N LEU D 692 10.50 -14.16 43.17
CA LEU D 692 10.83 -12.77 42.78
C LEU D 692 10.50 -12.57 41.29
N LEU D 693 10.92 -13.53 40.45
CA LEU D 693 10.68 -13.51 39.00
C LEU D 693 9.19 -13.68 38.69
N ARG D 694 8.52 -14.63 39.41
CA ARG D 694 7.08 -14.88 39.21
C ARG D 694 6.23 -13.72 39.70
N ARG D 695 6.68 -13.00 40.76
CA ARG D 695 5.96 -11.82 41.26
C ARG D 695 6.07 -10.70 40.22
N HIS D 696 7.30 -10.43 39.73
CA HIS D 696 7.57 -9.42 38.72
C HIS D 696 6.71 -9.60 37.46
N GLY D 697 6.56 -10.84 37.01
CA GLY D 697 5.76 -11.13 35.83
C GLY D 697 4.27 -11.20 36.05
N LYS D 698 3.80 -11.18 37.32
CA LYS D 698 2.36 -11.29 37.62
C LYS D 698 1.75 -10.10 38.38
N ASP D 699 2.55 -9.30 39.10
CA ASP D 699 2.05 -8.20 39.96
C ASP D 699 1.45 -7.00 39.19
N GLY D 700 1.81 -6.85 37.91
CA GLY D 700 1.30 -5.77 37.06
C GLY D 700 1.98 -4.42 37.25
N ILE D 701 3.07 -4.37 38.05
CA ILE D 701 3.84 -3.16 38.33
C ILE D 701 4.85 -3.00 37.18
N GLN D 702 4.61 -2.04 36.28
CA GLN D 702 5.45 -1.79 35.12
C GLN D 702 6.70 -0.95 35.52
N ARG D 703 7.54 -1.55 36.40
CA ARG D 703 8.76 -0.93 36.93
C ARG D 703 9.93 -1.91 36.83
N PRO D 704 11.18 -1.43 36.55
CA PRO D 704 12.30 -2.37 36.36
C PRO D 704 12.69 -3.18 37.58
N LEU D 705 13.33 -4.34 37.35
CA LEU D 705 13.83 -5.24 38.39
C LEU D 705 15.33 -5.48 38.19
N ILE D 706 16.12 -5.19 39.24
CA ILE D 706 17.57 -5.38 39.23
C ILE D 706 17.87 -6.58 40.15
N VAL D 707 18.42 -7.66 39.57
CA VAL D 707 18.73 -8.88 40.32
C VAL D 707 20.23 -9.15 40.32
N PHE D 708 20.84 -9.14 41.50
CA PHE D 708 22.25 -9.49 41.68
C PHE D 708 22.27 -10.99 41.87
N THR D 709 22.66 -11.69 40.81
CA THR D 709 22.62 -13.15 40.70
C THR D 709 23.96 -13.81 41.10
N PRO D 710 23.95 -15.13 41.45
CA PRO D 710 25.18 -15.78 41.92
C PRO D 710 26.01 -16.48 40.82
N LYS D 711 27.25 -16.84 41.20
CA LYS D 711 28.20 -17.54 40.35
C LYS D 711 28.55 -18.89 40.99
N SER D 712 29.38 -18.90 42.06
CA SER D 712 29.74 -20.13 42.78
C SER D 712 28.53 -20.68 43.55
N MET D 713 27.64 -19.79 44.06
CA MET D 713 26.42 -20.14 44.80
C MET D 713 25.47 -21.00 43.95
N LEU D 714 25.62 -20.96 42.60
CA LEU D 714 24.83 -21.78 41.66
C LEU D 714 25.03 -23.27 41.94
N ARG D 715 26.25 -23.66 42.37
CA ARG D 715 26.66 -25.04 42.64
C ARG D 715 26.82 -25.35 44.15
N ASN D 716 26.42 -24.42 45.04
CA ASN D 716 26.47 -24.62 46.48
C ASN D 716 25.39 -25.63 46.87
N LYS D 717 25.79 -26.72 47.53
CA LYS D 717 24.90 -27.80 47.96
C LYS D 717 23.93 -27.33 49.06
N ALA D 718 24.27 -26.24 49.78
CA ALA D 718 23.42 -25.66 50.83
C ALA D 718 22.38 -24.69 50.22
N ALA D 719 22.74 -24.03 49.09
CA ALA D 719 21.87 -23.08 48.40
C ALA D 719 20.88 -23.82 47.47
N VAL D 720 20.06 -24.69 48.04
CA VAL D 720 19.03 -25.48 47.36
C VAL D 720 17.68 -25.29 48.08
N SER D 721 16.57 -25.55 47.38
CA SER D 721 15.23 -25.39 47.95
C SER D 721 14.37 -26.63 47.81
N ASP D 722 13.39 -26.77 48.71
CA ASP D 722 12.43 -27.87 48.72
C ASP D 722 11.24 -27.55 47.86
N ILE D 723 10.50 -28.58 47.39
CA ILE D 723 9.29 -28.46 46.57
C ILE D 723 8.24 -27.57 47.29
N ARG D 724 8.11 -27.75 48.63
CA ARG D 724 7.21 -27.00 49.52
C ARG D 724 7.45 -25.48 49.43
N ASP D 725 8.72 -25.05 49.22
CA ASP D 725 9.14 -23.65 49.09
C ASP D 725 8.67 -23.03 47.76
N PHE D 726 8.15 -23.86 46.82
CA PHE D 726 7.67 -23.45 45.49
C PHE D 726 6.15 -23.61 45.37
N THR D 727 5.58 -24.61 46.06
CA THR D 727 4.16 -24.97 46.01
C THR D 727 3.31 -24.31 47.10
N GLU D 728 3.90 -24.07 48.30
CA GLU D 728 3.18 -23.53 49.45
C GLU D 728 3.82 -22.24 50.02
N SER D 729 4.78 -21.64 49.28
CA SER D 729 5.42 -20.41 49.76
C SER D 729 5.20 -19.22 48.80
N LYS D 730 5.78 -18.07 49.17
CA LYS D 730 5.74 -16.77 48.49
C LYS D 730 7.13 -16.10 48.66
N PHE D 731 7.42 -15.01 47.92
CA PHE D 731 8.70 -14.28 48.03
C PHE D 731 8.84 -13.67 49.43
N ARG D 732 10.00 -13.89 50.07
CA ARG D 732 10.27 -13.37 51.40
C ARG D 732 11.44 -12.39 51.31
N SER D 733 11.16 -11.11 51.57
CA SER D 733 12.12 -10.00 51.48
C SER D 733 13.13 -10.04 52.61
N VAL D 734 12.72 -10.57 53.77
CA VAL D 734 13.57 -10.72 54.96
C VAL D 734 13.59 -12.21 55.31
N LEU D 735 14.77 -12.82 55.35
CA LEU D 735 14.87 -14.24 55.68
C LEU D 735 15.61 -14.49 56.99
N GLU D 736 15.05 -15.39 57.80
CA GLU D 736 15.65 -15.86 59.05
C GLU D 736 16.37 -17.15 58.77
N GLU D 737 17.17 -17.63 59.73
CA GLU D 737 17.84 -18.92 59.64
C GLU D 737 16.78 -20.03 59.79
N PRO D 738 16.79 -21.08 58.96
CA PRO D 738 15.77 -22.15 59.09
C PRO D 738 15.63 -22.76 60.50
N MET D 739 16.70 -22.71 61.34
CA MET D 739 16.70 -23.26 62.70
C MET D 739 15.71 -22.52 63.64
N TYR D 740 15.37 -21.25 63.33
CA TYR D 740 14.47 -20.44 64.16
C TYR D 740 13.02 -20.47 63.66
N THR D 741 12.80 -20.61 62.34
CA THR D 741 11.46 -20.66 61.75
C THR D 741 10.80 -22.02 61.98
N ASP D 742 11.63 -23.09 62.14
CA ASP D 742 11.16 -24.46 62.39
C ASP D 742 11.09 -24.77 63.90
N GLY D 743 11.72 -23.93 64.73
CA GLY D 743 11.71 -24.06 66.18
C GLY D 743 12.82 -24.91 66.77
N GLU D 744 13.88 -25.21 65.98
CA GLU D 744 15.03 -26.00 66.42
C GLU D 744 15.89 -25.20 67.40
N GLY D 745 16.21 -23.95 67.03
CA GLY D 745 17.00 -23.03 67.83
C GLY D 745 16.18 -22.03 68.61
N ASP D 746 16.81 -21.40 69.61
CA ASP D 746 16.19 -20.43 70.50
C ASP D 746 16.65 -19.00 70.17
N ARG D 747 15.69 -18.14 69.79
CA ARG D 747 15.90 -16.73 69.42
C ARG D 747 16.29 -15.87 70.63
N ASN D 748 15.92 -16.30 71.85
CA ASN D 748 16.19 -15.59 73.10
C ASN D 748 17.68 -15.68 73.51
N LYS D 749 18.41 -16.70 73.03
CA LYS D 749 19.83 -16.87 73.33
C LYS D 749 20.70 -15.89 72.52
N VAL D 750 20.14 -15.28 71.46
CA VAL D 750 20.82 -14.37 70.54
C VAL D 750 21.08 -12.98 71.19
N THR D 751 22.38 -12.63 71.28
CA THR D 751 22.88 -11.36 71.83
C THR D 751 23.47 -10.51 70.71
N ARG D 752 24.08 -11.15 69.69
CA ARG D 752 24.68 -10.47 68.54
C ARG D 752 23.89 -10.78 67.27
N LEU D 753 23.55 -9.74 66.52
CA LEU D 753 22.80 -9.90 65.27
C LEU D 753 23.59 -9.42 64.08
N LEU D 754 23.76 -10.30 63.09
CA LEU D 754 24.47 -9.99 61.85
C LEU D 754 23.46 -9.90 60.71
N LEU D 755 23.33 -8.69 60.14
CA LEU D 755 22.44 -8.42 59.01
C LEU D 755 23.24 -8.50 57.74
N THR D 756 22.75 -9.27 56.77
CA THR D 756 23.49 -9.45 55.53
C THR D 756 22.57 -9.64 54.31
N SER D 757 23.20 -9.76 53.13
CA SER D 757 22.58 -10.02 51.85
C SER D 757 23.52 -10.84 50.99
N GLY D 758 22.99 -11.84 50.30
CA GLY D 758 23.75 -12.66 49.37
C GLY D 758 24.33 -13.97 49.88
N LYS D 759 25.38 -14.44 49.17
CA LYS D 759 26.03 -15.72 49.40
C LYS D 759 26.85 -15.79 50.70
N ILE D 760 27.29 -14.64 51.25
CA ILE D 760 28.10 -14.60 52.49
C ILE D 760 27.31 -15.23 53.67
N TYR D 761 25.96 -15.26 53.60
CA TYR D 761 25.11 -15.88 54.64
C TYR D 761 25.57 -17.32 54.93
N TYR D 762 25.78 -18.11 53.86
CA TYR D 762 26.19 -19.53 53.93
C TYR D 762 27.54 -19.68 54.63
N GLU D 763 28.48 -18.77 54.34
CA GLU D 763 29.81 -18.73 54.94
C GLU D 763 29.71 -18.36 56.43
N LEU D 764 28.74 -17.48 56.77
CA LEU D 764 28.48 -17.07 58.15
C LEU D 764 27.75 -18.19 58.90
N ALA D 765 26.77 -18.84 58.25
CA ALA D 765 25.99 -19.95 58.79
C ALA D 765 26.87 -21.18 59.10
N ALA D 766 27.84 -21.49 58.20
CA ALA D 766 28.78 -22.60 58.36
C ALA D 766 29.73 -22.35 59.55
N ARG D 767 30.10 -21.08 59.79
CA ARG D 767 30.97 -20.68 60.90
C ARG D 767 30.19 -20.78 62.22
N LYS D 768 28.92 -20.34 62.21
CA LYS D 768 28.02 -20.39 63.36
C LYS D 768 27.80 -21.85 63.79
N ALA D 769 27.62 -22.77 62.81
CA ALA D 769 27.40 -24.20 63.04
C ALA D 769 28.65 -24.87 63.59
N LYS D 770 29.84 -24.55 63.01
CA LYS D 770 31.15 -25.10 63.40
C LYS D 770 31.50 -24.76 64.85
N GLU D 771 31.25 -23.51 65.27
CA GLU D 771 31.56 -23.06 66.63
C GLU D 771 30.35 -23.12 67.57
N ASN D 772 29.17 -23.59 67.07
CA ASN D 772 27.89 -23.71 67.81
C ASN D 772 27.56 -22.40 68.54
N ARG D 773 27.62 -21.27 67.79
CA ARG D 773 27.37 -19.93 68.31
C ARG D 773 25.87 -19.64 68.37
N GLU D 774 25.22 -20.10 69.45
CA GLU D 774 23.79 -19.91 69.70
C GLU D 774 23.46 -18.44 70.01
N ASP D 775 24.47 -17.64 70.37
CA ASP D 775 24.37 -16.22 70.73
C ASP D 775 24.35 -15.29 69.49
N VAL D 776 24.61 -15.85 68.29
CA VAL D 776 24.66 -15.09 67.04
C VAL D 776 23.57 -15.57 66.08
N ALA D 777 22.83 -14.61 65.47
CA ALA D 777 21.81 -14.89 64.45
C ALA D 777 22.09 -14.09 63.19
N ILE D 778 21.88 -14.72 62.03
CA ILE D 778 22.09 -14.10 60.73
C ILE D 778 20.72 -13.85 60.09
N VAL D 779 20.42 -12.58 59.80
CA VAL D 779 19.18 -12.14 59.16
C VAL D 779 19.53 -11.63 57.76
N ARG D 780 18.84 -12.15 56.74
CA ARG D 780 19.08 -11.76 55.35
C ARG D 780 18.07 -10.75 54.85
N ILE D 781 18.56 -9.76 54.10
CA ILE D 781 17.73 -8.77 53.41
C ILE D 781 17.82 -9.15 51.92
N GLU D 782 16.76 -9.79 51.41
CA GLU D 782 16.64 -10.28 50.04
C GLU D 782 16.27 -9.16 49.06
N GLN D 783 15.37 -8.26 49.48
CA GLN D 783 14.95 -7.11 48.69
C GLN D 783 15.63 -5.88 49.28
N LEU D 784 16.60 -5.32 48.56
CA LEU D 784 17.40 -4.18 49.00
C LEU D 784 16.64 -2.86 48.82
N ALA D 785 15.86 -2.74 47.75
CA ALA D 785 15.06 -1.55 47.44
C ALA D 785 13.78 -1.93 46.66
N PRO D 786 12.56 -1.49 47.06
CA PRO D 786 12.23 -0.69 48.25
C PRO D 786 12.54 -1.49 49.52
N LEU D 787 13.00 -0.79 50.59
CA LEU D 787 13.39 -1.42 51.84
C LEU D 787 12.16 -1.99 52.57
N PRO D 788 12.17 -3.31 52.89
CA PRO D 788 11.03 -3.89 53.62
C PRO D 788 11.12 -3.50 55.10
N ARG D 789 10.79 -2.23 55.40
CA ARG D 789 10.87 -1.62 56.73
C ARG D 789 10.03 -2.38 57.77
N ARG D 790 8.75 -2.67 57.44
CA ARG D 790 7.80 -3.36 58.32
C ARG D 790 8.25 -4.80 58.62
N ARG D 791 8.59 -5.59 57.58
CA ARG D 791 9.04 -6.98 57.74
C ARG D 791 10.36 -7.05 58.53
N LEU D 792 11.32 -6.14 58.22
CA LEU D 792 12.62 -6.08 58.90
C LEU D 792 12.43 -5.79 60.40
N ALA D 793 11.59 -4.79 60.76
CA ALA D 793 11.31 -4.43 62.16
C ALA D 793 10.68 -5.59 62.92
N GLU D 794 9.67 -6.24 62.31
CA GLU D 794 8.93 -7.39 62.85
C GLU D 794 9.86 -8.58 63.13
N THR D 795 10.83 -8.82 62.23
CA THR D 795 11.83 -9.89 62.31
C THR D 795 12.81 -9.64 63.48
N LEU D 796 13.28 -8.40 63.66
CA LEU D 796 14.23 -8.07 64.74
C LEU D 796 13.58 -8.13 66.12
N ASP D 797 12.26 -7.83 66.18
CA ASP D 797 11.46 -7.86 67.41
C ASP D 797 11.32 -9.28 67.97
N ARG D 798 11.74 -10.30 67.19
CA ARG D 798 11.71 -11.71 67.57
C ARG D 798 12.99 -12.09 68.34
N TYR D 799 13.98 -11.19 68.38
CA TYR D 799 15.26 -11.36 69.08
C TYR D 799 15.37 -10.25 70.16
N PRO D 800 14.70 -10.42 71.33
CA PRO D 800 14.68 -9.32 72.32
C PRO D 800 15.98 -9.07 73.10
N ASN D 801 16.89 -10.04 73.14
CA ASN D 801 18.13 -9.92 73.93
C ASN D 801 19.34 -9.46 73.11
N VAL D 802 19.11 -8.93 71.89
CA VAL D 802 20.18 -8.42 71.02
C VAL D 802 20.75 -7.13 71.63
N LYS D 803 22.08 -7.14 71.89
CA LYS D 803 22.79 -6.01 72.47
C LYS D 803 23.60 -5.25 71.41
N GLU D 804 23.94 -5.92 70.30
CA GLU D 804 24.70 -5.31 69.20
C GLU D 804 24.28 -5.87 67.84
N LYS D 805 24.19 -4.96 66.84
CA LYS D 805 23.81 -5.29 65.47
C LYS D 805 24.90 -4.84 64.50
N PHE D 806 25.24 -5.71 63.53
CA PHE D 806 26.27 -5.43 62.53
C PHE D 806 25.81 -5.73 61.12
N TRP D 807 26.04 -4.79 60.18
CA TRP D 807 25.78 -5.06 58.77
C TRP D 807 27.04 -5.71 58.23
N VAL D 808 26.93 -6.97 57.78
CA VAL D 808 28.07 -7.75 57.30
C VAL D 808 27.96 -7.90 55.77
N GLN D 809 29.06 -7.60 55.05
CA GLN D 809 29.11 -7.72 53.60
C GLN D 809 30.55 -8.03 53.11
N GLU D 810 30.66 -8.70 51.94
CA GLU D 810 31.94 -9.04 51.30
C GLU D 810 32.56 -7.81 50.65
N GLU D 811 31.71 -6.93 50.12
CA GLU D 811 32.08 -5.75 49.36
C GLU D 811 32.87 -4.72 50.17
N PRO D 812 33.80 -3.97 49.52
CA PRO D 812 34.53 -2.91 50.23
C PRO D 812 33.59 -1.91 50.92
N ALA D 813 34.09 -1.22 51.96
CA ALA D 813 33.33 -0.25 52.79
C ALA D 813 32.56 0.80 51.95
N ASN D 814 33.14 1.25 50.82
CA ASN D 814 32.55 2.26 49.94
C ASN D 814 31.67 1.64 48.84
N GLN D 815 31.49 0.30 48.88
CA GLN D 815 30.71 -0.45 47.90
C GLN D 815 29.66 -1.32 48.61
N GLY D 816 28.90 -2.10 47.86
CA GLY D 816 27.85 -2.95 48.41
C GLY D 816 26.67 -2.13 48.93
N ALA D 817 25.91 -2.70 49.89
CA ALA D 817 24.73 -2.06 50.43
C ALA D 817 25.04 -1.07 51.58
N TRP D 818 26.22 -1.14 52.21
CA TRP D 818 26.57 -0.26 53.35
C TRP D 818 26.44 1.25 53.02
N PRO D 819 27.00 1.81 51.89
CA PRO D 819 26.86 3.27 51.66
C PRO D 819 25.43 3.81 51.80
N SER D 820 24.40 3.01 51.46
CA SER D 820 23.01 3.47 51.59
C SER D 820 22.36 2.94 52.89
N PHE D 821 22.55 1.65 53.24
CA PHE D 821 21.99 1.03 54.44
C PHE D 821 22.55 1.64 55.73
N GLY D 822 23.85 1.96 55.73
CA GLY D 822 24.51 2.58 56.88
C GLY D 822 23.96 3.95 57.22
N LEU D 823 23.32 4.60 56.23
CA LEU D 823 22.72 5.92 56.38
C LEU D 823 21.19 5.84 56.54
N THR D 824 20.49 5.02 55.73
CA THR D 824 19.03 4.92 55.75
C THR D 824 18.48 4.10 56.93
N LEU D 825 19.06 2.91 57.25
CA LEU D 825 18.59 2.03 58.35
C LEU D 825 18.55 2.75 59.72
N PRO D 826 19.58 3.52 60.17
CA PRO D 826 19.44 4.21 61.47
C PRO D 826 18.45 5.37 61.43
N GLU D 827 18.09 5.85 60.22
CA GLU D 827 17.14 6.96 60.03
C GLU D 827 15.69 6.45 59.97
N ILE D 828 15.42 5.39 59.17
CA ILE D 828 14.07 4.85 58.99
C ILE D 828 13.65 4.01 60.22
N LEU D 829 14.60 3.34 60.89
CA LEU D 829 14.33 2.53 62.09
C LEU D 829 15.33 2.89 63.21
N PRO D 830 15.16 4.06 63.88
CA PRO D 830 16.09 4.45 64.95
C PRO D 830 16.07 3.56 66.18
N ASP D 831 14.91 2.97 66.54
CA ASP D 831 14.81 2.11 67.72
C ASP D 831 15.49 0.75 67.49
N HIS D 832 15.77 0.39 66.22
CA HIS D 832 16.41 -0.87 65.89
C HIS D 832 17.86 -0.71 65.43
N PHE D 833 18.19 0.35 64.66
CA PHE D 833 19.54 0.46 64.09
C PHE D 833 20.41 1.63 64.57
N THR D 834 20.10 2.25 65.72
CA THR D 834 20.98 3.31 66.25
C THR D 834 22.23 2.61 66.80
N GLY D 835 23.38 2.96 66.25
CA GLY D 835 24.65 2.35 66.65
C GLY D 835 25.03 1.11 65.85
N LEU D 836 24.41 0.93 64.67
CA LEU D 836 24.68 -0.17 63.75
C LEU D 836 26.10 0.00 63.20
N LYS D 837 26.93 -1.03 63.37
CA LYS D 837 28.32 -1.00 62.91
C LYS D 837 28.48 -1.83 61.63
N ARG D 838 29.58 -1.58 60.90
CA ARG D 838 29.86 -2.24 59.64
C ARG D 838 30.99 -3.26 59.78
N ILE D 839 30.80 -4.43 59.14
CA ILE D 839 31.78 -5.49 59.00
C ILE D 839 31.88 -5.77 57.50
N SER D 840 33.02 -5.38 56.91
CA SER D 840 33.29 -5.51 55.49
C SER D 840 34.76 -5.37 55.19
N ARG D 841 35.10 -5.48 53.89
CA ARG D 841 36.43 -5.19 53.38
C ARG D 841 36.65 -3.69 53.51
N ARG D 842 37.91 -3.25 53.62
CA ARG D 842 38.29 -1.83 53.68
C ARG D 842 37.75 -1.08 52.44
N ALA D 843 37.64 0.26 52.48
CA ALA D 843 37.23 1.00 51.28
C ALA D 843 38.29 0.78 50.18
N MET D 844 37.87 0.38 48.98
CA MET D 844 38.77 0.09 47.87
C MET D 844 38.40 0.83 46.60
N SER D 845 39.41 1.24 45.81
CA SER D 845 39.28 1.89 44.51
C SER D 845 38.67 0.94 43.49
N ALA D 846 39.13 -0.32 43.51
CA ALA D 846 38.68 -1.41 42.66
C ALA D 846 37.66 -2.28 43.41
N PRO D 847 36.74 -3.01 42.74
CA PRO D 847 35.75 -3.80 43.48
C PRO D 847 36.34 -4.92 44.34
N SER D 848 37.57 -5.38 44.04
CA SER D 848 38.28 -6.43 44.79
C SER D 848 39.77 -6.53 44.39
N SER D 849 40.48 -7.46 45.03
CA SER D 849 41.88 -7.78 44.78
C SER D 849 42.02 -8.61 43.48
N GLY D 850 43.20 -8.58 42.87
CA GLY D 850 43.49 -9.34 41.66
C GLY D 850 43.83 -10.80 41.91
N SER D 851 44.33 -11.10 43.12
CA SER D 851 44.73 -12.45 43.55
C SER D 851 43.59 -13.17 44.28
N SER D 852 43.39 -14.46 43.98
CA SER D 852 42.40 -15.31 44.65
C SER D 852 42.85 -15.64 46.08
N LYS D 853 44.18 -15.72 46.31
CA LYS D 853 44.77 -16.00 47.62
C LYS D 853 44.53 -14.83 48.59
N VAL D 854 44.69 -13.59 48.10
CA VAL D 854 44.48 -12.35 48.87
C VAL D 854 42.99 -12.21 49.20
N HIS D 855 42.10 -12.54 48.23
CA HIS D 855 40.65 -12.55 48.43
C HIS D 855 40.27 -13.47 49.60
N ALA D 856 40.82 -14.70 49.61
CA ALA D 856 40.58 -15.75 50.61
C ALA D 856 40.93 -15.30 52.03
N VAL D 857 42.06 -14.58 52.18
CA VAL D 857 42.55 -14.05 53.46
C VAL D 857 41.59 -12.96 53.96
N GLU D 858 41.17 -12.05 53.05
CA GLU D 858 40.25 -10.96 53.33
C GLU D 858 38.89 -11.50 53.73
N GLN D 859 38.42 -12.56 53.03
CA GLN D 859 37.14 -13.21 53.29
C GLN D 859 37.09 -13.81 54.70
N GLN D 860 38.18 -14.50 55.09
CA GLN D 860 38.30 -15.12 56.41
C GLN D 860 38.33 -14.04 57.50
N GLU D 861 38.92 -12.87 57.22
CA GLU D 861 38.99 -11.73 58.14
C GLU D 861 37.60 -11.23 58.49
N ILE D 862 36.69 -11.18 57.51
CA ILE D 862 35.30 -10.75 57.69
C ILE D 862 34.59 -11.73 58.63
N LEU D 863 34.68 -13.04 58.35
CA LEU D 863 34.04 -14.09 59.16
C LEU D 863 34.59 -14.08 60.59
N ASP D 864 35.92 -13.90 60.75
CA ASP D 864 36.58 -13.84 62.06
C ASP D 864 36.12 -12.62 62.87
N THR D 865 35.89 -11.47 62.21
CA THR D 865 35.44 -10.23 62.85
C THR D 865 33.99 -10.38 63.32
N ALA D 866 33.12 -10.93 62.45
CA ALA D 866 31.70 -11.16 62.67
C ALA D 866 31.43 -12.09 63.85
N PHE D 867 32.41 -12.95 64.22
CA PHE D 867 32.32 -13.90 65.32
C PHE D 867 33.40 -13.69 66.41
N GLY D 868 34.06 -12.53 66.38
CA GLY D 868 35.09 -12.16 67.33
C GLY D 868 34.57 -11.87 68.71
#